data_2JQZ
#
_entry.id   2JQZ
#
_cell.length_a   1.000
_cell.length_b   1.000
_cell.length_c   1.000
_cell.angle_alpha   90.00
_cell.angle_beta   90.00
_cell.angle_gamma   90.00
#
_symmetry.space_group_name_H-M   'P 1'
#
_entity_poly.entity_id   1
_entity_poly.type   'polypeptide(L)'
_entity_poly.pdbx_seq_one_letter_code
;GPVKLRLTVLCAKNLVKKDFFRLPDPFAKVVVDGSGQCHSTDTVKNTLDPKWNQHYDLYIGKSDSVTISVWNHKKIHKKQ
GAGFLGCVRLLSNAINRLKDTGYQRLDLCKLGPNDNDTVRGQIVVSLQSRD
;
_entity_poly.pdbx_strand_id   A
#
# COMPACT_ATOMS: atom_id res chain seq x y z
N GLY A 1 -5.69 -24.80 -7.36
CA GLY A 1 -6.25 -23.83 -6.44
C GLY A 1 -5.55 -22.49 -6.49
N PRO A 2 -5.89 -21.56 -5.59
CA PRO A 2 -5.28 -20.23 -5.54
C PRO A 2 -3.80 -20.28 -5.20
N VAL A 3 -3.12 -19.18 -5.45
CA VAL A 3 -1.69 -19.06 -5.18
C VAL A 3 -1.43 -17.97 -4.16
N LYS A 4 -0.70 -18.28 -3.10
CA LYS A 4 -0.39 -17.31 -2.07
C LYS A 4 0.82 -16.46 -2.44
N LEU A 5 0.63 -15.15 -2.48
CA LEU A 5 1.69 -14.23 -2.83
C LEU A 5 2.00 -13.29 -1.67
N ARG A 6 3.28 -13.16 -1.34
CA ARG A 6 3.69 -12.29 -0.24
C ARG A 6 4.18 -10.94 -0.74
N LEU A 7 3.38 -9.90 -0.49
CA LEU A 7 3.76 -8.55 -0.88
C LEU A 7 4.41 -7.87 0.33
N THR A 8 5.73 -7.71 0.26
CA THR A 8 6.49 -7.13 1.35
C THR A 8 6.61 -5.62 1.23
N VAL A 9 5.94 -4.91 2.12
CA VAL A 9 5.99 -3.46 2.15
C VAL A 9 7.26 -3.02 2.88
N LEU A 10 8.33 -2.84 2.13
CA LEU A 10 9.63 -2.49 2.70
C LEU A 10 9.60 -1.12 3.40
N CYS A 11 9.30 -0.08 2.63
CA CYS A 11 9.24 1.27 3.18
C CYS A 11 8.53 2.23 2.23
N ALA A 12 8.30 3.45 2.68
CA ALA A 12 7.64 4.46 1.86
C ALA A 12 8.49 5.73 1.83
N LYS A 13 8.49 6.42 0.70
CA LYS A 13 9.27 7.64 0.54
C LYS A 13 8.39 8.84 0.32
N ASN A 14 8.95 10.01 0.58
CA ASN A 14 8.26 11.28 0.40
C ASN A 14 6.84 11.22 0.95
N LEU A 15 6.70 11.14 2.26
CA LEU A 15 5.39 11.07 2.88
C LEU A 15 4.76 12.45 2.88
N VAL A 16 3.70 12.62 2.12
CA VAL A 16 3.04 13.91 2.05
C VAL A 16 2.66 14.36 3.46
N LYS A 17 3.32 15.42 3.92
CA LYS A 17 3.05 15.94 5.26
C LYS A 17 1.60 16.39 5.38
N LYS A 18 0.90 16.38 4.24
CA LYS A 18 -0.50 16.77 4.18
C LYS A 18 -0.69 18.21 4.65
N ASP A 19 -0.80 18.39 5.96
CA ASP A 19 -0.98 19.72 6.53
C ASP A 19 0.37 20.32 6.89
N PHE A 20 0.61 21.55 6.44
CA PHE A 20 1.86 22.23 6.73
C PHE A 20 2.11 22.32 8.23
N PHE A 21 3.38 22.32 8.62
CA PHE A 21 3.77 22.39 10.02
C PHE A 21 3.29 21.14 10.77
N ARG A 22 2.52 20.30 10.07
CA ARG A 22 2.03 19.07 10.65
C ARG A 22 2.69 17.86 10.01
N LEU A 23 2.45 16.67 10.57
CA LEU A 23 3.07 15.45 10.08
C LEU A 23 2.05 14.30 10.04
N PRO A 24 2.16 13.39 9.05
CA PRO A 24 1.27 12.25 8.89
C PRO A 24 1.78 10.99 9.60
N ASP A 25 0.86 10.05 9.84
CA ASP A 25 1.19 8.79 10.49
C ASP A 25 0.83 7.61 9.57
N PRO A 26 1.68 7.31 8.57
CA PRO A 26 1.43 6.24 7.58
C PRO A 26 1.34 4.82 8.17
N PHE A 27 0.41 4.05 7.60
CA PHE A 27 0.19 2.65 7.97
C PHE A 27 -0.37 1.95 6.73
N ALA A 28 -0.25 0.62 6.64
CA ALA A 28 -0.74 -0.05 5.44
C ALA A 28 -1.96 -0.93 5.68
N LYS A 29 -2.79 -1.04 4.64
CA LYS A 29 -4.00 -1.86 4.68
C LYS A 29 -4.27 -2.47 3.30
N VAL A 30 -4.17 -3.79 3.20
CA VAL A 30 -4.40 -4.48 1.93
C VAL A 30 -5.81 -5.03 1.83
N VAL A 31 -6.31 -5.12 0.59
CA VAL A 31 -7.64 -5.65 0.35
C VAL A 31 -7.61 -6.64 -0.82
N VAL A 32 -8.40 -7.69 -0.71
CA VAL A 32 -8.47 -8.71 -1.76
C VAL A 32 -9.84 -8.73 -2.41
N ASP A 33 -9.90 -8.25 -3.65
CA ASP A 33 -11.16 -8.21 -4.38
C ASP A 33 -11.55 -9.60 -4.86
N GLY A 34 -12.20 -10.37 -3.98
CA GLY A 34 -12.62 -11.70 -4.33
C GLY A 34 -12.48 -12.68 -3.18
N SER A 35 -11.89 -12.21 -2.09
CA SER A 35 -11.70 -13.05 -0.90
C SER A 35 -12.02 -12.29 0.38
N GLY A 36 -12.09 -10.97 0.26
CA GLY A 36 -12.39 -10.14 1.42
C GLY A 36 -11.30 -10.21 2.47
N GLN A 37 -10.12 -10.70 2.07
CA GLN A 37 -9.00 -10.82 2.97
C GLN A 37 -8.26 -9.49 3.10
N CYS A 38 -8.23 -8.95 4.32
CA CYS A 38 -7.56 -7.67 4.58
C CYS A 38 -6.46 -7.82 5.62
N HIS A 39 -5.40 -7.03 5.46
CA HIS A 39 -4.28 -7.03 6.39
C HIS A 39 -3.79 -5.60 6.60
N SER A 40 -2.94 -5.38 7.60
CA SER A 40 -2.46 -4.03 7.87
C SER A 40 -1.12 -4.01 8.61
N THR A 41 -0.32 -2.96 8.32
CA THR A 41 0.97 -2.77 8.97
C THR A 41 0.86 -1.63 9.98
N ASP A 42 1.64 -1.74 11.05
CA ASP A 42 1.65 -0.75 12.12
C ASP A 42 1.76 0.67 11.59
N THR A 43 1.40 1.63 12.43
CA THR A 43 1.44 3.04 12.07
C THR A 43 2.77 3.69 12.43
N VAL A 44 3.18 4.64 11.60
CA VAL A 44 4.43 5.36 11.80
C VAL A 44 4.14 6.79 12.25
N LYS A 45 4.43 7.09 13.51
CA LYS A 45 4.17 8.42 14.06
C LYS A 45 4.95 9.52 13.34
N ASN A 46 4.25 10.63 13.08
CA ASN A 46 4.82 11.81 12.41
C ASN A 46 6.12 11.52 11.69
N THR A 47 6.02 11.10 10.42
CA THR A 47 7.21 10.80 9.63
C THR A 47 7.03 11.24 8.18
N LEU A 48 8.15 11.34 7.47
CA LEU A 48 8.13 11.71 6.07
C LEU A 48 8.82 10.63 5.24
N ASP A 49 9.20 9.55 5.92
CA ASP A 49 9.86 8.41 5.29
C ASP A 49 9.73 7.19 6.20
N PRO A 50 8.55 6.54 6.20
CA PRO A 50 8.29 5.38 7.06
C PRO A 50 8.82 4.06 6.50
N LYS A 51 8.59 3.01 7.28
CA LYS A 51 8.99 1.66 6.92
C LYS A 51 8.29 0.67 7.81
N TRP A 52 8.01 -0.52 7.29
CA TRP A 52 7.31 -1.54 8.07
C TRP A 52 8.00 -2.89 7.96
N ASN A 53 8.70 -3.11 6.84
CA ASN A 53 9.40 -4.36 6.59
C ASN A 53 8.49 -5.55 6.86
N GLN A 54 7.19 -5.34 6.64
CA GLN A 54 6.19 -6.38 6.84
C GLN A 54 5.49 -6.70 5.53
N HIS A 55 5.13 -7.97 5.36
CA HIS A 55 4.47 -8.43 4.15
C HIS A 55 3.09 -9.01 4.44
N TYR A 56 2.30 -9.14 3.37
CA TYR A 56 0.97 -9.72 3.48
C TYR A 56 0.88 -10.95 2.58
N ASP A 57 0.24 -12.00 3.07
CA ASP A 57 0.12 -13.23 2.28
C ASP A 57 -1.29 -13.40 1.72
N LEU A 58 -1.53 -12.79 0.56
CA LEU A 58 -2.83 -12.87 -0.10
C LEU A 58 -2.88 -14.07 -1.04
N TYR A 59 -4.00 -14.23 -1.73
CA TYR A 59 -4.17 -15.35 -2.66
C TYR A 59 -4.60 -14.85 -4.03
N ILE A 60 -4.27 -15.61 -5.08
CA ILE A 60 -4.62 -15.25 -6.44
C ILE A 60 -5.16 -16.46 -7.19
N GLY A 61 -6.36 -16.35 -7.73
CA GLY A 61 -6.95 -17.46 -8.46
C GLY A 61 -7.43 -17.07 -9.84
N LYS A 62 -6.88 -17.74 -10.85
CA LYS A 62 -7.25 -17.50 -12.24
C LYS A 62 -7.04 -16.03 -12.64
N SER A 63 -8.02 -15.18 -12.34
CA SER A 63 -7.95 -13.78 -12.68
C SER A 63 -8.14 -12.89 -11.45
N ASP A 64 -7.41 -13.18 -10.39
CA ASP A 64 -7.52 -12.40 -9.17
C ASP A 64 -6.44 -11.31 -9.12
N SER A 65 -6.68 -10.31 -8.29
CA SER A 65 -5.75 -9.20 -8.15
C SER A 65 -5.75 -8.70 -6.71
N VAL A 66 -4.65 -8.08 -6.30
CA VAL A 66 -4.54 -7.59 -4.93
C VAL A 66 -4.08 -6.14 -4.91
N THR A 67 -4.61 -5.37 -3.96
CA THR A 67 -4.26 -3.96 -3.84
C THR A 67 -3.85 -3.57 -2.41
N ILE A 68 -2.60 -3.16 -2.26
CA ILE A 68 -2.10 -2.71 -0.95
C ILE A 68 -2.25 -1.19 -0.87
N SER A 69 -3.12 -0.72 0.01
CA SER A 69 -3.37 0.72 0.15
C SER A 69 -2.89 1.26 1.48
N VAL A 70 -2.14 2.36 1.42
CA VAL A 70 -1.62 3.00 2.63
C VAL A 70 -2.49 4.20 3.01
N TRP A 71 -2.64 4.45 4.31
CA TRP A 71 -3.47 5.56 4.79
C TRP A 71 -2.77 6.32 5.91
N ASN A 72 -3.03 7.63 6.00
CA ASN A 72 -2.45 8.44 7.06
C ASN A 72 -3.34 8.42 8.29
N HIS A 73 -2.96 7.59 9.26
CA HIS A 73 -3.74 7.41 10.49
C HIS A 73 -4.25 8.73 11.07
N LYS A 74 -3.43 9.77 11.02
CA LYS A 74 -3.85 11.06 11.54
C LYS A 74 -5.11 11.58 10.86
N LYS A 75 -5.10 11.61 9.53
CA LYS A 75 -6.24 12.11 8.79
C LYS A 75 -7.37 11.09 8.69
N ILE A 76 -7.06 9.78 8.74
CA ILE A 76 -8.13 8.79 8.68
C ILE A 76 -9.08 9.09 9.82
N HIS A 77 -8.51 9.65 10.88
CA HIS A 77 -9.28 10.07 12.03
C HIS A 77 -9.92 11.42 11.73
N LYS A 78 -9.20 12.22 10.93
CA LYS A 78 -9.69 13.54 10.52
C LYS A 78 -11.08 13.42 9.89
N LYS A 79 -11.36 12.27 9.30
CA LYS A 79 -12.65 12.01 8.66
C LYS A 79 -12.87 12.93 7.46
N GLN A 80 -13.94 12.67 6.71
CA GLN A 80 -14.30 13.45 5.54
C GLN A 80 -13.26 13.30 4.42
N GLY A 81 -13.10 12.07 3.94
CA GLY A 81 -12.14 11.81 2.87
C GLY A 81 -10.70 11.86 3.32
N ALA A 82 -10.44 12.52 4.44
CA ALA A 82 -9.09 12.66 4.96
C ALA A 82 -8.58 11.33 5.51
N GLY A 83 -7.35 10.97 5.15
CA GLY A 83 -6.77 9.73 5.63
C GLY A 83 -6.10 8.91 4.55
N PHE A 84 -6.17 9.36 3.30
CA PHE A 84 -5.57 8.63 2.20
C PHE A 84 -4.12 9.04 1.98
N LEU A 85 -3.30 8.08 1.57
CA LEU A 85 -1.88 8.32 1.32
C LEU A 85 -1.52 7.91 -0.11
N GLY A 86 -1.32 6.61 -0.28
CA GLY A 86 -0.96 6.05 -1.57
C GLY A 86 -1.41 4.63 -1.68
N CYS A 87 -2.23 4.37 -2.67
CA CYS A 87 -2.72 3.04 -2.88
C CYS A 87 -1.96 2.42 -4.03
N VAL A 88 -1.36 1.28 -3.76
CA VAL A 88 -0.61 0.60 -4.78
C VAL A 88 -1.43 -0.59 -5.28
N ARG A 89 -1.53 -0.78 -6.59
CA ARG A 89 -2.33 -1.87 -7.13
C ARG A 89 -1.60 -2.74 -8.13
N LEU A 90 -1.60 -4.04 -7.87
CA LEU A 90 -0.97 -5.03 -8.75
C LEU A 90 -2.01 -6.07 -9.18
N LEU A 91 -1.99 -6.43 -10.46
CA LEU A 91 -2.94 -7.39 -11.00
C LEU A 91 -2.39 -8.81 -10.94
N SER A 92 -3.08 -9.74 -11.60
CA SER A 92 -2.66 -11.14 -11.62
C SER A 92 -1.37 -11.32 -12.42
N ASN A 93 -1.32 -10.70 -13.60
CA ASN A 93 -0.14 -10.79 -14.45
C ASN A 93 1.03 -10.06 -13.81
N ALA A 94 0.72 -8.92 -13.18
CA ALA A 94 1.75 -8.13 -12.52
C ALA A 94 2.26 -8.85 -11.29
N ILE A 95 1.36 -9.53 -10.59
CA ILE A 95 1.72 -10.26 -9.38
C ILE A 95 2.70 -11.38 -9.69
N ASN A 96 2.54 -12.05 -10.83
CA ASN A 96 3.42 -13.15 -11.19
C ASN A 96 4.84 -12.67 -11.58
N ARG A 97 4.91 -11.79 -12.56
CA ARG A 97 6.19 -11.27 -13.00
C ARG A 97 6.96 -10.69 -11.82
N LEU A 98 6.24 -9.97 -10.98
CA LEU A 98 6.81 -9.34 -9.83
C LEU A 98 7.10 -10.35 -8.72
N LYS A 99 6.23 -11.35 -8.57
CA LYS A 99 6.41 -12.36 -7.52
C LYS A 99 7.82 -12.93 -7.57
N ASP A 100 8.40 -12.94 -8.75
CA ASP A 100 9.76 -13.43 -8.86
C ASP A 100 10.78 -12.29 -8.86
N THR A 101 10.38 -11.10 -9.30
CA THR A 101 11.30 -9.95 -9.30
C THR A 101 11.97 -9.81 -7.94
N GLY A 102 11.17 -9.55 -6.91
CA GLY A 102 11.71 -9.42 -5.57
C GLY A 102 11.79 -8.00 -5.09
N TYR A 103 11.26 -7.06 -5.87
CA TYR A 103 11.28 -5.63 -5.51
C TYR A 103 10.52 -4.79 -6.53
N GLN A 104 9.71 -3.87 -6.04
CA GLN A 104 8.91 -2.98 -6.88
C GLN A 104 8.64 -1.65 -6.18
N ARG A 105 8.90 -0.54 -6.86
CA ARG A 105 8.69 0.77 -6.29
C ARG A 105 7.44 1.44 -6.89
N LEU A 106 6.34 1.40 -6.17
CA LEU A 106 5.09 2.00 -6.63
C LEU A 106 4.88 3.37 -6.00
N ASP A 107 4.85 4.41 -6.83
CA ASP A 107 4.65 5.75 -6.35
C ASP A 107 3.27 5.90 -5.71
N LEU A 108 3.24 6.41 -4.48
CA LEU A 108 2.02 6.62 -3.74
C LEU A 108 1.32 7.89 -4.22
N CYS A 109 0.27 7.72 -5.01
CA CYS A 109 -0.48 8.85 -5.55
C CYS A 109 -1.98 8.67 -5.33
N LYS A 110 -2.74 9.71 -5.66
CA LYS A 110 -4.19 9.70 -5.49
C LYS A 110 -4.86 8.69 -6.43
N LEU A 111 -6.06 8.27 -6.05
CA LEU A 111 -6.82 7.33 -6.87
C LEU A 111 -6.93 7.83 -8.30
N GLY A 112 -7.05 9.15 -8.45
CA GLY A 112 -7.17 9.74 -9.77
C GLY A 112 -7.37 11.25 -9.71
N PRO A 113 -7.32 11.94 -10.86
CA PRO A 113 -7.50 13.40 -10.92
C PRO A 113 -8.86 13.83 -10.39
N ASN A 114 -8.92 15.05 -9.85
CA ASN A 114 -10.16 15.60 -9.31
C ASN A 114 -10.71 14.73 -8.17
N ASP A 115 -9.90 13.79 -7.69
CA ASP A 115 -10.32 12.91 -6.62
C ASP A 115 -9.38 13.03 -5.42
N ASN A 116 -9.36 14.23 -4.82
CA ASN A 116 -8.50 14.49 -3.67
C ASN A 116 -7.04 14.18 -4.00
N ASP A 117 -6.39 15.10 -4.71
CA ASP A 117 -5.00 14.92 -5.10
C ASP A 117 -4.05 15.44 -4.02
N THR A 118 -4.08 14.82 -2.86
CA THR A 118 -3.22 15.21 -1.75
C THR A 118 -2.14 14.16 -1.53
N VAL A 119 -1.43 13.83 -2.61
CA VAL A 119 -0.38 12.84 -2.56
C VAL A 119 0.96 13.44 -2.95
N ARG A 120 2.01 12.61 -2.92
CA ARG A 120 3.36 13.04 -3.25
C ARG A 120 4.39 11.98 -2.85
N GLY A 121 3.92 10.84 -2.36
CA GLY A 121 4.84 9.83 -1.88
C GLY A 121 5.07 8.68 -2.83
N GLN A 122 5.88 7.73 -2.37
CA GLN A 122 6.21 6.53 -3.11
C GLN A 122 6.33 5.39 -2.11
N ILE A 123 6.54 4.17 -2.60
CA ILE A 123 6.65 3.03 -1.70
C ILE A 123 7.40 1.88 -2.33
N VAL A 124 8.34 1.32 -1.58
CA VAL A 124 9.14 0.18 -2.05
C VAL A 124 8.62 -1.11 -1.44
N VAL A 125 8.41 -2.10 -2.29
CA VAL A 125 7.91 -3.39 -1.86
C VAL A 125 8.71 -4.51 -2.52
N SER A 126 8.39 -5.75 -2.18
CA SER A 126 9.06 -6.90 -2.78
C SER A 126 8.07 -8.02 -2.96
N LEU A 127 8.00 -8.53 -4.18
CA LEU A 127 7.06 -9.58 -4.50
C LEU A 127 7.73 -10.94 -4.59
N GLN A 128 7.38 -11.84 -3.67
CA GLN A 128 7.88 -13.20 -3.71
C GLN A 128 6.81 -14.19 -3.26
N SER A 129 6.55 -15.20 -4.09
CA SER A 129 5.54 -16.20 -3.77
C SER A 129 5.98 -17.08 -2.61
N ARG A 130 5.00 -17.68 -1.95
CA ARG A 130 5.25 -18.56 -0.81
C ARG A 130 5.36 -20.02 -1.26
N ASP A 131 6.29 -20.75 -0.64
CA ASP A 131 6.50 -22.15 -0.98
C ASP A 131 5.56 -23.04 -0.19
N GLY A 1 -4.55 -25.15 -7.52
CA GLY A 1 -5.16 -24.20 -6.61
C GLY A 1 -4.65 -22.78 -6.81
N PRO A 2 -5.04 -21.85 -5.92
CA PRO A 2 -4.61 -20.44 -6.01
C PRO A 2 -3.11 -20.27 -5.78
N VAL A 3 -2.60 -19.10 -6.15
CA VAL A 3 -1.18 -18.80 -6.00
C VAL A 3 -0.91 -18.03 -4.71
N LYS A 4 0.11 -18.44 -3.98
CA LYS A 4 0.48 -17.76 -2.74
C LYS A 4 1.47 -16.64 -3.03
N LEU A 5 0.96 -15.41 -3.10
CA LEU A 5 1.81 -14.26 -3.37
C LEU A 5 2.00 -13.40 -2.13
N ARG A 6 3.24 -13.15 -1.79
CA ARG A 6 3.57 -12.35 -0.62
C ARG A 6 4.11 -10.97 -1.03
N LEU A 7 3.36 -9.92 -0.67
CA LEU A 7 3.77 -8.55 -0.97
C LEU A 7 4.43 -7.96 0.28
N THR A 8 5.73 -7.73 0.19
CA THR A 8 6.50 -7.21 1.30
C THR A 8 6.59 -5.69 1.30
N VAL A 9 5.93 -5.05 2.26
CA VAL A 9 5.95 -3.60 2.37
C VAL A 9 7.13 -3.18 3.24
N LEU A 10 8.26 -2.88 2.60
CA LEU A 10 9.48 -2.51 3.31
C LEU A 10 9.41 -1.10 3.90
N CYS A 11 9.21 -0.11 3.04
CA CYS A 11 9.15 1.28 3.49
C CYS A 11 8.49 2.17 2.43
N ALA A 12 8.25 3.43 2.81
CA ALA A 12 7.65 4.40 1.90
C ALA A 12 8.52 5.65 1.83
N LYS A 13 8.34 6.44 0.78
CA LYS A 13 9.13 7.65 0.60
C LYS A 13 8.26 8.87 0.29
N ASN A 14 8.84 10.04 0.52
CA ASN A 14 8.18 11.31 0.26
C ASN A 14 6.71 11.30 0.67
N LEU A 15 6.45 11.14 1.96
CA LEU A 15 5.07 11.12 2.44
C LEU A 15 4.54 12.54 2.45
N VAL A 16 3.47 12.79 1.70
CA VAL A 16 2.90 14.12 1.65
C VAL A 16 2.60 14.61 3.06
N LYS A 17 3.33 15.61 3.50
CA LYS A 17 3.15 16.17 4.83
C LYS A 17 1.77 16.78 4.95
N LYS A 18 1.08 16.87 3.82
CA LYS A 18 -0.27 17.44 3.76
C LYS A 18 -0.24 18.90 4.22
N ASP A 19 -0.21 19.09 5.54
CA ASP A 19 -0.15 20.43 6.11
C ASP A 19 1.28 20.76 6.49
N PHE A 20 1.68 22.01 6.24
CA PHE A 20 3.05 22.45 6.53
C PHE A 20 3.54 22.00 7.90
N PHE A 21 3.15 22.73 8.94
CA PHE A 21 3.57 22.42 10.31
C PHE A 21 3.19 21.00 10.73
N ARG A 22 2.12 20.47 10.15
CA ARG A 22 1.66 19.13 10.50
C ARG A 22 2.49 18.04 9.80
N LEU A 23 2.30 16.82 10.25
CA LEU A 23 3.00 15.66 9.72
C LEU A 23 2.03 14.46 9.64
N PRO A 24 2.18 13.58 8.64
CA PRO A 24 1.32 12.42 8.49
C PRO A 24 1.82 11.19 9.22
N ASP A 25 0.90 10.33 9.64
CA ASP A 25 1.23 9.09 10.33
C ASP A 25 0.85 7.90 9.45
N PRO A 26 1.67 7.58 8.44
CA PRO A 26 1.42 6.48 7.48
C PRO A 26 1.34 5.09 8.12
N PHE A 27 0.42 4.29 7.57
CA PHE A 27 0.22 2.90 7.98
C PHE A 27 -0.29 2.15 6.75
N ALA A 28 -0.41 0.83 6.82
CA ALA A 28 -0.85 0.09 5.63
C ALA A 28 -2.01 -0.87 5.88
N LYS A 29 -2.72 -1.17 4.82
CA LYS A 29 -3.84 -2.10 4.85
C LYS A 29 -3.77 -3.05 3.66
N VAL A 30 -4.27 -4.27 3.84
CA VAL A 30 -4.25 -5.28 2.80
C VAL A 30 -5.66 -5.68 2.40
N VAL A 31 -5.92 -5.74 1.11
CA VAL A 31 -7.23 -6.14 0.62
C VAL A 31 -7.10 -7.13 -0.55
N VAL A 32 -7.89 -8.19 -0.50
CA VAL A 32 -7.87 -9.20 -1.54
C VAL A 32 -9.07 -9.03 -2.47
N ASP A 33 -8.80 -8.55 -3.68
CA ASP A 33 -9.86 -8.34 -4.66
C ASP A 33 -10.47 -9.68 -5.08
N GLY A 34 -11.46 -10.12 -4.32
CA GLY A 34 -12.12 -11.38 -4.60
C GLY A 34 -12.42 -12.15 -3.34
N SER A 35 -11.68 -11.87 -2.28
CA SER A 35 -11.87 -12.53 -0.99
C SER A 35 -12.05 -11.51 0.13
N GLY A 36 -12.32 -12.00 1.33
CA GLY A 36 -12.52 -11.12 2.46
C GLY A 36 -11.33 -11.11 3.41
N GLN A 37 -10.13 -11.22 2.84
CA GLN A 37 -8.91 -11.22 3.63
C GLN A 37 -8.35 -9.80 3.78
N CYS A 38 -8.35 -9.30 5.01
CA CYS A 38 -7.85 -7.96 5.28
C CYS A 38 -6.73 -7.99 6.33
N HIS A 39 -5.78 -7.07 6.18
CA HIS A 39 -4.64 -6.97 7.09
C HIS A 39 -4.22 -5.50 7.25
N SER A 40 -3.35 -5.22 8.21
CA SER A 40 -2.91 -3.84 8.42
C SER A 40 -1.54 -3.76 9.11
N THR A 41 -0.74 -2.77 8.70
CA THR A 41 0.58 -2.55 9.29
C THR A 41 0.54 -1.38 10.24
N ASP A 42 1.34 -1.47 11.30
CA ASP A 42 1.41 -0.46 12.33
C ASP A 42 1.55 0.94 11.75
N THR A 43 1.19 1.94 12.55
CA THR A 43 1.25 3.33 12.13
C THR A 43 2.60 3.96 12.46
N VAL A 44 3.02 4.90 11.62
CA VAL A 44 4.27 5.59 11.79
C VAL A 44 4.02 7.05 12.18
N LYS A 45 4.30 7.39 13.43
CA LYS A 45 4.06 8.74 13.93
C LYS A 45 4.86 9.80 13.18
N ASN A 46 4.16 10.90 12.83
CA ASN A 46 4.73 12.05 12.12
C ASN A 46 6.06 11.74 11.43
N THR A 47 5.98 11.29 10.17
CA THR A 47 7.18 10.99 9.41
C THR A 47 6.99 11.27 7.92
N LEU A 48 8.11 11.26 7.19
CA LEU A 48 8.09 11.48 5.76
C LEU A 48 8.82 10.34 5.05
N ASP A 49 9.20 9.35 5.85
CA ASP A 49 9.91 8.17 5.36
C ASP A 49 9.76 7.04 6.37
N PRO A 50 8.58 6.38 6.39
CA PRO A 50 8.29 5.29 7.33
C PRO A 50 8.85 3.95 6.89
N LYS A 51 8.53 2.92 7.65
CA LYS A 51 8.96 1.56 7.36
C LYS A 51 8.11 0.57 8.15
N TRP A 52 7.82 -0.57 7.53
CA TRP A 52 7.01 -1.59 8.19
C TRP A 52 7.65 -2.96 8.06
N ASN A 53 8.37 -3.18 6.95
CA ASN A 53 9.03 -4.46 6.70
C ASN A 53 8.09 -5.62 7.00
N GLN A 54 6.81 -5.43 6.66
CA GLN A 54 5.79 -6.46 6.87
C GLN A 54 5.26 -6.96 5.54
N HIS A 55 5.13 -8.27 5.42
CA HIS A 55 4.65 -8.88 4.19
C HIS A 55 3.41 -9.72 4.46
N TYR A 56 2.46 -9.67 3.54
CA TYR A 56 1.23 -10.44 3.69
C TYR A 56 1.03 -11.37 2.50
N ASP A 57 0.60 -12.60 2.79
CA ASP A 57 0.38 -13.60 1.75
C ASP A 57 -1.10 -13.68 1.38
N LEU A 58 -1.40 -13.37 0.12
CA LEU A 58 -2.76 -13.41 -0.39
C LEU A 58 -2.84 -14.27 -1.64
N TYR A 59 -3.89 -15.08 -1.73
CA TYR A 59 -4.07 -16.00 -2.86
C TYR A 59 -4.62 -15.32 -4.10
N ILE A 60 -4.30 -15.90 -5.26
CA ILE A 60 -4.75 -15.40 -6.55
C ILE A 60 -5.31 -16.54 -7.39
N GLY A 61 -6.57 -16.45 -7.76
CA GLY A 61 -7.16 -17.51 -8.56
C GLY A 61 -7.83 -17.00 -9.82
N LYS A 62 -7.77 -17.82 -10.87
CA LYS A 62 -8.36 -17.47 -12.16
C LYS A 62 -7.85 -16.13 -12.67
N SER A 63 -8.47 -15.04 -12.19
CA SER A 63 -8.08 -13.70 -12.61
C SER A 63 -8.16 -12.73 -11.44
N ASP A 64 -7.74 -13.18 -10.25
CA ASP A 64 -7.76 -12.35 -9.06
C ASP A 64 -6.56 -11.42 -9.02
N SER A 65 -6.66 -10.39 -8.20
CA SER A 65 -5.61 -9.41 -8.05
C SER A 65 -5.47 -9.02 -6.58
N VAL A 66 -4.40 -8.31 -6.25
CA VAL A 66 -4.18 -7.90 -4.87
C VAL A 66 -3.77 -6.44 -4.78
N THR A 67 -4.34 -5.72 -3.82
CA THR A 67 -4.06 -4.31 -3.66
C THR A 67 -3.69 -3.94 -2.22
N ILE A 68 -2.47 -3.44 -2.04
CA ILE A 68 -2.03 -2.97 -0.74
C ILE A 68 -2.13 -1.45 -0.71
N SER A 69 -2.80 -0.88 0.28
CA SER A 69 -2.97 0.57 0.37
C SER A 69 -2.30 1.15 1.61
N VAL A 70 -2.06 2.45 1.56
CA VAL A 70 -1.44 3.16 2.67
C VAL A 70 -2.27 4.39 3.03
N TRP A 71 -2.75 4.44 4.27
CA TRP A 71 -3.57 5.56 4.72
C TRP A 71 -2.86 6.34 5.83
N ASN A 72 -3.19 7.62 5.96
CA ASN A 72 -2.60 8.45 6.99
C ASN A 72 -3.43 8.39 8.27
N HIS A 73 -3.04 7.51 9.19
CA HIS A 73 -3.75 7.32 10.46
C HIS A 73 -4.20 8.65 11.08
N LYS A 74 -3.31 9.62 11.10
CA LYS A 74 -3.64 10.92 11.69
C LYS A 74 -4.86 11.54 11.01
N LYS A 75 -4.84 11.60 9.69
CA LYS A 75 -5.94 12.19 8.96
C LYS A 75 -7.15 11.27 8.82
N ILE A 76 -6.96 9.95 8.89
CA ILE A 76 -8.11 9.05 8.82
C ILE A 76 -9.00 9.40 10.00
N HIS A 77 -8.34 9.92 11.04
CA HIS A 77 -9.03 10.39 12.22
C HIS A 77 -9.49 11.82 11.98
N LYS A 78 -8.78 12.51 11.08
CA LYS A 78 -9.11 13.89 10.71
C LYS A 78 -10.53 13.96 10.14
N LYS A 79 -11.15 12.80 9.96
CA LYS A 79 -12.52 12.70 9.43
C LYS A 79 -12.59 13.08 7.96
N GLN A 80 -13.75 12.87 7.35
CA GLN A 80 -13.95 13.18 5.94
C GLN A 80 -13.00 12.37 5.07
N GLY A 81 -12.92 12.70 3.78
CA GLY A 81 -12.03 11.98 2.88
C GLY A 81 -10.59 11.98 3.39
N ALA A 82 -10.31 12.87 4.32
CA ALA A 82 -8.99 12.99 4.92
C ALA A 82 -8.53 11.66 5.54
N GLY A 83 -7.34 11.20 5.17
CA GLY A 83 -6.83 9.96 5.72
C GLY A 83 -6.15 9.06 4.69
N PHE A 84 -5.97 9.55 3.47
CA PHE A 84 -5.34 8.75 2.44
C PHE A 84 -3.92 9.24 2.14
N LEU A 85 -3.06 8.31 1.71
CA LEU A 85 -1.68 8.64 1.37
C LEU A 85 -1.30 8.07 0.01
N GLY A 86 -1.24 6.75 -0.08
CA GLY A 86 -0.89 6.09 -1.33
C GLY A 86 -1.35 4.67 -1.38
N CYS A 87 -2.14 4.38 -2.38
CA CYS A 87 -2.65 3.04 -2.57
C CYS A 87 -1.86 2.38 -3.68
N VAL A 88 -1.29 1.23 -3.38
CA VAL A 88 -0.54 0.53 -4.38
C VAL A 88 -1.37 -0.63 -4.91
N ARG A 89 -1.55 -0.71 -6.22
CA ARG A 89 -2.38 -1.76 -6.80
C ARG A 89 -1.67 -2.56 -7.87
N LEU A 90 -1.75 -3.89 -7.72
CA LEU A 90 -1.15 -4.82 -8.67
C LEU A 90 -2.19 -5.86 -9.11
N LEU A 91 -2.18 -6.20 -10.39
CA LEU A 91 -3.14 -7.19 -10.92
C LEU A 91 -2.49 -8.56 -11.03
N SER A 92 -3.25 -9.54 -11.54
CA SER A 92 -2.75 -10.91 -11.68
C SER A 92 -1.48 -10.97 -12.51
N ASN A 93 -1.47 -10.29 -13.65
CA ASN A 93 -0.30 -10.29 -14.54
C ASN A 93 0.91 -9.68 -13.85
N ALA A 94 0.70 -8.55 -13.19
CA ALA A 94 1.77 -7.87 -12.49
C ALA A 94 2.26 -8.73 -11.32
N ILE A 95 1.34 -9.41 -10.66
CA ILE A 95 1.70 -10.24 -9.52
C ILE A 95 2.67 -11.34 -9.92
N ASN A 96 2.49 -11.91 -11.12
CA ASN A 96 3.38 -12.97 -11.60
C ASN A 96 4.79 -12.46 -11.94
N ARG A 97 4.85 -11.44 -12.79
CA ARG A 97 6.12 -10.88 -13.19
C ARG A 97 6.85 -10.29 -11.98
N LEU A 98 6.08 -9.69 -11.09
CA LEU A 98 6.64 -9.07 -9.89
C LEU A 98 7.02 -10.11 -8.83
N LYS A 99 6.18 -11.12 -8.64
CA LYS A 99 6.45 -12.14 -7.61
C LYS A 99 7.80 -12.79 -7.82
N ASP A 100 8.26 -12.90 -9.05
CA ASP A 100 9.56 -13.52 -9.27
C ASP A 100 10.68 -12.48 -9.33
N THR A 101 10.37 -11.26 -9.76
CA THR A 101 11.39 -10.22 -9.83
C THR A 101 11.93 -9.88 -8.45
N GLY A 102 11.09 -9.28 -7.62
CA GLY A 102 11.50 -8.92 -6.29
C GLY A 102 11.81 -7.46 -6.16
N TYR A 103 11.21 -6.83 -5.16
CA TYR A 103 11.41 -5.42 -4.88
C TYR A 103 10.97 -4.53 -6.04
N GLN A 104 9.76 -3.99 -5.89
CA GLN A 104 9.17 -3.12 -6.89
C GLN A 104 8.82 -1.77 -6.27
N ARG A 105 9.45 -0.71 -6.76
CA ARG A 105 9.20 0.63 -6.25
C ARG A 105 7.97 1.24 -6.92
N LEU A 106 6.85 1.24 -6.20
CA LEU A 106 5.59 1.77 -6.71
C LEU A 106 5.26 3.11 -6.05
N ASP A 107 5.22 4.17 -6.85
CA ASP A 107 4.90 5.49 -6.34
C ASP A 107 3.52 5.52 -5.69
N LEU A 108 3.43 6.24 -4.57
CA LEU A 108 2.18 6.39 -3.84
C LEU A 108 1.45 7.64 -4.30
N CYS A 109 0.36 7.43 -5.02
CA CYS A 109 -0.44 8.54 -5.54
C CYS A 109 -1.91 8.38 -5.21
N LYS A 110 -2.69 9.41 -5.53
CA LYS A 110 -4.13 9.42 -5.26
C LYS A 110 -4.86 8.30 -5.98
N LEU A 111 -6.08 8.04 -5.53
CA LEU A 111 -6.91 7.00 -6.14
C LEU A 111 -7.11 7.31 -7.62
N GLY A 112 -7.29 8.59 -7.92
CA GLY A 112 -7.49 9.02 -9.29
C GLY A 112 -7.19 10.49 -9.48
N PRO A 113 -7.31 11.01 -10.72
CA PRO A 113 -7.03 12.41 -11.01
C PRO A 113 -8.12 13.34 -10.51
N ASN A 114 -9.37 12.87 -10.58
CA ASN A 114 -10.50 13.67 -10.14
C ASN A 114 -11.08 13.14 -8.83
N ASP A 115 -10.23 12.55 -8.00
CA ASP A 115 -10.67 12.02 -6.72
C ASP A 115 -9.63 12.27 -5.63
N ASN A 116 -9.60 13.51 -5.13
CA ASN A 116 -8.67 13.91 -4.08
C ASN A 116 -7.22 13.67 -4.51
N ASP A 117 -6.58 14.72 -5.03
CA ASP A 117 -5.18 14.63 -5.46
C ASP A 117 -4.26 15.36 -4.49
N THR A 118 -4.01 14.72 -3.35
CA THR A 118 -3.13 15.29 -2.34
C THR A 118 -2.04 14.29 -1.98
N VAL A 119 -1.36 13.80 -3.01
CA VAL A 119 -0.31 12.82 -2.84
C VAL A 119 1.04 13.37 -3.29
N ARG A 120 2.07 12.52 -3.20
CA ARG A 120 3.43 12.92 -3.55
C ARG A 120 4.45 11.87 -3.10
N GLY A 121 3.96 10.75 -2.58
CA GLY A 121 4.89 9.75 -2.05
C GLY A 121 5.14 8.58 -2.96
N GLN A 122 5.93 7.65 -2.45
CA GLN A 122 6.30 6.43 -3.14
C GLN A 122 6.40 5.30 -2.12
N ILE A 123 6.67 4.09 -2.57
CA ILE A 123 6.78 2.97 -1.65
C ILE A 123 7.63 1.84 -2.24
N VAL A 124 8.53 1.31 -1.43
CA VAL A 124 9.39 0.21 -1.86
C VAL A 124 8.92 -1.09 -1.26
N VAL A 125 8.34 -1.93 -2.11
CA VAL A 125 7.86 -3.23 -1.70
C VAL A 125 8.61 -4.31 -2.46
N SER A 126 8.25 -5.57 -2.24
CA SER A 126 8.89 -6.68 -2.95
C SER A 126 7.90 -7.78 -3.17
N LEU A 127 7.95 -8.39 -4.33
CA LEU A 127 7.02 -9.43 -4.66
C LEU A 127 7.68 -10.80 -4.82
N GLN A 128 7.38 -11.71 -3.92
CA GLN A 128 7.86 -13.08 -4.02
C GLN A 128 6.81 -14.05 -3.51
N SER A 129 6.56 -15.11 -4.27
CA SER A 129 5.57 -16.11 -3.87
C SER A 129 6.11 -17.00 -2.76
N ARG A 130 5.21 -17.44 -1.90
CA ARG A 130 5.58 -18.30 -0.78
C ARG A 130 5.02 -19.71 -0.97
N ASP A 131 5.64 -20.68 -0.32
CA ASP A 131 5.20 -22.07 -0.40
C ASP A 131 4.27 -22.43 0.75
N GLY A 1 -5.23 -24.80 -8.52
CA GLY A 1 -5.96 -23.87 -7.68
C GLY A 1 -5.28 -22.52 -7.61
N PRO A 2 -5.61 -21.69 -6.60
CA PRO A 2 -5.02 -20.36 -6.44
C PRO A 2 -3.52 -20.43 -6.16
N VAL A 3 -2.85 -19.30 -6.31
CA VAL A 3 -1.42 -19.22 -6.08
C VAL A 3 -1.10 -18.31 -4.90
N LYS A 4 -0.11 -18.71 -4.09
CA LYS A 4 0.29 -17.94 -2.92
C LYS A 4 1.29 -16.86 -3.31
N LEU A 5 0.93 -15.61 -3.06
CA LEU A 5 1.80 -14.48 -3.38
C LEU A 5 1.95 -13.55 -2.18
N ARG A 6 3.20 -13.24 -1.85
CA ARG A 6 3.48 -12.36 -0.72
C ARG A 6 3.97 -10.99 -1.17
N LEU A 7 3.30 -9.95 -0.69
CA LEU A 7 3.68 -8.58 -0.99
C LEU A 7 4.30 -7.97 0.26
N THR A 8 5.61 -7.80 0.24
CA THR A 8 6.34 -7.27 1.38
C THR A 8 6.45 -5.76 1.34
N VAL A 9 5.74 -5.08 2.23
CA VAL A 9 5.79 -3.63 2.30
C VAL A 9 7.05 -3.20 3.05
N LEU A 10 8.11 -2.95 2.31
CA LEU A 10 9.39 -2.58 2.89
C LEU A 10 9.33 -1.20 3.57
N CYS A 11 9.04 -0.18 2.77
CA CYS A 11 8.97 1.19 3.28
C CYS A 11 8.25 2.10 2.30
N ALA A 12 8.00 3.34 2.71
CA ALA A 12 7.34 4.31 1.86
C ALA A 12 8.18 5.59 1.79
N LYS A 13 8.12 6.27 0.65
CA LYS A 13 8.90 7.49 0.47
C LYS A 13 8.01 8.71 0.21
N ASN A 14 8.60 9.87 0.40
CA ASN A 14 7.92 11.15 0.20
C ASN A 14 6.46 11.12 0.64
N LEU A 15 6.23 10.98 1.93
CA LEU A 15 4.87 10.97 2.45
C LEU A 15 4.33 12.38 2.50
N VAL A 16 3.20 12.63 1.84
CA VAL A 16 2.62 13.97 1.83
C VAL A 16 2.44 14.44 3.27
N LYS A 17 3.21 15.46 3.64
CA LYS A 17 3.14 16.01 4.98
C LYS A 17 1.75 16.58 5.26
N LYS A 18 0.95 16.66 4.19
CA LYS A 18 -0.41 17.19 4.27
C LYS A 18 -0.39 18.65 4.75
N ASP A 19 -0.24 18.84 6.06
CA ASP A 19 -0.17 20.19 6.62
C ASP A 19 1.28 20.61 6.85
N PHE A 20 1.58 21.86 6.54
CA PHE A 20 2.93 22.39 6.69
C PHE A 20 3.49 22.13 8.10
N PHE A 21 2.93 22.82 9.08
CA PHE A 21 3.39 22.69 10.47
C PHE A 21 3.01 21.34 11.06
N ARG A 22 2.56 20.40 10.23
CA ARG A 22 2.19 19.08 10.72
C ARG A 22 2.87 17.97 9.92
N LEU A 23 2.77 16.75 10.44
CA LEU A 23 3.37 15.57 9.82
C LEU A 23 2.37 14.42 9.81
N PRO A 24 2.47 13.51 8.82
CA PRO A 24 1.58 12.37 8.70
C PRO A 24 2.08 11.12 9.42
N ASP A 25 1.14 10.30 9.89
CA ASP A 25 1.47 9.04 10.56
C ASP A 25 1.02 7.86 9.68
N PRO A 26 1.79 7.55 8.62
CA PRO A 26 1.46 6.44 7.69
C PRO A 26 1.39 5.05 8.31
N PHE A 27 0.48 4.25 7.74
CA PHE A 27 0.28 2.86 8.13
C PHE A 27 -0.22 2.12 6.89
N ALA A 28 -0.39 0.81 6.93
CA ALA A 28 -0.83 0.11 5.72
C ALA A 28 -2.02 -0.81 5.92
N LYS A 29 -2.73 -1.05 4.82
CA LYS A 29 -3.89 -1.92 4.79
C LYS A 29 -3.79 -2.88 3.61
N VAL A 30 -4.38 -4.06 3.77
CA VAL A 30 -4.36 -5.07 2.73
C VAL A 30 -5.77 -5.48 2.32
N VAL A 31 -5.99 -5.58 1.01
CA VAL A 31 -7.30 -5.98 0.51
C VAL A 31 -7.16 -6.98 -0.62
N VAL A 32 -7.97 -8.03 -0.55
CA VAL A 32 -7.96 -9.07 -1.57
C VAL A 32 -9.12 -8.88 -2.54
N ASP A 33 -8.80 -8.46 -3.76
CA ASP A 33 -9.82 -8.23 -4.77
C ASP A 33 -10.49 -9.54 -5.15
N GLY A 34 -11.52 -9.91 -4.40
CA GLY A 34 -12.24 -11.14 -4.66
C GLY A 34 -12.57 -11.89 -3.38
N SER A 35 -12.06 -11.37 -2.26
CA SER A 35 -12.29 -11.97 -0.95
C SER A 35 -12.37 -10.91 0.13
N GLY A 36 -12.86 -11.29 1.30
CA GLY A 36 -12.98 -10.36 2.41
C GLY A 36 -11.77 -10.40 3.32
N GLN A 37 -10.62 -10.81 2.78
CA GLN A 37 -9.39 -10.90 3.57
C GLN A 37 -8.71 -9.54 3.67
N CYS A 38 -8.65 -9.00 4.89
CA CYS A 38 -8.03 -7.71 5.13
C CYS A 38 -6.90 -7.80 6.16
N HIS A 39 -5.93 -6.90 6.05
CA HIS A 39 -4.79 -6.86 6.96
C HIS A 39 -4.32 -5.41 7.15
N SER A 40 -3.44 -5.17 8.11
CA SER A 40 -2.95 -3.81 8.35
C SER A 40 -1.59 -3.79 9.04
N THR A 41 -0.77 -2.81 8.67
CA THR A 41 0.56 -2.64 9.26
C THR A 41 0.55 -1.50 10.27
N ASP A 42 1.38 -1.65 11.30
CA ASP A 42 1.48 -0.65 12.36
C ASP A 42 1.65 0.75 11.81
N THR A 43 1.34 1.75 12.63
CA THR A 43 1.43 3.15 12.23
C THR A 43 2.69 3.81 12.77
N VAL A 44 3.36 4.54 11.87
CA VAL A 44 4.56 5.26 12.23
C VAL A 44 4.18 6.68 12.67
N LYS A 45 5.06 7.32 13.43
CA LYS A 45 4.77 8.67 13.92
C LYS A 45 5.49 9.76 13.13
N ASN A 46 4.75 10.83 12.85
CA ASN A 46 5.24 12.00 12.12
C ASN A 46 6.54 11.74 11.35
N THR A 47 6.41 11.23 10.13
CA THR A 47 7.57 10.95 9.30
C THR A 47 7.23 11.06 7.82
N LEU A 48 8.23 11.42 7.01
CA LEU A 48 8.04 11.54 5.56
C LEU A 48 8.66 10.34 4.84
N ASP A 49 9.08 9.36 5.62
CA ASP A 49 9.69 8.15 5.11
C ASP A 49 9.62 7.04 6.15
N PRO A 50 8.46 6.37 6.26
CA PRO A 50 8.24 5.31 7.24
C PRO A 50 8.83 3.97 6.81
N LYS A 51 8.40 2.93 7.51
CA LYS A 51 8.85 1.57 7.22
C LYS A 51 8.00 0.57 8.00
N TRP A 52 7.75 -0.58 7.39
CA TRP A 52 6.94 -1.62 8.01
C TRP A 52 7.63 -2.97 7.89
N ASN A 53 8.23 -3.21 6.74
CA ASN A 53 8.92 -4.48 6.49
C ASN A 53 8.00 -5.65 6.77
N GLN A 54 6.70 -5.45 6.54
CA GLN A 54 5.69 -6.48 6.77
C GLN A 54 5.17 -7.00 5.44
N HIS A 55 5.07 -8.33 5.34
CA HIS A 55 4.60 -8.96 4.12
C HIS A 55 3.34 -9.77 4.38
N TYR A 56 2.39 -9.71 3.46
CA TYR A 56 1.15 -10.47 3.62
C TYR A 56 0.94 -11.39 2.43
N ASP A 57 0.51 -12.62 2.71
CA ASP A 57 0.29 -13.62 1.66
C ASP A 57 -1.18 -13.72 1.31
N LEU A 58 -1.49 -13.47 0.04
CA LEU A 58 -2.85 -13.55 -0.45
C LEU A 58 -2.91 -14.41 -1.71
N TYR A 59 -3.98 -15.18 -1.86
CA TYR A 59 -4.14 -16.09 -2.99
C TYR A 59 -4.61 -15.36 -4.25
N ILE A 60 -4.20 -15.90 -5.40
CA ILE A 60 -4.56 -15.35 -6.71
C ILE A 60 -5.07 -16.46 -7.62
N GLY A 61 -6.33 -16.38 -8.02
CA GLY A 61 -6.88 -17.41 -8.89
C GLY A 61 -7.53 -16.85 -10.14
N LYS A 62 -7.32 -17.54 -11.26
CA LYS A 62 -7.87 -17.15 -12.55
C LYS A 62 -7.51 -15.71 -12.92
N SER A 63 -8.30 -14.75 -12.44
CA SER A 63 -8.05 -13.35 -12.72
C SER A 63 -8.10 -12.51 -11.46
N ASP A 64 -7.56 -13.05 -10.37
CA ASP A 64 -7.54 -12.34 -9.09
C ASP A 64 -6.41 -11.32 -9.06
N SER A 65 -6.52 -10.37 -8.16
CA SER A 65 -5.51 -9.32 -8.02
C SER A 65 -5.42 -8.88 -6.57
N VAL A 66 -4.31 -8.28 -6.21
CA VAL A 66 -4.11 -7.84 -4.84
C VAL A 66 -3.71 -6.36 -4.78
N THR A 67 -4.29 -5.63 -3.84
CA THR A 67 -4.01 -4.21 -3.70
C THR A 67 -3.67 -3.81 -2.26
N ILE A 68 -2.44 -3.34 -2.05
CA ILE A 68 -2.01 -2.86 -0.75
C ILE A 68 -2.12 -1.34 -0.72
N SER A 69 -2.97 -0.79 0.15
CA SER A 69 -3.16 0.66 0.22
C SER A 69 -2.64 1.24 1.53
N VAL A 70 -2.08 2.44 1.45
CA VAL A 70 -1.53 3.12 2.63
C VAL A 70 -2.41 4.32 3.01
N TRP A 71 -2.63 4.51 4.31
CA TRP A 71 -3.46 5.61 4.79
C TRP A 71 -2.74 6.37 5.91
N ASN A 72 -3.05 7.67 6.04
CA ASN A 72 -2.44 8.49 7.09
C ASN A 72 -3.30 8.46 8.35
N HIS A 73 -2.99 7.56 9.27
CA HIS A 73 -3.75 7.42 10.51
C HIS A 73 -4.13 8.78 11.12
N LYS A 74 -3.22 9.74 11.05
CA LYS A 74 -3.45 11.05 11.59
C LYS A 74 -4.63 11.72 10.88
N LYS A 75 -4.63 11.70 9.55
CA LYS A 75 -5.71 12.34 8.80
C LYS A 75 -6.96 11.46 8.74
N ILE A 76 -6.81 10.13 8.75
CA ILE A 76 -7.99 9.28 8.71
C ILE A 76 -8.89 9.66 9.86
N HIS A 77 -8.27 10.16 10.93
CA HIS A 77 -9.01 10.63 12.09
C HIS A 77 -9.31 12.12 11.92
N LYS A 78 -8.49 12.80 11.09
CA LYS A 78 -8.67 14.24 10.83
C LYS A 78 -10.12 14.57 10.45
N LYS A 79 -10.57 14.01 9.33
CA LYS A 79 -11.93 14.26 8.83
C LYS A 79 -12.18 13.51 7.53
N GLN A 80 -13.22 13.91 6.81
CA GLN A 80 -13.56 13.28 5.54
C GLN A 80 -12.52 13.60 4.48
N GLY A 81 -12.21 12.61 3.65
CA GLY A 81 -11.21 12.80 2.61
C GLY A 81 -9.80 12.68 3.15
N ALA A 82 -9.57 13.30 4.30
CA ALA A 82 -8.26 13.28 4.95
C ALA A 82 -7.97 11.89 5.51
N GLY A 83 -6.86 11.29 5.09
CA GLY A 83 -6.52 9.98 5.61
C GLY A 83 -5.89 9.06 4.57
N PHE A 84 -5.80 9.51 3.32
CA PHE A 84 -5.22 8.70 2.27
C PHE A 84 -3.72 8.94 2.14
N LEU A 85 -2.98 7.91 1.73
CA LEU A 85 -1.54 8.00 1.57
C LEU A 85 -1.03 7.12 0.44
N GLY A 86 -1.64 7.24 -0.73
CA GLY A 86 -1.21 6.43 -1.86
C GLY A 86 -1.53 4.97 -1.70
N CYS A 87 -2.34 4.47 -2.61
CA CYS A 87 -2.71 3.09 -2.63
C CYS A 87 -1.92 2.41 -3.74
N VAL A 88 -1.31 1.29 -3.44
CA VAL A 88 -0.54 0.59 -4.44
C VAL A 88 -1.33 -0.62 -4.94
N ARG A 89 -1.44 -0.78 -6.25
CA ARG A 89 -2.22 -1.88 -6.81
C ARG A 89 -1.43 -2.73 -7.82
N LEU A 90 -1.44 -4.03 -7.59
CA LEU A 90 -0.78 -4.99 -8.48
C LEU A 90 -1.79 -6.01 -8.97
N LEU A 91 -1.84 -6.24 -10.28
CA LEU A 91 -2.79 -7.17 -10.86
C LEU A 91 -2.23 -8.60 -10.88
N SER A 92 -2.95 -9.51 -11.55
CA SER A 92 -2.54 -10.90 -11.64
C SER A 92 -1.25 -11.03 -12.46
N ASN A 93 -1.23 -10.36 -13.61
CA ASN A 93 -0.06 -10.39 -14.47
C ASN A 93 1.13 -9.74 -13.79
N ALA A 94 0.88 -8.59 -13.16
CA ALA A 94 1.93 -7.88 -12.45
C ALA A 94 2.43 -8.74 -11.30
N ILE A 95 1.52 -9.39 -10.60
CA ILE A 95 1.88 -10.22 -9.47
C ILE A 95 2.84 -11.34 -9.90
N ASN A 96 2.68 -11.85 -11.11
CA ASN A 96 3.57 -12.91 -11.59
C ASN A 96 5.00 -12.40 -11.81
N ARG A 97 5.11 -11.37 -12.65
CA ARG A 97 6.41 -10.79 -12.96
C ARG A 97 7.08 -10.24 -11.71
N LEU A 98 6.28 -9.58 -10.88
CA LEU A 98 6.78 -8.98 -9.66
C LEU A 98 7.09 -10.05 -8.60
N LYS A 99 6.26 -11.08 -8.51
CA LYS A 99 6.48 -12.13 -7.51
C LYS A 99 7.86 -12.73 -7.65
N ASP A 100 8.40 -12.75 -8.85
CA ASP A 100 9.74 -13.31 -9.01
C ASP A 100 10.82 -12.24 -8.85
N THR A 101 10.51 -10.99 -9.21
CA THR A 101 11.47 -9.91 -9.07
C THR A 101 11.91 -9.79 -7.61
N GLY A 102 11.00 -9.34 -6.75
CA GLY A 102 11.32 -9.24 -5.34
C GLY A 102 11.63 -7.84 -4.85
N TYR A 103 11.15 -6.80 -5.56
CA TYR A 103 11.40 -5.41 -5.15
C TYR A 103 10.76 -4.41 -6.13
N GLN A 104 9.51 -4.06 -5.83
CA GLN A 104 8.75 -3.13 -6.64
C GLN A 104 8.54 -1.80 -5.94
N ARG A 105 8.99 -0.73 -6.57
CA ARG A 105 8.82 0.60 -5.99
C ARG A 105 7.79 1.38 -6.79
N LEU A 106 6.56 1.41 -6.28
CA LEU A 106 5.47 2.11 -6.95
C LEU A 106 5.22 3.46 -6.29
N ASP A 107 5.00 4.48 -7.11
CA ASP A 107 4.74 5.82 -6.60
C ASP A 107 3.33 5.90 -6.03
N LEU A 108 3.24 6.34 -4.79
CA LEU A 108 1.97 6.48 -4.10
C LEU A 108 1.28 7.77 -4.52
N CYS A 109 0.02 7.64 -4.94
CA CYS A 109 -0.77 8.80 -5.35
C CYS A 109 -2.26 8.54 -5.16
N LYS A 110 -3.05 9.58 -5.41
CA LYS A 110 -4.50 9.51 -5.26
C LYS A 110 -5.10 8.35 -6.06
N LEU A 111 -6.36 8.05 -5.77
CA LEU A 111 -7.06 6.96 -6.43
C LEU A 111 -7.18 7.22 -7.93
N GLY A 112 -7.11 8.49 -8.33
CA GLY A 112 -7.21 8.82 -9.75
C GLY A 112 -7.00 10.29 -10.03
N PRO A 113 -6.80 10.67 -11.31
CA PRO A 113 -6.60 12.06 -11.70
C PRO A 113 -7.76 12.96 -11.34
N ASN A 114 -8.97 12.56 -11.76
CA ASN A 114 -10.17 13.33 -11.47
C ASN A 114 -10.57 13.18 -10.01
N ASP A 115 -9.77 12.42 -9.27
CA ASP A 115 -10.02 12.20 -7.85
C ASP A 115 -8.87 12.70 -6.99
N ASN A 116 -8.24 13.79 -7.43
CA ASN A 116 -7.12 14.38 -6.70
C ASN A 116 -7.50 14.65 -5.26
N ASP A 117 -6.56 14.39 -4.34
CA ASP A 117 -6.84 14.61 -2.92
C ASP A 117 -5.56 14.75 -2.12
N THR A 118 -4.79 15.78 -2.43
CA THR A 118 -3.56 16.08 -1.73
C THR A 118 -2.70 14.84 -1.62
N VAL A 119 -2.08 14.47 -2.73
CA VAL A 119 -1.24 13.29 -2.73
C VAL A 119 0.15 13.59 -3.24
N ARG A 120 1.04 12.66 -2.92
CA ARG A 120 2.45 12.77 -3.29
C ARG A 120 3.30 11.81 -2.47
N GLY A 121 3.76 10.73 -3.09
CA GLY A 121 4.60 9.79 -2.37
C GLY A 121 4.99 8.59 -3.21
N GLN A 122 5.75 7.69 -2.59
CA GLN A 122 6.18 6.46 -3.24
C GLN A 122 6.23 5.34 -2.22
N ILE A 123 6.51 4.12 -2.66
CA ILE A 123 6.58 3.00 -1.72
C ILE A 123 7.36 1.82 -2.31
N VAL A 124 8.27 1.28 -1.51
CA VAL A 124 9.07 0.13 -1.93
C VAL A 124 8.58 -1.14 -1.27
N VAL A 125 8.28 -2.12 -2.08
CA VAL A 125 7.81 -3.41 -1.62
C VAL A 125 8.59 -4.51 -2.30
N SER A 126 8.25 -5.76 -2.02
CA SER A 126 8.94 -6.88 -2.64
C SER A 126 7.96 -7.99 -2.87
N LEU A 127 7.89 -8.44 -4.10
CA LEU A 127 6.96 -9.48 -4.45
C LEU A 127 7.65 -10.81 -4.63
N GLN A 128 7.35 -11.75 -3.74
CA GLN A 128 7.87 -13.11 -3.86
C GLN A 128 6.83 -14.14 -3.43
N SER A 129 6.64 -15.17 -4.23
CA SER A 129 5.67 -16.20 -3.92
C SER A 129 6.14 -17.07 -2.76
N ARG A 130 5.18 -17.56 -1.98
CA ARG A 130 5.48 -18.40 -0.83
C ARG A 130 5.17 -19.86 -1.13
N ASP A 131 6.03 -20.75 -0.63
CA ASP A 131 5.86 -22.19 -0.84
C ASP A 131 5.80 -22.52 -2.33
N GLY A 1 -6.04 -23.99 -8.68
CA GLY A 1 -6.78 -22.95 -7.99
C GLY A 1 -5.99 -21.67 -7.86
N PRO A 2 -6.34 -20.80 -6.89
CA PRO A 2 -5.64 -19.53 -6.69
C PRO A 2 -4.20 -19.73 -6.24
N VAL A 3 -3.40 -18.68 -6.33
CA VAL A 3 -1.99 -18.74 -5.94
C VAL A 3 -1.67 -17.78 -4.80
N LYS A 4 -1.00 -18.28 -3.78
CA LYS A 4 -0.63 -17.44 -2.64
C LYS A 4 0.67 -16.69 -2.94
N LEU A 5 0.60 -15.37 -2.89
CA LEU A 5 1.76 -14.53 -3.16
C LEU A 5 2.03 -13.57 -2.00
N ARG A 6 3.29 -13.37 -1.65
CA ARG A 6 3.65 -12.48 -0.55
C ARG A 6 4.14 -11.12 -1.03
N LEU A 7 3.32 -10.10 -0.80
CA LEU A 7 3.67 -8.72 -1.16
C LEU A 7 4.25 -8.07 0.09
N THR A 8 5.55 -7.84 0.06
CA THR A 8 6.25 -7.28 1.21
C THR A 8 6.38 -5.77 1.14
N VAL A 9 5.73 -5.08 2.08
CA VAL A 9 5.81 -3.63 2.16
C VAL A 9 7.08 -3.26 2.93
N LEU A 10 8.16 -3.06 2.19
CA LEU A 10 9.45 -2.74 2.78
C LEU A 10 9.47 -1.36 3.44
N CYS A 11 9.21 -0.33 2.65
CA CYS A 11 9.21 1.04 3.16
C CYS A 11 8.47 1.98 2.21
N ALA A 12 8.27 3.22 2.66
CA ALA A 12 7.59 4.22 1.85
C ALA A 12 8.39 5.52 1.84
N LYS A 13 8.30 6.27 0.74
CA LYS A 13 9.04 7.51 0.61
C LYS A 13 8.12 8.71 0.43
N ASN A 14 8.68 9.88 0.68
CA ASN A 14 7.97 11.14 0.55
C ASN A 14 6.54 11.05 1.08
N LEU A 15 6.41 11.03 2.40
CA LEU A 15 5.10 10.99 3.03
C LEU A 15 4.50 12.38 3.00
N VAL A 16 3.36 12.55 2.33
CA VAL A 16 2.76 13.86 2.27
C VAL A 16 2.53 14.38 3.68
N LYS A 17 3.29 15.41 4.06
CA LYS A 17 3.18 15.99 5.39
C LYS A 17 1.93 16.84 5.45
N LYS A 18 1.19 16.83 4.34
CA LYS A 18 -0.05 17.58 4.20
C LYS A 18 0.14 19.04 4.61
N ASP A 19 0.06 19.30 5.91
CA ASP A 19 0.26 20.64 6.43
C ASP A 19 1.67 20.77 7.01
N PHE A 20 2.41 21.78 6.56
CA PHE A 20 3.78 22.00 7.03
C PHE A 20 3.88 21.83 8.55
N PHE A 21 3.28 22.77 9.27
CA PHE A 21 3.30 22.74 10.73
C PHE A 21 2.83 21.39 11.28
N ARG A 22 2.14 20.62 10.44
CA ARG A 22 1.64 19.31 10.84
C ARG A 22 2.45 18.18 10.23
N LEU A 23 2.21 16.96 10.71
CA LEU A 23 2.90 15.77 10.23
C LEU A 23 1.93 14.59 10.17
N PRO A 24 2.12 13.67 9.21
CA PRO A 24 1.26 12.51 9.04
C PRO A 24 1.80 11.25 9.70
N ASP A 25 0.91 10.29 9.94
CA ASP A 25 1.27 9.01 10.56
C ASP A 25 0.88 7.85 9.63
N PRO A 26 1.76 7.51 8.66
CA PRO A 26 1.50 6.44 7.68
C PRO A 26 1.40 5.03 8.27
N PHE A 27 0.48 4.26 7.71
CA PHE A 27 0.27 2.86 8.09
C PHE A 27 -0.30 2.13 6.87
N ALA A 28 -0.29 0.81 6.87
CA ALA A 28 -0.77 0.10 5.68
C ALA A 28 -1.99 -0.77 5.96
N LYS A 29 -2.75 -1.04 4.90
CA LYS A 29 -3.94 -1.86 4.97
C LYS A 29 -4.07 -2.72 3.72
N VAL A 30 -4.03 -4.03 3.91
CA VAL A 30 -4.12 -4.97 2.80
C VAL A 30 -5.58 -5.29 2.45
N VAL A 31 -5.87 -5.34 1.15
CA VAL A 31 -7.22 -5.66 0.69
C VAL A 31 -7.17 -6.64 -0.48
N VAL A 32 -8.05 -7.64 -0.42
CA VAL A 32 -8.12 -8.65 -1.47
C VAL A 32 -9.30 -8.38 -2.39
N ASP A 33 -9.00 -7.93 -3.60
CA ASP A 33 -10.04 -7.63 -4.59
C ASP A 33 -10.77 -8.90 -5.01
N GLY A 34 -11.79 -9.27 -4.23
CA GLY A 34 -12.55 -10.46 -4.53
C GLY A 34 -12.96 -11.21 -3.27
N SER A 35 -12.20 -10.98 -2.19
CA SER A 35 -12.48 -11.63 -0.92
C SER A 35 -12.50 -10.60 0.22
N GLY A 36 -13.04 -11.00 1.36
CA GLY A 36 -13.11 -10.11 2.50
C GLY A 36 -11.93 -10.27 3.43
N GLN A 37 -10.73 -10.35 2.87
CA GLN A 37 -9.52 -10.50 3.66
C GLN A 37 -8.78 -9.17 3.80
N CYS A 38 -8.71 -8.67 5.02
CA CYS A 38 -8.03 -7.40 5.28
C CYS A 38 -6.91 -7.55 6.30
N HIS A 39 -5.90 -6.69 6.18
CA HIS A 39 -4.75 -6.69 7.06
C HIS A 39 -4.25 -5.26 7.25
N SER A 40 -3.34 -5.04 8.19
CA SER A 40 -2.82 -3.69 8.42
C SER A 40 -1.44 -3.68 9.08
N THR A 41 -0.60 -2.73 8.67
CA THR A 41 0.73 -2.56 9.23
C THR A 41 0.74 -1.41 10.21
N ASP A 42 1.60 -1.53 11.23
CA ASP A 42 1.71 -0.53 12.28
C ASP A 42 1.82 0.88 11.72
N THR A 43 1.44 1.85 12.54
CA THR A 43 1.48 3.25 12.16
C THR A 43 2.82 3.90 12.51
N VAL A 44 3.21 4.87 11.69
CA VAL A 44 4.47 5.58 11.89
C VAL A 44 4.21 7.04 12.28
N LYS A 45 4.47 7.37 13.54
CA LYS A 45 4.24 8.72 14.06
C LYS A 45 5.07 9.79 13.34
N ASN A 46 4.40 10.90 13.03
CA ASN A 46 5.00 12.06 12.36
C ASN A 46 6.29 11.72 11.60
N THR A 47 6.15 11.29 10.36
CA THR A 47 7.31 10.94 9.55
C THR A 47 7.07 11.24 8.08
N LEU A 48 8.15 11.43 7.32
CA LEU A 48 8.05 11.70 5.89
C LEU A 48 8.68 10.56 5.11
N ASP A 49 9.05 9.51 5.84
CA ASP A 49 9.63 8.31 5.25
C ASP A 49 9.51 7.15 6.24
N PRO A 50 8.37 6.45 6.24
CA PRO A 50 8.11 5.33 7.15
C PRO A 50 8.69 4.01 6.69
N LYS A 51 8.43 2.97 7.47
CA LYS A 51 8.90 1.63 7.16
C LYS A 51 8.08 0.60 7.95
N TRP A 52 7.80 -0.54 7.32
CA TRP A 52 7.02 -1.59 7.97
C TRP A 52 7.67 -2.95 7.78
N ASN A 53 8.32 -3.13 6.63
CA ASN A 53 8.99 -4.39 6.29
C ASN A 53 8.10 -5.60 6.61
N GLN A 54 6.79 -5.42 6.44
CA GLN A 54 5.83 -6.50 6.69
C GLN A 54 5.26 -7.02 5.37
N HIS A 55 5.15 -8.34 5.27
CA HIS A 55 4.63 -8.97 4.07
C HIS A 55 3.35 -9.74 4.38
N TYR A 56 2.40 -9.68 3.45
CA TYR A 56 1.14 -10.38 3.62
C TYR A 56 0.88 -11.33 2.46
N ASP A 57 0.40 -12.52 2.77
CA ASP A 57 0.12 -13.53 1.75
C ASP A 57 -1.36 -13.57 1.38
N LEU A 58 -1.64 -13.29 0.11
CA LEU A 58 -3.00 -13.30 -0.39
C LEU A 58 -3.11 -14.13 -1.66
N TYR A 59 -4.20 -14.87 -1.79
CA TYR A 59 -4.40 -15.75 -2.95
C TYR A 59 -4.88 -14.97 -4.16
N ILE A 60 -4.47 -15.44 -5.35
CA ILE A 60 -4.86 -14.82 -6.60
C ILE A 60 -5.53 -15.84 -7.50
N GLY A 61 -6.83 -15.69 -7.72
CA GLY A 61 -7.55 -16.61 -8.58
C GLY A 61 -7.19 -16.44 -10.03
N LYS A 62 -8.01 -17.02 -10.91
CA LYS A 62 -7.77 -16.92 -12.35
C LYS A 62 -7.56 -15.47 -12.78
N SER A 63 -8.54 -14.64 -12.49
CA SER A 63 -8.47 -13.22 -12.83
C SER A 63 -8.59 -12.36 -11.58
N ASP A 64 -7.74 -12.62 -10.60
CA ASP A 64 -7.76 -11.88 -9.34
C ASP A 64 -6.61 -10.89 -9.27
N SER A 65 -6.75 -9.92 -8.38
CA SER A 65 -5.75 -8.88 -8.19
C SER A 65 -5.69 -8.48 -6.73
N VAL A 66 -4.51 -8.09 -6.27
CA VAL A 66 -4.33 -7.69 -4.89
C VAL A 66 -3.88 -6.24 -4.81
N THR A 67 -4.42 -5.51 -3.83
CA THR A 67 -4.08 -4.10 -3.68
C THR A 67 -3.65 -3.74 -2.26
N ILE A 68 -2.37 -3.40 -2.10
CA ILE A 68 -1.88 -2.97 -0.80
C ILE A 68 -2.02 -1.46 -0.71
N SER A 69 -2.79 -0.97 0.26
CA SER A 69 -3.01 0.47 0.39
C SER A 69 -2.36 1.04 1.64
N VAL A 70 -2.18 2.35 1.64
CA VAL A 70 -1.58 3.06 2.77
C VAL A 70 -2.42 4.28 3.12
N TRP A 71 -2.73 4.44 4.39
CA TRP A 71 -3.55 5.56 4.85
C TRP A 71 -2.79 6.38 5.89
N ASN A 72 -3.14 7.65 6.02
CA ASN A 72 -2.50 8.53 6.99
C ASN A 72 -3.33 8.60 8.25
N HIS A 73 -2.94 7.81 9.25
CA HIS A 73 -3.65 7.74 10.53
C HIS A 73 -4.10 9.12 11.02
N LYS A 74 -3.26 10.12 10.81
CA LYS A 74 -3.58 11.47 11.23
C LYS A 74 -4.86 11.97 10.58
N LYS A 75 -4.93 11.88 9.25
CA LYS A 75 -6.09 12.35 8.54
C LYS A 75 -7.26 11.36 8.59
N ILE A 76 -6.99 10.05 8.71
CA ILE A 76 -8.09 9.10 8.80
C ILE A 76 -8.95 9.49 9.99
N HIS A 77 -8.29 10.09 10.98
CA HIS A 77 -8.97 10.59 12.16
C HIS A 77 -9.59 11.93 11.80
N LYS A 78 -8.92 12.64 10.89
CA LYS A 78 -9.40 13.94 10.40
C LYS A 78 -10.79 13.80 9.79
N LYS A 79 -11.20 12.55 9.55
CA LYS A 79 -12.51 12.26 8.96
C LYS A 79 -12.59 12.77 7.53
N GLN A 80 -13.75 12.56 6.90
CA GLN A 80 -13.97 12.99 5.52
C GLN A 80 -12.96 12.34 4.58
N GLY A 81 -12.78 12.93 3.41
CA GLY A 81 -11.85 12.38 2.44
C GLY A 81 -10.43 12.30 2.99
N ALA A 82 -10.18 13.02 4.07
CA ALA A 82 -8.86 13.04 4.70
C ALA A 82 -8.51 11.68 5.31
N GLY A 83 -7.38 11.12 4.90
CA GLY A 83 -6.95 9.83 5.43
C GLY A 83 -6.22 8.97 4.42
N PHE A 84 -6.31 9.34 3.15
CA PHE A 84 -5.64 8.57 2.11
C PHE A 84 -4.19 9.01 1.95
N LEU A 85 -3.35 8.06 1.55
CA LEU A 85 -1.93 8.33 1.35
C LEU A 85 -1.47 7.84 -0.02
N GLY A 86 -1.52 6.53 -0.20
CA GLY A 86 -1.11 5.92 -1.46
C GLY A 86 -1.50 4.48 -1.52
N CYS A 87 -2.32 4.16 -2.48
CA CYS A 87 -2.76 2.80 -2.67
C CYS A 87 -1.99 2.19 -3.82
N VAL A 88 -1.35 1.08 -3.56
CA VAL A 88 -0.58 0.42 -4.59
C VAL A 88 -1.36 -0.80 -5.08
N ARG A 89 -1.49 -0.94 -6.40
CA ARG A 89 -2.26 -2.06 -6.94
C ARG A 89 -1.53 -2.86 -8.02
N LEU A 90 -1.51 -4.17 -7.82
CA LEU A 90 -0.88 -5.09 -8.77
C LEU A 90 -1.88 -6.18 -9.15
N LEU A 91 -1.99 -6.48 -10.44
CA LEU A 91 -2.93 -7.49 -10.93
C LEU A 91 -2.32 -8.88 -10.92
N SER A 92 -3.04 -9.85 -11.49
CA SER A 92 -2.58 -11.24 -11.52
C SER A 92 -1.30 -11.39 -12.34
N ASN A 93 -1.28 -10.80 -13.53
CA ASN A 93 -0.12 -10.89 -14.41
C ASN A 93 1.08 -10.17 -13.79
N ALA A 94 0.81 -9.00 -13.22
CA ALA A 94 1.87 -8.23 -12.57
C ALA A 94 2.38 -8.95 -11.34
N ILE A 95 1.48 -9.62 -10.63
CA ILE A 95 1.83 -10.36 -9.43
C ILE A 95 2.85 -11.47 -9.73
N ASN A 96 2.68 -12.15 -10.86
CA ASN A 96 3.60 -13.23 -11.24
C ASN A 96 4.99 -12.71 -11.63
N ARG A 97 5.03 -11.83 -12.62
CA ARG A 97 6.30 -11.27 -13.07
C ARG A 97 7.07 -10.68 -11.91
N LEU A 98 6.33 -10.01 -11.05
CA LEU A 98 6.89 -9.36 -9.89
C LEU A 98 7.22 -10.38 -8.79
N LYS A 99 6.42 -11.43 -8.67
CA LYS A 99 6.65 -12.44 -7.65
C LYS A 99 8.08 -12.93 -7.71
N ASP A 100 8.65 -12.92 -8.90
CA ASP A 100 10.02 -13.35 -9.02
C ASP A 100 10.98 -12.16 -8.96
N THR A 101 10.54 -10.98 -9.41
CA THR A 101 11.40 -9.80 -9.35
C THR A 101 11.97 -9.61 -7.95
N GLY A 102 11.08 -9.63 -6.96
CA GLY A 102 11.52 -9.49 -5.58
C GLY A 102 11.59 -8.06 -5.11
N TYR A 103 11.11 -7.13 -5.93
CA TYR A 103 11.13 -5.69 -5.60
C TYR A 103 10.33 -4.89 -6.60
N GLN A 104 9.61 -3.88 -6.09
CA GLN A 104 8.78 -3.02 -6.92
C GLN A 104 8.61 -1.64 -6.30
N ARG A 105 9.14 -0.63 -6.98
CA ARG A 105 9.04 0.74 -6.50
C ARG A 105 7.89 1.46 -7.19
N LEU A 106 6.76 1.55 -6.50
CA LEU A 106 5.57 2.19 -7.05
C LEU A 106 5.25 3.48 -6.29
N ASP A 107 5.20 4.60 -7.02
CA ASP A 107 4.90 5.88 -6.41
C ASP A 107 3.47 5.90 -5.86
N LEU A 108 3.34 6.43 -4.65
CA LEU A 108 2.04 6.52 -3.99
C LEU A 108 1.32 7.80 -4.41
N CYS A 109 0.07 7.64 -4.82
CA CYS A 109 -0.75 8.77 -5.26
C CYS A 109 -2.22 8.44 -5.15
N LYS A 110 -3.06 9.42 -5.45
CA LYS A 110 -4.51 9.25 -5.39
C LYS A 110 -4.99 8.03 -6.17
N LEU A 111 -6.18 7.56 -5.82
CA LEU A 111 -6.77 6.40 -6.46
C LEU A 111 -7.11 6.68 -7.91
N GLY A 112 -7.32 7.95 -8.22
CA GLY A 112 -7.67 8.34 -9.58
C GLY A 112 -6.50 8.22 -10.54
N PRO A 113 -6.69 8.58 -11.81
CA PRO A 113 -5.64 8.54 -12.82
C PRO A 113 -4.81 9.82 -12.90
N ASN A 114 -5.39 10.88 -13.44
CA ASN A 114 -4.70 12.16 -13.57
C ASN A 114 -5.19 13.15 -12.53
N ASP A 115 -5.98 12.66 -11.59
CA ASP A 115 -6.52 13.51 -10.53
C ASP A 115 -5.39 14.15 -9.72
N ASN A 116 -4.55 13.30 -9.14
CA ASN A 116 -3.41 13.78 -8.33
C ASN A 116 -3.87 14.79 -7.29
N ASP A 117 -4.41 14.31 -6.17
CA ASP A 117 -4.86 15.20 -5.11
C ASP A 117 -4.64 14.59 -3.73
N THR A 118 -4.25 15.44 -2.79
CA THR A 118 -3.97 15.03 -1.43
C THR A 118 -3.01 13.86 -1.41
N VAL A 119 -2.10 13.87 -2.38
CA VAL A 119 -1.12 12.82 -2.50
C VAL A 119 0.22 13.37 -2.93
N ARG A 120 1.24 12.61 -2.61
CA ARG A 120 2.63 12.95 -2.90
C ARG A 120 3.55 12.01 -2.14
N GLY A 121 3.79 10.83 -2.70
CA GLY A 121 4.65 9.87 -2.05
C GLY A 121 5.03 8.71 -2.94
N GLN A 122 5.82 7.79 -2.39
CA GLN A 122 6.24 6.59 -3.11
C GLN A 122 6.31 5.43 -2.14
N ILE A 123 6.59 4.24 -2.65
CA ILE A 123 6.68 3.06 -1.80
C ILE A 123 7.50 1.96 -2.44
N VAL A 124 8.31 1.29 -1.63
CA VAL A 124 9.13 0.20 -2.11
C VAL A 124 8.65 -1.13 -1.53
N VAL A 125 8.13 -1.98 -2.39
CA VAL A 125 7.62 -3.29 -1.99
C VAL A 125 8.47 -4.39 -2.62
N SER A 126 8.10 -5.64 -2.35
CA SER A 126 8.84 -6.75 -2.93
C SER A 126 7.91 -7.93 -3.12
N LEU A 127 7.89 -8.43 -4.33
CA LEU A 127 7.02 -9.54 -4.66
C LEU A 127 7.80 -10.84 -4.76
N GLN A 128 7.54 -11.75 -3.83
CA GLN A 128 8.17 -13.06 -3.88
C GLN A 128 7.22 -14.13 -3.40
N SER A 129 7.30 -15.29 -4.05
CA SER A 129 6.45 -16.41 -3.66
C SER A 129 6.66 -16.73 -2.19
N ARG A 130 5.56 -16.86 -1.48
CA ARG A 130 5.60 -17.15 -0.05
C ARG A 130 6.12 -18.56 0.25
N ASP A 131 6.51 -18.76 1.50
CA ASP A 131 7.05 -20.05 1.94
C ASP A 131 6.47 -20.45 3.28
N GLY A 1 -5.26 -24.69 -8.00
CA GLY A 1 -5.86 -23.70 -7.12
C GLY A 1 -5.12 -22.38 -7.14
N PRO A 2 -5.50 -21.44 -6.26
CA PRO A 2 -4.86 -20.11 -6.19
C PRO A 2 -3.42 -20.19 -5.71
N VAL A 3 -2.68 -19.10 -5.90
CA VAL A 3 -1.27 -19.04 -5.49
C VAL A 3 -1.08 -18.09 -4.31
N LYS A 4 -0.21 -18.49 -3.39
CA LYS A 4 0.08 -17.68 -2.20
C LYS A 4 1.22 -16.69 -2.50
N LEU A 5 0.86 -15.43 -2.73
CA LEU A 5 1.85 -14.40 -3.02
C LEU A 5 1.95 -13.41 -1.88
N ARG A 6 3.18 -13.12 -1.45
CA ARG A 6 3.38 -12.16 -0.37
C ARG A 6 3.93 -10.83 -0.90
N LEU A 7 3.24 -9.74 -0.54
CA LEU A 7 3.66 -8.40 -0.94
C LEU A 7 4.31 -7.74 0.26
N THR A 8 5.63 -7.62 0.23
CA THR A 8 6.37 -7.07 1.34
C THR A 8 6.54 -5.56 1.24
N VAL A 9 5.87 -4.84 2.13
CA VAL A 9 5.96 -3.39 2.16
C VAL A 9 7.22 -3.01 2.94
N LEU A 10 8.32 -2.87 2.21
CA LEU A 10 9.62 -2.55 2.81
C LEU A 10 9.64 -1.16 3.43
N CYS A 11 9.39 -0.15 2.62
CA CYS A 11 9.40 1.23 3.11
C CYS A 11 8.68 2.17 2.15
N ALA A 12 8.49 3.41 2.56
CA ALA A 12 7.84 4.41 1.73
C ALA A 12 8.64 5.71 1.72
N LYS A 13 8.58 6.43 0.62
CA LYS A 13 9.32 7.68 0.49
C LYS A 13 8.39 8.86 0.26
N ASN A 14 8.91 10.05 0.52
CA ASN A 14 8.18 11.30 0.35
C ASN A 14 6.75 11.17 0.86
N LEU A 15 6.59 11.09 2.18
CA LEU A 15 5.28 10.99 2.78
C LEU A 15 4.63 12.36 2.79
N VAL A 16 3.42 12.48 2.24
CA VAL A 16 2.77 13.78 2.21
C VAL A 16 2.48 14.22 3.65
N LYS A 17 3.16 15.28 4.10
CA LYS A 17 2.96 15.78 5.45
C LYS A 17 1.60 16.47 5.56
N LYS A 18 0.85 16.42 4.45
CA LYS A 18 -0.47 17.01 4.37
C LYS A 18 -0.45 18.46 4.85
N ASP A 19 -0.58 18.65 6.17
CA ASP A 19 -0.55 19.97 6.76
C ASP A 19 0.85 20.26 7.28
N PHE A 20 1.45 21.36 6.81
CA PHE A 20 2.79 21.75 7.22
C PHE A 20 2.88 21.86 8.74
N PHE A 21 1.91 22.54 9.34
CA PHE A 21 1.87 22.71 10.78
C PHE A 21 1.55 21.40 11.47
N ARG A 22 1.42 20.34 10.66
CA ARG A 22 1.11 19.01 11.19
C ARG A 22 1.94 17.93 10.53
N LEU A 23 1.76 16.68 10.98
CA LEU A 23 2.49 15.53 10.45
C LEU A 23 1.53 14.33 10.32
N PRO A 24 1.75 13.47 9.31
CA PRO A 24 0.92 12.30 9.09
C PRO A 24 1.49 11.03 9.70
N ASP A 25 0.62 10.04 9.91
CA ASP A 25 1.05 8.76 10.49
C ASP A 25 0.69 7.60 9.55
N PRO A 26 1.55 7.31 8.56
CA PRO A 26 1.32 6.24 7.57
C PRO A 26 1.28 4.82 8.16
N PHE A 27 0.36 4.02 7.63
CA PHE A 27 0.18 2.62 8.00
C PHE A 27 -0.39 1.91 6.79
N ALA A 28 -0.25 0.58 6.69
CA ALA A 28 -0.75 -0.10 5.49
C ALA A 28 -1.93 -1.02 5.75
N LYS A 29 -2.76 -1.17 4.73
CA LYS A 29 -3.94 -2.03 4.77
C LYS A 29 -4.18 -2.66 3.39
N VAL A 30 -4.04 -3.97 3.30
CA VAL A 30 -4.24 -4.66 2.02
C VAL A 30 -5.67 -5.17 1.88
N VAL A 31 -6.13 -5.23 0.62
CA VAL A 31 -7.48 -5.70 0.32
C VAL A 31 -7.44 -6.71 -0.83
N VAL A 32 -8.29 -7.73 -0.73
CA VAL A 32 -8.37 -8.76 -1.76
C VAL A 32 -9.59 -8.54 -2.64
N ASP A 33 -9.36 -8.06 -3.86
CA ASP A 33 -10.45 -7.82 -4.80
C ASP A 33 -11.07 -9.13 -5.26
N GLY A 34 -12.03 -9.62 -4.47
CA GLY A 34 -12.70 -10.86 -4.80
C GLY A 34 -13.04 -11.67 -3.56
N SER A 35 -12.32 -11.42 -2.48
CA SER A 35 -12.54 -12.11 -1.21
C SER A 35 -12.57 -11.13 -0.05
N GLY A 36 -12.81 -11.66 1.15
CA GLY A 36 -12.86 -10.80 2.33
C GLY A 36 -11.63 -10.95 3.21
N GLN A 37 -10.46 -10.75 2.61
CA GLN A 37 -9.21 -10.86 3.35
C GLN A 37 -8.49 -9.51 3.44
N CYS A 38 -8.39 -8.97 4.64
CA CYS A 38 -7.73 -7.69 4.86
C CYS A 38 -6.61 -7.82 5.89
N HIS A 39 -5.53 -7.08 5.66
CA HIS A 39 -4.39 -7.08 6.58
C HIS A 39 -3.86 -5.66 6.76
N SER A 40 -2.99 -5.44 7.74
CA SER A 40 -2.47 -4.10 7.98
C SER A 40 -1.11 -4.08 8.68
N THR A 41 -0.34 -3.02 8.41
CA THR A 41 0.97 -2.82 9.03
C THR A 41 0.88 -1.68 10.03
N ASP A 42 1.69 -1.75 11.08
CA ASP A 42 1.70 -0.75 12.14
C ASP A 42 1.79 0.67 11.58
N THR A 43 1.43 1.63 12.43
CA THR A 43 1.44 3.04 12.04
C THR A 43 2.75 3.72 12.41
N VAL A 44 3.11 4.72 11.60
CA VAL A 44 4.35 5.47 11.81
C VAL A 44 4.05 6.92 12.21
N LYS A 45 4.30 7.25 13.47
CA LYS A 45 4.04 8.60 13.97
C LYS A 45 4.94 9.66 13.32
N ASN A 46 4.31 10.77 12.92
CA ASN A 46 5.00 11.91 12.29
C ASN A 46 6.27 11.51 11.55
N THR A 47 6.12 11.23 10.26
CA THR A 47 7.25 10.85 9.44
C THR A 47 7.01 11.19 7.98
N LEU A 48 8.08 11.52 7.27
CA LEU A 48 7.98 11.83 5.85
C LEU A 48 8.69 10.74 5.06
N ASP A 49 9.04 9.67 5.76
CA ASP A 49 9.71 8.51 5.18
C ASP A 49 9.56 7.32 6.14
N PRO A 50 8.41 6.62 6.09
CA PRO A 50 8.13 5.50 6.97
C PRO A 50 8.71 4.17 6.49
N LYS A 51 8.46 3.13 7.27
CA LYS A 51 8.93 1.79 6.95
C LYS A 51 8.16 0.77 7.80
N TRP A 52 7.91 -0.41 7.24
CA TRP A 52 7.17 -1.43 7.95
C TRP A 52 7.84 -2.79 7.86
N ASN A 53 8.55 -3.02 6.76
CA ASN A 53 9.24 -4.29 6.52
C ASN A 53 8.32 -5.48 6.79
N GLN A 54 7.01 -5.24 6.66
CA GLN A 54 6.02 -6.28 6.88
C GLN A 54 5.37 -6.64 5.55
N HIS A 55 4.99 -7.90 5.42
CA HIS A 55 4.38 -8.39 4.20
C HIS A 55 3.04 -9.06 4.50
N TYR A 56 2.23 -9.19 3.45
CA TYR A 56 0.93 -9.84 3.58
C TYR A 56 0.87 -11.04 2.63
N ASP A 57 0.31 -12.14 3.10
CA ASP A 57 0.20 -13.34 2.26
C ASP A 57 -1.24 -13.58 1.85
N LEU A 58 -1.52 -13.35 0.58
CA LEU A 58 -2.86 -13.54 0.04
C LEU A 58 -2.85 -14.46 -1.17
N TYR A 59 -3.98 -15.12 -1.41
CA TYR A 59 -4.09 -16.06 -2.53
C TYR A 59 -4.58 -15.36 -3.80
N ILE A 60 -4.16 -15.91 -4.94
CA ILE A 60 -4.56 -15.36 -6.22
C ILE A 60 -5.19 -16.45 -7.08
N GLY A 61 -6.49 -16.34 -7.33
CA GLY A 61 -7.17 -17.33 -8.13
C GLY A 61 -6.86 -17.20 -9.61
N LYS A 62 -7.66 -17.84 -10.45
CA LYS A 62 -7.45 -17.78 -11.90
C LYS A 62 -7.30 -16.34 -12.37
N SER A 63 -8.30 -15.52 -12.08
CA SER A 63 -8.28 -14.11 -12.47
C SER A 63 -8.43 -13.21 -11.26
N ASP A 64 -7.43 -13.23 -10.37
CA ASP A 64 -7.48 -12.41 -9.16
C ASP A 64 -6.28 -11.48 -9.09
N SER A 65 -6.41 -10.46 -8.26
CA SER A 65 -5.36 -9.46 -8.08
C SER A 65 -5.36 -8.99 -6.64
N VAL A 66 -4.34 -8.23 -6.26
CA VAL A 66 -4.26 -7.72 -4.90
C VAL A 66 -3.79 -6.28 -4.87
N THR A 67 -4.38 -5.49 -3.96
CA THR A 67 -4.04 -4.08 -3.84
C THR A 67 -3.73 -3.66 -2.41
N ILE A 68 -2.50 -3.23 -2.16
CA ILE A 68 -2.13 -2.74 -0.83
C ILE A 68 -2.41 -1.24 -0.74
N SER A 69 -3.30 -0.86 0.17
CA SER A 69 -3.68 0.55 0.33
C SER A 69 -3.15 1.13 1.63
N VAL A 70 -2.39 2.21 1.52
CA VAL A 70 -1.84 2.88 2.70
C VAL A 70 -2.76 4.03 3.11
N TRP A 71 -2.91 4.22 4.41
CA TRP A 71 -3.77 5.29 4.92
C TRP A 71 -3.02 6.12 5.96
N ASN A 72 -3.38 7.41 6.06
CA ASN A 72 -2.74 8.30 7.01
C ASN A 72 -3.54 8.35 8.30
N HIS A 73 -3.13 7.54 9.27
CA HIS A 73 -3.81 7.43 10.56
C HIS A 73 -4.23 8.79 11.11
N LYS A 74 -3.38 9.79 10.98
CA LYS A 74 -3.70 11.12 11.46
C LYS A 74 -4.97 11.65 10.81
N LYS A 75 -5.02 11.60 9.49
CA LYS A 75 -6.18 12.11 8.76
C LYS A 75 -7.36 11.14 8.78
N ILE A 76 -7.11 9.83 8.90
CA ILE A 76 -8.24 8.90 8.95
C ILE A 76 -9.12 9.28 10.10
N HIS A 77 -8.50 9.83 11.14
CA HIS A 77 -9.22 10.32 12.30
C HIS A 77 -9.73 11.73 12.00
N LYS A 78 -9.02 12.41 11.10
CA LYS A 78 -9.41 13.76 10.68
C LYS A 78 -10.82 13.75 10.07
N LYS A 79 -11.35 12.55 9.86
CA LYS A 79 -12.68 12.37 9.28
C LYS A 79 -12.74 12.84 7.84
N GLN A 80 -13.90 12.70 7.22
CA GLN A 80 -14.09 13.11 5.83
C GLN A 80 -13.12 12.37 4.91
N GLY A 81 -12.90 12.92 3.71
CA GLY A 81 -12.00 12.30 2.77
C GLY A 81 -10.58 12.17 3.32
N ALA A 82 -10.30 12.91 4.38
CA ALA A 82 -8.98 12.89 5.01
C ALA A 82 -8.67 11.51 5.60
N GLY A 83 -7.49 10.98 5.28
CA GLY A 83 -7.08 9.69 5.79
C GLY A 83 -6.52 8.77 4.74
N PHE A 84 -6.54 9.21 3.48
CA PHE A 84 -6.01 8.40 2.40
C PHE A 84 -4.54 8.64 2.17
N LEU A 85 -3.84 7.59 1.77
CA LEU A 85 -2.42 7.66 1.46
C LEU A 85 -2.15 6.84 0.21
N GLY A 86 -1.03 7.10 -0.45
CA GLY A 86 -0.69 6.36 -1.66
C GLY A 86 -1.05 4.91 -1.58
N CYS A 87 -1.92 4.50 -2.48
CA CYS A 87 -2.35 3.14 -2.58
C CYS A 87 -1.60 2.47 -3.70
N VAL A 88 -1.06 1.31 -3.43
CA VAL A 88 -0.31 0.59 -4.43
C VAL A 88 -1.17 -0.56 -4.97
N ARG A 89 -1.26 -0.67 -6.29
CA ARG A 89 -2.08 -1.71 -6.90
C ARG A 89 -1.30 -2.60 -7.86
N LEU A 90 -1.51 -3.90 -7.73
CA LEU A 90 -0.86 -4.88 -8.59
C LEU A 90 -1.90 -5.89 -9.08
N LEU A 91 -1.93 -6.12 -10.39
CA LEU A 91 -2.90 -7.03 -10.99
C LEU A 91 -2.39 -8.47 -11.03
N SER A 92 -3.18 -9.36 -11.64
CA SER A 92 -2.81 -10.76 -11.74
C SER A 92 -1.52 -10.94 -12.53
N ASN A 93 -1.43 -10.28 -13.68
CA ASN A 93 -0.25 -10.37 -14.52
C ASN A 93 0.95 -9.79 -13.81
N ALA A 94 0.76 -8.64 -13.17
CA ALA A 94 1.84 -8.00 -12.44
C ALA A 94 2.26 -8.87 -11.27
N ILE A 95 1.29 -9.49 -10.62
CA ILE A 95 1.57 -10.33 -9.46
C ILE A 95 2.49 -11.49 -9.82
N ASN A 96 2.33 -12.06 -11.02
CA ASN A 96 3.17 -13.17 -11.43
C ASN A 96 4.61 -12.72 -11.71
N ARG A 97 4.76 -11.78 -12.62
CA ARG A 97 6.08 -11.27 -12.99
C ARG A 97 6.78 -10.70 -11.77
N LEU A 98 6.03 -9.95 -10.98
CA LEU A 98 6.56 -9.33 -9.78
C LEU A 98 6.85 -10.35 -8.68
N LYS A 99 5.94 -11.32 -8.50
CA LYS A 99 6.14 -12.33 -7.45
C LYS A 99 7.51 -12.95 -7.55
N ASP A 100 8.07 -13.00 -8.74
CA ASP A 100 9.40 -13.58 -8.88
C ASP A 100 10.49 -12.49 -8.87
N THR A 101 10.15 -11.26 -9.26
CA THR A 101 11.14 -10.18 -9.24
C THR A 101 11.76 -10.06 -7.86
N GLY A 102 10.95 -9.69 -6.86
CA GLY A 102 11.45 -9.58 -5.52
C GLY A 102 11.63 -8.14 -5.05
N TYR A 103 11.18 -7.18 -5.86
CA TYR A 103 11.30 -5.75 -5.52
C TYR A 103 10.63 -4.87 -6.55
N GLN A 104 9.70 -4.02 -6.10
CA GLN A 104 8.99 -3.11 -7.00
C GLN A 104 8.81 -1.75 -6.34
N ARG A 105 9.25 -0.70 -7.03
CA ARG A 105 9.13 0.66 -6.52
C ARG A 105 7.98 1.40 -7.18
N LEU A 106 6.85 1.48 -6.50
CA LEU A 106 5.67 2.18 -7.03
C LEU A 106 5.48 3.51 -6.33
N ASP A 107 5.28 4.56 -7.11
CA ASP A 107 5.06 5.89 -6.56
C ASP A 107 3.67 5.99 -5.94
N LEU A 108 3.64 6.40 -4.69
CA LEU A 108 2.39 6.55 -3.95
C LEU A 108 1.68 7.85 -4.33
N CYS A 109 0.43 7.72 -4.74
CA CYS A 109 -0.37 8.86 -5.13
C CYS A 109 -1.86 8.52 -5.09
N LYS A 110 -2.68 9.53 -5.31
CA LYS A 110 -4.13 9.36 -5.29
C LYS A 110 -4.58 8.26 -6.25
N LEU A 111 -5.82 7.82 -6.08
CA LEU A 111 -6.39 6.78 -6.93
C LEU A 111 -6.19 7.07 -8.41
N GLY A 112 -6.10 8.35 -8.77
CA GLY A 112 -5.90 8.69 -10.16
C GLY A 112 -5.79 10.18 -10.41
N PRO A 113 -5.31 10.57 -11.61
CA PRO A 113 -5.14 11.99 -11.98
C PRO A 113 -6.48 12.72 -12.01
N ASN A 114 -6.41 14.04 -12.22
CA ASN A 114 -7.59 14.89 -12.28
C ASN A 114 -8.21 15.06 -10.89
N ASP A 115 -8.04 14.07 -10.03
CA ASP A 115 -8.58 14.13 -8.68
C ASP A 115 -7.65 14.93 -7.78
N ASN A 116 -6.40 14.47 -7.67
CA ASN A 116 -5.41 15.14 -6.85
C ASN A 116 -5.96 15.46 -5.46
N ASP A 117 -5.99 14.46 -4.60
CA ASP A 117 -6.50 14.64 -3.25
C ASP A 117 -5.37 14.72 -2.24
N THR A 118 -4.59 15.78 -2.36
CA THR A 118 -3.47 16.01 -1.47
C THR A 118 -2.61 14.76 -1.37
N VAL A 119 -1.85 14.49 -2.42
CA VAL A 119 -1.02 13.31 -2.44
C VAL A 119 0.38 13.62 -2.91
N ARG A 120 1.28 12.70 -2.61
CA ARG A 120 2.69 12.82 -2.97
C ARG A 120 3.52 11.82 -2.18
N GLY A 121 4.05 10.81 -2.86
CA GLY A 121 4.87 9.83 -2.19
C GLY A 121 5.28 8.69 -3.08
N GLN A 122 6.07 7.78 -2.53
CA GLN A 122 6.54 6.60 -3.24
C GLN A 122 6.61 5.44 -2.26
N ILE A 123 6.90 4.25 -2.75
CA ILE A 123 6.98 3.09 -1.88
C ILE A 123 7.77 1.96 -2.52
N VAL A 124 8.56 1.29 -1.69
CA VAL A 124 9.37 0.17 -2.14
C VAL A 124 8.87 -1.13 -1.52
N VAL A 125 8.40 -2.03 -2.35
CA VAL A 125 7.89 -3.32 -1.88
C VAL A 125 8.67 -4.46 -2.53
N SER A 126 8.29 -5.69 -2.21
CA SER A 126 8.96 -6.84 -2.80
C SER A 126 7.97 -7.95 -2.99
N LEU A 127 7.91 -8.46 -4.20
CA LEU A 127 6.97 -9.51 -4.51
C LEU A 127 7.64 -10.86 -4.61
N GLN A 128 7.32 -11.75 -3.68
CA GLN A 128 7.85 -13.10 -3.73
C GLN A 128 6.81 -14.12 -3.26
N SER A 129 6.60 -15.16 -4.06
CA SER A 129 5.64 -16.19 -3.73
C SER A 129 5.97 -16.84 -2.40
N ARG A 130 5.05 -16.73 -1.45
CA ARG A 130 5.24 -17.28 -0.13
C ARG A 130 4.68 -18.70 -0.05
N ASP A 131 5.28 -19.52 0.82
CA ASP A 131 4.84 -20.90 0.99
C ASP A 131 5.23 -21.43 2.37
N GLY A 1 -5.32 -24.49 -8.77
CA GLY A 1 -5.86 -23.66 -7.71
C GLY A 1 -5.17 -22.32 -7.61
N PRO A 2 -5.53 -21.50 -6.60
CA PRO A 2 -4.92 -20.18 -6.39
C PRO A 2 -3.48 -20.27 -5.93
N VAL A 3 -2.76 -19.15 -6.00
CA VAL A 3 -1.36 -19.09 -5.60
C VAL A 3 -1.16 -18.12 -4.44
N LYS A 4 -0.29 -18.49 -3.51
CA LYS A 4 0.01 -17.63 -2.37
C LYS A 4 1.12 -16.65 -2.71
N LEU A 5 0.74 -15.40 -2.94
CA LEU A 5 1.72 -14.37 -3.28
C LEU A 5 2.06 -13.48 -2.08
N ARG A 6 3.35 -13.29 -1.86
CA ARG A 6 3.83 -12.47 -0.75
C ARG A 6 4.24 -11.07 -1.20
N LEU A 7 3.46 -10.07 -0.82
CA LEU A 7 3.79 -8.67 -1.14
C LEU A 7 4.36 -8.03 0.11
N THR A 8 5.65 -7.78 0.10
CA THR A 8 6.35 -7.22 1.25
C THR A 8 6.47 -5.70 1.19
N VAL A 9 5.74 -5.02 2.07
CA VAL A 9 5.80 -3.55 2.14
C VAL A 9 7.04 -3.17 2.95
N LEU A 10 8.15 -2.97 2.25
CA LEU A 10 9.42 -2.65 2.87
C LEU A 10 9.43 -1.27 3.52
N CYS A 11 9.21 -0.24 2.74
CA CYS A 11 9.21 1.13 3.26
C CYS A 11 8.54 2.08 2.29
N ALA A 12 8.36 3.34 2.72
CA ALA A 12 7.74 4.35 1.88
C ALA A 12 8.59 5.62 1.85
N LYS A 13 8.48 6.37 0.76
CA LYS A 13 9.25 7.59 0.60
C LYS A 13 8.34 8.79 0.36
N ASN A 14 8.91 9.97 0.54
CA ASN A 14 8.19 11.22 0.35
C ASN A 14 6.78 11.18 0.96
N LEU A 15 6.71 11.14 2.28
CA LEU A 15 5.44 11.11 2.97
C LEU A 15 4.83 12.51 2.99
N VAL A 16 3.71 12.68 2.32
CA VAL A 16 3.05 13.99 2.28
C VAL A 16 2.72 14.42 3.71
N LYS A 17 3.38 15.48 4.17
CA LYS A 17 3.16 15.97 5.52
C LYS A 17 1.70 16.33 5.73
N LYS A 18 0.95 16.39 4.63
CA LYS A 18 -0.47 16.72 4.66
C LYS A 18 -0.69 18.08 5.32
N ASP A 19 -0.72 18.06 6.65
CA ASP A 19 -0.91 19.28 7.43
C ASP A 19 0.37 19.63 8.18
N PHE A 20 0.99 20.74 7.80
CA PHE A 20 2.22 21.18 8.44
C PHE A 20 2.05 21.30 9.95
N PHE A 21 3.16 21.19 10.67
CA PHE A 21 3.16 21.29 12.13
C PHE A 21 2.33 20.17 12.76
N ARG A 22 1.67 19.37 11.93
CA ARG A 22 0.85 18.27 12.42
C ARG A 22 1.49 16.93 12.10
N LEU A 23 2.06 16.87 10.93
CA LEU A 23 2.73 15.66 10.45
C LEU A 23 1.77 14.48 10.31
N PRO A 24 2.00 13.60 9.32
CA PRO A 24 1.15 12.44 9.06
C PRO A 24 1.64 11.18 9.76
N ASP A 25 0.74 10.21 9.91
CA ASP A 25 1.09 8.94 10.54
C ASP A 25 0.81 7.78 9.57
N PRO A 26 1.75 7.51 8.64
CA PRO A 26 1.60 6.46 7.64
C PRO A 26 1.51 5.04 8.21
N PHE A 27 0.59 4.28 7.64
CA PHE A 27 0.36 2.88 8.00
C PHE A 27 -0.20 2.20 6.76
N ALA A 28 -0.38 0.88 6.78
CA ALA A 28 -0.88 0.23 5.58
C ALA A 28 -2.16 -0.57 5.82
N LYS A 29 -2.92 -0.75 4.75
CA LYS A 29 -4.16 -1.51 4.80
C LYS A 29 -4.25 -2.40 3.58
N VAL A 30 -4.13 -3.69 3.81
CA VAL A 30 -4.18 -4.67 2.75
C VAL A 30 -5.61 -5.10 2.45
N VAL A 31 -5.92 -5.21 1.17
CA VAL A 31 -7.27 -5.61 0.73
C VAL A 31 -7.23 -6.64 -0.37
N VAL A 32 -8.21 -7.54 -0.37
CA VAL A 32 -8.31 -8.58 -1.38
C VAL A 32 -9.54 -8.36 -2.26
N ASP A 33 -9.32 -7.87 -3.46
CA ASP A 33 -10.41 -7.61 -4.40
C ASP A 33 -11.01 -8.91 -4.91
N GLY A 34 -11.89 -9.51 -4.12
CA GLY A 34 -12.52 -10.75 -4.51
C GLY A 34 -12.76 -11.68 -3.33
N SER A 35 -12.39 -11.22 -2.14
CA SER A 35 -12.57 -12.02 -0.92
C SER A 35 -13.03 -11.15 0.24
N GLY A 36 -12.71 -9.86 0.19
CA GLY A 36 -13.09 -8.96 1.26
C GLY A 36 -12.11 -8.95 2.40
N GLN A 37 -11.13 -9.83 2.33
CA GLN A 37 -10.11 -9.94 3.38
C GLN A 37 -9.38 -8.61 3.57
N CYS A 38 -9.37 -8.12 4.80
CA CYS A 38 -8.70 -6.85 5.11
C CYS A 38 -7.61 -7.03 6.15
N HIS A 39 -6.55 -6.24 6.03
CA HIS A 39 -5.41 -6.29 6.94
C HIS A 39 -4.78 -4.91 7.07
N SER A 40 -3.88 -4.73 8.03
CA SER A 40 -3.24 -3.43 8.21
C SER A 40 -1.87 -3.51 8.91
N THR A 41 -0.95 -2.63 8.51
CA THR A 41 0.38 -2.56 9.12
C THR A 41 0.43 -1.40 10.11
N ASP A 42 1.32 -1.54 11.09
CA ASP A 42 1.47 -0.54 12.15
C ASP A 42 1.58 0.88 11.61
N THR A 43 1.35 1.85 12.49
CA THR A 43 1.39 3.26 12.12
C THR A 43 2.71 3.91 12.52
N VAL A 44 3.12 4.90 11.73
CA VAL A 44 4.36 5.62 11.98
C VAL A 44 4.08 7.07 12.33
N LYS A 45 4.30 7.44 13.59
CA LYS A 45 4.04 8.81 14.05
C LYS A 45 5.02 9.82 13.44
N ASN A 46 4.47 10.94 12.99
CA ASN A 46 5.25 12.03 12.38
C ASN A 46 6.51 11.55 11.67
N THR A 47 6.38 11.28 10.38
CA THR A 47 7.50 10.83 9.58
C THR A 47 7.29 11.17 8.12
N LEU A 48 8.37 11.47 7.41
CA LEU A 48 8.29 11.78 5.99
C LEU A 48 8.95 10.67 5.18
N ASP A 49 9.25 9.59 5.89
CA ASP A 49 9.87 8.39 5.30
C ASP A 49 9.67 7.22 6.25
N PRO A 50 8.47 6.59 6.22
CA PRO A 50 8.14 5.49 7.11
C PRO A 50 8.65 4.13 6.65
N LYS A 51 8.26 3.10 7.39
CA LYS A 51 8.65 1.74 7.08
C LYS A 51 7.81 0.76 7.90
N TRP A 52 7.64 -0.45 7.37
CA TRP A 52 6.85 -1.47 8.05
C TRP A 52 7.51 -2.84 7.89
N ASN A 53 8.14 -3.05 6.74
CA ASN A 53 8.82 -4.33 6.46
C ASN A 53 7.89 -5.50 6.74
N GLN A 54 6.61 -5.33 6.42
CA GLN A 54 5.62 -6.38 6.64
C GLN A 54 5.11 -6.94 5.31
N HIS A 55 5.12 -8.26 5.21
CA HIS A 55 4.67 -8.94 3.99
C HIS A 55 3.33 -9.60 4.22
N TYR A 56 2.51 -9.68 3.17
CA TYR A 56 1.21 -10.31 3.26
C TYR A 56 1.08 -11.45 2.27
N ASP A 57 0.49 -12.55 2.74
CA ASP A 57 0.31 -13.73 1.91
C ASP A 57 -1.16 -13.92 1.55
N LEU A 58 -1.50 -13.59 0.32
CA LEU A 58 -2.88 -13.71 -0.15
C LEU A 58 -2.95 -14.58 -1.39
N TYR A 59 -4.05 -15.31 -1.52
CA TYR A 59 -4.24 -16.22 -2.65
C TYR A 59 -4.69 -15.48 -3.91
N ILE A 60 -4.24 -15.98 -5.05
CA ILE A 60 -4.59 -15.41 -6.34
C ILE A 60 -5.16 -16.49 -7.25
N GLY A 61 -6.46 -16.40 -7.53
CA GLY A 61 -7.09 -17.39 -8.38
C GLY A 61 -6.83 -17.13 -9.86
N LYS A 62 -7.61 -17.77 -10.72
CA LYS A 62 -7.45 -17.61 -12.16
C LYS A 62 -7.40 -16.13 -12.55
N SER A 63 -8.40 -15.37 -12.10
CA SER A 63 -8.47 -13.95 -12.39
C SER A 63 -8.59 -13.14 -11.10
N ASP A 64 -7.56 -13.23 -10.26
CA ASP A 64 -7.55 -12.50 -8.99
C ASP A 64 -6.42 -11.49 -8.95
N SER A 65 -6.54 -10.52 -8.04
CA SER A 65 -5.55 -9.48 -7.89
C SER A 65 -5.52 -9.00 -6.44
N VAL A 66 -4.43 -8.36 -6.06
CA VAL A 66 -4.29 -7.87 -4.70
C VAL A 66 -3.86 -6.41 -4.68
N THR A 67 -4.40 -5.64 -3.74
CA THR A 67 -4.08 -4.22 -3.64
C THR A 67 -3.66 -3.80 -2.23
N ILE A 68 -2.38 -3.45 -2.08
CA ILE A 68 -1.88 -2.99 -0.79
C ILE A 68 -1.95 -1.46 -0.77
N SER A 69 -2.67 -0.88 0.20
CA SER A 69 -2.81 0.57 0.27
C SER A 69 -2.16 1.16 1.51
N VAL A 70 -1.96 2.48 1.49
CA VAL A 70 -1.36 3.20 2.61
C VAL A 70 -2.18 4.46 2.91
N TRP A 71 -2.47 4.68 4.18
CA TRP A 71 -3.26 5.84 4.59
C TRP A 71 -2.59 6.59 5.74
N ASN A 72 -2.88 7.88 5.86
CA ASN A 72 -2.32 8.69 6.94
C ASN A 72 -3.24 8.64 8.16
N HIS A 73 -2.91 7.74 9.08
CA HIS A 73 -3.70 7.54 10.30
C HIS A 73 -4.17 8.85 10.93
N LYS A 74 -3.31 9.86 10.92
CA LYS A 74 -3.66 11.13 11.52
C LYS A 74 -4.97 11.69 10.93
N LYS A 75 -5.07 11.76 9.61
CA LYS A 75 -6.27 12.28 8.99
C LYS A 75 -7.39 11.24 8.89
N ILE A 76 -7.06 9.95 8.83
CA ILE A 76 -8.13 8.95 8.77
C ILE A 76 -9.03 9.17 9.96
N HIS A 77 -8.45 9.74 11.00
CA HIS A 77 -9.20 10.10 12.20
C HIS A 77 -9.82 11.47 11.96
N LYS A 78 -9.12 12.31 11.20
CA LYS A 78 -9.60 13.65 10.86
C LYS A 78 -11.06 13.61 10.42
N LYS A 79 -11.31 12.89 9.33
CA LYS A 79 -12.68 12.76 8.79
C LYS A 79 -12.73 11.70 7.69
N GLN A 80 -13.84 11.70 6.95
CA GLN A 80 -14.04 10.74 5.86
C GLN A 80 -13.13 11.06 4.68
N GLY A 81 -12.43 10.04 4.18
CA GLY A 81 -11.52 10.23 3.06
C GLY A 81 -10.22 10.92 3.45
N ALA A 82 -10.26 11.68 4.54
CA ALA A 82 -9.09 12.39 5.02
C ALA A 82 -8.00 11.41 5.46
N GLY A 83 -6.81 11.53 4.84
CA GLY A 83 -5.71 10.68 5.22
C GLY A 83 -5.39 9.57 4.23
N PHE A 84 -5.17 9.93 2.98
CA PHE A 84 -4.80 8.95 1.98
C PHE A 84 -3.39 9.24 1.48
N LEU A 85 -2.50 8.28 1.67
CA LEU A 85 -1.11 8.43 1.27
C LEU A 85 -0.85 7.89 -0.14
N GLY A 86 -1.12 6.61 -0.33
CA GLY A 86 -0.90 5.99 -1.62
C GLY A 86 -1.33 4.55 -1.62
N CYS A 87 -2.18 4.23 -2.57
CA CYS A 87 -2.66 2.88 -2.71
C CYS A 87 -1.92 2.22 -3.85
N VAL A 88 -1.29 1.10 -3.57
CA VAL A 88 -0.55 0.40 -4.60
C VAL A 88 -1.36 -0.82 -5.04
N ARG A 89 -1.53 -0.97 -6.36
CA ARG A 89 -2.33 -2.08 -6.87
C ARG A 89 -1.57 -2.95 -7.86
N LEU A 90 -1.61 -4.27 -7.62
CA LEU A 90 -0.96 -5.24 -8.49
C LEU A 90 -2.00 -6.26 -8.96
N LEU A 91 -2.01 -6.54 -10.27
CA LEU A 91 -2.96 -7.49 -10.83
C LEU A 91 -2.37 -8.88 -10.90
N SER A 92 -3.14 -9.83 -11.44
CA SER A 92 -2.68 -11.21 -11.55
C SER A 92 -1.40 -11.31 -12.38
N ASN A 93 -1.40 -10.65 -13.53
CA ASN A 93 -0.24 -10.65 -14.41
C ASN A 93 0.94 -9.98 -13.74
N ALA A 94 0.67 -8.86 -13.07
CA ALA A 94 1.71 -8.14 -12.37
C ALA A 94 2.28 -9.02 -11.26
N ILE A 95 1.41 -9.74 -10.57
CA ILE A 95 1.82 -10.60 -9.47
C ILE A 95 2.81 -11.65 -9.96
N ASN A 96 2.63 -12.14 -11.19
CA ASN A 96 3.55 -13.15 -11.73
C ASN A 96 4.95 -12.58 -11.99
N ARG A 97 5.01 -11.52 -12.79
CA ARG A 97 6.29 -10.90 -13.12
C ARG A 97 6.96 -10.37 -11.87
N LEU A 98 6.17 -9.68 -11.05
CA LEU A 98 6.67 -9.09 -9.82
C LEU A 98 7.07 -10.16 -8.79
N LYS A 99 6.24 -11.20 -8.63
CA LYS A 99 6.55 -12.25 -7.65
C LYS A 99 7.94 -12.79 -7.86
N ASP A 100 8.43 -12.78 -9.08
CA ASP A 100 9.77 -13.28 -9.31
C ASP A 100 10.82 -12.17 -9.20
N THR A 101 10.43 -10.92 -9.44
CA THR A 101 11.36 -9.81 -9.32
C THR A 101 11.94 -9.75 -7.92
N GLY A 102 11.09 -9.46 -6.94
CA GLY A 102 11.53 -9.41 -5.56
C GLY A 102 11.72 -8.01 -5.04
N TYR A 103 11.28 -7.00 -5.82
CA TYR A 103 11.42 -5.59 -5.42
C TYR A 103 10.77 -4.67 -6.44
N GLN A 104 9.65 -4.06 -6.07
CA GLN A 104 8.94 -3.14 -6.96
C GLN A 104 8.66 -1.81 -6.28
N ARG A 105 9.03 -0.72 -6.94
CA ARG A 105 8.82 0.62 -6.40
C ARG A 105 7.58 1.26 -7.01
N LEU A 106 6.49 1.28 -6.26
CA LEU A 106 5.23 1.86 -6.74
C LEU A 106 5.06 3.28 -6.20
N ASP A 107 4.87 4.23 -7.10
CA ASP A 107 4.67 5.62 -6.70
C ASP A 107 3.31 5.78 -6.03
N LEU A 108 3.32 6.30 -4.81
CA LEU A 108 2.10 6.51 -4.05
C LEU A 108 1.41 7.81 -4.43
N CYS A 109 0.18 7.71 -4.91
CA CYS A 109 -0.59 8.88 -5.29
C CYS A 109 -2.08 8.64 -5.12
N LYS A 110 -2.86 9.71 -5.29
CA LYS A 110 -4.31 9.65 -5.14
C LYS A 110 -4.97 8.72 -6.16
N LEU A 111 -6.17 8.27 -5.82
CA LEU A 111 -6.93 7.38 -6.69
C LEU A 111 -7.15 8.01 -8.07
N GLY A 112 -7.32 9.34 -8.08
CA GLY A 112 -7.54 10.02 -9.35
C GLY A 112 -7.09 11.48 -9.32
N PRO A 113 -7.08 12.15 -10.49
CA PRO A 113 -6.65 13.54 -10.61
C PRO A 113 -7.78 14.53 -10.34
N ASN A 114 -8.93 14.30 -10.96
CA ASN A 114 -10.08 15.19 -10.80
C ASN A 114 -10.79 14.95 -9.47
N ASP A 115 -10.08 14.38 -8.51
CA ASP A 115 -10.65 14.11 -7.20
C ASP A 115 -10.17 15.14 -6.18
N ASN A 116 -9.18 15.94 -6.57
CA ASN A 116 -8.62 16.96 -5.69
C ASN A 116 -8.22 16.36 -4.35
N ASP A 117 -6.98 15.89 -4.27
CA ASP A 117 -6.48 15.26 -3.05
C ASP A 117 -5.24 15.95 -2.52
N THR A 118 -4.62 15.29 -1.54
CA THR A 118 -3.43 15.79 -0.90
C THR A 118 -2.37 14.71 -0.88
N VAL A 119 -2.11 14.16 -2.05
CA VAL A 119 -1.16 13.10 -2.16
C VAL A 119 0.21 13.57 -2.61
N ARG A 120 1.18 12.69 -2.38
CA ARG A 120 2.57 12.94 -2.70
C ARG A 120 3.45 11.94 -1.96
N GLY A 121 3.79 10.83 -2.61
CA GLY A 121 4.63 9.85 -1.96
C GLY A 121 4.99 8.68 -2.85
N GLN A 122 5.85 7.81 -2.34
CA GLN A 122 6.29 6.63 -3.07
C GLN A 122 6.41 5.47 -2.09
N ILE A 123 6.63 4.26 -2.60
CA ILE A 123 6.75 3.10 -1.74
C ILE A 123 7.54 1.98 -2.39
N VAL A 124 8.34 1.29 -1.58
CA VAL A 124 9.15 0.19 -2.06
C VAL A 124 8.70 -1.13 -1.44
N VAL A 125 8.30 -2.06 -2.29
CA VAL A 125 7.85 -3.37 -1.84
C VAL A 125 8.67 -4.46 -2.50
N SER A 126 8.33 -5.71 -2.22
CA SER A 126 9.05 -6.83 -2.81
C SER A 126 8.09 -7.95 -3.07
N LEU A 127 8.07 -8.42 -4.29
CA LEU A 127 7.14 -9.47 -4.66
C LEU A 127 7.81 -10.82 -4.86
N GLN A 128 7.50 -11.77 -3.99
CA GLN A 128 7.99 -13.12 -4.14
C GLN A 128 6.93 -14.13 -3.74
N SER A 129 6.88 -15.23 -4.47
CA SER A 129 5.90 -16.29 -4.22
C SER A 129 6.22 -17.05 -2.96
N ARG A 130 5.17 -17.55 -2.31
CA ARG A 130 5.32 -18.33 -1.08
C ARG A 130 5.85 -19.72 -1.38
N ASP A 131 6.81 -20.17 -0.58
CA ASP A 131 7.40 -21.48 -0.76
C ASP A 131 7.11 -22.38 0.45
N GLY A 1 -5.98 -24.04 -8.95
CA GLY A 1 -6.29 -23.38 -7.69
C GLY A 1 -5.53 -22.08 -7.51
N PRO A 2 -5.93 -21.24 -6.55
CA PRO A 2 -5.27 -19.95 -6.30
C PRO A 2 -3.78 -20.09 -6.00
N VAL A 3 -3.08 -18.97 -6.08
CA VAL A 3 -1.65 -18.94 -5.82
C VAL A 3 -1.32 -18.08 -4.60
N LYS A 4 -0.36 -18.54 -3.80
CA LYS A 4 0.05 -17.82 -2.60
C LYS A 4 1.08 -16.74 -2.94
N LEU A 5 0.65 -15.48 -2.90
CA LEU A 5 1.54 -14.36 -3.20
C LEU A 5 1.68 -13.45 -1.99
N ARG A 6 2.92 -13.15 -1.64
CA ARG A 6 3.17 -12.26 -0.50
C ARG A 6 3.84 -10.97 -0.96
N LEU A 7 3.17 -9.86 -0.64
CA LEU A 7 3.66 -8.53 -0.96
C LEU A 7 4.33 -7.95 0.28
N THR A 8 5.63 -7.73 0.19
CA THR A 8 6.41 -7.22 1.30
C THR A 8 6.53 -5.69 1.27
N VAL A 9 5.87 -5.02 2.21
CA VAL A 9 5.95 -3.57 2.29
C VAL A 9 7.23 -3.17 3.01
N LEU A 10 8.28 -2.92 2.22
CA LEU A 10 9.59 -2.58 2.77
C LEU A 10 9.58 -1.21 3.46
N CYS A 11 9.27 -0.17 2.70
CA CYS A 11 9.25 1.18 3.24
C CYS A 11 8.50 2.12 2.30
N ALA A 12 8.30 3.36 2.75
CA ALA A 12 7.62 4.36 1.92
C ALA A 12 8.43 5.65 1.87
N LYS A 13 8.30 6.39 0.77
CA LYS A 13 9.05 7.62 0.61
C LYS A 13 8.13 8.80 0.36
N ASN A 14 8.69 9.99 0.56
CA ASN A 14 7.98 11.24 0.36
C ASN A 14 6.54 11.17 0.85
N LEU A 15 6.34 11.03 2.15
CA LEU A 15 5.00 10.98 2.70
C LEU A 15 4.42 12.38 2.76
N VAL A 16 3.34 12.60 2.03
CA VAL A 16 2.72 13.91 2.01
C VAL A 16 2.43 14.37 3.43
N LYS A 17 3.13 15.42 3.85
CA LYS A 17 2.96 15.98 5.18
C LYS A 17 1.52 16.45 5.38
N LYS A 18 0.76 16.45 4.29
CA LYS A 18 -0.63 16.88 4.30
C LYS A 18 -0.74 18.34 4.72
N ASP A 19 -0.68 18.59 6.02
CA ASP A 19 -0.75 19.95 6.54
C ASP A 19 0.64 20.48 6.81
N PHE A 20 0.91 21.69 6.31
CA PHE A 20 2.22 22.33 6.46
C PHE A 20 2.79 22.17 7.87
N PHE A 21 2.22 22.92 8.82
CA PHE A 21 2.69 22.89 10.20
C PHE A 21 2.31 21.59 10.91
N ARG A 22 2.09 20.53 10.14
CA ARG A 22 1.72 19.23 10.72
C ARG A 22 2.47 18.08 10.05
N LEU A 23 2.36 16.90 10.64
CA LEU A 23 3.00 15.69 10.13
C LEU A 23 2.02 14.52 10.13
N PRO A 24 2.12 13.63 9.13
CA PRO A 24 1.23 12.47 9.01
C PRO A 24 1.80 11.21 9.64
N ASP A 25 0.90 10.25 9.91
CA ASP A 25 1.29 8.97 10.51
C ASP A 25 0.94 7.81 9.56
N PRO A 26 1.81 7.52 8.58
CA PRO A 26 1.58 6.46 7.59
C PRO A 26 1.53 5.04 8.17
N PHE A 27 0.62 4.24 7.62
CA PHE A 27 0.45 2.84 7.98
C PHE A 27 -0.09 2.10 6.76
N ALA A 28 -0.17 0.78 6.79
CA ALA A 28 -0.64 0.05 5.60
C ALA A 28 -1.88 -0.81 5.88
N LYS A 29 -2.63 -1.06 4.81
CA LYS A 29 -3.83 -1.88 4.89
C LYS A 29 -3.98 -2.74 3.63
N VAL A 30 -3.97 -4.05 3.81
CA VAL A 30 -4.09 -4.99 2.70
C VAL A 30 -5.57 -5.25 2.38
N VAL A 31 -5.90 -5.27 1.09
CA VAL A 31 -7.27 -5.54 0.69
C VAL A 31 -7.30 -6.50 -0.50
N VAL A 32 -8.21 -7.47 -0.44
CA VAL A 32 -8.36 -8.46 -1.50
C VAL A 32 -9.69 -8.26 -2.22
N ASP A 33 -9.62 -7.74 -3.43
CA ASP A 33 -10.82 -7.50 -4.22
C ASP A 33 -11.30 -8.79 -4.87
N GLY A 34 -11.67 -9.76 -4.05
CA GLY A 34 -12.13 -11.04 -4.55
C GLY A 34 -12.31 -12.06 -3.45
N SER A 35 -11.88 -11.71 -2.23
CA SER A 35 -11.99 -12.61 -1.09
C SER A 35 -12.49 -11.87 0.14
N GLY A 36 -11.76 -10.84 0.55
CA GLY A 36 -12.15 -10.07 1.73
C GLY A 36 -11.05 -9.99 2.76
N GLN A 37 -9.97 -10.73 2.52
CA GLN A 37 -8.83 -10.77 3.43
C GLN A 37 -8.25 -9.36 3.64
N CYS A 38 -8.30 -8.88 4.88
CA CYS A 38 -7.77 -7.56 5.20
C CYS A 38 -6.69 -7.63 6.27
N HIS A 39 -5.63 -6.85 6.07
CA HIS A 39 -4.51 -6.80 7.00
C HIS A 39 -4.05 -5.35 7.17
N SER A 40 -3.18 -5.08 8.13
CA SER A 40 -2.70 -3.72 8.35
C SER A 40 -1.35 -3.68 9.05
N THR A 41 -0.48 -2.79 8.56
CA THR A 41 0.85 -2.60 9.15
C THR A 41 0.82 -1.46 10.14
N ASP A 42 1.66 -1.58 11.17
CA ASP A 42 1.73 -0.59 12.23
C ASP A 42 1.84 0.83 11.69
N THR A 43 1.45 1.80 12.50
CA THR A 43 1.48 3.20 12.12
C THR A 43 2.81 3.85 12.48
N VAL A 44 3.21 4.83 11.67
CA VAL A 44 4.46 5.54 11.87
C VAL A 44 4.20 6.99 12.27
N LYS A 45 4.46 7.31 13.52
CA LYS A 45 4.22 8.66 14.04
C LYS A 45 5.00 9.75 13.30
N ASN A 46 4.30 10.85 13.00
CA ASN A 46 4.86 12.02 12.31
C ASN A 46 6.17 11.71 11.56
N THR A 47 6.04 11.26 10.32
CA THR A 47 7.22 10.93 9.52
C THR A 47 6.98 11.23 8.04
N LEU A 48 8.07 11.32 7.28
CA LEU A 48 7.99 11.57 5.85
C LEU A 48 8.69 10.44 5.09
N ASP A 49 9.14 9.45 5.86
CA ASP A 49 9.83 8.28 5.31
C ASP A 49 9.78 7.13 6.33
N PRO A 50 8.64 6.43 6.39
CA PRO A 50 8.43 5.33 7.34
C PRO A 50 9.01 4.00 6.86
N LYS A 51 8.67 2.95 7.59
CA LYS A 51 9.11 1.61 7.27
C LYS A 51 8.31 0.59 8.08
N TRP A 52 8.05 -0.56 7.47
CA TRP A 52 7.28 -1.61 8.12
C TRP A 52 7.97 -2.95 7.97
N ASN A 53 8.52 -3.19 6.78
CA ASN A 53 9.19 -4.45 6.49
C ASN A 53 8.29 -5.63 6.83
N GLN A 54 7.01 -5.50 6.51
CA GLN A 54 6.03 -6.55 6.78
C GLN A 54 5.38 -7.01 5.47
N HIS A 55 5.15 -8.31 5.36
CA HIS A 55 4.55 -8.87 4.16
C HIS A 55 3.29 -9.65 4.48
N TYR A 56 2.33 -9.61 3.58
CA TYR A 56 1.08 -10.32 3.76
C TYR A 56 0.84 -11.28 2.60
N ASP A 57 0.39 -12.50 2.93
CA ASP A 57 0.13 -13.51 1.92
C ASP A 57 -1.34 -13.59 1.57
N LEU A 58 -1.65 -13.37 0.29
CA LEU A 58 -3.02 -13.40 -0.19
C LEU A 58 -3.12 -14.27 -1.44
N TYR A 59 -4.20 -15.02 -1.56
CA TYR A 59 -4.41 -15.92 -2.70
C TYR A 59 -4.90 -15.15 -3.93
N ILE A 60 -4.43 -15.58 -5.10
CA ILE A 60 -4.81 -14.95 -6.36
C ILE A 60 -5.49 -15.94 -7.30
N GLY A 61 -6.76 -15.73 -7.57
CA GLY A 61 -7.49 -16.60 -8.47
C GLY A 61 -6.98 -16.49 -9.89
N LYS A 62 -7.76 -16.97 -10.86
CA LYS A 62 -7.35 -16.91 -12.25
C LYS A 62 -7.35 -15.47 -12.71
N SER A 63 -8.37 -14.74 -12.28
CA SER A 63 -8.52 -13.34 -12.62
C SER A 63 -8.64 -12.49 -11.36
N ASP A 64 -7.66 -12.61 -10.46
CA ASP A 64 -7.68 -11.86 -9.21
C ASP A 64 -6.53 -10.86 -9.15
N SER A 65 -6.67 -9.88 -8.27
CA SER A 65 -5.67 -8.85 -8.09
C SER A 65 -5.67 -8.39 -6.64
N VAL A 66 -4.51 -7.94 -6.16
CA VAL A 66 -4.40 -7.48 -4.79
C VAL A 66 -3.91 -6.05 -4.73
N THR A 67 -4.42 -5.29 -3.75
CA THR A 67 -4.05 -3.89 -3.61
C THR A 67 -3.62 -3.55 -2.19
N ILE A 68 -2.34 -3.24 -2.00
CA ILE A 68 -1.87 -2.82 -0.69
C ILE A 68 -1.97 -1.30 -0.63
N SER A 69 -2.85 -0.79 0.22
CA SER A 69 -3.05 0.65 0.30
C SER A 69 -2.56 1.25 1.61
N VAL A 70 -1.79 2.33 1.49
CA VAL A 70 -1.27 3.04 2.65
C VAL A 70 -2.19 4.19 3.01
N TRP A 71 -2.46 4.35 4.30
CA TRP A 71 -3.35 5.41 4.76
C TRP A 71 -2.71 6.23 5.86
N ASN A 72 -3.05 7.52 5.93
CA ASN A 72 -2.52 8.39 6.97
C ASN A 72 -3.41 8.31 8.20
N HIS A 73 -3.00 7.50 9.17
CA HIS A 73 -3.79 7.30 10.40
C HIS A 73 -4.38 8.61 10.93
N LYS A 74 -3.59 9.66 10.92
CA LYS A 74 -4.05 10.95 11.40
C LYS A 74 -5.32 11.38 10.68
N LYS A 75 -5.27 11.39 9.35
CA LYS A 75 -6.41 11.83 8.56
C LYS A 75 -7.50 10.75 8.41
N ILE A 76 -7.13 9.47 8.51
CA ILE A 76 -8.17 8.44 8.41
C ILE A 76 -9.19 8.71 9.49
N HIS A 77 -8.71 9.31 10.58
CA HIS A 77 -9.56 9.69 11.68
C HIS A 77 -10.07 11.13 11.45
N LYS A 78 -9.31 11.88 10.63
CA LYS A 78 -9.68 13.26 10.30
C LYS A 78 -11.17 13.36 9.93
N LYS A 79 -11.56 12.67 8.87
CA LYS A 79 -12.95 12.68 8.41
C LYS A 79 -13.14 11.74 7.23
N GLN A 80 -14.36 11.72 6.69
CA GLN A 80 -14.68 10.85 5.54
C GLN A 80 -13.79 11.20 4.35
N GLY A 81 -13.29 10.17 3.67
CA GLY A 81 -12.42 10.39 2.53
C GLY A 81 -11.01 10.71 2.94
N ALA A 82 -10.89 11.49 4.01
CA ALA A 82 -9.58 11.88 4.54
C ALA A 82 -8.88 10.69 5.18
N GLY A 83 -7.64 10.43 4.78
CA GLY A 83 -6.91 9.31 5.34
C GLY A 83 -6.21 8.46 4.30
N PHE A 84 -6.39 8.76 3.02
CA PHE A 84 -5.78 7.98 1.96
C PHE A 84 -4.37 8.47 1.64
N LEU A 85 -3.41 7.54 1.67
CA LEU A 85 -2.02 7.84 1.41
C LEU A 85 -1.41 6.96 0.32
N GLY A 86 -1.90 7.08 -0.91
CA GLY A 86 -1.37 6.29 -2.01
C GLY A 86 -1.55 4.82 -1.84
N CYS A 87 -2.28 4.23 -2.76
CA CYS A 87 -2.49 2.81 -2.76
C CYS A 87 -1.59 2.20 -3.80
N VAL A 88 -1.09 1.04 -3.50
CA VAL A 88 -0.26 0.35 -4.45
C VAL A 88 -1.09 -0.79 -5.01
N ARG A 89 -1.20 -0.89 -6.33
CA ARG A 89 -2.03 -1.94 -6.91
C ARG A 89 -1.32 -2.78 -7.95
N LEU A 90 -1.28 -4.08 -7.70
CA LEU A 90 -0.69 -5.04 -8.63
C LEU A 90 -1.74 -6.07 -9.03
N LEU A 91 -1.89 -6.30 -10.33
CA LEU A 91 -2.89 -7.26 -10.83
C LEU A 91 -2.34 -8.68 -10.86
N SER A 92 -3.09 -9.60 -11.46
CA SER A 92 -2.68 -11.00 -11.54
C SER A 92 -1.39 -11.17 -12.34
N ASN A 93 -1.33 -10.51 -13.50
CA ASN A 93 -0.15 -10.61 -14.36
C ASN A 93 1.05 -9.92 -13.72
N ALA A 94 0.80 -8.75 -13.14
CA ALA A 94 1.86 -8.00 -12.47
C ALA A 94 2.36 -8.75 -11.25
N ILE A 95 1.44 -9.43 -10.56
CA ILE A 95 1.79 -10.18 -9.37
C ILE A 95 2.75 -11.32 -9.68
N ASN A 96 2.55 -11.99 -10.81
CA ASN A 96 3.41 -13.12 -11.20
C ASN A 96 4.82 -12.65 -11.59
N ARG A 97 4.88 -11.75 -12.56
CA ARG A 97 6.17 -11.25 -13.03
C ARG A 97 6.95 -10.65 -11.86
N LEU A 98 6.24 -9.93 -11.01
CA LEU A 98 6.85 -9.28 -9.85
C LEU A 98 7.16 -10.30 -8.75
N LYS A 99 6.31 -11.31 -8.61
CA LYS A 99 6.53 -12.32 -7.57
C LYS A 99 7.94 -12.87 -7.69
N ASP A 100 8.44 -12.92 -8.90
CA ASP A 100 9.80 -13.40 -9.08
C ASP A 100 10.83 -12.26 -9.01
N THR A 101 10.43 -11.05 -9.40
CA THR A 101 11.34 -9.91 -9.35
C THR A 101 11.97 -9.79 -7.96
N GLY A 102 11.12 -9.60 -6.95
CA GLY A 102 11.62 -9.51 -5.59
C GLY A 102 11.72 -8.09 -5.08
N TYR A 103 11.20 -7.13 -5.85
CA TYR A 103 11.23 -5.71 -5.48
C TYR A 103 10.47 -4.87 -6.49
N GLN A 104 9.73 -3.88 -5.99
CA GLN A 104 8.94 -2.99 -6.85
C GLN A 104 8.75 -1.64 -6.19
N ARG A 105 9.25 -0.59 -6.85
CA ARG A 105 9.10 0.76 -6.35
C ARG A 105 7.95 1.46 -7.04
N LEU A 106 6.80 1.49 -6.36
CA LEU A 106 5.59 2.09 -6.92
C LEU A 106 5.28 3.42 -6.24
N ASP A 107 5.24 4.49 -7.02
CA ASP A 107 4.93 5.82 -6.49
C ASP A 107 3.49 5.88 -6.00
N LEU A 108 3.31 6.31 -4.77
CA LEU A 108 1.99 6.43 -4.17
C LEU A 108 1.30 7.71 -4.63
N CYS A 109 0.05 7.57 -5.07
CA CYS A 109 -0.73 8.72 -5.52
C CYS A 109 -2.21 8.39 -5.56
N LYS A 110 -3.02 9.40 -5.87
CA LYS A 110 -4.47 9.25 -5.94
C LYS A 110 -4.92 8.13 -6.86
N LEU A 111 -6.21 7.81 -6.74
CA LEU A 111 -6.84 6.77 -7.56
C LEU A 111 -7.07 7.30 -8.97
N GLY A 112 -7.28 8.61 -9.08
CA GLY A 112 -7.52 9.22 -10.38
C GLY A 112 -7.50 10.74 -10.33
N PRO A 113 -7.43 11.39 -11.50
CA PRO A 113 -7.40 12.85 -11.59
C PRO A 113 -8.76 13.48 -11.27
N ASN A 114 -8.76 14.79 -11.08
CA ASN A 114 -9.97 15.55 -10.76
C ASN A 114 -10.52 15.18 -9.38
N ASP A 115 -9.97 14.14 -8.78
CA ASP A 115 -10.41 13.70 -7.45
C ASP A 115 -9.56 14.35 -6.36
N ASN A 116 -10.23 14.99 -5.39
CA ASN A 116 -9.53 15.63 -4.29
C ASN A 116 -8.59 14.65 -3.60
N ASP A 117 -7.30 14.85 -3.78
CA ASP A 117 -6.30 13.95 -3.20
C ASP A 117 -5.02 14.68 -2.85
N THR A 118 -4.80 14.84 -1.55
CA THR A 118 -3.60 15.47 -1.04
C THR A 118 -2.48 14.44 -1.06
N VAL A 119 -2.30 13.82 -2.21
CA VAL A 119 -1.30 12.79 -2.38
C VAL A 119 0.01 13.33 -2.91
N ARG A 120 1.05 12.55 -2.65
CA ARG A 120 2.40 12.89 -3.05
C ARG A 120 3.39 12.00 -2.28
N GLY A 121 3.62 10.80 -2.80
CA GLY A 121 4.56 9.90 -2.14
C GLY A 121 4.95 8.71 -3.00
N GLN A 122 5.77 7.82 -2.44
CA GLN A 122 6.21 6.61 -3.13
C GLN A 122 6.30 5.47 -2.13
N ILE A 123 6.62 4.26 -2.61
CA ILE A 123 6.73 3.12 -1.71
C ILE A 123 7.54 1.98 -2.33
N VAL A 124 8.37 1.34 -1.51
CA VAL A 124 9.18 0.22 -1.96
C VAL A 124 8.66 -1.08 -1.38
N VAL A 125 8.41 -2.05 -2.24
CA VAL A 125 7.90 -3.34 -1.82
C VAL A 125 8.68 -4.47 -2.49
N SER A 126 8.28 -5.71 -2.22
CA SER A 126 8.94 -6.85 -2.83
C SER A 126 7.93 -7.96 -3.05
N LEU A 127 7.90 -8.47 -4.26
CA LEU A 127 6.95 -9.50 -4.60
C LEU A 127 7.59 -10.87 -4.75
N GLN A 128 7.21 -11.80 -3.88
CA GLN A 128 7.69 -13.17 -3.99
C GLN A 128 6.61 -14.17 -3.58
N SER A 129 6.48 -15.26 -4.34
CA SER A 129 5.48 -16.28 -4.04
C SER A 129 5.96 -17.18 -2.90
N ARG A 130 5.10 -17.36 -1.90
CA ARG A 130 5.43 -18.20 -0.75
C ARG A 130 4.99 -19.64 -0.99
N ASP A 131 5.64 -20.56 -0.29
CA ASP A 131 5.33 -21.98 -0.41
C ASP A 131 4.63 -22.50 0.84
N GLY A 1 -5.97 -24.88 -7.00
CA GLY A 1 -6.60 -23.76 -6.32
C GLY A 1 -5.86 -22.45 -6.53
N PRO A 2 -6.15 -21.42 -5.70
CA PRO A 2 -5.51 -20.11 -5.80
C PRO A 2 -4.05 -20.14 -5.38
N VAL A 3 -3.27 -19.26 -5.98
CA VAL A 3 -1.85 -19.15 -5.69
C VAL A 3 -1.59 -18.11 -4.61
N LYS A 4 -0.85 -18.51 -3.57
CA LYS A 4 -0.55 -17.59 -2.48
C LYS A 4 0.69 -16.76 -2.80
N LEU A 5 0.52 -15.44 -2.83
CA LEU A 5 1.61 -14.53 -3.12
C LEU A 5 1.79 -13.55 -1.97
N ARG A 6 3.04 -13.22 -1.64
CA ARG A 6 3.29 -12.30 -0.55
C ARG A 6 3.92 -10.99 -1.02
N LEU A 7 3.22 -9.90 -0.73
CA LEU A 7 3.68 -8.56 -1.06
C LEU A 7 4.31 -7.98 0.21
N THR A 8 5.62 -7.84 0.18
CA THR A 8 6.35 -7.35 1.35
C THR A 8 6.52 -5.84 1.34
N VAL A 9 5.80 -5.18 2.24
CA VAL A 9 5.89 -3.74 2.37
C VAL A 9 7.18 -3.35 3.10
N LEU A 10 8.24 -3.12 2.35
CA LEU A 10 9.53 -2.78 2.94
C LEU A 10 9.53 -1.41 3.60
N CYS A 11 9.26 -0.37 2.81
CA CYS A 11 9.23 0.99 3.33
C CYS A 11 8.52 1.94 2.36
N ALA A 12 8.32 3.17 2.78
CA ALA A 12 7.67 4.17 1.95
C ALA A 12 8.53 5.42 1.85
N LYS A 13 8.30 6.21 0.80
CA LYS A 13 9.07 7.44 0.59
C LYS A 13 8.18 8.64 0.36
N ASN A 14 8.76 9.81 0.52
CA ASN A 14 8.07 11.08 0.33
C ASN A 14 6.65 11.05 0.89
N LEU A 15 6.53 11.08 2.22
CA LEU A 15 5.22 11.09 2.84
C LEU A 15 4.65 12.50 2.78
N VAL A 16 3.52 12.66 2.09
CA VAL A 16 2.92 13.98 1.99
C VAL A 16 2.59 14.48 3.39
N LYS A 17 3.30 15.51 3.84
CA LYS A 17 3.09 16.07 5.16
C LYS A 17 1.64 16.53 5.31
N LYS A 18 0.93 16.57 4.19
CA LYS A 18 -0.47 16.97 4.16
C LYS A 18 -0.65 18.39 4.67
N ASP A 19 -0.69 18.54 5.98
CA ASP A 19 -0.86 19.86 6.60
C ASP A 19 0.50 20.49 6.91
N PHE A 20 0.71 21.70 6.40
CA PHE A 20 1.96 22.42 6.62
C PHE A 20 2.29 22.47 8.11
N PHE A 21 3.58 22.41 8.42
CA PHE A 21 4.05 22.43 9.80
C PHE A 21 3.69 21.14 10.53
N ARG A 22 2.61 20.49 10.07
CA ARG A 22 2.17 19.24 10.65
C ARG A 22 2.83 18.06 9.95
N LEU A 23 2.61 16.87 10.49
CA LEU A 23 3.21 15.65 9.94
C LEU A 23 2.18 14.51 9.91
N PRO A 24 2.31 13.59 8.93
CA PRO A 24 1.40 12.45 8.78
C PRO A 24 1.89 11.19 9.49
N ASP A 25 0.93 10.33 9.89
CA ASP A 25 1.25 9.06 10.53
C ASP A 25 0.85 7.91 9.60
N PRO A 26 1.68 7.62 8.58
CA PRO A 26 1.41 6.57 7.58
C PRO A 26 1.36 5.14 8.12
N PHE A 27 0.47 4.35 7.53
CA PHE A 27 0.29 2.94 7.86
C PHE A 27 -0.23 2.24 6.61
N ALA A 28 -0.33 0.92 6.62
CA ALA A 28 -0.78 0.23 5.41
C ALA A 28 -1.94 -0.75 5.66
N LYS A 29 -2.69 -1.02 4.60
CA LYS A 29 -3.82 -1.93 4.65
C LYS A 29 -3.77 -2.89 3.46
N VAL A 30 -4.33 -4.09 3.64
CA VAL A 30 -4.35 -5.09 2.59
C VAL A 30 -5.77 -5.51 2.26
N VAL A 31 -6.06 -5.60 0.97
CA VAL A 31 -7.39 -6.01 0.53
C VAL A 31 -7.30 -7.02 -0.62
N VAL A 32 -8.14 -8.05 -0.55
CA VAL A 32 -8.15 -9.08 -1.57
C VAL A 32 -9.39 -8.95 -2.43
N ASP A 33 -9.20 -8.51 -3.67
CA ASP A 33 -10.31 -8.34 -4.60
C ASP A 33 -10.86 -9.70 -5.02
N GLY A 34 -11.65 -10.30 -4.13
CA GLY A 34 -12.23 -11.60 -4.40
C GLY A 34 -12.63 -12.32 -3.13
N SER A 35 -11.83 -12.15 -2.08
CA SER A 35 -12.10 -12.77 -0.80
C SER A 35 -12.08 -11.73 0.33
N GLY A 36 -12.69 -12.08 1.45
CA GLY A 36 -12.73 -11.18 2.59
C GLY A 36 -11.51 -11.27 3.47
N GLN A 37 -10.34 -11.01 2.88
CA GLN A 37 -9.09 -11.06 3.62
C GLN A 37 -8.44 -9.68 3.72
N CYS A 38 -8.37 -9.15 4.94
CA CYS A 38 -7.78 -7.84 5.16
C CYS A 38 -6.62 -7.89 6.16
N HIS A 39 -5.62 -7.04 5.95
CA HIS A 39 -4.46 -6.95 6.82
C HIS A 39 -4.04 -5.49 6.98
N SER A 40 -3.16 -5.19 7.93
CA SER A 40 -2.73 -3.81 8.12
C SER A 40 -1.37 -3.70 8.80
N THR A 41 -0.53 -2.80 8.29
CA THR A 41 0.78 -2.56 8.85
C THR A 41 0.71 -1.44 9.88
N ASP A 42 1.53 -1.56 10.92
CA ASP A 42 1.57 -0.59 12.01
C ASP A 42 1.68 0.84 11.50
N THR A 43 1.33 1.79 12.37
CA THR A 43 1.37 3.21 12.03
C THR A 43 2.73 3.81 12.36
N VAL A 44 3.14 4.77 11.54
CA VAL A 44 4.41 5.46 11.72
C VAL A 44 4.17 6.89 12.19
N LYS A 45 4.74 7.24 13.33
CA LYS A 45 4.56 8.58 13.89
C LYS A 45 5.28 9.67 13.10
N ASN A 46 4.58 10.79 12.92
CA ASN A 46 5.09 11.98 12.22
C ASN A 46 6.41 11.73 11.47
N THR A 47 6.30 11.29 10.22
CA THR A 47 7.48 11.02 9.41
C THR A 47 7.22 11.31 7.94
N LEU A 48 8.28 11.64 7.21
CA LEU A 48 8.17 11.91 5.78
C LEU A 48 8.78 10.75 5.00
N ASP A 49 9.13 9.70 5.73
CA ASP A 49 9.71 8.50 5.16
C ASP A 49 9.56 7.34 6.16
N PRO A 50 8.40 6.66 6.14
CA PRO A 50 8.11 5.57 7.08
C PRO A 50 8.67 4.23 6.63
N LYS A 51 8.44 3.22 7.46
CA LYS A 51 8.90 1.87 7.19
C LYS A 51 7.96 0.88 7.86
N TRP A 52 7.81 -0.30 7.27
CA TRP A 52 6.93 -1.32 7.83
C TRP A 52 7.59 -2.69 7.80
N ASN A 53 8.34 -2.96 6.74
CA ASN A 53 9.04 -4.24 6.59
C ASN A 53 8.13 -5.40 6.97
N GLN A 54 6.90 -5.36 6.47
CA GLN A 54 5.95 -6.41 6.73
C GLN A 54 5.57 -7.07 5.41
N HIS A 55 5.04 -8.28 5.50
CA HIS A 55 4.62 -9.00 4.30
C HIS A 55 3.30 -9.72 4.53
N TYR A 56 2.41 -9.66 3.55
CA TYR A 56 1.13 -10.32 3.67
C TYR A 56 0.95 -11.33 2.54
N ASP A 57 0.43 -12.52 2.87
CA ASP A 57 0.25 -13.58 1.89
C ASP A 57 -1.22 -13.77 1.51
N LEU A 58 -1.61 -13.19 0.38
CA LEU A 58 -2.96 -13.30 -0.12
C LEU A 58 -3.05 -14.39 -1.19
N TYR A 59 -4.21 -14.53 -1.82
CA TYR A 59 -4.41 -15.54 -2.85
C TYR A 59 -4.76 -14.92 -4.20
N ILE A 60 -4.42 -15.62 -5.28
CA ILE A 60 -4.68 -15.16 -6.63
C ILE A 60 -5.25 -16.30 -7.48
N GLY A 61 -6.12 -15.97 -8.41
CA GLY A 61 -6.70 -16.99 -9.26
C GLY A 61 -6.56 -16.65 -10.74
N LYS A 62 -7.35 -17.32 -11.57
CA LYS A 62 -7.32 -17.10 -13.02
C LYS A 62 -7.25 -15.61 -13.34
N SER A 63 -8.05 -14.82 -12.63
CA SER A 63 -8.07 -13.38 -12.87
C SER A 63 -8.26 -12.60 -11.56
N ASP A 64 -7.39 -12.86 -10.58
CA ASP A 64 -7.47 -12.16 -9.30
C ASP A 64 -6.38 -11.11 -9.18
N SER A 65 -6.56 -10.17 -8.28
CA SER A 65 -5.60 -9.10 -8.07
C SER A 65 -5.59 -8.67 -6.62
N VAL A 66 -4.41 -8.28 -6.14
CA VAL A 66 -4.28 -7.85 -4.75
C VAL A 66 -3.80 -6.40 -4.70
N THR A 67 -4.36 -5.64 -3.76
CA THR A 67 -4.03 -4.23 -3.64
C THR A 67 -3.63 -3.83 -2.22
N ILE A 68 -2.38 -3.40 -2.06
CA ILE A 68 -1.90 -2.92 -0.77
C ILE A 68 -2.01 -1.40 -0.75
N SER A 69 -2.72 -0.85 0.23
CA SER A 69 -2.91 0.60 0.32
C SER A 69 -2.20 1.21 1.52
N VAL A 70 -2.05 2.52 1.50
CA VAL A 70 -1.43 3.26 2.59
C VAL A 70 -2.28 4.46 2.97
N TRP A 71 -2.71 4.50 4.22
CA TRP A 71 -3.54 5.59 4.72
C TRP A 71 -2.84 6.35 5.84
N ASN A 72 -3.12 7.66 5.93
CA ASN A 72 -2.52 8.48 6.98
C ASN A 72 -3.38 8.44 8.23
N HIS A 73 -3.01 7.58 9.18
CA HIS A 73 -3.76 7.41 10.42
C HIS A 73 -4.20 8.75 11.02
N LYS A 74 -3.34 9.75 10.94
CA LYS A 74 -3.66 11.07 11.47
C LYS A 74 -4.93 11.63 10.84
N LYS A 75 -4.98 11.64 9.51
CA LYS A 75 -6.14 12.19 8.82
C LYS A 75 -7.30 11.20 8.76
N ILE A 76 -7.02 9.89 8.77
CA ILE A 76 -8.13 8.93 8.74
C ILE A 76 -9.05 9.23 9.91
N HIS A 77 -8.44 9.78 10.96
CA HIS A 77 -9.18 10.19 12.14
C HIS A 77 -9.61 11.65 12.00
N LYS A 78 -8.88 12.39 11.16
CA LYS A 78 -9.18 13.80 10.91
C LYS A 78 -10.66 14.00 10.55
N LYS A 79 -11.07 13.40 9.44
CA LYS A 79 -12.47 13.52 8.99
C LYS A 79 -12.70 12.71 7.72
N GLN A 80 -13.84 12.95 7.07
CA GLN A 80 -14.18 12.25 5.83
C GLN A 80 -13.21 12.61 4.70
N GLY A 81 -12.84 11.59 3.92
CA GLY A 81 -11.91 11.80 2.83
C GLY A 81 -10.48 11.91 3.31
N ALA A 82 -10.30 12.56 4.45
CA ALA A 82 -8.99 12.73 5.06
C ALA A 82 -8.46 11.42 5.61
N GLY A 83 -7.27 11.02 5.17
CA GLY A 83 -6.70 9.78 5.67
C GLY A 83 -6.02 8.94 4.61
N PHE A 84 -5.91 9.44 3.39
CA PHE A 84 -5.28 8.70 2.33
C PHE A 84 -3.83 9.15 2.12
N LEU A 85 -3.01 8.25 1.58
CA LEU A 85 -1.60 8.55 1.32
C LEU A 85 -1.16 7.99 -0.03
N GLY A 86 -1.49 6.72 -0.27
CA GLY A 86 -1.12 6.07 -1.52
C GLY A 86 -1.51 4.63 -1.54
N CYS A 87 -2.33 4.29 -2.51
CA CYS A 87 -2.77 2.93 -2.67
C CYS A 87 -2.00 2.30 -3.81
N VAL A 88 -1.35 1.19 -3.54
CA VAL A 88 -0.60 0.52 -4.57
C VAL A 88 -1.38 -0.71 -5.04
N ARG A 89 -1.58 -0.84 -6.35
CA ARG A 89 -2.35 -1.95 -6.89
C ARG A 89 -1.56 -2.82 -7.86
N LEU A 90 -1.64 -4.13 -7.65
CA LEU A 90 -0.96 -5.09 -8.52
C LEU A 90 -1.95 -6.16 -8.98
N LEU A 91 -2.07 -6.32 -10.30
CA LEU A 91 -3.00 -7.30 -10.86
C LEU A 91 -2.35 -8.69 -10.98
N SER A 92 -3.10 -9.65 -11.52
CA SER A 92 -2.60 -11.01 -11.66
C SER A 92 -1.32 -11.07 -12.49
N ASN A 93 -1.31 -10.38 -13.63
CA ASN A 93 -0.14 -10.36 -14.50
C ASN A 93 1.05 -9.76 -13.77
N ALA A 94 0.81 -8.63 -13.13
CA ALA A 94 1.86 -7.96 -12.38
C ALA A 94 2.37 -8.84 -11.26
N ILE A 95 1.47 -9.55 -10.61
CA ILE A 95 1.85 -10.41 -9.50
C ILE A 95 2.85 -11.47 -9.94
N ASN A 96 2.69 -12.00 -11.15
CA ASN A 96 3.61 -13.03 -11.65
C ASN A 96 5.00 -12.46 -11.92
N ARG A 97 5.07 -11.43 -12.75
CA ARG A 97 6.34 -10.81 -13.09
C ARG A 97 7.02 -10.24 -11.85
N LEU A 98 6.22 -9.61 -11.00
CA LEU A 98 6.71 -8.99 -9.78
C LEU A 98 7.08 -10.05 -8.73
N LYS A 99 6.24 -11.07 -8.56
CA LYS A 99 6.51 -12.09 -7.56
C LYS A 99 7.88 -12.71 -7.77
N ASP A 100 8.38 -12.69 -8.99
CA ASP A 100 9.71 -13.23 -9.22
C ASP A 100 10.78 -12.16 -9.01
N THR A 101 10.48 -10.90 -9.37
CA THR A 101 11.44 -9.82 -9.19
C THR A 101 11.94 -9.78 -7.75
N GLY A 102 11.06 -9.45 -6.83
CA GLY A 102 11.43 -9.41 -5.43
C GLY A 102 11.69 -8.01 -4.90
N TYR A 103 11.25 -7.00 -5.65
CA TYR A 103 11.42 -5.60 -5.25
C TYR A 103 10.79 -4.63 -6.24
N GLN A 104 9.66 -4.06 -5.87
CA GLN A 104 8.95 -3.11 -6.74
C GLN A 104 8.68 -1.80 -6.02
N ARG A 105 9.04 -0.69 -6.65
CA ARG A 105 8.83 0.63 -6.09
C ARG A 105 7.61 1.30 -6.74
N LEU A 106 6.48 1.26 -6.06
CA LEU A 106 5.24 1.85 -6.58
C LEU A 106 5.02 3.25 -6.00
N ASP A 107 4.94 4.25 -6.86
CA ASP A 107 4.69 5.61 -6.42
C ASP A 107 3.31 5.71 -5.81
N LEU A 108 3.26 6.15 -4.57
CA LEU A 108 2.00 6.31 -3.85
C LEU A 108 1.29 7.60 -4.24
N CYS A 109 0.07 7.46 -4.75
CA CYS A 109 -0.72 8.61 -5.15
C CYS A 109 -2.20 8.35 -4.94
N LYS A 110 -3.01 9.40 -5.13
CA LYS A 110 -4.45 9.31 -4.96
C LYS A 110 -5.06 8.23 -5.86
N LEU A 111 -6.32 7.89 -5.59
CA LEU A 111 -7.02 6.88 -6.37
C LEU A 111 -7.01 7.25 -7.85
N GLY A 112 -7.11 8.54 -8.14
CA GLY A 112 -7.12 8.99 -9.52
C GLY A 112 -6.80 10.46 -9.66
N PRO A 113 -6.39 10.89 -10.87
CA PRO A 113 -6.05 12.30 -11.14
C PRO A 113 -7.27 13.20 -11.14
N ASN A 114 -8.40 12.64 -11.54
CA ASN A 114 -9.66 13.40 -11.60
C ASN A 114 -10.31 13.48 -10.22
N ASP A 115 -9.47 13.59 -9.19
CA ASP A 115 -9.96 13.69 -7.81
C ASP A 115 -9.09 14.64 -7.00
N ASN A 116 -9.62 15.81 -6.71
CA ASN A 116 -8.88 16.81 -5.92
C ASN A 116 -8.47 16.21 -4.58
N ASP A 117 -7.19 15.87 -4.46
CA ASP A 117 -6.68 15.27 -3.23
C ASP A 117 -5.39 15.94 -2.77
N THR A 118 -4.73 15.30 -1.82
CA THR A 118 -3.49 15.79 -1.25
C THR A 118 -2.51 14.65 -1.17
N VAL A 119 -2.07 14.20 -2.31
CA VAL A 119 -1.17 13.08 -2.38
C VAL A 119 0.21 13.46 -2.90
N ARG A 120 1.16 12.59 -2.62
CA ARG A 120 2.55 12.76 -3.01
C ARG A 120 3.43 11.81 -2.20
N GLY A 121 3.78 10.67 -2.79
CA GLY A 121 4.63 9.72 -2.10
C GLY A 121 4.98 8.52 -2.95
N GLN A 122 5.77 7.61 -2.37
CA GLN A 122 6.17 6.38 -3.05
C GLN A 122 6.26 5.26 -2.02
N ILE A 123 6.55 4.05 -2.47
CA ILE A 123 6.66 2.92 -1.55
C ILE A 123 7.44 1.77 -2.16
N VAL A 124 8.39 1.24 -1.40
CA VAL A 124 9.20 0.13 -1.83
C VAL A 124 8.73 -1.17 -1.21
N VAL A 125 8.38 -2.12 -2.06
CA VAL A 125 7.90 -3.42 -1.63
C VAL A 125 8.70 -4.53 -2.30
N SER A 126 8.34 -5.78 -2.04
CA SER A 126 9.02 -6.90 -2.66
C SER A 126 8.04 -8.01 -2.91
N LEU A 127 7.99 -8.45 -4.15
CA LEU A 127 7.03 -9.47 -4.54
C LEU A 127 7.69 -10.83 -4.74
N GLN A 128 7.33 -11.78 -3.88
CA GLN A 128 7.82 -13.14 -4.05
C GLN A 128 6.75 -14.15 -3.65
N SER A 129 6.62 -15.22 -4.44
CA SER A 129 5.63 -16.26 -4.16
C SER A 129 5.89 -16.89 -2.80
N ARG A 130 4.89 -16.88 -1.94
CA ARG A 130 5.00 -17.44 -0.60
C ARG A 130 4.67 -18.93 -0.62
N ASP A 131 5.25 -19.68 0.32
CA ASP A 131 5.03 -21.11 0.42
C ASP A 131 3.93 -21.42 1.42
N GLY A 1 -5.10 -24.94 -8.40
CA GLY A 1 -5.48 -24.18 -7.23
C GLY A 1 -4.86 -22.79 -7.22
N PRO A 2 -5.33 -21.90 -6.32
CA PRO A 2 -4.81 -20.53 -6.21
C PRO A 2 -3.32 -20.47 -5.98
N VAL A 3 -2.77 -19.29 -6.19
CA VAL A 3 -1.34 -19.06 -6.02
C VAL A 3 -1.07 -18.26 -4.74
N LYS A 4 -0.07 -18.68 -3.98
CA LYS A 4 0.27 -18.00 -2.74
C LYS A 4 1.35 -16.95 -3.01
N LEU A 5 0.92 -15.69 -3.12
CA LEU A 5 1.84 -14.59 -3.39
C LEU A 5 1.83 -13.61 -2.23
N ARG A 6 3.00 -13.34 -1.68
CA ARG A 6 3.11 -12.40 -0.57
C ARG A 6 3.82 -11.12 -0.99
N LEU A 7 3.19 -9.99 -0.70
CA LEU A 7 3.75 -8.68 -1.02
C LEU A 7 4.34 -8.10 0.26
N THR A 8 5.61 -7.75 0.21
CA THR A 8 6.30 -7.25 1.37
C THR A 8 6.43 -5.73 1.35
N VAL A 9 5.70 -5.07 2.25
CA VAL A 9 5.75 -3.62 2.35
C VAL A 9 7.00 -3.22 3.13
N LEU A 10 8.09 -3.00 2.41
CA LEU A 10 9.36 -2.65 3.02
C LEU A 10 9.33 -1.27 3.67
N CYS A 11 9.08 -0.25 2.87
CA CYS A 11 9.03 1.12 3.36
C CYS A 11 8.31 2.03 2.38
N ALA A 12 8.08 3.27 2.80
CA ALA A 12 7.43 4.26 1.94
C ALA A 12 8.29 5.51 1.85
N LYS A 13 8.24 6.19 0.70
CA LYS A 13 9.04 7.39 0.50
C LYS A 13 8.19 8.62 0.30
N ASN A 14 8.82 9.77 0.51
CA ASN A 14 8.18 11.07 0.35
C ASN A 14 6.72 11.08 0.77
N LEU A 15 6.45 10.94 2.06
CA LEU A 15 5.08 10.96 2.54
C LEU A 15 4.60 12.40 2.59
N VAL A 16 3.46 12.69 1.97
CA VAL A 16 2.95 14.06 1.97
C VAL A 16 2.83 14.54 3.41
N LYS A 17 3.69 15.48 3.79
CA LYS A 17 3.67 16.01 5.16
C LYS A 17 2.42 16.84 5.38
N LYS A 18 1.59 16.91 4.33
CA LYS A 18 0.35 17.65 4.37
C LYS A 18 0.59 19.09 4.79
N ASP A 19 0.41 19.36 6.07
CA ASP A 19 0.62 20.68 6.61
C ASP A 19 2.05 20.80 7.12
N PHE A 20 2.80 21.78 6.62
CA PHE A 20 4.18 21.98 7.02
C PHE A 20 4.37 21.74 8.52
N PHE A 21 3.83 22.65 9.33
CA PHE A 21 3.94 22.55 10.78
C PHE A 21 3.48 21.19 11.29
N ARG A 22 2.60 20.54 10.52
CA ARG A 22 2.08 19.23 10.89
C ARG A 22 2.72 18.14 10.04
N LEU A 23 2.26 16.90 10.20
CA LEU A 23 2.80 15.77 9.43
C LEU A 23 1.87 14.56 9.44
N PRO A 24 2.20 13.54 8.61
CA PRO A 24 1.41 12.33 8.49
C PRO A 24 1.93 11.15 9.30
N ASP A 25 1.00 10.28 9.71
CA ASP A 25 1.35 9.05 10.44
C ASP A 25 0.94 7.85 9.58
N PRO A 26 1.76 7.53 8.56
CA PRO A 26 1.48 6.42 7.61
C PRO A 26 1.40 5.02 8.23
N PHE A 27 0.50 4.22 7.68
CA PHE A 27 0.30 2.82 8.08
C PHE A 27 -0.23 2.08 6.86
N ALA A 28 -0.43 0.77 6.93
CA ALA A 28 -0.89 0.05 5.73
C ALA A 28 -2.09 -0.86 5.98
N LYS A 29 -2.81 -1.12 4.89
CA LYS A 29 -3.98 -2.00 4.92
C LYS A 29 -4.01 -2.85 3.65
N VAL A 30 -4.06 -4.16 3.83
CA VAL A 30 -4.08 -5.10 2.71
C VAL A 30 -5.50 -5.46 2.30
N VAL A 31 -5.75 -5.51 0.99
CA VAL A 31 -7.06 -5.89 0.46
C VAL A 31 -6.94 -6.85 -0.69
N VAL A 32 -7.80 -7.86 -0.72
CA VAL A 32 -7.78 -8.86 -1.79
C VAL A 32 -8.93 -8.61 -2.75
N ASP A 33 -8.59 -8.15 -3.95
CA ASP A 33 -9.59 -7.88 -4.98
C ASP A 33 -10.23 -9.17 -5.46
N GLY A 34 -11.27 -9.61 -4.76
CA GLY A 34 -11.95 -10.84 -5.13
C GLY A 34 -12.28 -11.69 -3.92
N SER A 35 -11.87 -11.23 -2.74
CA SER A 35 -12.11 -11.95 -1.50
C SER A 35 -12.18 -10.99 -0.32
N GLY A 36 -12.73 -11.47 0.79
CA GLY A 36 -12.86 -10.64 1.99
C GLY A 36 -11.69 -10.82 2.94
N GLN A 37 -10.48 -10.56 2.46
CA GLN A 37 -9.27 -10.70 3.27
C GLN A 37 -8.61 -9.35 3.48
N CYS A 38 -8.58 -8.89 4.73
CA CYS A 38 -7.97 -7.61 5.06
C CYS A 38 -6.85 -7.76 6.10
N HIS A 39 -5.88 -6.86 6.01
CA HIS A 39 -4.73 -6.85 6.93
C HIS A 39 -4.27 -5.42 7.15
N SER A 40 -3.39 -5.20 8.13
CA SER A 40 -2.90 -3.84 8.38
C SER A 40 -1.54 -3.81 9.07
N THR A 41 -0.74 -2.80 8.73
CA THR A 41 0.58 -2.62 9.31
C THR A 41 0.56 -1.45 10.29
N ASP A 42 1.40 -1.56 11.32
CA ASP A 42 1.48 -0.55 12.37
C ASP A 42 1.62 0.85 11.80
N THR A 43 1.26 1.84 12.61
CA THR A 43 1.32 3.24 12.20
C THR A 43 2.66 3.88 12.57
N VAL A 44 3.12 4.78 11.71
CA VAL A 44 4.37 5.49 11.92
C VAL A 44 4.08 6.92 12.37
N LYS A 45 4.88 7.43 13.29
CA LYS A 45 4.67 8.78 13.80
C LYS A 45 5.41 9.85 13.00
N ASN A 46 4.71 10.95 12.73
CA ASN A 46 5.25 12.11 12.00
C ASN A 46 6.55 11.81 11.26
N THR A 47 6.42 11.30 10.03
CA THR A 47 7.59 10.99 9.22
C THR A 47 7.28 11.12 7.73
N LEU A 48 8.32 11.39 6.94
CA LEU A 48 8.17 11.51 5.50
C LEU A 48 8.81 10.32 4.80
N ASP A 49 9.21 9.35 5.62
CA ASP A 49 9.84 8.13 5.13
C ASP A 49 9.75 7.03 6.21
N PRO A 50 8.57 6.39 6.33
CA PRO A 50 8.32 5.34 7.33
C PRO A 50 8.90 3.99 6.93
N LYS A 51 8.47 2.95 7.64
CA LYS A 51 8.92 1.59 7.39
C LYS A 51 8.04 0.60 8.13
N TRP A 52 7.82 -0.56 7.52
CA TRP A 52 6.99 -1.60 8.13
C TRP A 52 7.65 -2.96 7.98
N ASN A 53 8.28 -3.18 6.83
CA ASN A 53 8.96 -4.45 6.55
C ASN A 53 8.05 -5.63 6.87
N GLN A 54 6.75 -5.47 6.57
CA GLN A 54 5.78 -6.52 6.81
C GLN A 54 5.22 -7.04 5.50
N HIS A 55 5.09 -8.36 5.39
CA HIS A 55 4.59 -9.00 4.18
C HIS A 55 3.34 -9.81 4.47
N TYR A 56 2.38 -9.77 3.55
CA TYR A 56 1.15 -10.53 3.72
C TYR A 56 0.94 -11.47 2.53
N ASP A 57 0.52 -12.70 2.84
CA ASP A 57 0.30 -13.70 1.79
C ASP A 57 -1.17 -13.78 1.41
N LEU A 58 -1.44 -13.60 0.12
CA LEU A 58 -2.79 -13.64 -0.40
C LEU A 58 -2.86 -14.50 -1.67
N TYR A 59 -3.94 -15.25 -1.81
CA TYR A 59 -4.13 -16.15 -2.95
C TYR A 59 -4.63 -15.41 -4.19
N ILE A 60 -4.23 -15.93 -5.35
CA ILE A 60 -4.62 -15.38 -6.64
C ILE A 60 -5.26 -16.46 -7.50
N GLY A 61 -6.55 -16.31 -7.78
CA GLY A 61 -7.20 -17.32 -8.60
C GLY A 61 -7.02 -17.07 -10.08
N LYS A 62 -7.82 -17.73 -10.90
CA LYS A 62 -7.74 -17.58 -12.36
C LYS A 62 -7.62 -16.10 -12.75
N SER A 63 -8.49 -15.28 -12.18
CA SER A 63 -8.48 -13.86 -12.46
C SER A 63 -8.58 -13.04 -11.17
N ASP A 64 -7.51 -13.07 -10.37
CA ASP A 64 -7.47 -12.34 -9.12
C ASP A 64 -6.35 -11.30 -9.12
N SER A 65 -6.45 -10.33 -8.23
CA SER A 65 -5.46 -9.27 -8.13
C SER A 65 -5.34 -8.83 -6.69
N VAL A 66 -4.16 -8.37 -6.31
CA VAL A 66 -3.94 -7.93 -4.94
C VAL A 66 -3.55 -6.46 -4.89
N THR A 67 -4.13 -5.73 -3.93
CA THR A 67 -3.86 -4.31 -3.80
C THR A 67 -3.48 -3.92 -2.38
N ILE A 68 -2.23 -3.51 -2.18
CA ILE A 68 -1.80 -3.06 -0.87
C ILE A 68 -2.02 -1.55 -0.77
N SER A 69 -2.73 -1.12 0.25
CA SER A 69 -3.04 0.31 0.41
C SER A 69 -2.34 0.93 1.62
N VAL A 70 -2.20 2.25 1.57
CA VAL A 70 -1.57 2.99 2.67
C VAL A 70 -2.43 4.22 3.03
N TRP A 71 -2.71 4.38 4.32
CA TRP A 71 -3.53 5.49 4.78
C TRP A 71 -2.80 6.29 5.87
N ASN A 72 -3.13 7.57 5.98
CA ASN A 72 -2.51 8.43 6.99
C ASN A 72 -3.38 8.45 8.24
N HIS A 73 -3.00 7.64 9.23
CA HIS A 73 -3.74 7.55 10.49
C HIS A 73 -4.20 8.92 11.01
N LYS A 74 -3.36 9.92 10.83
CA LYS A 74 -3.69 11.27 11.28
C LYS A 74 -4.98 11.77 10.64
N LYS A 75 -5.04 11.74 9.32
CA LYS A 75 -6.22 12.23 8.63
C LYS A 75 -7.37 11.23 8.62
N ILE A 76 -7.08 9.92 8.70
CA ILE A 76 -8.16 8.94 8.73
C ILE A 76 -9.07 9.28 9.89
N HIS A 77 -8.46 9.85 10.94
CA HIS A 77 -9.21 10.28 12.11
C HIS A 77 -9.78 11.68 11.86
N LYS A 78 -9.09 12.44 11.00
CA LYS A 78 -9.52 13.79 10.64
C LYS A 78 -11.03 13.84 10.37
N LYS A 79 -11.45 13.10 9.34
CA LYS A 79 -12.86 13.05 8.95
C LYS A 79 -13.04 12.17 7.71
N GLN A 80 -14.20 12.27 7.07
CA GLN A 80 -14.47 11.49 5.87
C GLN A 80 -13.57 11.92 4.72
N GLY A 81 -13.14 10.96 3.91
CA GLY A 81 -12.27 11.26 2.79
C GLY A 81 -10.83 11.43 3.22
N ALA A 82 -10.61 12.26 4.23
CA ALA A 82 -9.27 12.51 4.74
C ALA A 82 -8.70 11.25 5.38
N GLY A 83 -7.45 10.95 5.05
CA GLY A 83 -6.80 9.76 5.60
C GLY A 83 -6.08 8.92 4.56
N PHE A 84 -5.93 9.46 3.35
CA PHE A 84 -5.27 8.73 2.29
C PHE A 84 -3.81 9.16 2.15
N LEU A 85 -3.00 8.26 1.59
CA LEU A 85 -1.58 8.51 1.37
C LEU A 85 -1.14 7.94 0.03
N GLY A 86 -1.42 6.66 -0.18
CA GLY A 86 -1.05 6.00 -1.41
C GLY A 86 -1.45 4.56 -1.43
N CYS A 87 -2.27 4.22 -2.39
CA CYS A 87 -2.72 2.87 -2.56
C CYS A 87 -1.97 2.25 -3.73
N VAL A 88 -1.30 1.14 -3.48
CA VAL A 88 -0.55 0.49 -4.53
C VAL A 88 -1.33 -0.73 -5.01
N ARG A 89 -1.53 -0.83 -6.33
CA ARG A 89 -2.30 -1.94 -6.88
C ARG A 89 -1.52 -2.78 -7.90
N LEU A 90 -1.60 -4.10 -7.72
CA LEU A 90 -0.95 -5.04 -8.61
C LEU A 90 -1.97 -6.06 -9.11
N LEU A 91 -2.00 -6.30 -10.42
CA LEU A 91 -2.95 -7.25 -11.00
C LEU A 91 -2.38 -8.67 -11.02
N SER A 92 -3.10 -9.60 -11.65
CA SER A 92 -2.66 -10.99 -11.71
C SER A 92 -1.37 -11.12 -12.51
N ASN A 93 -1.34 -10.50 -13.68
CA ASN A 93 -0.15 -10.54 -14.53
C ASN A 93 1.00 -9.82 -13.85
N ALA A 94 0.67 -8.75 -13.15
CA ALA A 94 1.67 -7.98 -12.44
C ALA A 94 2.21 -8.79 -11.26
N ILE A 95 1.33 -9.52 -10.60
CA ILE A 95 1.74 -10.31 -9.45
C ILE A 95 2.80 -11.34 -9.84
N ASN A 96 2.67 -11.92 -11.03
CA ASN A 96 3.63 -12.91 -11.50
C ASN A 96 5.00 -12.29 -11.79
N ARG A 97 5.02 -11.25 -12.60
CA ARG A 97 6.27 -10.59 -12.96
C ARG A 97 6.89 -9.91 -11.74
N LEU A 98 6.04 -9.45 -10.82
CA LEU A 98 6.51 -8.77 -9.62
C LEU A 98 6.90 -9.74 -8.52
N LYS A 99 6.31 -10.93 -8.50
CA LYS A 99 6.65 -11.91 -7.48
C LYS A 99 8.06 -12.45 -7.72
N ASP A 100 8.46 -12.50 -8.97
CA ASP A 100 9.79 -12.99 -9.30
C ASP A 100 10.85 -11.89 -9.15
N THR A 101 10.48 -10.64 -9.50
CA THR A 101 11.41 -9.53 -9.38
C THR A 101 12.02 -9.48 -7.98
N GLY A 102 11.19 -9.21 -6.98
CA GLY A 102 11.67 -9.18 -5.62
C GLY A 102 11.77 -7.79 -5.04
N TYR A 103 11.46 -6.77 -5.86
CA TYR A 103 11.52 -5.38 -5.40
C TYR A 103 10.78 -4.45 -6.37
N GLN A 104 9.63 -3.93 -5.93
CA GLN A 104 8.83 -3.05 -6.76
C GLN A 104 8.59 -1.71 -6.07
N ARG A 105 8.96 -0.63 -6.74
CA ARG A 105 8.80 0.71 -6.21
C ARG A 105 7.68 1.47 -6.93
N LEU A 106 6.50 1.51 -6.32
CA LEU A 106 5.36 2.21 -6.92
C LEU A 106 5.14 3.57 -6.24
N ASP A 107 4.83 4.57 -7.05
CA ASP A 107 4.60 5.92 -6.55
C ASP A 107 3.20 6.03 -5.93
N LEU A 108 3.15 6.52 -4.71
CA LEU A 108 1.89 6.70 -3.99
C LEU A 108 1.20 7.98 -4.44
N CYS A 109 -0.04 7.83 -4.93
CA CYS A 109 -0.81 8.98 -5.40
C CYS A 109 -2.31 8.74 -5.22
N LYS A 110 -3.10 9.77 -5.50
CA LYS A 110 -4.56 9.70 -5.35
C LYS A 110 -5.16 8.65 -6.28
N LEU A 111 -6.27 8.06 -5.84
CA LEU A 111 -6.97 7.05 -6.62
C LEU A 111 -7.44 7.64 -7.95
N GLY A 112 -7.73 8.93 -7.93
CA GLY A 112 -8.19 9.60 -9.14
C GLY A 112 -8.18 11.12 -8.99
N PRO A 113 -8.70 11.85 -9.99
CA PRO A 113 -8.74 13.32 -9.96
C PRO A 113 -9.78 13.86 -8.99
N ASN A 114 -10.98 13.29 -9.03
CA ASN A 114 -12.07 13.72 -8.16
C ASN A 114 -12.22 12.78 -6.97
N ASP A 115 -11.10 12.43 -6.33
CA ASP A 115 -11.12 11.55 -5.18
C ASP A 115 -9.99 11.89 -4.20
N ASN A 116 -10.06 13.08 -3.60
CA ASN A 116 -9.06 13.53 -2.65
C ASN A 116 -7.67 13.55 -3.28
N ASP A 117 -7.21 14.72 -3.67
CA ASP A 117 -5.90 14.88 -4.29
C ASP A 117 -4.89 15.48 -3.31
N THR A 118 -4.71 14.80 -2.19
CA THR A 118 -3.76 15.25 -1.17
C THR A 118 -2.63 14.25 -1.02
N VAL A 119 -2.02 13.90 -2.15
CA VAL A 119 -0.93 12.95 -2.15
C VAL A 119 0.36 13.56 -2.64
N ARG A 120 1.40 12.73 -2.58
CA ARG A 120 2.74 13.12 -2.96
C ARG A 120 3.73 12.17 -2.28
N GLY A 121 3.89 10.97 -2.83
CA GLY A 121 4.83 10.03 -2.23
C GLY A 121 5.06 8.80 -3.08
N GLN A 122 5.83 7.86 -2.53
CA GLN A 122 6.15 6.62 -3.20
C GLN A 122 6.21 5.49 -2.17
N ILE A 123 6.49 4.28 -2.60
CA ILE A 123 6.56 3.15 -1.69
C ILE A 123 7.37 1.99 -2.28
N VAL A 124 8.25 1.42 -1.47
CA VAL A 124 9.07 0.30 -1.91
C VAL A 124 8.61 -0.99 -1.27
N VAL A 125 8.36 -1.98 -2.11
CA VAL A 125 7.91 -3.29 -1.64
C VAL A 125 8.70 -4.40 -2.30
N SER A 126 8.43 -5.63 -1.90
CA SER A 126 9.11 -6.79 -2.47
C SER A 126 8.19 -7.97 -2.37
N LEU A 127 7.93 -8.62 -3.48
CA LEU A 127 7.02 -9.73 -3.44
C LEU A 127 7.53 -10.97 -4.14
N GLN A 128 7.29 -12.08 -3.48
CA GLN A 128 7.65 -13.39 -4.01
C GLN A 128 6.58 -14.41 -3.62
N SER A 129 6.30 -15.37 -4.51
CA SER A 129 5.30 -16.39 -4.21
C SER A 129 5.84 -17.43 -3.23
N ARG A 130 5.06 -17.73 -2.21
CA ARG A 130 5.44 -18.71 -1.20
C ARG A 130 4.88 -20.09 -1.53
N ASP A 131 5.63 -21.12 -1.17
CA ASP A 131 5.21 -22.50 -1.42
C ASP A 131 4.29 -23.00 -0.31
N GLY A 1 -6.18 -24.41 -8.09
CA GLY A 1 -6.67 -23.35 -7.23
C GLY A 1 -5.86 -22.07 -7.36
N PRO A 2 -6.10 -21.08 -6.47
CA PRO A 2 -5.38 -19.81 -6.49
C PRO A 2 -3.92 -19.97 -6.09
N VAL A 3 -3.12 -18.95 -6.40
CA VAL A 3 -1.69 -18.95 -6.08
C VAL A 3 -1.40 -18.02 -4.91
N LYS A 4 -0.40 -18.37 -4.11
CA LYS A 4 -0.02 -17.57 -2.95
C LYS A 4 1.03 -16.53 -3.34
N LEU A 5 0.71 -15.26 -3.08
CA LEU A 5 1.63 -14.17 -3.40
C LEU A 5 1.91 -13.34 -2.17
N ARG A 6 3.19 -13.12 -1.89
CA ARG A 6 3.59 -12.36 -0.72
C ARG A 6 4.14 -10.99 -1.11
N LEU A 7 3.40 -9.95 -0.74
CA LEU A 7 3.82 -8.58 -1.00
C LEU A 7 4.42 -7.99 0.27
N THR A 8 5.72 -7.76 0.25
CA THR A 8 6.44 -7.26 1.41
C THR A 8 6.50 -5.73 1.41
N VAL A 9 5.76 -5.10 2.32
CA VAL A 9 5.78 -3.65 2.43
C VAL A 9 6.98 -3.23 3.27
N LEU A 10 8.10 -2.96 2.59
CA LEU A 10 9.33 -2.59 3.26
C LEU A 10 9.28 -1.18 3.85
N CYS A 11 9.07 -0.20 2.99
CA CYS A 11 8.99 1.20 3.44
C CYS A 11 8.33 2.07 2.40
N ALA A 12 8.09 3.33 2.76
CA ALA A 12 7.47 4.30 1.86
C ALA A 12 8.33 5.56 1.77
N LYS A 13 8.20 6.29 0.67
CA LYS A 13 9.00 7.49 0.48
C LYS A 13 8.13 8.72 0.19
N ASN A 14 8.74 9.88 0.40
CA ASN A 14 8.08 11.16 0.16
C ASN A 14 6.62 11.18 0.62
N LEU A 15 6.40 10.99 1.91
CA LEU A 15 5.04 10.99 2.44
C LEU A 15 4.55 12.42 2.52
N VAL A 16 3.44 12.70 1.84
CA VAL A 16 2.89 14.05 1.85
C VAL A 16 2.68 14.50 3.29
N LYS A 17 3.45 15.49 3.73
CA LYS A 17 3.34 16.00 5.10
C LYS A 17 1.89 16.33 5.44
N LYS A 18 1.07 16.47 4.40
CA LYS A 18 -0.34 16.80 4.54
C LYS A 18 -0.46 18.22 5.10
N ASP A 19 -0.15 18.37 6.38
CA ASP A 19 -0.17 19.66 7.03
C ASP A 19 1.26 20.19 7.12
N PHE A 20 1.42 21.52 7.14
CA PHE A 20 2.74 22.12 7.21
C PHE A 20 3.27 22.06 8.64
N PHE A 21 2.55 22.70 9.56
CA PHE A 21 2.93 22.72 10.97
C PHE A 21 2.85 21.32 11.57
N ARG A 22 2.16 20.43 10.89
CA ARG A 22 2.00 19.06 11.35
C ARG A 22 2.54 18.06 10.33
N LEU A 23 2.35 16.78 10.61
CA LEU A 23 2.81 15.73 9.71
C LEU A 23 1.89 14.52 9.67
N PRO A 24 2.13 13.59 8.72
CA PRO A 24 1.32 12.41 8.55
C PRO A 24 1.87 11.19 9.29
N ASP A 25 0.96 10.31 9.70
CA ASP A 25 1.33 9.08 10.38
C ASP A 25 0.95 7.88 9.50
N PRO A 26 1.77 7.59 8.49
CA PRO A 26 1.52 6.48 7.54
C PRO A 26 1.47 5.09 8.17
N PHE A 27 0.51 4.31 7.67
CA PHE A 27 0.30 2.93 8.06
C PHE A 27 -0.31 2.22 6.85
N ALA A 28 -0.40 0.90 6.87
CA ALA A 28 -0.94 0.22 5.69
C ALA A 28 -2.17 -0.62 5.96
N LYS A 29 -2.98 -0.79 4.92
CA LYS A 29 -4.18 -1.60 4.97
C LYS A 29 -4.26 -2.38 3.67
N VAL A 30 -4.06 -3.68 3.78
CA VAL A 30 -4.06 -4.57 2.65
C VAL A 30 -5.44 -5.15 2.37
N VAL A 31 -5.76 -5.24 1.08
CA VAL A 31 -7.06 -5.76 0.65
C VAL A 31 -6.92 -6.72 -0.52
N VAL A 32 -7.84 -7.68 -0.60
CA VAL A 32 -7.84 -8.65 -1.68
C VAL A 32 -9.13 -8.58 -2.47
N ASP A 33 -9.04 -8.04 -3.68
CA ASP A 33 -10.21 -7.91 -4.55
C ASP A 33 -10.65 -9.26 -5.08
N GLY A 34 -11.45 -9.97 -4.28
CA GLY A 34 -11.94 -11.28 -4.68
C GLY A 34 -12.08 -12.25 -3.53
N SER A 35 -11.15 -12.17 -2.58
CA SER A 35 -11.15 -13.05 -1.42
C SER A 35 -11.65 -12.32 -0.17
N GLY A 36 -11.54 -11.00 -0.18
CA GLY A 36 -11.97 -10.20 0.96
C GLY A 36 -10.93 -10.15 2.06
N GLN A 37 -9.88 -10.93 1.91
CA GLN A 37 -8.80 -10.98 2.89
C GLN A 37 -8.22 -9.58 3.14
N CYS A 38 -8.24 -9.14 4.39
CA CYS A 38 -7.73 -7.83 4.74
C CYS A 38 -6.60 -7.91 5.78
N HIS A 39 -5.72 -6.92 5.74
CA HIS A 39 -4.59 -6.85 6.66
C HIS A 39 -4.24 -5.40 6.95
N SER A 40 -3.38 -5.16 7.93
CA SER A 40 -2.99 -3.79 8.27
C SER A 40 -1.62 -3.73 8.95
N THR A 41 -0.83 -2.72 8.58
CA THR A 41 0.51 -2.55 9.15
C THR A 41 0.52 -1.38 10.12
N ASP A 42 1.41 -1.46 11.11
CA ASP A 42 1.54 -0.45 12.16
C ASP A 42 1.63 0.97 11.60
N THR A 43 1.40 1.95 12.48
CA THR A 43 1.44 3.35 12.12
C THR A 43 2.79 3.98 12.42
N VAL A 44 3.15 4.98 11.62
CA VAL A 44 4.42 5.67 11.78
C VAL A 44 4.22 7.15 12.11
N LYS A 45 4.52 7.53 13.35
CA LYS A 45 4.35 8.91 13.79
C LYS A 45 5.17 9.90 12.97
N ASN A 46 4.52 10.99 12.56
CA ASN A 46 5.13 12.07 11.77
C ASN A 46 6.43 11.67 11.09
N THR A 47 6.33 11.28 9.82
CA THR A 47 7.51 10.89 9.05
C THR A 47 7.26 11.05 7.56
N LEU A 48 8.33 11.28 6.81
CA LEU A 48 8.22 11.41 5.37
C LEU A 48 8.87 10.21 4.69
N ASP A 49 9.29 9.24 5.51
CA ASP A 49 9.92 8.02 5.04
C ASP A 49 9.78 6.93 6.09
N PRO A 50 8.58 6.33 6.21
CA PRO A 50 8.30 5.27 7.19
C PRO A 50 8.81 3.90 6.76
N LYS A 51 8.44 2.88 7.52
CA LYS A 51 8.83 1.52 7.23
C LYS A 51 8.00 0.55 8.07
N TRP A 52 7.71 -0.61 7.51
CA TRP A 52 6.91 -1.61 8.20
C TRP A 52 7.54 -2.99 8.12
N ASN A 53 8.29 -3.22 7.03
CA ASN A 53 8.96 -4.50 6.81
C ASN A 53 8.02 -5.67 7.06
N GLN A 54 6.74 -5.47 6.75
CA GLN A 54 5.73 -6.51 6.94
C GLN A 54 5.29 -7.05 5.59
N HIS A 55 5.04 -8.34 5.53
CA HIS A 55 4.61 -8.99 4.29
C HIS A 55 3.37 -9.82 4.49
N TYR A 56 2.46 -9.78 3.52
CA TYR A 56 1.25 -10.56 3.60
C TYR A 56 1.14 -11.50 2.39
N ASP A 57 0.73 -12.73 2.63
CA ASP A 57 0.61 -13.72 1.57
C ASP A 57 -0.85 -14.03 1.25
N LEU A 58 -1.39 -13.31 0.26
CA LEU A 58 -2.75 -13.50 -0.16
C LEU A 58 -2.84 -14.54 -1.28
N TYR A 59 -4.04 -14.75 -1.82
CA TYR A 59 -4.23 -15.71 -2.90
C TYR A 59 -4.71 -15.02 -4.17
N ILE A 60 -4.38 -15.61 -5.31
CA ILE A 60 -4.76 -15.05 -6.60
C ILE A 60 -5.39 -16.11 -7.49
N GLY A 61 -6.69 -15.96 -7.75
CA GLY A 61 -7.39 -16.90 -8.60
C GLY A 61 -7.08 -16.68 -10.07
N LYS A 62 -7.89 -17.27 -10.95
CA LYS A 62 -7.69 -17.12 -12.38
C LYS A 62 -7.43 -15.68 -12.80
N SER A 63 -8.32 -14.78 -12.40
CA SER A 63 -8.18 -13.38 -12.76
C SER A 63 -8.28 -12.48 -11.53
N ASP A 64 -7.60 -12.86 -10.46
CA ASP A 64 -7.62 -12.10 -9.22
C ASP A 64 -6.46 -11.11 -9.16
N SER A 65 -6.58 -10.12 -8.29
CA SER A 65 -5.56 -9.11 -8.12
C SER A 65 -5.51 -8.66 -6.66
N VAL A 66 -4.35 -8.18 -6.24
CA VAL A 66 -4.17 -7.74 -4.86
C VAL A 66 -3.75 -6.28 -4.81
N THR A 67 -4.30 -5.55 -3.85
CA THR A 67 -4.00 -4.13 -3.72
C THR A 67 -3.60 -3.75 -2.30
N ILE A 68 -2.32 -3.44 -2.11
CA ILE A 68 -1.84 -3.01 -0.81
C ILE A 68 -1.94 -1.48 -0.74
N SER A 69 -2.72 -0.97 0.20
CA SER A 69 -2.91 0.49 0.31
C SER A 69 -2.27 1.07 1.57
N VAL A 70 -2.11 2.39 1.57
CA VAL A 70 -1.52 3.11 2.70
C VAL A 70 -2.38 4.31 3.05
N TRP A 71 -2.76 4.41 4.32
CA TRP A 71 -3.58 5.51 4.79
C TRP A 71 -2.84 6.31 5.87
N ASN A 72 -3.18 7.59 6.01
CA ASN A 72 -2.55 8.43 7.02
C ASN A 72 -3.37 8.38 8.29
N HIS A 73 -2.96 7.54 9.23
CA HIS A 73 -3.66 7.36 10.51
C HIS A 73 -4.14 8.68 11.11
N LYS A 74 -3.27 9.68 11.13
CA LYS A 74 -3.63 10.97 11.68
C LYS A 74 -4.86 11.56 11.00
N LYS A 75 -4.86 11.58 9.67
CA LYS A 75 -5.97 12.14 8.93
C LYS A 75 -7.16 11.18 8.83
N ILE A 76 -6.93 9.86 8.89
CA ILE A 76 -8.05 8.93 8.83
C ILE A 76 -9.00 9.27 9.96
N HIS A 77 -8.41 9.77 11.05
CA HIS A 77 -9.19 10.21 12.18
C HIS A 77 -9.71 11.61 11.90
N LYS A 78 -8.95 12.36 11.09
CA LYS A 78 -9.33 13.71 10.68
C LYS A 78 -10.69 13.69 9.96
N LYS A 79 -11.13 12.49 9.59
CA LYS A 79 -12.41 12.32 8.89
C LYS A 79 -12.36 12.92 7.49
N GLN A 80 -13.46 12.81 6.76
CA GLN A 80 -13.54 13.34 5.40
C GLN A 80 -12.48 12.71 4.51
N GLY A 81 -12.20 13.34 3.37
CA GLY A 81 -11.20 12.82 2.46
C GLY A 81 -9.86 12.60 3.14
N ALA A 82 -9.62 13.37 4.20
CA ALA A 82 -8.37 13.27 4.95
C ALA A 82 -8.17 11.87 5.51
N GLY A 83 -7.03 11.25 5.20
CA GLY A 83 -6.76 9.91 5.70
C GLY A 83 -6.10 9.00 4.68
N PHE A 84 -5.88 9.49 3.46
CA PHE A 84 -5.27 8.69 2.43
C PHE A 84 -3.86 9.18 2.12
N LEU A 85 -2.99 8.25 1.72
CA LEU A 85 -1.60 8.58 1.38
C LEU A 85 -1.22 8.02 0.02
N GLY A 86 -1.38 6.71 -0.14
CA GLY A 86 -1.04 6.05 -1.39
C GLY A 86 -1.45 4.61 -1.40
N CYS A 87 -2.24 4.26 -2.40
CA CYS A 87 -2.68 2.91 -2.55
C CYS A 87 -1.92 2.29 -3.69
N VAL A 88 -1.27 1.17 -3.44
CA VAL A 88 -0.51 0.51 -4.48
C VAL A 88 -1.30 -0.70 -4.97
N ARG A 89 -1.48 -0.80 -6.28
CA ARG A 89 -2.27 -1.89 -6.84
C ARG A 89 -1.51 -2.69 -7.91
N LEU A 90 -1.50 -4.01 -7.73
CA LEU A 90 -0.87 -4.93 -8.67
C LEU A 90 -1.89 -5.98 -9.11
N LEU A 91 -2.02 -6.19 -10.42
CA LEU A 91 -2.96 -7.16 -10.94
C LEU A 91 -2.33 -8.55 -11.05
N SER A 92 -3.09 -9.51 -11.56
CA SER A 92 -2.61 -10.89 -11.69
C SER A 92 -1.32 -10.97 -12.50
N ASN A 93 -1.29 -10.29 -13.64
CA ASN A 93 -0.10 -10.32 -14.50
C ASN A 93 1.10 -9.68 -13.80
N ALA A 94 0.85 -8.59 -13.09
CA ALA A 94 1.91 -7.89 -12.38
C ALA A 94 2.39 -8.74 -11.22
N ILE A 95 1.48 -9.46 -10.58
CA ILE A 95 1.83 -10.29 -9.44
C ILE A 95 2.83 -11.37 -9.84
N ASN A 96 2.66 -11.95 -11.02
CA ASN A 96 3.58 -13.00 -11.49
C ASN A 96 4.97 -12.43 -11.81
N ARG A 97 5.01 -11.43 -12.68
CA ARG A 97 6.26 -10.81 -13.07
C ARG A 97 6.97 -10.22 -11.86
N LEU A 98 6.19 -9.61 -10.98
CA LEU A 98 6.74 -8.98 -9.79
C LEU A 98 7.14 -10.01 -8.73
N LYS A 99 6.33 -11.06 -8.57
CA LYS A 99 6.62 -12.08 -7.56
C LYS A 99 8.01 -12.67 -7.74
N ASP A 100 8.46 -12.78 -8.96
CA ASP A 100 9.79 -13.34 -9.17
C ASP A 100 10.87 -12.26 -9.19
N THR A 101 10.51 -11.05 -9.62
CA THR A 101 11.47 -9.94 -9.67
C THR A 101 12.03 -9.63 -8.30
N GLY A 102 11.14 -9.33 -7.35
CA GLY A 102 11.59 -9.02 -6.02
C GLY A 102 11.92 -7.55 -5.87
N TYR A 103 11.31 -6.92 -4.87
CA TYR A 103 11.53 -5.51 -4.60
C TYR A 103 11.11 -4.63 -5.76
N GLN A 104 9.88 -4.15 -5.67
CA GLN A 104 9.28 -3.29 -6.68
C GLN A 104 8.78 -2.01 -6.02
N ARG A 105 9.12 -0.89 -6.61
CA ARG A 105 8.73 0.41 -6.06
C ARG A 105 7.55 1.02 -6.83
N LEU A 106 6.41 1.15 -6.14
CA LEU A 106 5.22 1.72 -6.73
C LEU A 106 4.91 3.08 -6.09
N ASP A 107 4.71 4.11 -6.91
CA ASP A 107 4.42 5.43 -6.39
C ASP A 107 3.07 5.47 -5.66
N LEU A 108 3.04 6.24 -4.58
CA LEU A 108 1.85 6.40 -3.76
C LEU A 108 1.12 7.68 -4.15
N CYS A 109 0.05 7.52 -4.92
CA CYS A 109 -0.75 8.64 -5.37
C CYS A 109 -2.23 8.47 -5.01
N LYS A 110 -3.02 9.51 -5.25
CA LYS A 110 -4.44 9.48 -4.92
C LYS A 110 -5.18 8.41 -5.70
N LEU A 111 -6.39 8.10 -5.27
CA LEU A 111 -7.23 7.11 -5.94
C LEU A 111 -7.51 7.52 -7.37
N GLY A 112 -7.64 8.83 -7.58
CA GLY A 112 -7.92 9.35 -8.91
C GLY A 112 -8.06 10.85 -8.93
N PRO A 113 -8.07 11.47 -10.12
CA PRO A 113 -8.21 12.93 -10.25
C PRO A 113 -9.53 13.45 -9.71
N ASN A 114 -10.59 12.67 -9.90
CA ASN A 114 -11.92 13.05 -9.43
C ASN A 114 -12.03 12.90 -7.92
N ASP A 115 -10.95 12.48 -7.29
CA ASP A 115 -10.92 12.29 -5.84
C ASP A 115 -9.93 13.24 -5.19
N ASN A 116 -9.79 13.13 -3.87
CA ASN A 116 -8.87 13.98 -3.13
C ASN A 116 -7.43 13.78 -3.61
N ASP A 117 -6.88 14.80 -4.26
CA ASP A 117 -5.52 14.72 -4.79
C ASP A 117 -4.53 15.43 -3.88
N THR A 118 -4.23 14.81 -2.74
CA THR A 118 -3.29 15.35 -1.78
C THR A 118 -2.20 14.33 -1.50
N VAL A 119 -1.60 13.82 -2.56
CA VAL A 119 -0.55 12.83 -2.47
C VAL A 119 0.78 13.37 -2.98
N ARG A 120 1.81 12.52 -2.96
CA ARG A 120 3.14 12.90 -3.39
C ARG A 120 4.18 11.84 -3.01
N GLY A 121 3.71 10.71 -2.47
CA GLY A 121 4.66 9.71 -2.01
C GLY A 121 4.85 8.53 -2.94
N GLN A 122 5.66 7.60 -2.48
CA GLN A 122 5.96 6.36 -3.20
C GLN A 122 6.12 5.24 -2.17
N ILE A 123 6.38 4.02 -2.62
CA ILE A 123 6.54 2.92 -1.69
C ILE A 123 7.37 1.78 -2.29
N VAL A 124 8.32 1.29 -1.49
CA VAL A 124 9.17 0.20 -1.93
C VAL A 124 8.79 -1.09 -1.23
N VAL A 125 8.28 -2.02 -2.01
CA VAL A 125 7.87 -3.32 -1.51
C VAL A 125 8.63 -4.40 -2.26
N SER A 126 8.33 -5.66 -1.99
CA SER A 126 8.99 -6.75 -2.70
C SER A 126 8.00 -7.85 -2.96
N LEU A 127 8.02 -8.36 -4.17
CA LEU A 127 7.08 -9.37 -4.56
C LEU A 127 7.74 -10.73 -4.73
N GLN A 128 7.39 -11.69 -3.88
CA GLN A 128 7.87 -13.06 -4.01
C GLN A 128 6.77 -14.05 -3.59
N SER A 129 6.54 -15.06 -4.42
CA SER A 129 5.51 -16.05 -4.12
C SER A 129 5.95 -16.98 -3.00
N ARG A 130 5.03 -17.26 -2.08
CA ARG A 130 5.30 -18.14 -0.95
C ARG A 130 4.92 -19.58 -1.28
N ASP A 131 5.57 -20.53 -0.62
CA ASP A 131 5.30 -21.94 -0.84
C ASP A 131 4.24 -22.44 0.13
N GLY A 1 -4.93 -24.84 -8.07
CA GLY A 1 -5.70 -23.78 -7.45
C GLY A 1 -4.99 -22.44 -7.50
N PRO A 2 -5.36 -21.50 -6.63
CA PRO A 2 -4.75 -20.16 -6.59
C PRO A 2 -3.29 -20.22 -6.14
N VAL A 3 -2.55 -19.15 -6.42
CA VAL A 3 -1.14 -19.06 -6.07
C VAL A 3 -0.94 -18.21 -4.82
N LYS A 4 -0.04 -18.67 -3.94
CA LYS A 4 0.25 -17.94 -2.71
C LYS A 4 1.29 -16.86 -2.97
N LEU A 5 0.81 -15.62 -3.12
CA LEU A 5 1.70 -14.50 -3.39
C LEU A 5 1.89 -13.64 -2.13
N ARG A 6 3.14 -13.28 -1.86
CA ARG A 6 3.45 -12.46 -0.70
C ARG A 6 4.00 -11.09 -1.11
N LEU A 7 3.29 -10.04 -0.70
CA LEU A 7 3.72 -8.67 -0.98
C LEU A 7 4.33 -8.08 0.28
N THR A 8 5.61 -7.81 0.21
CA THR A 8 6.35 -7.28 1.35
C THR A 8 6.45 -5.77 1.34
N VAL A 9 5.74 -5.12 2.27
CA VAL A 9 5.78 -3.67 2.37
C VAL A 9 7.02 -3.26 3.17
N LEU A 10 8.11 -3.02 2.47
CA LEU A 10 9.38 -2.67 3.10
C LEU A 10 9.37 -1.26 3.68
N CYS A 11 9.14 -0.27 2.83
CA CYS A 11 9.11 1.12 3.29
C CYS A 11 8.42 2.02 2.29
N ALA A 12 8.21 3.28 2.68
CA ALA A 12 7.58 4.26 1.80
C ALA A 12 8.42 5.53 1.73
N LYS A 13 8.33 6.23 0.61
CA LYS A 13 9.09 7.45 0.41
C LYS A 13 8.18 8.66 0.25
N ASN A 14 8.77 9.83 0.48
CA ASN A 14 8.06 11.10 0.35
C ASN A 14 6.66 11.04 0.94
N LEU A 15 6.58 11.02 2.26
CA LEU A 15 5.29 11.01 2.95
C LEU A 15 4.69 12.41 2.93
N VAL A 16 3.58 12.59 2.24
CA VAL A 16 2.95 13.91 2.18
C VAL A 16 2.65 14.41 3.58
N LYS A 17 3.35 15.45 3.99
CA LYS A 17 3.16 16.03 5.31
C LYS A 17 1.74 16.57 5.45
N LYS A 18 1.01 16.58 4.34
CA LYS A 18 -0.36 17.06 4.30
C LYS A 18 -0.41 18.54 4.67
N ASP A 19 -0.31 18.84 5.96
CA ASP A 19 -0.32 20.21 6.43
C ASP A 19 1.09 20.66 6.76
N PHE A 20 1.40 21.93 6.49
CA PHE A 20 2.72 22.49 6.72
C PHE A 20 3.24 22.21 8.13
N PHE A 21 2.69 22.94 9.11
CA PHE A 21 3.11 22.79 10.50
C PHE A 21 2.65 21.47 11.11
N ARG A 22 2.22 20.53 10.27
CA ARG A 22 1.76 19.24 10.76
C ARG A 22 2.52 18.09 10.10
N LEU A 23 2.34 16.90 10.65
CA LEU A 23 3.00 15.69 10.15
C LEU A 23 2.00 14.55 10.03
N PRO A 24 2.20 13.64 9.07
CA PRO A 24 1.32 12.49 8.86
C PRO A 24 1.80 11.23 9.56
N ASP A 25 0.87 10.29 9.76
CA ASP A 25 1.18 9.03 10.40
C ASP A 25 0.82 7.85 9.48
N PRO A 26 1.70 7.50 8.54
CA PRO A 26 1.46 6.43 7.57
C PRO A 26 1.34 5.02 8.16
N PHE A 27 0.41 4.25 7.59
CA PHE A 27 0.17 2.86 7.97
C PHE A 27 -0.36 2.13 6.74
N ALA A 28 -0.50 0.81 6.80
CA ALA A 28 -0.98 0.09 5.61
C ALA A 28 -2.17 -0.82 5.88
N LYS A 29 -2.93 -1.09 4.81
CA LYS A 29 -4.09 -1.97 4.88
C LYS A 29 -4.13 -2.88 3.64
N VAL A 30 -4.09 -4.18 3.89
CA VAL A 30 -4.11 -5.16 2.82
C VAL A 30 -5.54 -5.57 2.46
N VAL A 31 -5.81 -5.67 1.17
CA VAL A 31 -7.13 -6.08 0.69
C VAL A 31 -7.01 -7.10 -0.44
N VAL A 32 -7.85 -8.12 -0.39
CA VAL A 32 -7.84 -9.16 -1.42
C VAL A 32 -9.05 -9.02 -2.33
N ASP A 33 -8.80 -8.63 -3.58
CA ASP A 33 -9.86 -8.45 -4.56
C ASP A 33 -10.34 -9.80 -5.08
N GLY A 34 -11.16 -10.48 -4.30
CA GLY A 34 -11.67 -11.77 -4.71
C GLY A 34 -11.95 -12.70 -3.53
N SER A 35 -11.51 -12.29 -2.34
CA SER A 35 -11.72 -13.08 -1.14
C SER A 35 -12.32 -12.25 -0.03
N GLY A 36 -11.61 -11.19 0.38
CA GLY A 36 -12.10 -10.33 1.43
C GLY A 36 -11.11 -10.20 2.57
N GLN A 37 -10.05 -11.01 2.53
CA GLN A 37 -9.02 -10.99 3.56
C GLN A 37 -8.45 -9.59 3.74
N CYS A 38 -8.55 -9.06 4.96
CA CYS A 38 -8.03 -7.73 5.26
C CYS A 38 -6.95 -7.78 6.32
N HIS A 39 -5.95 -6.92 6.15
CA HIS A 39 -4.82 -6.84 7.08
C HIS A 39 -4.36 -5.39 7.23
N SER A 40 -3.49 -5.11 8.18
CA SER A 40 -3.01 -3.74 8.38
C SER A 40 -1.65 -3.69 9.07
N THR A 41 -0.79 -2.79 8.60
CA THR A 41 0.53 -2.60 9.18
C THR A 41 0.50 -1.45 10.17
N ASP A 42 1.32 -1.57 11.21
CA ASP A 42 1.40 -0.57 12.28
C ASP A 42 1.56 0.84 11.71
N THR A 43 1.18 1.83 12.52
CA THR A 43 1.26 3.23 12.11
C THR A 43 2.57 3.87 12.54
N VAL A 44 3.05 4.79 11.71
CA VAL A 44 4.29 5.51 11.98
C VAL A 44 3.98 6.91 12.49
N LYS A 45 4.96 7.55 13.15
CA LYS A 45 4.75 8.89 13.70
C LYS A 45 5.61 9.95 13.02
N ASN A 46 4.94 11.03 12.62
CA ASN A 46 5.58 12.18 11.99
C ASN A 46 6.85 11.80 11.24
N THR A 47 6.69 11.22 10.06
CA THR A 47 7.83 10.82 9.25
C THR A 47 7.53 11.05 7.77
N LEU A 48 8.54 11.49 7.04
CA LEU A 48 8.38 11.71 5.61
C LEU A 48 8.99 10.54 4.85
N ASP A 49 9.29 9.49 5.60
CA ASP A 49 9.86 8.26 5.07
C ASP A 49 9.66 7.14 6.09
N PRO A 50 8.46 6.51 6.12
CA PRO A 50 8.15 5.45 7.08
C PRO A 50 8.71 4.10 6.68
N LYS A 51 8.40 3.09 7.50
CA LYS A 51 8.84 1.73 7.27
C LYS A 51 7.98 0.75 8.05
N TRP A 52 7.75 -0.43 7.48
CA TRP A 52 6.94 -1.45 8.13
C TRP A 52 7.61 -2.81 8.04
N ASN A 53 8.33 -3.05 6.95
CA ASN A 53 9.04 -4.32 6.74
C ASN A 53 8.14 -5.51 7.07
N GLN A 54 6.86 -5.41 6.68
CA GLN A 54 5.90 -6.48 6.91
C GLN A 54 5.32 -6.97 5.60
N HIS A 55 5.13 -8.28 5.49
CA HIS A 55 4.60 -8.89 4.28
C HIS A 55 3.36 -9.72 4.59
N TYR A 56 2.41 -9.72 3.67
CA TYR A 56 1.20 -10.50 3.85
C TYR A 56 1.01 -11.47 2.70
N ASP A 57 0.61 -12.70 3.04
CA ASP A 57 0.42 -13.74 2.03
C ASP A 57 -1.04 -13.85 1.63
N LEU A 58 -1.30 -13.59 0.35
CA LEU A 58 -2.64 -13.65 -0.18
C LEU A 58 -2.66 -14.48 -1.47
N TYR A 59 -3.68 -15.33 -1.60
CA TYR A 59 -3.80 -16.21 -2.76
C TYR A 59 -4.36 -15.47 -3.97
N ILE A 60 -4.03 -15.97 -5.16
CA ILE A 60 -4.49 -15.37 -6.41
C ILE A 60 -5.19 -16.41 -7.28
N GLY A 61 -6.50 -16.25 -7.44
CA GLY A 61 -7.26 -17.17 -8.26
C GLY A 61 -7.02 -16.92 -9.74
N LYS A 62 -7.89 -17.48 -10.59
CA LYS A 62 -7.75 -17.31 -12.03
C LYS A 62 -7.51 -15.85 -12.41
N SER A 63 -8.55 -15.02 -12.26
CA SER A 63 -8.45 -13.61 -12.59
C SER A 63 -8.48 -12.77 -11.31
N ASP A 64 -7.58 -13.06 -10.39
CA ASP A 64 -7.52 -12.34 -9.12
C ASP A 64 -6.39 -11.31 -9.11
N SER A 65 -6.50 -10.37 -8.18
CA SER A 65 -5.51 -9.30 -8.04
C SER A 65 -5.44 -8.87 -6.58
N VAL A 66 -4.27 -8.39 -6.17
CA VAL A 66 -4.09 -7.95 -4.79
C VAL A 66 -3.71 -6.48 -4.72
N THR A 67 -4.26 -5.77 -3.75
CA THR A 67 -4.01 -4.35 -3.61
C THR A 67 -3.61 -3.95 -2.19
N ILE A 68 -2.37 -3.48 -2.03
CA ILE A 68 -1.91 -3.01 -0.73
C ILE A 68 -2.09 -1.49 -0.68
N SER A 69 -2.81 -1.01 0.32
CA SER A 69 -3.08 0.42 0.44
C SER A 69 -2.38 1.06 1.64
N VAL A 70 -2.17 2.37 1.55
CA VAL A 70 -1.55 3.12 2.63
C VAL A 70 -2.35 4.39 2.93
N TRP A 71 -2.72 4.58 4.19
CA TRP A 71 -3.50 5.75 4.58
C TRP A 71 -2.79 6.53 5.69
N ASN A 72 -3.13 7.81 5.79
CA ASN A 72 -2.55 8.67 6.82
C ASN A 72 -3.43 8.68 8.07
N HIS A 73 -3.05 7.85 9.04
CA HIS A 73 -3.80 7.69 10.29
C HIS A 73 -4.28 9.02 10.87
N LYS A 74 -3.46 10.06 10.78
CA LYS A 74 -3.82 11.36 11.32
C LYS A 74 -5.13 11.87 10.72
N LYS A 75 -5.20 11.96 9.40
CA LYS A 75 -6.39 12.46 8.74
C LYS A 75 -7.50 11.42 8.66
N ILE A 76 -7.17 10.12 8.68
CA ILE A 76 -8.24 9.13 8.64
C ILE A 76 -9.11 9.37 9.85
N HIS A 77 -8.48 9.91 10.90
CA HIS A 77 -9.19 10.28 12.10
C HIS A 77 -9.92 11.59 11.82
N LYS A 78 -9.32 12.41 10.95
CA LYS A 78 -9.91 13.67 10.52
C LYS A 78 -11.28 13.45 9.89
N LYS A 79 -11.65 12.17 9.73
CA LYS A 79 -12.94 11.79 9.14
C LYS A 79 -12.97 12.05 7.65
N GLN A 80 -14.00 11.52 6.98
CA GLN A 80 -14.15 11.68 5.54
C GLN A 80 -12.98 11.06 4.79
N GLY A 81 -12.83 11.40 3.51
CA GLY A 81 -11.73 10.87 2.72
C GLY A 81 -10.37 11.38 3.18
N ALA A 82 -10.38 12.24 4.20
CA ALA A 82 -9.15 12.81 4.74
C ALA A 82 -8.19 11.72 5.20
N GLY A 83 -6.99 11.71 4.63
CA GLY A 83 -5.99 10.74 5.05
C GLY A 83 -5.70 9.66 4.03
N PHE A 84 -5.59 10.03 2.77
CA PHE A 84 -5.26 9.07 1.73
C PHE A 84 -3.83 9.32 1.25
N LEU A 85 -2.93 8.47 1.69
CA LEU A 85 -1.52 8.58 1.34
C LEU A 85 -1.24 8.03 -0.05
N GLY A 86 -1.43 6.73 -0.21
CA GLY A 86 -1.18 6.08 -1.48
C GLY A 86 -1.59 4.65 -1.48
N CYS A 87 -2.43 4.29 -2.42
CA CYS A 87 -2.89 2.94 -2.55
C CYS A 87 -2.15 2.30 -3.70
N VAL A 88 -1.48 1.20 -3.44
CA VAL A 88 -0.73 0.52 -4.48
C VAL A 88 -1.50 -0.72 -4.95
N ARG A 89 -1.66 -0.86 -6.25
CA ARG A 89 -2.42 -1.98 -6.79
C ARG A 89 -1.65 -2.78 -7.84
N LEU A 90 -1.63 -4.10 -7.65
CA LEU A 90 -0.97 -5.02 -8.57
C LEU A 90 -1.96 -6.08 -9.04
N LEU A 91 -2.10 -6.25 -10.34
CA LEU A 91 -3.03 -7.24 -10.89
C LEU A 91 -2.37 -8.61 -11.05
N SER A 92 -3.11 -9.55 -11.61
CA SER A 92 -2.60 -10.92 -11.79
C SER A 92 -1.33 -10.94 -12.63
N ASN A 93 -1.32 -10.23 -13.76
CA ASN A 93 -0.16 -10.19 -14.64
C ASN A 93 1.03 -9.58 -13.92
N ALA A 94 0.80 -8.44 -13.27
CA ALA A 94 1.86 -7.76 -12.54
C ALA A 94 2.36 -8.65 -11.41
N ILE A 95 1.46 -9.36 -10.77
CA ILE A 95 1.82 -10.23 -9.66
C ILE A 95 2.82 -11.29 -10.10
N ASN A 96 2.68 -11.80 -11.32
CA ASN A 96 3.59 -12.83 -11.83
C ASN A 96 4.99 -12.26 -12.08
N ARG A 97 5.07 -11.21 -12.89
CA ARG A 97 6.36 -10.60 -13.21
C ARG A 97 7.02 -10.06 -11.95
N LEU A 98 6.22 -9.45 -11.09
CA LEU A 98 6.71 -8.88 -9.85
C LEU A 98 7.07 -9.96 -8.83
N LYS A 99 6.21 -10.97 -8.68
CA LYS A 99 6.45 -12.02 -7.69
C LYS A 99 7.82 -12.65 -7.89
N ASP A 100 8.34 -12.62 -9.11
CA ASP A 100 9.66 -13.18 -9.32
C ASP A 100 10.74 -12.11 -9.13
N THR A 101 10.44 -10.86 -9.46
CA THR A 101 11.43 -9.79 -9.27
C THR A 101 11.93 -9.78 -7.82
N GLY A 102 11.05 -9.44 -6.89
CA GLY A 102 11.42 -9.44 -5.49
C GLY A 102 11.70 -8.05 -4.94
N TYR A 103 11.30 -7.01 -5.68
CA TYR A 103 11.51 -5.61 -5.25
C TYR A 103 10.92 -4.63 -6.25
N GLN A 104 9.75 -4.10 -5.94
CA GLN A 104 9.08 -3.14 -6.81
C GLN A 104 8.68 -1.89 -6.04
N ARG A 105 9.10 -0.73 -6.55
CA ARG A 105 8.78 0.55 -5.92
C ARG A 105 7.63 1.23 -6.64
N LEU A 106 6.44 1.17 -6.04
CA LEU A 106 5.26 1.79 -6.62
C LEU A 106 5.02 3.18 -6.02
N ASP A 107 5.03 4.21 -6.85
CA ASP A 107 4.81 5.57 -6.38
C ASP A 107 3.39 5.72 -5.84
N LEU A 108 3.30 6.14 -4.59
CA LEU A 108 2.02 6.35 -3.93
C LEU A 108 1.40 7.67 -4.33
N CYS A 109 0.19 7.62 -4.88
CA CYS A 109 -0.51 8.82 -5.31
C CYS A 109 -2.02 8.58 -5.34
N LYS A 110 -2.78 9.62 -5.61
CA LYS A 110 -4.22 9.55 -5.65
C LYS A 110 -4.68 8.47 -6.64
N LEU A 111 -5.89 7.98 -6.41
CA LEU A 111 -6.48 6.94 -7.23
C LEU A 111 -6.78 7.44 -8.64
N GLY A 112 -7.03 8.73 -8.77
CA GLY A 112 -7.35 9.29 -10.07
C GLY A 112 -6.61 10.58 -10.36
N PRO A 113 -6.63 11.03 -11.63
CA PRO A 113 -5.95 12.25 -12.05
C PRO A 113 -6.74 13.51 -11.72
N ASN A 114 -8.01 13.51 -12.10
CA ASN A 114 -8.89 14.65 -11.84
C ASN A 114 -9.46 14.59 -10.42
N ASP A 115 -8.80 13.80 -9.57
CA ASP A 115 -9.23 13.66 -8.18
C ASP A 115 -8.04 13.80 -7.23
N ASN A 116 -7.16 14.74 -7.54
CA ASN A 116 -5.99 15.00 -6.70
C ASN A 116 -6.40 15.35 -5.28
N ASP A 117 -6.37 14.35 -4.39
CA ASP A 117 -6.77 14.56 -3.00
C ASP A 117 -5.57 14.56 -2.06
N THR A 118 -4.75 15.60 -2.17
CA THR A 118 -3.58 15.75 -1.32
C THR A 118 -2.76 14.48 -1.32
N VAL A 119 -1.97 14.30 -2.36
CA VAL A 119 -1.15 13.12 -2.46
C VAL A 119 0.26 13.46 -2.90
N ARG A 120 1.16 12.54 -2.59
CA ARG A 120 2.58 12.70 -2.89
C ARG A 120 3.40 11.69 -2.09
N GLY A 121 3.84 10.62 -2.74
CA GLY A 121 4.63 9.62 -2.05
C GLY A 121 5.00 8.45 -2.92
N GLN A 122 5.78 7.53 -2.36
CA GLN A 122 6.20 6.32 -3.05
C GLN A 122 6.27 5.18 -2.06
N ILE A 123 6.55 3.97 -2.53
CA ILE A 123 6.62 2.83 -1.63
C ILE A 123 7.41 1.68 -2.25
N VAL A 124 8.43 1.21 -1.52
CA VAL A 124 9.25 0.11 -1.99
C VAL A 124 8.81 -1.20 -1.34
N VAL A 125 8.35 -2.12 -2.17
CA VAL A 125 7.90 -3.42 -1.70
C VAL A 125 8.69 -4.52 -2.38
N SER A 126 8.35 -5.77 -2.09
CA SER A 126 9.05 -6.89 -2.71
C SER A 126 8.05 -7.99 -2.98
N LEU A 127 8.02 -8.42 -4.22
CA LEU A 127 7.07 -9.43 -4.62
C LEU A 127 7.71 -10.80 -4.82
N GLN A 128 7.36 -11.75 -3.96
CA GLN A 128 7.83 -13.12 -4.13
C GLN A 128 6.74 -14.11 -3.69
N SER A 129 6.48 -15.10 -4.54
CA SER A 129 5.46 -16.09 -4.23
C SER A 129 5.95 -17.07 -3.16
N ARG A 130 5.16 -17.19 -2.08
CA ARG A 130 5.50 -18.08 -0.99
C ARG A 130 5.09 -19.52 -1.29
N ASP A 131 5.91 -20.46 -0.85
CA ASP A 131 5.63 -21.88 -1.08
C ASP A 131 4.95 -22.50 0.15
N GLY A 1 -5.05 -25.01 -8.06
CA GLY A 1 -5.57 -24.08 -7.08
C GLY A 1 -4.95 -22.71 -7.18
N PRO A 2 -5.29 -21.80 -6.25
CA PRO A 2 -4.76 -20.44 -6.23
C PRO A 2 -3.28 -20.38 -5.90
N VAL A 3 -2.71 -19.22 -6.15
CA VAL A 3 -1.30 -18.97 -5.90
C VAL A 3 -1.12 -18.10 -4.66
N LYS A 4 -0.19 -18.49 -3.80
CA LYS A 4 0.08 -17.73 -2.59
C LYS A 4 1.24 -16.78 -2.81
N LEU A 5 0.92 -15.51 -3.01
CA LEU A 5 1.93 -14.49 -3.25
C LEU A 5 2.01 -13.54 -2.06
N ARG A 6 3.23 -13.28 -1.59
CA ARG A 6 3.40 -12.37 -0.46
C ARG A 6 3.96 -11.02 -0.92
N LEU A 7 3.24 -9.97 -0.55
CA LEU A 7 3.66 -8.62 -0.87
C LEU A 7 4.32 -8.00 0.35
N THR A 8 5.63 -7.81 0.27
CA THR A 8 6.40 -7.26 1.37
C THR A 8 6.49 -5.74 1.31
N VAL A 9 5.80 -5.08 2.22
CA VAL A 9 5.83 -3.62 2.30
C VAL A 9 7.07 -3.18 3.07
N LEU A 10 8.15 -2.96 2.34
CA LEU A 10 9.43 -2.58 2.95
C LEU A 10 9.37 -1.21 3.60
N CYS A 11 9.08 -0.19 2.80
CA CYS A 11 9.00 1.18 3.31
C CYS A 11 8.30 2.08 2.32
N ALA A 12 8.04 3.32 2.73
CA ALA A 12 7.40 4.30 1.87
C ALA A 12 8.22 5.58 1.81
N LYS A 13 8.08 6.35 0.75
CA LYS A 13 8.85 7.58 0.60
C LYS A 13 7.96 8.78 0.30
N ASN A 14 8.53 9.96 0.50
CA ASN A 14 7.85 11.22 0.25
C ASN A 14 6.40 11.20 0.73
N LEU A 15 6.17 10.98 2.01
CA LEU A 15 4.83 10.95 2.55
C LEU A 15 4.30 12.37 2.65
N VAL A 16 3.14 12.61 2.03
CA VAL A 16 2.58 13.95 2.06
C VAL A 16 2.44 14.41 3.51
N LYS A 17 3.23 15.41 3.88
CA LYS A 17 3.19 15.95 5.23
C LYS A 17 1.90 16.73 5.44
N LYS A 18 1.03 16.67 4.43
CA LYS A 18 -0.27 17.35 4.47
C LYS A 18 -0.11 18.80 4.86
N ASP A 19 -0.07 19.06 6.17
CA ASP A 19 0.11 20.40 6.68
C ASP A 19 1.55 20.59 7.10
N PHE A 20 2.21 21.63 6.57
CA PHE A 20 3.60 21.90 6.89
C PHE A 20 3.88 21.75 8.38
N PHE A 21 3.32 22.65 9.18
CA PHE A 21 3.51 22.62 10.63
C PHE A 21 3.14 21.26 11.21
N ARG A 22 2.40 20.47 10.44
CA ARG A 22 1.98 19.14 10.87
C ARG A 22 2.75 18.04 10.14
N LEU A 23 2.58 16.80 10.60
CA LEU A 23 3.23 15.64 10.01
C LEU A 23 2.28 14.45 9.97
N PRO A 24 2.43 13.54 8.98
CA PRO A 24 1.57 12.38 8.82
C PRO A 24 2.10 11.12 9.51
N ASP A 25 1.17 10.26 9.93
CA ASP A 25 1.51 8.99 10.56
C ASP A 25 1.07 7.83 9.66
N PRO A 26 1.84 7.56 8.59
CA PRO A 26 1.53 6.50 7.61
C PRO A 26 1.45 5.08 8.19
N PHE A 27 0.53 4.30 7.62
CA PHE A 27 0.32 2.90 7.99
C PHE A 27 -0.21 2.19 6.76
N ALA A 28 -0.39 0.87 6.81
CA ALA A 28 -0.86 0.17 5.61
C ALA A 28 -2.05 -0.75 5.86
N LYS A 29 -2.78 -1.00 4.78
CA LYS A 29 -3.94 -1.88 4.81
C LYS A 29 -3.90 -2.82 3.60
N VAL A 30 -4.46 -4.01 3.76
CA VAL A 30 -4.47 -5.00 2.68
C VAL A 30 -5.90 -5.36 2.31
N VAL A 31 -6.17 -5.44 1.02
CA VAL A 31 -7.50 -5.80 0.55
C VAL A 31 -7.42 -6.78 -0.61
N VAL A 32 -8.27 -7.80 -0.56
CA VAL A 32 -8.30 -8.81 -1.62
C VAL A 32 -9.49 -8.55 -2.55
N ASP A 33 -9.19 -8.06 -3.75
CA ASP A 33 -10.24 -7.76 -4.73
C ASP A 33 -10.95 -9.05 -5.15
N GLY A 34 -11.97 -9.42 -4.38
CA GLY A 34 -12.73 -10.62 -4.68
C GLY A 34 -13.12 -11.37 -3.42
N SER A 35 -12.39 -11.11 -2.34
CA SER A 35 -12.66 -11.74 -1.05
C SER A 35 -12.75 -10.70 0.06
N GLY A 36 -13.02 -11.17 1.28
CA GLY A 36 -13.14 -10.26 2.41
C GLY A 36 -11.94 -10.36 3.34
N GLN A 37 -10.76 -10.57 2.76
CA GLN A 37 -9.53 -10.68 3.54
C GLN A 37 -8.85 -9.32 3.68
N CYS A 38 -8.78 -8.82 4.90
CA CYS A 38 -8.16 -7.52 5.17
C CYS A 38 -7.01 -7.65 6.17
N HIS A 39 -6.04 -6.76 6.06
CA HIS A 39 -4.88 -6.73 6.95
C HIS A 39 -4.38 -5.31 7.14
N SER A 40 -3.47 -5.08 8.09
CA SER A 40 -2.97 -3.73 8.32
C SER A 40 -1.59 -3.72 8.99
N THR A 41 -0.76 -2.75 8.59
CA THR A 41 0.57 -2.59 9.16
C THR A 41 0.57 -1.44 10.16
N ASP A 42 1.41 -1.58 11.19
CA ASP A 42 1.50 -0.59 12.26
C ASP A 42 1.67 0.83 11.70
N THR A 43 1.38 1.81 12.55
CA THR A 43 1.47 3.21 12.16
C THR A 43 2.81 3.83 12.53
N VAL A 44 3.30 4.69 11.65
CA VAL A 44 4.56 5.39 11.85
C VAL A 44 4.30 6.79 12.38
N LYS A 45 5.21 7.32 13.18
CA LYS A 45 5.03 8.64 13.76
C LYS A 45 5.73 9.75 12.98
N ASN A 46 4.99 10.85 12.76
CA ASN A 46 5.48 12.03 12.05
C ASN A 46 6.74 11.78 11.21
N THR A 47 6.55 11.29 9.99
CA THR A 47 7.67 11.03 9.11
C THR A 47 7.27 11.15 7.65
N LEU A 48 8.25 11.47 6.80
CA LEU A 48 8.02 11.60 5.37
C LEU A 48 8.64 10.41 4.64
N ASP A 49 9.08 9.42 5.42
CA ASP A 49 9.69 8.20 4.90
C ASP A 49 9.63 7.10 5.95
N PRO A 50 8.47 6.44 6.09
CA PRO A 50 8.25 5.37 7.07
C PRO A 50 8.69 4.00 6.58
N LYS A 51 8.45 3.01 7.43
CA LYS A 51 8.77 1.63 7.10
C LYS A 51 7.83 0.70 7.85
N TRP A 52 7.71 -0.53 7.37
CA TRP A 52 6.84 -1.51 8.01
C TRP A 52 7.45 -2.91 7.94
N ASN A 53 8.25 -3.15 6.91
CA ASN A 53 8.89 -4.46 6.71
C ASN A 53 7.91 -5.60 7.01
N GLN A 54 6.66 -5.42 6.60
CA GLN A 54 5.63 -6.44 6.80
C GLN A 54 5.09 -6.93 5.46
N HIS A 55 4.85 -8.23 5.36
CA HIS A 55 4.36 -8.83 4.13
C HIS A 55 3.09 -9.63 4.40
N TYR A 56 2.16 -9.61 3.45
CA TYR A 56 0.93 -10.36 3.60
C TYR A 56 0.74 -11.34 2.45
N ASP A 57 0.30 -12.55 2.78
CA ASP A 57 0.09 -13.60 1.79
C ASP A 57 -1.37 -13.67 1.35
N LEU A 58 -1.60 -13.49 0.06
CA LEU A 58 -2.94 -13.53 -0.49
C LEU A 58 -3.00 -14.40 -1.74
N TYR A 59 -4.10 -15.14 -1.87
CA TYR A 59 -4.29 -16.06 -3.00
C TYR A 59 -4.73 -15.35 -4.27
N ILE A 60 -4.28 -15.88 -5.41
CA ILE A 60 -4.62 -15.36 -6.71
C ILE A 60 -5.23 -16.45 -7.56
N GLY A 61 -6.51 -16.34 -7.87
CA GLY A 61 -7.14 -17.37 -8.67
C GLY A 61 -7.67 -16.83 -9.99
N LYS A 62 -7.50 -17.62 -11.04
CA LYS A 62 -7.94 -17.25 -12.37
C LYS A 62 -7.41 -15.87 -12.77
N SER A 63 -8.15 -14.82 -12.39
CA SER A 63 -7.75 -13.46 -12.70
C SER A 63 -7.89 -12.57 -11.48
N ASP A 64 -7.36 -13.03 -10.35
CA ASP A 64 -7.42 -12.28 -9.10
C ASP A 64 -6.36 -11.20 -9.07
N SER A 65 -6.56 -10.22 -8.20
CA SER A 65 -5.64 -9.12 -8.05
C SER A 65 -5.64 -8.63 -6.61
N VAL A 66 -4.48 -8.17 -6.15
CA VAL A 66 -4.36 -7.68 -4.78
C VAL A 66 -3.97 -6.21 -4.76
N THR A 67 -4.54 -5.48 -3.81
CA THR A 67 -4.26 -4.05 -3.69
C THR A 67 -3.87 -3.68 -2.26
N ILE A 68 -2.64 -3.22 -2.10
CA ILE A 68 -2.15 -2.78 -0.80
C ILE A 68 -2.23 -1.26 -0.74
N SER A 69 -2.97 -0.73 0.22
CA SER A 69 -3.15 0.72 0.32
C SER A 69 -2.46 1.29 1.57
N VAL A 70 -2.15 2.57 1.50
CA VAL A 70 -1.50 3.27 2.61
C VAL A 70 -2.33 4.49 3.00
N TRP A 71 -2.69 4.57 4.28
CA TRP A 71 -3.49 5.68 4.78
C TRP A 71 -2.76 6.41 5.89
N ASN A 72 -3.03 7.71 6.03
CA ASN A 72 -2.42 8.50 7.09
C ASN A 72 -3.26 8.45 8.35
N HIS A 73 -2.91 7.57 9.28
CA HIS A 73 -3.66 7.38 10.52
C HIS A 73 -4.10 8.71 11.13
N LYS A 74 -3.22 9.69 11.12
CA LYS A 74 -3.55 11.00 11.68
C LYS A 74 -4.78 11.60 10.98
N LYS A 75 -4.75 11.60 9.66
CA LYS A 75 -5.86 12.17 8.90
C LYS A 75 -7.05 11.21 8.80
N ILE A 76 -6.83 9.90 8.85
CA ILE A 76 -7.95 8.97 8.77
C ILE A 76 -8.90 9.30 9.91
N HIS A 77 -8.33 9.82 10.99
CA HIS A 77 -9.09 10.27 12.14
C HIS A 77 -9.62 11.67 11.84
N LYS A 78 -8.84 12.42 11.06
CA LYS A 78 -9.21 13.77 10.66
C LYS A 78 -10.59 13.77 9.98
N LYS A 79 -10.86 12.67 9.26
CA LYS A 79 -12.14 12.51 8.56
C LYS A 79 -12.31 13.55 7.46
N GLN A 80 -13.32 13.34 6.61
CA GLN A 80 -13.61 14.26 5.51
C GLN A 80 -12.51 14.24 4.46
N GLY A 81 -12.35 13.10 3.78
CA GLY A 81 -11.34 12.97 2.75
C GLY A 81 -9.96 12.72 3.31
N ALA A 82 -9.58 13.49 4.33
CA ALA A 82 -8.28 13.35 4.96
C ALA A 82 -8.07 11.93 5.48
N GLY A 83 -6.93 11.32 5.13
CA GLY A 83 -6.64 9.98 5.59
C GLY A 83 -5.96 9.12 4.55
N PHE A 84 -5.92 9.58 3.31
CA PHE A 84 -5.29 8.81 2.24
C PHE A 84 -3.85 9.26 2.02
N LEU A 85 -3.00 8.30 1.63
CA LEU A 85 -1.59 8.58 1.38
C LEU A 85 -1.16 8.06 0.00
N GLY A 86 -1.44 6.79 -0.25
CA GLY A 86 -1.08 6.15 -1.51
C GLY A 86 -1.50 4.72 -1.56
N CYS A 87 -2.31 4.40 -2.55
CA CYS A 87 -2.78 3.06 -2.72
C CYS A 87 -2.00 2.41 -3.86
N VAL A 88 -1.40 1.28 -3.57
CA VAL A 88 -0.63 0.58 -4.58
C VAL A 88 -1.45 -0.61 -5.07
N ARG A 89 -1.45 -0.86 -6.38
CA ARG A 89 -2.24 -1.97 -6.91
C ARG A 89 -1.48 -2.81 -7.93
N LEU A 90 -1.48 -4.14 -7.69
CA LEU A 90 -0.83 -5.09 -8.59
C LEU A 90 -1.85 -6.17 -9.00
N LEU A 91 -1.92 -6.44 -10.31
CA LEU A 91 -2.86 -7.44 -10.83
C LEU A 91 -2.22 -8.82 -10.93
N SER A 92 -2.90 -9.73 -11.62
CA SER A 92 -2.38 -11.11 -11.78
C SER A 92 -1.09 -11.14 -12.59
N ASN A 93 -1.06 -10.42 -13.71
CA ASN A 93 0.12 -10.38 -14.56
C ASN A 93 1.30 -9.76 -13.81
N ALA A 94 1.04 -8.63 -13.16
CA ALA A 94 2.07 -7.96 -12.41
C ALA A 94 2.54 -8.82 -11.25
N ILE A 95 1.62 -9.48 -10.58
CA ILE A 95 1.97 -10.31 -9.43
C ILE A 95 2.94 -11.40 -9.83
N ASN A 96 2.80 -11.97 -11.03
CA ASN A 96 3.70 -13.03 -11.48
C ASN A 96 5.12 -12.49 -11.77
N ARG A 97 5.20 -11.50 -12.65
CA ARG A 97 6.49 -10.92 -13.01
C ARG A 97 7.17 -10.32 -11.79
N LEU A 98 6.37 -9.68 -10.95
CA LEU A 98 6.88 -9.03 -9.75
C LEU A 98 7.21 -10.06 -8.66
N LYS A 99 6.42 -11.13 -8.56
CA LYS A 99 6.67 -12.15 -7.54
C LYS A 99 8.07 -12.71 -7.67
N ASP A 100 8.60 -12.76 -8.88
CA ASP A 100 9.94 -13.27 -9.04
C ASP A 100 10.98 -12.16 -8.88
N THR A 101 10.64 -10.93 -9.28
CA THR A 101 11.57 -9.82 -9.15
C THR A 101 12.02 -9.69 -7.68
N GLY A 102 11.10 -9.30 -6.80
CA GLY A 102 11.43 -9.20 -5.40
C GLY A 102 11.72 -7.79 -4.91
N TYR A 103 11.23 -6.77 -5.62
CA TYR A 103 11.45 -5.37 -5.22
C TYR A 103 10.82 -4.39 -6.20
N GLN A 104 9.56 -4.06 -5.95
CA GLN A 104 8.81 -3.15 -6.79
C GLN A 104 8.63 -1.81 -6.11
N ARG A 105 9.03 -0.75 -6.79
CA ARG A 105 8.90 0.60 -6.27
C ARG A 105 7.75 1.32 -6.96
N LEU A 106 6.59 1.34 -6.31
CA LEU A 106 5.41 2.00 -6.87
C LEU A 106 5.18 3.35 -6.19
N ASP A 107 4.79 4.33 -6.99
CA ASP A 107 4.53 5.66 -6.48
C ASP A 107 3.17 5.72 -5.79
N LEU A 108 3.19 6.15 -4.53
CA LEU A 108 1.96 6.27 -3.75
C LEU A 108 1.24 7.55 -4.11
N CYS A 109 0.21 7.43 -4.93
CA CYS A 109 -0.54 8.60 -5.37
C CYS A 109 -2.03 8.40 -5.23
N LYS A 110 -2.77 9.49 -5.46
CA LYS A 110 -4.22 9.49 -5.37
C LYS A 110 -4.86 8.46 -6.29
N LEU A 111 -6.11 8.14 -6.00
CA LEU A 111 -6.87 7.16 -6.79
C LEU A 111 -6.98 7.60 -8.25
N GLY A 112 -7.09 8.91 -8.47
CA GLY A 112 -7.24 9.43 -9.82
C GLY A 112 -5.91 9.68 -10.51
N PRO A 113 -5.94 10.11 -11.79
CA PRO A 113 -4.73 10.39 -12.55
C PRO A 113 -4.21 11.82 -12.35
N ASN A 114 -5.08 12.79 -12.59
CA ASN A 114 -4.69 14.19 -12.44
C ASN A 114 -5.67 14.93 -11.52
N ASP A 115 -6.45 14.18 -10.75
CA ASP A 115 -7.42 14.75 -9.84
C ASP A 115 -6.72 15.60 -8.77
N ASN A 116 -7.28 16.76 -8.48
CA ASN A 116 -6.73 17.66 -7.47
C ASN A 116 -6.74 17.01 -6.10
N ASP A 117 -5.65 16.34 -5.75
CA ASP A 117 -5.54 15.67 -4.46
C ASP A 117 -4.36 16.20 -3.65
N THR A 118 -4.07 15.51 -2.56
CA THR A 118 -2.97 15.88 -1.68
C THR A 118 -2.01 14.72 -1.55
N VAL A 119 -1.57 14.22 -2.68
CA VAL A 119 -0.67 13.08 -2.71
C VAL A 119 0.73 13.49 -3.14
N ARG A 120 1.69 12.58 -2.97
CA ARG A 120 3.08 12.86 -3.29
C ARG A 120 4.04 11.74 -2.84
N GLY A 121 3.49 10.64 -2.33
CA GLY A 121 4.35 9.59 -1.81
C GLY A 121 4.74 8.51 -2.80
N GLN A 122 5.58 7.59 -2.30
CA GLN A 122 6.08 6.45 -3.05
C GLN A 122 6.20 5.27 -2.08
N ILE A 123 6.55 4.10 -2.59
CA ILE A 123 6.67 2.93 -1.71
C ILE A 123 7.51 1.82 -2.34
N VAL A 124 8.35 1.21 -1.53
CA VAL A 124 9.19 0.10 -1.97
C VAL A 124 8.73 -1.19 -1.33
N VAL A 125 8.28 -2.10 -2.16
CA VAL A 125 7.82 -3.39 -1.71
C VAL A 125 8.61 -4.49 -2.39
N SER A 126 8.32 -5.74 -2.06
CA SER A 126 9.00 -6.86 -2.68
C SER A 126 8.02 -7.97 -2.91
N LEU A 127 7.95 -8.40 -4.14
CA LEU A 127 7.00 -9.45 -4.51
C LEU A 127 7.69 -10.79 -4.68
N GLN A 128 7.33 -11.75 -3.82
CA GLN A 128 7.86 -13.11 -3.95
C GLN A 128 6.80 -14.14 -3.58
N SER A 129 6.60 -15.12 -4.44
CA SER A 129 5.62 -16.17 -4.20
C SER A 129 5.94 -16.93 -2.91
N ARG A 130 4.98 -16.95 -2.00
CA ARG A 130 5.15 -17.64 -0.72
C ARG A 130 4.60 -19.06 -0.78
N ASP A 131 5.04 -19.90 0.15
CA ASP A 131 4.60 -21.28 0.21
C ASP A 131 4.79 -21.85 1.61
N GLY A 1 -4.96 -24.56 -8.97
CA GLY A 1 -5.63 -23.76 -7.96
C GLY A 1 -4.94 -22.44 -7.74
N PRO A 2 -5.34 -21.71 -6.69
CA PRO A 2 -4.77 -20.40 -6.35
C PRO A 2 -3.28 -20.47 -6.06
N VAL A 3 -2.66 -19.31 -6.08
CA VAL A 3 -1.24 -19.19 -5.80
C VAL A 3 -0.99 -18.22 -4.66
N LYS A 4 -0.11 -18.59 -3.74
CA LYS A 4 0.21 -17.75 -2.59
C LYS A 4 1.26 -16.71 -2.92
N LEU A 5 0.82 -15.48 -3.13
CA LEU A 5 1.70 -14.37 -3.44
C LEU A 5 1.77 -13.41 -2.25
N ARG A 6 2.98 -13.13 -1.79
CA ARG A 6 3.16 -12.23 -0.66
C ARG A 6 3.82 -10.92 -1.07
N LEU A 7 3.18 -9.82 -0.69
CA LEU A 7 3.68 -8.49 -0.97
C LEU A 7 4.31 -7.93 0.30
N THR A 8 5.61 -7.69 0.25
CA THR A 8 6.34 -7.21 1.40
C THR A 8 6.44 -5.68 1.40
N VAL A 9 5.73 -5.04 2.32
CA VAL A 9 5.76 -3.60 2.42
C VAL A 9 6.99 -3.18 3.22
N LEU A 10 8.09 -2.95 2.50
CA LEU A 10 9.35 -2.60 3.13
C LEU A 10 9.32 -1.19 3.73
N CYS A 11 9.09 -0.20 2.89
CA CYS A 11 9.04 1.19 3.35
C CYS A 11 8.36 2.09 2.33
N ALA A 12 8.13 3.34 2.73
CA ALA A 12 7.50 4.32 1.85
C ALA A 12 8.35 5.59 1.79
N LYS A 13 8.11 6.42 0.77
CA LYS A 13 8.88 7.65 0.61
C LYS A 13 8.00 8.86 0.32
N ASN A 14 8.58 10.03 0.52
CA ASN A 14 7.91 11.30 0.28
C ASN A 14 6.47 11.30 0.75
N LEU A 15 6.25 11.14 2.05
CA LEU A 15 4.89 11.14 2.58
C LEU A 15 4.38 12.57 2.64
N VAL A 16 3.27 12.83 1.94
CA VAL A 16 2.71 14.16 1.91
C VAL A 16 2.45 14.64 3.34
N LYS A 17 3.19 15.67 3.76
CA LYS A 17 3.03 16.21 5.10
C LYS A 17 1.63 16.77 5.26
N LYS A 18 0.91 16.89 4.14
CA LYS A 18 -0.44 17.43 4.11
C LYS A 18 -0.44 18.87 4.64
N ASP A 19 -0.38 19.01 5.96
CA ASP A 19 -0.33 20.32 6.58
C ASP A 19 1.10 20.64 7.00
N PHE A 20 1.60 21.78 6.54
CA PHE A 20 2.97 22.20 6.85
C PHE A 20 3.36 21.90 8.30
N PHE A 21 2.77 22.64 9.22
CA PHE A 21 3.05 22.48 10.65
C PHE A 21 2.74 21.08 11.14
N ARG A 22 1.91 20.35 10.39
CA ARG A 22 1.53 18.99 10.79
C ARG A 22 2.36 17.94 10.06
N LEU A 23 2.23 16.69 10.51
CA LEU A 23 2.95 15.56 9.94
C LEU A 23 2.02 14.35 9.83
N PRO A 24 2.22 13.49 8.82
CA PRO A 24 1.40 12.31 8.62
C PRO A 24 1.92 11.07 9.33
N ASP A 25 0.99 10.25 9.83
CA ASP A 25 1.33 8.99 10.50
C ASP A 25 0.93 7.81 9.62
N PRO A 26 1.74 7.49 8.58
CA PRO A 26 1.47 6.40 7.63
C PRO A 26 1.34 5.00 8.24
N PHE A 27 0.43 4.23 7.66
CA PHE A 27 0.18 2.84 8.05
C PHE A 27 -0.35 2.11 6.81
N ALA A 28 -0.51 0.80 6.87
CA ALA A 28 -0.97 0.09 5.67
C ALA A 28 -2.20 -0.79 5.89
N LYS A 29 -2.91 -1.04 4.79
CA LYS A 29 -4.10 -1.89 4.80
C LYS A 29 -4.13 -2.77 3.56
N VAL A 30 -4.09 -4.07 3.77
CA VAL A 30 -4.09 -5.05 2.69
C VAL A 30 -5.52 -5.40 2.28
N VAL A 31 -5.76 -5.45 0.96
CA VAL A 31 -7.08 -5.80 0.46
C VAL A 31 -6.98 -6.76 -0.72
N VAL A 32 -7.82 -7.79 -0.70
CA VAL A 32 -7.86 -8.75 -1.79
C VAL A 32 -8.98 -8.35 -2.74
N ASP A 33 -8.61 -7.64 -3.80
CA ASP A 33 -9.58 -7.18 -4.80
C ASP A 33 -10.77 -8.12 -4.90
N GLY A 34 -11.79 -7.80 -4.12
CA GLY A 34 -12.99 -8.62 -4.03
C GLY A 34 -13.39 -8.79 -2.59
N SER A 35 -12.67 -8.09 -1.71
CA SER A 35 -12.89 -8.12 -0.29
C SER A 35 -12.80 -9.51 0.30
N GLY A 36 -13.24 -9.62 1.55
CA GLY A 36 -13.20 -10.89 2.25
C GLY A 36 -11.95 -11.00 3.11
N GLN A 37 -10.82 -10.57 2.55
CA GLN A 37 -9.54 -10.63 3.26
C GLN A 37 -8.94 -9.23 3.46
N CYS A 38 -8.87 -8.80 4.71
CA CYS A 38 -8.29 -7.49 5.03
C CYS A 38 -7.17 -7.62 6.06
N HIS A 39 -6.15 -6.76 5.93
CA HIS A 39 -5.02 -6.76 6.86
C HIS A 39 -4.52 -5.32 7.05
N SER A 40 -3.64 -5.10 8.02
CA SER A 40 -3.12 -3.76 8.27
C SER A 40 -1.76 -3.76 8.97
N THR A 41 -0.93 -2.77 8.64
CA THR A 41 0.39 -2.62 9.24
C THR A 41 0.38 -1.46 10.24
N ASP A 42 1.21 -1.60 11.27
CA ASP A 42 1.32 -0.60 12.33
C ASP A 42 1.49 0.80 11.77
N THR A 43 1.22 1.80 12.61
CA THR A 43 1.33 3.20 12.21
C THR A 43 2.67 3.81 12.59
N VAL A 44 3.13 4.74 11.75
CA VAL A 44 4.39 5.44 11.96
C VAL A 44 4.10 6.87 12.43
N LYS A 45 5.09 7.52 13.03
CA LYS A 45 4.89 8.89 13.53
C LYS A 45 5.75 9.91 12.80
N ASN A 46 5.13 11.03 12.47
CA ASN A 46 5.78 12.16 11.78
C ASN A 46 7.01 11.75 11.02
N THR A 47 6.82 11.28 9.79
CA THR A 47 7.91 10.86 8.96
C THR A 47 7.54 10.93 7.48
N LEU A 48 8.51 11.31 6.66
CA LEU A 48 8.28 11.38 5.22
C LEU A 48 8.93 10.17 4.56
N ASP A 49 9.29 9.20 5.40
CA ASP A 49 9.91 7.96 4.96
C ASP A 49 9.74 6.89 6.05
N PRO A 50 8.53 6.33 6.18
CA PRO A 50 8.24 5.29 7.18
C PRO A 50 8.75 3.92 6.77
N LYS A 51 8.32 2.91 7.52
CA LYS A 51 8.71 1.54 7.24
C LYS A 51 7.87 0.56 8.05
N TRP A 52 7.70 -0.63 7.52
CA TRP A 52 6.91 -1.67 8.18
C TRP A 52 7.58 -3.03 8.03
N ASN A 53 8.20 -3.25 6.88
CA ASN A 53 8.88 -4.51 6.59
C ASN A 53 7.94 -5.69 6.86
N GLN A 54 6.66 -5.47 6.66
CA GLN A 54 5.65 -6.51 6.88
C GLN A 54 5.09 -7.00 5.56
N HIS A 55 5.01 -8.32 5.41
CA HIS A 55 4.50 -8.93 4.18
C HIS A 55 3.25 -9.74 4.47
N TYR A 56 2.31 -9.70 3.54
CA TYR A 56 1.08 -10.46 3.69
C TYR A 56 0.89 -11.41 2.51
N ASP A 57 0.47 -12.64 2.81
CA ASP A 57 0.28 -13.64 1.78
C ASP A 57 -1.18 -13.79 1.42
N LEU A 58 -1.50 -13.55 0.14
CA LEU A 58 -2.86 -13.65 -0.35
C LEU A 58 -2.92 -14.52 -1.59
N TYR A 59 -3.95 -15.35 -1.69
CA TYR A 59 -4.10 -16.26 -2.82
C TYR A 59 -4.65 -15.55 -4.05
N ILE A 60 -4.16 -15.97 -5.21
CA ILE A 60 -4.59 -15.40 -6.47
C ILE A 60 -5.36 -16.44 -7.29
N GLY A 61 -6.65 -16.21 -7.47
CA GLY A 61 -7.47 -17.12 -8.24
C GLY A 61 -7.32 -16.94 -9.74
N LYS A 62 -8.26 -17.49 -10.50
CA LYS A 62 -8.23 -17.40 -11.96
C LYS A 62 -7.80 -16.01 -12.42
N SER A 63 -8.63 -15.01 -12.15
CA SER A 63 -8.33 -13.64 -12.54
C SER A 63 -8.33 -12.72 -11.32
N ASP A 64 -7.62 -13.14 -10.28
CA ASP A 64 -7.55 -12.35 -9.05
C ASP A 64 -6.37 -11.39 -9.08
N SER A 65 -6.43 -10.38 -8.22
CA SER A 65 -5.40 -9.38 -8.11
C SER A 65 -5.29 -8.91 -6.67
N VAL A 66 -4.16 -8.33 -6.31
CA VAL A 66 -3.96 -7.86 -4.95
C VAL A 66 -3.57 -6.39 -4.91
N THR A 67 -4.16 -5.65 -3.99
CA THR A 67 -3.90 -4.22 -3.85
C THR A 67 -3.55 -3.83 -2.41
N ILE A 68 -2.32 -3.39 -2.20
CA ILE A 68 -1.90 -2.94 -0.88
C ILE A 68 -2.02 -1.43 -0.80
N SER A 69 -2.76 -0.92 0.18
CA SER A 69 -2.96 0.52 0.31
C SER A 69 -2.30 1.08 1.56
N VAL A 70 -2.10 2.40 1.57
CA VAL A 70 -1.48 3.10 2.69
C VAL A 70 -2.29 4.34 3.05
N TRP A 71 -2.75 4.40 4.29
CA TRP A 71 -3.54 5.54 4.75
C TRP A 71 -2.81 6.28 5.86
N ASN A 72 -3.12 7.57 6.00
CA ASN A 72 -2.49 8.39 7.04
C ASN A 72 -3.33 8.35 8.31
N HIS A 73 -2.95 7.47 9.25
CA HIS A 73 -3.69 7.31 10.51
C HIS A 73 -4.11 8.66 11.09
N LYS A 74 -3.20 9.60 11.13
CA LYS A 74 -3.49 10.91 11.67
C LYS A 74 -4.68 11.55 10.98
N LYS A 75 -4.64 11.59 9.64
CA LYS A 75 -5.70 12.21 8.88
C LYS A 75 -6.93 11.32 8.73
N ILE A 76 -6.80 10.00 8.85
CA ILE A 76 -7.97 9.15 8.75
C ILE A 76 -8.89 9.55 9.89
N HIS A 77 -8.27 10.06 10.96
CA HIS A 77 -9.00 10.57 12.10
C HIS A 77 -9.37 12.02 11.83
N LYS A 78 -8.58 12.66 10.94
CA LYS A 78 -8.82 14.05 10.54
C LYS A 78 -10.24 14.20 9.98
N LYS A 79 -10.90 13.06 9.75
CA LYS A 79 -12.27 13.03 9.22
C LYS A 79 -12.30 13.42 7.75
N GLN A 80 -13.47 13.27 7.13
CA GLN A 80 -13.65 13.60 5.71
C GLN A 80 -12.74 12.73 4.85
N GLY A 81 -12.60 13.09 3.57
CA GLY A 81 -11.75 12.32 2.69
C GLY A 81 -10.33 12.21 3.21
N ALA A 82 -10.00 13.08 4.15
CA ALA A 82 -8.68 13.11 4.76
C ALA A 82 -8.33 11.76 5.38
N GLY A 83 -7.14 11.26 5.08
CA GLY A 83 -6.70 9.99 5.63
C GLY A 83 -6.02 9.08 4.64
N PHE A 84 -5.82 9.55 3.40
CA PHE A 84 -5.18 8.75 2.39
C PHE A 84 -3.72 9.17 2.18
N LEU A 85 -2.90 8.24 1.67
CA LEU A 85 -1.49 8.51 1.43
C LEU A 85 -1.04 7.94 0.09
N GLY A 86 -1.35 6.67 -0.14
CA GLY A 86 -0.96 6.01 -1.37
C GLY A 86 -1.41 4.59 -1.44
N CYS A 87 -2.17 4.28 -2.46
CA CYS A 87 -2.65 2.94 -2.66
C CYS A 87 -1.87 2.32 -3.81
N VAL A 88 -1.23 1.20 -3.54
CA VAL A 88 -0.47 0.55 -4.57
C VAL A 88 -1.26 -0.66 -5.08
N ARG A 89 -1.45 -0.74 -6.39
CA ARG A 89 -2.23 -1.84 -6.96
C ARG A 89 -1.41 -2.70 -7.91
N LEU A 90 -1.53 -4.01 -7.73
CA LEU A 90 -0.86 -4.99 -8.58
C LEU A 90 -1.86 -6.03 -9.07
N LEU A 91 -1.91 -6.21 -10.39
CA LEU A 91 -2.84 -7.16 -10.99
C LEU A 91 -2.28 -8.57 -10.99
N SER A 92 -3.00 -9.49 -11.65
CA SER A 92 -2.56 -10.88 -11.72
C SER A 92 -1.27 -11.00 -12.52
N ASN A 93 -1.22 -10.35 -13.67
CA ASN A 93 -0.05 -10.39 -14.53
C ASN A 93 1.12 -9.71 -13.84
N ALA A 94 0.83 -8.60 -13.16
CA ALA A 94 1.86 -7.87 -12.44
C ALA A 94 2.37 -8.69 -11.28
N ILE A 95 1.47 -9.37 -10.59
CA ILE A 95 1.83 -10.18 -9.44
C ILE A 95 2.82 -11.27 -9.83
N ASN A 96 2.66 -11.85 -11.02
CA ASN A 96 3.57 -12.90 -11.46
C ASN A 96 4.98 -12.36 -11.76
N ARG A 97 5.05 -11.38 -12.64
CA ARG A 97 6.33 -10.78 -13.01
C ARG A 97 7.03 -10.22 -11.78
N LEU A 98 6.25 -9.56 -10.93
CA LEU A 98 6.77 -8.96 -9.72
C LEU A 98 7.13 -10.02 -8.67
N LYS A 99 6.29 -11.06 -8.54
CA LYS A 99 6.55 -12.10 -7.55
C LYS A 99 7.95 -12.66 -7.69
N ASP A 100 8.48 -12.65 -8.90
CA ASP A 100 9.83 -13.14 -9.07
C ASP A 100 10.86 -12.01 -8.94
N THR A 101 10.49 -10.78 -9.29
CA THR A 101 11.42 -9.66 -9.17
C THR A 101 12.00 -9.60 -7.76
N GLY A 102 11.14 -9.34 -6.78
CA GLY A 102 11.58 -9.30 -5.41
C GLY A 102 11.77 -7.90 -4.86
N TYR A 103 11.34 -6.89 -5.62
CA TYR A 103 11.48 -5.48 -5.21
C TYR A 103 10.88 -4.53 -6.24
N GLN A 104 9.71 -3.98 -5.92
CA GLN A 104 9.02 -3.06 -6.81
C GLN A 104 8.62 -1.78 -6.07
N ARG A 105 9.05 -0.64 -6.59
CA ARG A 105 8.73 0.65 -5.98
C ARG A 105 7.57 1.32 -6.72
N LEU A 106 6.38 1.28 -6.12
CA LEU A 106 5.19 1.88 -6.71
C LEU A 106 4.93 3.26 -6.12
N ASP A 107 4.80 4.26 -6.99
CA ASP A 107 4.52 5.62 -6.53
C ASP A 107 3.17 5.68 -5.82
N LEU A 108 3.18 6.19 -4.61
CA LEU A 108 1.98 6.32 -3.80
C LEU A 108 1.24 7.60 -4.18
N CYS A 109 0.19 7.45 -4.98
CA CYS A 109 -0.59 8.61 -5.40
C CYS A 109 -2.05 8.47 -5.03
N LYS A 110 -2.79 9.57 -5.18
CA LYS A 110 -4.20 9.61 -4.87
C LYS A 110 -5.00 8.62 -5.72
N LEU A 111 -6.22 8.32 -5.26
CA LEU A 111 -7.10 7.39 -5.96
C LEU A 111 -7.38 7.88 -7.38
N GLY A 112 -7.34 9.20 -7.56
CA GLY A 112 -7.60 9.76 -8.88
C GLY A 112 -7.79 11.26 -8.84
N PRO A 113 -8.06 11.89 -10.00
CA PRO A 113 -8.27 13.34 -10.09
C PRO A 113 -9.67 13.75 -9.70
N ASN A 114 -10.55 12.77 -9.55
CA ASN A 114 -11.94 13.02 -9.19
C ASN A 114 -12.10 13.15 -7.68
N ASP A 115 -11.02 13.50 -7.00
CA ASP A 115 -11.06 13.67 -5.55
C ASP A 115 -10.30 14.93 -5.14
N ASN A 116 -10.27 15.23 -3.85
CA ASN A 116 -9.57 16.42 -3.35
C ASN A 116 -8.12 16.43 -3.83
N ASP A 117 -7.58 15.24 -4.10
CA ASP A 117 -6.22 15.09 -4.57
C ASP A 117 -5.21 15.73 -3.63
N THR A 118 -4.56 14.87 -2.85
CA THR A 118 -3.55 15.30 -1.89
C THR A 118 -2.52 14.21 -1.74
N VAL A 119 -1.65 14.07 -2.72
CA VAL A 119 -0.64 13.03 -2.70
C VAL A 119 0.72 13.52 -3.15
N ARG A 120 1.73 12.64 -3.02
CA ARG A 120 3.10 12.98 -3.38
C ARG A 120 4.10 11.89 -2.93
N GLY A 121 3.60 10.77 -2.44
CA GLY A 121 4.50 9.75 -1.93
C GLY A 121 4.78 8.60 -2.86
N GLN A 122 5.61 7.68 -2.38
CA GLN A 122 6.01 6.47 -3.11
C GLN A 122 6.16 5.34 -2.11
N ILE A 123 6.47 4.14 -2.59
CA ILE A 123 6.61 3.00 -1.68
C ILE A 123 7.43 1.88 -2.30
N VAL A 124 8.35 1.35 -1.52
CA VAL A 124 9.20 0.25 -1.96
C VAL A 124 8.77 -1.05 -1.32
N VAL A 125 8.34 -2.00 -2.13
CA VAL A 125 7.91 -3.30 -1.66
C VAL A 125 8.68 -4.41 -2.33
N SER A 126 8.35 -5.65 -2.02
CA SER A 126 9.02 -6.79 -2.64
C SER A 126 8.02 -7.89 -2.89
N LEU A 127 8.02 -8.38 -4.12
CA LEU A 127 7.07 -9.40 -4.50
C LEU A 127 7.72 -10.76 -4.67
N GLN A 128 7.34 -11.70 -3.80
CA GLN A 128 7.83 -13.07 -3.93
C GLN A 128 6.74 -14.06 -3.52
N SER A 129 6.61 -15.14 -4.27
CA SER A 129 5.60 -16.15 -3.98
C SER A 129 6.07 -17.08 -2.86
N ARG A 130 5.18 -17.36 -1.92
CA ARG A 130 5.49 -18.23 -0.80
C ARG A 130 5.12 -19.68 -1.11
N ASP A 131 5.85 -20.60 -0.52
CA ASP A 131 5.60 -22.02 -0.73
C ASP A 131 4.26 -22.45 -0.12
N GLY A 1 -6.13 -24.03 -8.76
CA GLY A 1 -6.16 -23.52 -7.41
C GLY A 1 -5.40 -22.21 -7.27
N PRO A 2 -5.83 -21.34 -6.33
CA PRO A 2 -5.19 -20.04 -6.09
C PRO A 2 -3.71 -20.15 -5.78
N VAL A 3 -3.02 -19.02 -5.87
CA VAL A 3 -1.59 -18.95 -5.59
C VAL A 3 -1.30 -18.01 -4.44
N LYS A 4 -0.39 -18.41 -3.55
CA LYS A 4 -0.04 -17.59 -2.39
C LYS A 4 1.02 -16.56 -2.76
N LEU A 5 0.58 -15.33 -2.99
CA LEU A 5 1.47 -14.23 -3.35
C LEU A 5 1.74 -13.35 -2.13
N ARG A 6 3.01 -13.10 -1.86
CA ARG A 6 3.40 -12.28 -0.72
C ARG A 6 3.96 -10.92 -1.15
N LEU A 7 3.29 -9.86 -0.73
CA LEU A 7 3.74 -8.50 -1.02
C LEU A 7 4.34 -7.92 0.24
N THR A 8 5.65 -7.71 0.21
CA THR A 8 6.37 -7.21 1.37
C THR A 8 6.53 -5.69 1.33
N VAL A 9 5.83 -5.01 2.23
CA VAL A 9 5.93 -3.56 2.31
C VAL A 9 7.20 -3.18 3.06
N LEU A 10 8.28 -3.00 2.31
CA LEU A 10 9.58 -2.67 2.89
C LEU A 10 9.60 -1.29 3.52
N CYS A 11 9.33 -0.27 2.72
CA CYS A 11 9.32 1.10 3.21
C CYS A 11 8.60 2.02 2.23
N ALA A 12 8.38 3.26 2.64
CA ALA A 12 7.72 4.25 1.80
C ALA A 12 8.54 5.53 1.73
N LYS A 13 8.35 6.31 0.67
CA LYS A 13 9.08 7.55 0.50
C LYS A 13 8.15 8.71 0.23
N ASN A 14 8.55 9.88 0.71
CA ASN A 14 7.78 11.10 0.54
C ASN A 14 6.32 10.92 0.96
N LEU A 15 5.99 11.44 2.13
CA LEU A 15 4.63 11.36 2.64
C LEU A 15 4.00 12.75 2.62
N VAL A 16 2.81 12.89 2.05
CA VAL A 16 2.19 14.20 1.98
C VAL A 16 2.04 14.74 3.40
N LYS A 17 2.80 15.76 3.72
CA LYS A 17 2.76 16.34 5.07
C LYS A 17 1.38 16.93 5.33
N LYS A 18 0.56 16.97 4.28
CA LYS A 18 -0.81 17.47 4.37
C LYS A 18 -0.88 18.91 4.85
N ASP A 19 -0.86 19.08 6.18
CA ASP A 19 -0.93 20.41 6.77
C ASP A 19 0.44 21.06 6.87
N PHE A 20 1.19 21.00 5.77
CA PHE A 20 2.53 21.58 5.69
C PHE A 20 3.36 21.30 6.94
N PHE A 21 3.31 22.23 7.90
CA PHE A 21 4.06 22.08 9.15
C PHE A 21 3.78 20.75 9.82
N ARG A 22 2.51 20.38 9.89
CA ARG A 22 2.13 19.11 10.51
C ARG A 22 2.74 17.94 9.77
N LEU A 23 2.64 16.76 10.36
CA LEU A 23 3.20 15.54 9.77
C LEU A 23 2.19 14.40 9.82
N PRO A 24 2.21 13.52 8.81
CA PRO A 24 1.30 12.38 8.71
C PRO A 24 1.82 11.13 9.43
N ASP A 25 0.91 10.27 9.86
CA ASP A 25 1.25 9.01 10.52
C ASP A 25 0.88 7.83 9.61
N PRO A 26 1.72 7.54 8.60
CA PRO A 26 1.48 6.47 7.62
C PRO A 26 1.43 5.05 8.20
N PHE A 27 0.52 4.26 7.64
CA PHE A 27 0.34 2.85 8.01
C PHE A 27 -0.20 2.14 6.78
N ALA A 28 -0.25 0.80 6.78
CA ALA A 28 -0.71 0.09 5.58
C ALA A 28 -1.93 -0.80 5.82
N LYS A 29 -2.65 -1.06 4.74
CA LYS A 29 -3.83 -1.92 4.77
C LYS A 29 -3.91 -2.78 3.51
N VAL A 30 -3.96 -4.09 3.70
CA VAL A 30 -4.04 -5.03 2.59
C VAL A 30 -5.50 -5.32 2.23
N VAL A 31 -5.80 -5.35 0.93
CA VAL A 31 -7.15 -5.63 0.48
C VAL A 31 -7.16 -6.59 -0.70
N VAL A 32 -8.05 -7.57 -0.65
CA VAL A 32 -8.18 -8.56 -1.71
C VAL A 32 -9.52 -8.41 -2.39
N ASP A 33 -9.50 -7.96 -3.64
CA ASP A 33 -10.72 -7.76 -4.41
C ASP A 33 -11.23 -9.08 -4.97
N GLY A 34 -11.31 -10.09 -4.11
CA GLY A 34 -11.78 -11.40 -4.52
C GLY A 34 -12.07 -12.32 -3.35
N SER A 35 -11.57 -11.96 -2.17
CA SER A 35 -11.77 -12.76 -0.97
C SER A 35 -12.21 -11.89 0.21
N GLY A 36 -11.74 -10.65 0.23
CA GLY A 36 -12.08 -9.75 1.31
C GLY A 36 -11.01 -9.71 2.39
N GLN A 37 -9.96 -10.50 2.18
CA GLN A 37 -8.85 -10.56 3.13
C GLN A 37 -8.28 -9.17 3.41
N CYS A 38 -8.39 -8.73 4.66
CA CYS A 38 -7.88 -7.41 5.05
C CYS A 38 -6.85 -7.50 6.16
N HIS A 39 -5.76 -6.75 6.00
CA HIS A 39 -4.67 -6.71 6.97
C HIS A 39 -4.17 -5.28 7.11
N SER A 40 -3.31 -5.02 8.10
CA SER A 40 -2.79 -3.67 8.27
C SER A 40 -1.44 -3.64 8.99
N THR A 41 -0.55 -2.75 8.52
CA THR A 41 0.76 -2.58 9.11
C THR A 41 0.73 -1.44 10.12
N ASP A 42 1.58 -1.55 11.14
CA ASP A 42 1.66 -0.56 12.21
C ASP A 42 1.76 0.86 11.66
N THR A 43 1.43 1.83 12.52
CA THR A 43 1.47 3.23 12.16
C THR A 43 2.82 3.86 12.46
N VAL A 44 3.20 4.84 11.64
CA VAL A 44 4.47 5.54 11.81
C VAL A 44 4.23 6.99 12.20
N LYS A 45 4.54 7.32 13.44
CA LYS A 45 4.34 8.66 13.97
C LYS A 45 5.08 9.73 13.17
N ASN A 46 4.36 10.81 12.87
CA ASN A 46 4.89 11.96 12.12
C ASN A 46 6.19 11.65 11.38
N THR A 47 6.08 11.24 10.12
CA THR A 47 7.26 10.94 9.32
C THR A 47 7.02 11.21 7.84
N LEU A 48 8.11 11.31 7.10
CA LEU A 48 8.05 11.53 5.66
C LEU A 48 8.77 10.40 4.93
N ASP A 49 9.16 9.39 5.71
CA ASP A 49 9.84 8.21 5.18
C ASP A 49 9.74 7.07 6.19
N PRO A 50 8.58 6.39 6.22
CA PRO A 50 8.32 5.29 7.16
C PRO A 50 8.82 3.94 6.65
N LYS A 51 8.64 2.93 7.49
CA LYS A 51 9.05 1.57 7.14
C LYS A 51 8.24 0.57 7.96
N TRP A 52 7.95 -0.58 7.38
CA TRP A 52 7.18 -1.61 8.06
C TRP A 52 7.83 -2.97 7.93
N ASN A 53 8.50 -3.18 6.80
CA ASN A 53 9.18 -4.46 6.53
C ASN A 53 8.27 -5.65 6.80
N GLN A 54 6.97 -5.43 6.64
CA GLN A 54 5.98 -6.47 6.86
C GLN A 54 5.39 -6.93 5.53
N HIS A 55 5.13 -8.23 5.43
CA HIS A 55 4.58 -8.81 4.22
C HIS A 55 3.30 -9.57 4.52
N TYR A 56 2.36 -9.54 3.57
CA TYR A 56 1.10 -10.25 3.75
C TYR A 56 0.90 -11.24 2.61
N ASP A 57 0.42 -12.44 2.95
CA ASP A 57 0.19 -13.49 1.97
C ASP A 57 -1.29 -13.58 1.60
N LEU A 58 -1.58 -13.35 0.32
CA LEU A 58 -2.95 -13.38 -0.17
C LEU A 58 -3.05 -14.27 -1.40
N TYR A 59 -4.13 -15.03 -1.50
CA TYR A 59 -4.33 -15.94 -2.63
C TYR A 59 -4.83 -15.21 -3.87
N ILE A 60 -4.44 -15.72 -5.03
CA ILE A 60 -4.82 -15.13 -6.31
C ILE A 60 -5.53 -16.16 -7.18
N GLY A 61 -6.82 -15.93 -7.43
CA GLY A 61 -7.58 -16.86 -8.26
C GLY A 61 -7.19 -16.80 -9.71
N LYS A 62 -8.02 -17.36 -10.58
CA LYS A 62 -7.76 -17.37 -12.02
C LYS A 62 -7.40 -15.97 -12.51
N SER A 63 -8.34 -15.05 -12.36
CA SER A 63 -8.12 -13.68 -12.78
C SER A 63 -8.29 -12.73 -11.60
N ASP A 64 -7.48 -12.95 -10.55
CA ASP A 64 -7.54 -12.13 -9.36
C ASP A 64 -6.32 -11.22 -9.25
N SER A 65 -6.45 -10.18 -8.45
CA SER A 65 -5.38 -9.21 -8.24
C SER A 65 -5.37 -8.77 -6.79
N VAL A 66 -4.31 -8.08 -6.37
CA VAL A 66 -4.22 -7.62 -5.01
C VAL A 66 -3.73 -6.18 -4.93
N THR A 67 -4.28 -5.43 -3.97
CA THR A 67 -3.93 -4.02 -3.80
C THR A 67 -3.57 -3.66 -2.37
N ILE A 68 -2.33 -3.24 -2.15
CA ILE A 68 -1.90 -2.79 -0.82
C ILE A 68 -2.01 -1.27 -0.77
N SER A 69 -2.90 -0.76 0.08
CA SER A 69 -3.09 0.69 0.17
C SER A 69 -2.62 1.25 1.51
N VAL A 70 -1.96 2.41 1.46
CA VAL A 70 -1.45 3.08 2.64
C VAL A 70 -2.35 4.24 3.03
N TRP A 71 -2.70 4.32 4.31
CA TRP A 71 -3.57 5.38 4.82
C TRP A 71 -2.86 6.17 5.90
N ASN A 72 -3.22 7.44 6.06
CA ASN A 72 -2.62 8.28 7.08
C ASN A 72 -3.45 8.24 8.36
N HIS A 73 -3.01 7.42 9.32
CA HIS A 73 -3.71 7.27 10.60
C HIS A 73 -4.19 8.61 11.16
N LYS A 74 -3.34 9.61 11.10
CA LYS A 74 -3.69 10.92 11.62
C LYS A 74 -5.01 11.42 11.03
N LYS A 75 -5.09 11.47 9.71
CA LYS A 75 -6.30 11.96 9.08
C LYS A 75 -7.41 10.91 9.00
N ILE A 76 -7.09 9.61 9.07
CA ILE A 76 -8.16 8.62 9.02
C ILE A 76 -9.09 8.91 10.17
N HIS A 77 -8.53 9.54 11.21
CA HIS A 77 -9.29 9.97 12.37
C HIS A 77 -9.78 11.40 12.16
N LYS A 78 -9.08 12.15 11.29
CA LYS A 78 -9.45 13.54 10.98
C LYS A 78 -10.95 13.69 10.76
N LYS A 79 -11.49 13.01 9.75
CA LYS A 79 -12.91 13.09 9.45
C LYS A 79 -13.33 12.09 8.37
N GLN A 80 -13.43 10.82 8.73
CA GLN A 80 -13.84 9.76 7.81
C GLN A 80 -13.03 9.76 6.52
N GLY A 81 -13.54 10.40 5.48
CA GLY A 81 -12.87 10.41 4.21
C GLY A 81 -11.38 10.67 4.32
N ALA A 82 -11.02 11.70 5.07
CA ALA A 82 -9.62 12.04 5.28
C ALA A 82 -8.86 10.86 5.86
N GLY A 83 -7.62 10.69 5.45
CA GLY A 83 -6.83 9.59 5.97
C GLY A 83 -6.18 8.74 4.88
N PHE A 84 -5.97 9.32 3.71
CA PHE A 84 -5.36 8.59 2.61
C PHE A 84 -3.94 9.10 2.32
N LEU A 85 -3.10 8.20 1.81
CA LEU A 85 -1.72 8.55 1.47
C LEU A 85 -1.37 8.05 0.08
N GLY A 86 -1.07 6.76 -0.03
CA GLY A 86 -0.73 6.16 -1.30
C GLY A 86 -1.19 4.74 -1.40
N CYS A 87 -2.03 4.48 -2.38
CA CYS A 87 -2.54 3.15 -2.59
C CYS A 87 -1.78 2.51 -3.73
N VAL A 88 -1.16 1.37 -3.47
CA VAL A 88 -0.41 0.69 -4.50
C VAL A 88 -1.22 -0.51 -5.00
N ARG A 89 -1.33 -0.66 -6.31
CA ARG A 89 -2.11 -1.76 -6.87
C ARG A 89 -1.34 -2.60 -7.87
N LEU A 90 -1.41 -3.92 -7.69
CA LEU A 90 -0.77 -4.87 -8.59
C LEU A 90 -1.81 -5.84 -9.13
N LEU A 91 -1.79 -6.07 -10.45
CA LEU A 91 -2.77 -6.96 -11.07
C LEU A 91 -2.27 -8.40 -11.11
N SER A 92 -3.06 -9.28 -11.72
CA SER A 92 -2.70 -10.69 -11.80
C SER A 92 -1.41 -10.90 -12.58
N ASN A 93 -1.30 -10.26 -13.74
CA ASN A 93 -0.12 -10.38 -14.57
C ASN A 93 1.08 -9.78 -13.84
N ALA A 94 0.83 -8.68 -13.14
CA ALA A 94 1.87 -8.02 -12.39
C ALA A 94 2.35 -8.90 -11.25
N ILE A 95 1.40 -9.55 -10.58
CA ILE A 95 1.73 -10.40 -9.45
C ILE A 95 2.68 -11.52 -9.86
N ASN A 96 2.51 -12.08 -11.06
CA ASN A 96 3.39 -13.15 -11.50
C ASN A 96 4.82 -12.66 -11.76
N ARG A 97 4.94 -11.66 -12.63
CA ARG A 97 6.24 -11.10 -12.97
C ARG A 97 6.93 -10.54 -11.73
N LEU A 98 6.16 -9.81 -10.93
CA LEU A 98 6.67 -9.20 -9.73
C LEU A 98 7.00 -10.25 -8.65
N LYS A 99 6.13 -11.23 -8.47
CA LYS A 99 6.35 -12.25 -7.45
C LYS A 99 7.73 -12.87 -7.59
N ASP A 100 8.26 -12.91 -8.80
CA ASP A 100 9.58 -13.48 -8.97
C ASP A 100 10.67 -12.39 -8.91
N THR A 101 10.33 -11.15 -9.24
CA THR A 101 11.32 -10.07 -9.18
C THR A 101 11.91 -9.97 -7.79
N GLY A 102 11.08 -9.64 -6.80
CA GLY A 102 11.55 -9.55 -5.44
C GLY A 102 11.75 -8.13 -4.95
N TYR A 103 11.30 -7.14 -5.74
CA TYR A 103 11.43 -5.73 -5.36
C TYR A 103 10.78 -4.82 -6.39
N GLN A 104 9.71 -4.15 -5.99
CA GLN A 104 8.98 -3.24 -6.87
C GLN A 104 8.70 -1.91 -6.18
N ARG A 105 9.13 -0.82 -6.80
CA ARG A 105 8.90 0.51 -6.26
C ARG A 105 7.72 1.18 -6.96
N LEU A 106 6.56 1.14 -6.31
CA LEU A 106 5.35 1.73 -6.88
C LEU A 106 5.06 3.09 -6.23
N ASP A 107 5.00 4.14 -7.03
CA ASP A 107 4.71 5.46 -6.50
C ASP A 107 3.36 5.47 -5.79
N LEU A 108 3.33 6.20 -4.70
CA LEU A 108 2.14 6.34 -3.89
C LEU A 108 1.42 7.62 -4.29
N CYS A 109 0.34 7.48 -5.05
CA CYS A 109 -0.39 8.65 -5.50
C CYS A 109 -1.87 8.57 -5.14
N LYS A 110 -2.52 9.70 -5.32
CA LYS A 110 -3.94 9.85 -5.06
C LYS A 110 -4.77 8.87 -5.88
N LEU A 111 -5.97 8.54 -5.39
CA LEU A 111 -6.86 7.62 -6.09
C LEU A 111 -7.06 8.05 -7.53
N GLY A 112 -7.02 9.36 -7.76
CA GLY A 112 -7.20 9.87 -9.11
C GLY A 112 -7.30 11.39 -9.15
N PRO A 113 -7.51 11.97 -10.35
CA PRO A 113 -7.62 13.42 -10.51
C PRO A 113 -9.01 13.94 -10.14
N ASN A 114 -10.04 13.16 -10.46
CA ASN A 114 -11.41 13.53 -10.16
C ASN A 114 -11.69 13.45 -8.66
N ASP A 115 -10.85 12.70 -7.95
CA ASP A 115 -11.00 12.54 -6.51
C ASP A 115 -10.01 13.43 -5.77
N ASN A 116 -9.89 13.22 -4.46
CA ASN A 116 -8.97 14.01 -3.64
C ASN A 116 -7.55 13.90 -4.19
N ASP A 117 -7.04 15.00 -4.72
CA ASP A 117 -5.69 15.02 -5.28
C ASP A 117 -4.70 15.68 -4.34
N THR A 118 -4.33 14.95 -3.31
CA THR A 118 -3.37 15.41 -2.32
C THR A 118 -2.33 14.33 -2.11
N VAL A 119 -1.41 14.22 -3.05
CA VAL A 119 -0.41 13.18 -2.96
C VAL A 119 0.95 13.64 -3.41
N ARG A 120 1.95 12.76 -3.20
CA ARG A 120 3.32 13.11 -3.52
C ARG A 120 4.33 12.00 -3.13
N GLY A 121 3.85 10.82 -2.76
CA GLY A 121 4.77 9.80 -2.27
C GLY A 121 4.99 8.63 -3.19
N GLN A 122 5.82 7.70 -2.69
CA GLN A 122 6.18 6.46 -3.38
C GLN A 122 6.33 5.36 -2.33
N ILE A 123 6.56 4.13 -2.77
CA ILE A 123 6.72 3.03 -1.83
C ILE A 123 7.51 1.87 -2.43
N VAL A 124 8.42 1.31 -1.64
CA VAL A 124 9.24 0.20 -2.08
C VAL A 124 8.78 -1.10 -1.42
N VAL A 125 8.43 -2.08 -2.24
CA VAL A 125 7.98 -3.37 -1.74
C VAL A 125 8.76 -4.49 -2.41
N SER A 126 8.41 -5.73 -2.10
CA SER A 126 9.09 -6.87 -2.70
C SER A 126 8.09 -7.97 -2.93
N LEU A 127 8.04 -8.45 -4.16
CA LEU A 127 7.08 -9.47 -4.51
C LEU A 127 7.71 -10.84 -4.64
N GLN A 128 7.35 -11.74 -3.74
CA GLN A 128 7.81 -13.12 -3.82
C GLN A 128 6.71 -14.07 -3.35
N SER A 129 6.51 -15.15 -4.09
CA SER A 129 5.49 -16.13 -3.74
C SER A 129 5.90 -16.97 -2.54
N ARG A 130 4.96 -17.17 -1.62
CA ARG A 130 5.22 -17.95 -0.42
C ARG A 130 4.90 -19.42 -0.64
N ASP A 131 5.79 -20.29 -0.17
CA ASP A 131 5.61 -21.73 -0.32
C ASP A 131 4.52 -22.25 0.62
N GLY A 1 -5.29 -24.62 -8.58
CA GLY A 1 -5.62 -23.96 -7.33
C GLY A 1 -4.91 -22.62 -7.19
N PRO A 2 -5.39 -21.75 -6.28
CA PRO A 2 -4.79 -20.43 -6.04
C PRO A 2 -3.31 -20.50 -5.75
N VAL A 3 -2.67 -19.34 -5.85
CA VAL A 3 -1.25 -19.21 -5.58
C VAL A 3 -1.02 -18.18 -4.48
N LYS A 4 -0.24 -18.55 -3.47
CA LYS A 4 0.04 -17.65 -2.37
C LYS A 4 1.19 -16.71 -2.71
N LEU A 5 0.90 -15.41 -2.71
CA LEU A 5 1.91 -14.40 -3.01
C LEU A 5 2.16 -13.53 -1.79
N ARG A 6 3.43 -13.27 -1.50
CA ARG A 6 3.79 -12.45 -0.37
C ARG A 6 4.29 -11.07 -0.81
N LEU A 7 3.46 -10.05 -0.56
CA LEU A 7 3.83 -8.67 -0.88
C LEU A 7 4.41 -8.04 0.37
N THR A 8 5.71 -7.78 0.32
CA THR A 8 6.42 -7.22 1.46
C THR A 8 6.49 -5.71 1.42
N VAL A 9 5.76 -5.06 2.32
CA VAL A 9 5.78 -3.62 2.40
C VAL A 9 7.00 -3.19 3.22
N LEU A 10 8.10 -2.96 2.51
CA LEU A 10 9.37 -2.61 3.14
C LEU A 10 9.36 -1.22 3.74
N CYS A 11 9.13 -0.21 2.91
CA CYS A 11 9.11 1.17 3.37
C CYS A 11 8.42 2.08 2.36
N ALA A 12 8.21 3.33 2.75
CA ALA A 12 7.58 4.31 1.87
C ALA A 12 8.43 5.57 1.78
N LYS A 13 8.26 6.31 0.69
CA LYS A 13 9.03 7.54 0.48
C LYS A 13 8.14 8.75 0.25
N ASN A 14 8.72 9.92 0.48
CA ASN A 14 8.03 11.19 0.30
C ASN A 14 6.56 11.14 0.72
N LEU A 15 6.30 10.99 2.00
CA LEU A 15 4.93 10.92 2.49
C LEU A 15 4.33 12.32 2.49
N VAL A 16 3.20 12.50 1.81
CA VAL A 16 2.58 13.81 1.77
C VAL A 16 2.35 14.29 3.20
N LYS A 17 3.09 15.33 3.60
CA LYS A 17 2.96 15.86 4.95
C LYS A 17 1.57 16.42 5.15
N LYS A 18 0.83 16.52 4.05
CA LYS A 18 -0.54 17.03 4.08
C LYS A 18 -0.58 18.49 4.48
N ASP A 19 -0.39 18.75 5.78
CA ASP A 19 -0.39 20.10 6.30
C ASP A 19 1.03 20.56 6.60
N PHE A 20 1.44 21.66 5.97
CA PHE A 20 2.78 22.20 6.19
C PHE A 20 3.03 22.35 7.68
N PHE A 21 4.30 22.23 8.08
CA PHE A 21 4.68 22.33 9.48
C PHE A 21 4.22 21.08 10.23
N ARG A 22 3.13 20.48 9.74
CA ARG A 22 2.59 19.27 10.33
C ARG A 22 3.13 18.05 9.60
N LEU A 23 2.94 16.87 10.19
CA LEU A 23 3.45 15.62 9.61
C LEU A 23 2.39 14.51 9.68
N PRO A 24 2.45 13.54 8.74
CA PRO A 24 1.52 12.42 8.68
C PRO A 24 2.03 11.18 9.41
N ASP A 25 1.09 10.34 9.87
CA ASP A 25 1.43 9.09 10.54
C ASP A 25 1.00 7.92 9.66
N PRO A 26 1.80 7.60 8.62
CA PRO A 26 1.51 6.52 7.67
C PRO A 26 1.44 5.11 8.26
N PHE A 27 0.50 4.33 7.72
CA PHE A 27 0.29 2.94 8.08
C PHE A 27 -0.29 2.25 6.86
N ALA A 28 -0.41 0.93 6.86
CA ALA A 28 -0.92 0.27 5.66
C ALA A 28 -2.15 -0.59 5.91
N LYS A 29 -2.91 -0.78 4.85
CA LYS A 29 -4.10 -1.62 4.86
C LYS A 29 -4.11 -2.47 3.60
N VAL A 30 -3.90 -3.75 3.79
CA VAL A 30 -3.83 -4.68 2.69
C VAL A 30 -5.19 -5.25 2.34
N VAL A 31 -5.45 -5.31 1.03
CA VAL A 31 -6.71 -5.79 0.52
C VAL A 31 -6.55 -6.94 -0.47
N VAL A 32 -7.44 -7.90 -0.36
CA VAL A 32 -7.47 -9.04 -1.26
C VAL A 32 -8.60 -8.82 -2.26
N ASP A 33 -8.25 -8.27 -3.42
CA ASP A 33 -9.23 -7.97 -4.47
C ASP A 33 -10.47 -8.85 -4.35
N GLY A 34 -11.45 -8.34 -3.63
CA GLY A 34 -12.69 -9.04 -3.38
C GLY A 34 -13.17 -8.78 -1.98
N SER A 35 -12.74 -9.61 -1.03
CA SER A 35 -13.11 -9.46 0.37
C SER A 35 -12.71 -10.68 1.19
N GLY A 36 -13.24 -10.73 2.42
CA GLY A 36 -12.96 -11.83 3.31
C GLY A 36 -11.61 -11.71 3.98
N GLN A 37 -10.60 -11.31 3.22
CA GLN A 37 -9.24 -11.19 3.76
C GLN A 37 -8.71 -9.76 3.72
N CYS A 38 -8.55 -9.16 4.89
CA CYS A 38 -7.99 -7.81 5.03
C CYS A 38 -6.81 -7.82 5.99
N HIS A 39 -5.88 -6.90 5.82
CA HIS A 39 -4.71 -6.80 6.68
C HIS A 39 -4.32 -5.34 6.91
N SER A 40 -3.44 -5.09 7.87
CA SER A 40 -3.01 -3.72 8.17
C SER A 40 -1.64 -3.69 8.86
N THR A 41 -0.82 -2.71 8.49
CA THR A 41 0.50 -2.54 9.08
C THR A 41 0.53 -1.39 10.08
N ASP A 42 1.41 -1.49 11.06
CA ASP A 42 1.55 -0.50 12.13
C ASP A 42 1.66 0.92 11.58
N THR A 43 1.42 1.89 12.47
CA THR A 43 1.47 3.30 12.11
C THR A 43 2.83 3.92 12.43
N VAL A 44 3.22 4.91 11.64
CA VAL A 44 4.50 5.58 11.80
C VAL A 44 4.29 7.03 12.19
N LYS A 45 4.60 7.37 13.43
CA LYS A 45 4.43 8.73 13.94
C LYS A 45 5.18 9.76 13.12
N ASN A 46 4.46 10.84 12.78
CA ASN A 46 5.00 11.98 12.01
C ASN A 46 6.31 11.66 11.30
N THR A 47 6.22 11.30 10.03
CA THR A 47 7.40 10.98 9.24
C THR A 47 7.18 11.19 7.75
N LEU A 48 8.27 11.25 7.00
CA LEU A 48 8.20 11.42 5.55
C LEU A 48 8.89 10.25 4.86
N ASP A 49 9.29 9.27 5.66
CA ASP A 49 9.96 8.07 5.17
C ASP A 49 9.85 6.96 6.21
N PRO A 50 8.66 6.32 6.29
CA PRO A 50 8.39 5.25 7.25
C PRO A 50 8.90 3.89 6.80
N LYS A 51 8.57 2.87 7.58
CA LYS A 51 8.96 1.51 7.29
C LYS A 51 8.10 0.54 8.09
N TRP A 52 7.81 -0.61 7.51
CA TRP A 52 6.99 -1.62 8.17
C TRP A 52 7.63 -2.99 8.08
N ASN A 53 8.29 -3.25 6.95
CA ASN A 53 8.94 -4.53 6.74
C ASN A 53 8.00 -5.69 7.03
N GLN A 54 6.71 -5.47 6.76
CA GLN A 54 5.70 -6.49 6.98
C GLN A 54 5.17 -6.96 5.63
N HIS A 55 4.85 -8.24 5.55
CA HIS A 55 4.37 -8.84 4.31
C HIS A 55 3.16 -9.71 4.56
N TYR A 56 2.26 -9.76 3.59
CA TYR A 56 1.08 -10.59 3.72
C TYR A 56 0.98 -11.58 2.57
N ASP A 57 0.60 -12.81 2.89
CA ASP A 57 0.49 -13.86 1.88
C ASP A 57 -0.95 -14.09 1.43
N LEU A 58 -1.36 -13.37 0.39
CA LEU A 58 -2.70 -13.49 -0.15
C LEU A 58 -2.73 -14.41 -1.37
N TYR A 59 -3.82 -15.15 -1.53
CA TYR A 59 -3.97 -16.09 -2.66
C TYR A 59 -4.45 -15.38 -3.92
N ILE A 60 -4.03 -15.91 -5.07
CA ILE A 60 -4.42 -15.37 -6.35
C ILE A 60 -5.15 -16.43 -7.17
N GLY A 61 -6.44 -16.22 -7.39
CA GLY A 61 -7.23 -17.17 -8.16
C GLY A 61 -6.85 -17.18 -9.63
N LYS A 62 -7.71 -17.77 -10.46
CA LYS A 62 -7.46 -17.83 -11.90
C LYS A 62 -7.14 -16.44 -12.43
N SER A 63 -7.99 -15.48 -12.10
CA SER A 63 -7.81 -14.10 -12.54
C SER A 63 -8.00 -13.14 -11.37
N ASP A 64 -7.14 -13.26 -10.36
CA ASP A 64 -7.24 -12.42 -9.17
C ASP A 64 -6.08 -11.43 -9.11
N SER A 65 -6.26 -10.38 -8.31
CA SER A 65 -5.25 -9.35 -8.16
C SER A 65 -5.14 -8.97 -6.69
N VAL A 66 -4.15 -8.15 -6.36
CA VAL A 66 -3.96 -7.73 -4.98
C VAL A 66 -3.62 -6.24 -4.90
N THR A 67 -4.22 -5.55 -3.92
CA THR A 67 -4.00 -4.11 -3.78
C THR A 67 -3.62 -3.73 -2.35
N ILE A 68 -2.34 -3.39 -2.14
CA ILE A 68 -1.91 -2.95 -0.83
C ILE A 68 -2.05 -1.44 -0.75
N SER A 69 -2.79 -0.94 0.23
CA SER A 69 -3.01 0.51 0.36
C SER A 69 -2.32 1.10 1.56
N VAL A 70 -2.17 2.42 1.55
CA VAL A 70 -1.55 3.15 2.67
C VAL A 70 -2.40 4.35 3.06
N TRP A 71 -2.73 4.43 4.33
CA TRP A 71 -3.56 5.53 4.84
C TRP A 71 -2.83 6.30 5.94
N ASN A 72 -3.12 7.60 6.05
CA ASN A 72 -2.52 8.42 7.08
C ASN A 72 -3.41 8.42 8.31
N HIS A 73 -3.03 7.61 9.31
CA HIS A 73 -3.81 7.46 10.54
C HIS A 73 -4.36 8.79 11.05
N LYS A 74 -3.50 9.79 11.16
CA LYS A 74 -3.93 11.10 11.64
C LYS A 74 -5.18 11.59 10.91
N LYS A 75 -5.13 11.61 9.58
CA LYS A 75 -6.25 12.08 8.81
C LYS A 75 -7.36 11.04 8.64
N ILE A 76 -7.05 9.74 8.78
CA ILE A 76 -8.12 8.75 8.64
C ILE A 76 -9.19 9.05 9.67
N HIS A 77 -8.77 9.63 10.79
CA HIS A 77 -9.70 10.02 11.82
C HIS A 77 -10.06 11.50 11.64
N LYS A 78 -9.23 12.22 10.87
CA LYS A 78 -9.48 13.63 10.59
C LYS A 78 -10.93 13.84 10.17
N LYS A 79 -11.34 13.22 9.08
CA LYS A 79 -12.71 13.33 8.57
C LYS A 79 -12.95 12.40 7.38
N GLN A 80 -14.15 12.46 6.82
CA GLN A 80 -14.50 11.62 5.67
C GLN A 80 -13.57 11.89 4.50
N GLY A 81 -13.11 10.84 3.83
CA GLY A 81 -12.21 10.99 2.71
C GLY A 81 -10.79 11.23 3.18
N ALA A 82 -10.65 12.01 4.24
CA ALA A 82 -9.36 12.33 4.82
C ALA A 82 -8.73 11.08 5.44
N GLY A 83 -7.46 10.82 5.13
CA GLY A 83 -6.80 9.66 5.68
C GLY A 83 -6.08 8.82 4.65
N PHE A 84 -5.92 9.33 3.43
CA PHE A 84 -5.25 8.57 2.39
C PHE A 84 -3.85 9.12 2.11
N LEU A 85 -2.95 8.21 1.77
CA LEU A 85 -1.57 8.56 1.45
C LEU A 85 -1.17 8.02 0.09
N GLY A 86 -1.11 6.71 -0.01
CA GLY A 86 -0.74 6.06 -1.26
C GLY A 86 -1.23 4.64 -1.33
N CYS A 87 -2.05 4.38 -2.31
CA CYS A 87 -2.58 3.07 -2.52
C CYS A 87 -1.83 2.41 -3.65
N VAL A 88 -1.23 1.26 -3.39
CA VAL A 88 -0.48 0.58 -4.41
C VAL A 88 -1.31 -0.60 -4.92
N ARG A 89 -1.50 -0.68 -6.24
CA ARG A 89 -2.32 -1.73 -6.81
C ARG A 89 -1.59 -2.54 -7.88
N LEU A 90 -1.60 -3.86 -7.71
CA LEU A 90 -0.99 -4.77 -8.67
C LEU A 90 -2.04 -5.76 -9.18
N LEU A 91 -2.04 -6.01 -10.48
CA LEU A 91 -3.01 -6.92 -11.08
C LEU A 91 -2.47 -8.35 -11.15
N SER A 92 -3.25 -9.24 -11.75
CA SER A 92 -2.83 -10.65 -11.87
C SER A 92 -1.55 -10.79 -12.67
N ASN A 93 -1.48 -10.11 -13.81
CA ASN A 93 -0.30 -10.17 -14.66
C ASN A 93 0.89 -9.55 -13.95
N ALA A 94 0.65 -8.43 -13.28
CA ALA A 94 1.71 -7.75 -12.55
C ALA A 94 2.19 -8.62 -11.38
N ILE A 95 1.25 -9.30 -10.74
CA ILE A 95 1.57 -10.14 -9.60
C ILE A 95 2.53 -11.25 -10.00
N ASN A 96 2.37 -11.81 -11.20
CA ASN A 96 3.27 -12.88 -11.65
C ASN A 96 4.68 -12.37 -11.91
N ARG A 97 4.79 -11.36 -12.77
CA ARG A 97 6.10 -10.79 -13.10
C ARG A 97 6.78 -10.26 -11.86
N LEU A 98 6.02 -9.53 -11.05
CA LEU A 98 6.53 -8.94 -9.82
C LEU A 98 6.87 -10.01 -8.79
N LYS A 99 6.00 -11.02 -8.63
CA LYS A 99 6.24 -12.07 -7.64
C LYS A 99 7.63 -12.66 -7.80
N ASP A 100 8.14 -12.66 -9.01
CA ASP A 100 9.49 -13.20 -9.20
C ASP A 100 10.55 -12.10 -9.08
N THR A 101 10.19 -10.84 -9.36
CA THR A 101 11.16 -9.76 -9.23
C THR A 101 11.75 -9.74 -7.83
N GLY A 102 10.91 -9.49 -6.84
CA GLY A 102 11.39 -9.48 -5.47
C GLY A 102 11.63 -8.09 -4.92
N TYR A 103 11.24 -7.06 -5.67
CA TYR A 103 11.42 -5.67 -5.24
C TYR A 103 10.83 -4.69 -6.26
N GLN A 104 9.68 -4.11 -5.92
CA GLN A 104 9.02 -3.17 -6.81
C GLN A 104 8.69 -1.87 -6.08
N ARG A 105 9.15 -0.75 -6.62
CA ARG A 105 8.90 0.55 -6.02
C ARG A 105 7.81 1.31 -6.78
N LEU A 106 6.59 1.27 -6.26
CA LEU A 106 5.47 1.98 -6.89
C LEU A 106 5.22 3.30 -6.19
N ASP A 107 4.98 4.34 -6.98
CA ASP A 107 4.71 5.65 -6.42
C ASP A 107 3.34 5.70 -5.77
N LEU A 108 3.32 6.26 -4.58
CA LEU A 108 2.11 6.42 -3.81
C LEU A 108 1.32 7.62 -4.33
N CYS A 109 0.30 7.33 -5.14
CA CYS A 109 -0.51 8.37 -5.76
C CYS A 109 -2.00 8.14 -5.50
N LYS A 110 -2.82 9.09 -5.93
CA LYS A 110 -4.26 9.02 -5.74
C LYS A 110 -4.84 7.70 -6.26
N LEU A 111 -5.96 7.29 -5.69
CA LEU A 111 -6.63 6.07 -6.09
C LEU A 111 -6.94 6.07 -7.57
N GLY A 112 -7.13 7.26 -8.13
CA GLY A 112 -7.44 7.38 -9.55
C GLY A 112 -7.85 8.79 -9.93
N PRO A 113 -8.36 8.98 -11.16
CA PRO A 113 -8.78 10.30 -11.65
C PRO A 113 -10.02 10.81 -10.92
N ASN A 114 -10.67 9.93 -10.16
CA ASN A 114 -11.87 10.29 -9.42
C ASN A 114 -11.54 10.58 -7.96
N ASP A 115 -10.35 11.12 -7.72
CA ASP A 115 -9.91 11.44 -6.37
C ASP A 115 -9.52 12.92 -6.26
N ASN A 116 -9.45 13.42 -5.03
CA ASN A 116 -9.08 14.81 -4.79
C ASN A 116 -7.62 15.08 -5.12
N ASP A 117 -6.88 13.99 -5.35
CA ASP A 117 -5.46 14.09 -5.67
C ASP A 117 -4.67 14.87 -4.63
N THR A 118 -4.31 14.19 -3.55
CA THR A 118 -3.53 14.77 -2.47
C THR A 118 -2.40 13.84 -2.10
N VAL A 119 -1.65 13.44 -3.12
CA VAL A 119 -0.54 12.53 -2.96
C VAL A 119 0.78 13.16 -3.35
N ARG A 120 1.86 12.37 -3.28
CA ARG A 120 3.20 12.85 -3.60
C ARG A 120 4.26 11.84 -3.15
N GLY A 121 3.82 10.70 -2.64
CA GLY A 121 4.78 9.74 -2.12
C GLY A 121 5.06 8.58 -3.03
N GLN A 122 5.85 7.65 -2.50
CA GLN A 122 6.23 6.42 -3.19
C GLN A 122 6.31 5.29 -2.17
N ILE A 123 6.58 4.08 -2.62
CA ILE A 123 6.65 2.95 -1.69
C ILE A 123 7.43 1.79 -2.28
N VAL A 124 8.39 1.28 -1.51
CA VAL A 124 9.20 0.15 -1.95
C VAL A 124 8.74 -1.13 -1.29
N VAL A 125 8.34 -2.08 -2.12
CA VAL A 125 7.88 -3.38 -1.65
C VAL A 125 8.66 -4.49 -2.33
N SER A 126 8.32 -5.74 -2.03
CA SER A 126 9.00 -6.87 -2.66
C SER A 126 8.00 -7.97 -2.93
N LEU A 127 7.97 -8.42 -4.15
CA LEU A 127 7.02 -9.45 -4.53
C LEU A 127 7.72 -10.79 -4.72
N GLN A 128 7.43 -11.74 -3.84
CA GLN A 128 7.96 -13.10 -3.99
C GLN A 128 6.95 -14.13 -3.51
N SER A 129 6.68 -15.12 -4.35
CA SER A 129 5.74 -16.18 -4.02
C SER A 129 6.23 -17.00 -2.82
N ARG A 130 5.29 -17.58 -2.08
CA ARG A 130 5.64 -18.40 -0.93
C ARG A 130 5.25 -19.85 -1.14
N ASP A 131 6.04 -20.75 -0.58
CA ASP A 131 5.79 -22.19 -0.69
C ASP A 131 5.07 -22.72 0.54
N GLY A 1 -4.75 -25.30 -7.31
CA GLY A 1 -5.50 -24.24 -6.69
C GLY A 1 -4.82 -22.88 -6.83
N PRO A 2 -5.26 -21.87 -6.05
CA PRO A 2 -4.67 -20.53 -6.10
C PRO A 2 -3.26 -20.49 -5.52
N VAL A 3 -2.53 -19.43 -5.83
CA VAL A 3 -1.16 -19.26 -5.37
C VAL A 3 -1.07 -18.22 -4.27
N LYS A 4 -0.25 -18.50 -3.24
CA LYS A 4 -0.08 -17.55 -2.14
C LYS A 4 1.07 -16.60 -2.43
N LEU A 5 0.73 -15.38 -2.83
CA LEU A 5 1.73 -14.36 -3.12
C LEU A 5 1.87 -13.40 -1.95
N ARG A 6 3.10 -13.09 -1.56
CA ARG A 6 3.31 -12.18 -0.45
C ARG A 6 3.98 -10.89 -0.89
N LEU A 7 3.28 -9.78 -0.63
CA LEU A 7 3.76 -8.45 -0.95
C LEU A 7 4.41 -7.85 0.29
N THR A 8 5.71 -7.64 0.21
CA THR A 8 6.45 -7.10 1.35
C THR A 8 6.58 -5.59 1.28
N VAL A 9 5.87 -4.91 2.17
CA VAL A 9 5.93 -3.46 2.23
C VAL A 9 7.15 -3.05 3.03
N LEU A 10 8.25 -2.85 2.33
CA LEU A 10 9.52 -2.49 2.94
C LEU A 10 9.48 -1.11 3.60
N CYS A 11 9.23 -0.08 2.79
CA CYS A 11 9.18 1.29 3.30
C CYS A 11 8.49 2.21 2.31
N ALA A 12 8.26 3.45 2.73
CA ALA A 12 7.62 4.45 1.88
C ALA A 12 8.46 5.72 1.82
N LYS A 13 8.38 6.45 0.71
CA LYS A 13 9.16 7.67 0.54
C LYS A 13 8.26 8.87 0.26
N ASN A 14 8.84 10.05 0.45
CA ASN A 14 8.14 11.31 0.22
C ASN A 14 6.70 11.28 0.72
N LEU A 15 6.52 11.09 2.01
CA LEU A 15 5.17 11.04 2.57
C LEU A 15 4.60 12.45 2.66
N VAL A 16 3.49 12.68 1.96
CA VAL A 16 2.87 13.98 1.96
C VAL A 16 2.61 14.41 3.41
N LYS A 17 3.31 15.45 3.84
CA LYS A 17 3.18 15.96 5.20
C LYS A 17 1.75 16.46 5.42
N LYS A 18 0.96 16.44 4.34
CA LYS A 18 -0.44 16.89 4.38
C LYS A 18 -0.53 18.36 4.77
N ASP A 19 -0.40 18.64 6.06
CA ASP A 19 -0.47 20.00 6.56
C ASP A 19 0.91 20.54 6.89
N PHE A 20 1.22 21.73 6.41
CA PHE A 20 2.50 22.37 6.66
C PHE A 20 2.79 22.40 8.16
N PHE A 21 4.07 22.27 8.51
CA PHE A 21 4.50 22.28 9.91
C PHE A 21 4.05 21.00 10.60
N ARG A 22 2.97 20.39 10.11
CA ARG A 22 2.46 19.16 10.69
C ARG A 22 3.08 17.94 10.00
N LEU A 23 2.86 16.77 10.60
CA LEU A 23 3.40 15.52 10.06
C LEU A 23 2.34 14.42 10.08
N PRO A 24 2.37 13.52 9.07
CA PRO A 24 1.43 12.41 8.97
C PRO A 24 1.95 11.10 9.56
N ASP A 25 1.02 10.18 9.84
CA ASP A 25 1.37 8.89 10.42
C ASP A 25 0.97 7.74 9.49
N PRO A 26 1.82 7.41 8.49
CA PRO A 26 1.55 6.33 7.51
C PRO A 26 1.48 4.92 8.11
N PHE A 27 0.55 4.12 7.55
CA PHE A 27 0.35 2.72 7.93
C PHE A 27 -0.21 2.00 6.71
N ALA A 28 -0.25 0.67 6.71
CA ALA A 28 -0.75 -0.02 5.51
C ALA A 28 -1.93 -0.95 5.77
N LYS A 29 -2.74 -1.13 4.73
CA LYS A 29 -3.90 -2.00 4.77
C LYS A 29 -4.13 -2.62 3.39
N VAL A 30 -4.10 -3.95 3.30
CA VAL A 30 -4.31 -4.62 2.02
C VAL A 30 -5.75 -5.08 1.86
N VAL A 31 -6.20 -5.12 0.60
CA VAL A 31 -7.54 -5.55 0.27
C VAL A 31 -7.51 -6.55 -0.90
N VAL A 32 -8.37 -7.55 -0.84
CA VAL A 32 -8.43 -8.55 -1.91
C VAL A 32 -9.62 -8.27 -2.83
N ASP A 33 -9.31 -7.94 -4.08
CA ASP A 33 -10.34 -7.64 -5.07
C ASP A 33 -10.91 -8.93 -5.65
N GLY A 34 -11.55 -9.72 -4.79
CA GLY A 34 -12.13 -10.98 -5.23
C GLY A 34 -12.58 -11.84 -4.06
N SER A 35 -12.21 -11.44 -2.85
CA SER A 35 -12.57 -12.18 -1.65
C SER A 35 -12.98 -11.24 -0.52
N GLY A 36 -12.00 -10.51 0.02
CA GLY A 36 -12.28 -9.58 1.10
C GLY A 36 -11.20 -9.59 2.17
N GLN A 37 -10.27 -10.53 2.06
CA GLN A 37 -9.17 -10.66 3.01
C GLN A 37 -8.43 -9.34 3.18
N CYS A 38 -8.45 -8.80 4.39
CA CYS A 38 -7.79 -7.53 4.67
C CYS A 38 -6.74 -7.66 5.77
N HIS A 39 -5.66 -6.92 5.63
CA HIS A 39 -4.56 -6.92 6.60
C HIS A 39 -4.05 -5.50 6.82
N SER A 40 -3.24 -5.29 7.85
CA SER A 40 -2.72 -3.94 8.12
C SER A 40 -1.33 -3.97 8.79
N THR A 41 -0.54 -2.93 8.52
CA THR A 41 0.77 -2.77 9.12
C THR A 41 0.75 -1.60 10.10
N ASP A 42 1.55 -1.72 11.16
CA ASP A 42 1.61 -0.70 12.21
C ASP A 42 1.76 0.70 11.64
N THR A 43 1.39 1.69 12.45
CA THR A 43 1.45 3.09 12.05
C THR A 43 2.80 3.71 12.40
N VAL A 44 3.20 4.67 11.57
CA VAL A 44 4.47 5.37 11.78
C VAL A 44 4.22 6.81 12.20
N LYS A 45 4.51 7.12 13.46
CA LYS A 45 4.28 8.45 14.00
C LYS A 45 5.10 9.52 13.28
N ASN A 46 4.43 10.62 12.95
CA ASN A 46 5.04 11.79 12.29
C ASN A 46 6.33 11.44 11.56
N THR A 47 6.21 11.12 10.28
CA THR A 47 7.37 10.78 9.47
C THR A 47 7.14 11.10 7.99
N LEU A 48 8.23 11.20 7.25
CA LEU A 48 8.16 11.47 5.82
C LEU A 48 8.82 10.32 5.05
N ASP A 49 9.32 9.36 5.81
CA ASP A 49 9.97 8.17 5.26
C ASP A 49 9.86 7.02 6.27
N PRO A 50 8.68 6.37 6.33
CA PRO A 50 8.41 5.28 7.27
C PRO A 50 8.99 3.94 6.83
N LYS A 51 8.59 2.90 7.53
CA LYS A 51 9.02 1.54 7.25
C LYS A 51 8.16 0.56 8.03
N TRP A 52 7.92 -0.61 7.44
CA TRP A 52 7.10 -1.62 8.10
C TRP A 52 7.76 -2.99 8.02
N ASN A 53 8.53 -3.22 6.96
CA ASN A 53 9.21 -4.49 6.75
C ASN A 53 8.26 -5.67 6.98
N GLN A 54 6.97 -5.41 6.77
CA GLN A 54 5.94 -6.43 6.93
C GLN A 54 5.30 -6.74 5.58
N HIS A 55 4.91 -7.99 5.40
CA HIS A 55 4.30 -8.43 4.16
C HIS A 55 2.96 -9.10 4.42
N TYR A 56 2.15 -9.20 3.37
CA TYR A 56 0.87 -9.86 3.47
C TYR A 56 0.80 -11.03 2.49
N ASP A 57 0.25 -12.16 2.94
CA ASP A 57 0.14 -13.34 2.08
C ASP A 57 -1.31 -13.57 1.66
N LEU A 58 -1.57 -13.37 0.37
CA LEU A 58 -2.92 -13.54 -0.18
C LEU A 58 -2.90 -14.46 -1.39
N TYR A 59 -3.97 -15.25 -1.55
CA TYR A 59 -4.08 -16.19 -2.66
C TYR A 59 -4.53 -15.50 -3.94
N ILE A 60 -4.18 -16.10 -5.08
CA ILE A 60 -4.56 -15.57 -6.38
C ILE A 60 -5.18 -16.67 -7.24
N GLY A 61 -6.47 -16.55 -7.52
CA GLY A 61 -7.15 -17.54 -8.32
C GLY A 61 -6.92 -17.32 -9.81
N LYS A 62 -7.75 -17.96 -10.64
CA LYS A 62 -7.64 -17.84 -12.08
C LYS A 62 -7.49 -16.38 -12.51
N SER A 63 -8.42 -15.54 -12.06
CA SER A 63 -8.39 -14.12 -12.40
C SER A 63 -8.53 -13.25 -11.15
N ASP A 64 -7.48 -13.22 -10.33
CA ASP A 64 -7.49 -12.42 -9.10
C ASP A 64 -6.37 -11.39 -9.10
N SER A 65 -6.52 -10.40 -8.24
CA SER A 65 -5.55 -9.32 -8.12
C SER A 65 -5.51 -8.83 -6.68
N VAL A 66 -4.48 -8.07 -6.33
CA VAL A 66 -4.37 -7.57 -4.97
C VAL A 66 -3.94 -6.09 -4.95
N THR A 67 -4.51 -5.35 -4.00
CA THR A 67 -4.22 -3.93 -3.87
C THR A 67 -3.84 -3.57 -2.43
N ILE A 68 -2.61 -3.09 -2.26
CA ILE A 68 -2.15 -2.65 -0.94
C ILE A 68 -2.39 -1.15 -0.81
N SER A 69 -3.20 -0.75 0.16
CA SER A 69 -3.56 0.64 0.36
C SER A 69 -2.95 1.24 1.62
N VAL A 70 -2.20 2.34 1.44
CA VAL A 70 -1.57 3.02 2.58
C VAL A 70 -2.40 4.24 2.94
N TRP A 71 -2.67 4.40 4.24
CA TRP A 71 -3.46 5.54 4.71
C TRP A 71 -2.73 6.30 5.81
N ASN A 72 -3.06 7.58 5.94
CA ASN A 72 -2.45 8.42 6.96
C ASN A 72 -3.32 8.42 8.21
N HIS A 73 -2.94 7.58 9.18
CA HIS A 73 -3.68 7.43 10.43
C HIS A 73 -4.17 8.75 11.01
N LYS A 74 -3.31 9.75 11.02
CA LYS A 74 -3.70 11.05 11.55
C LYS A 74 -4.92 11.61 10.83
N LYS A 75 -4.87 11.64 9.51
CA LYS A 75 -5.95 12.20 8.72
C LYS A 75 -7.13 11.23 8.55
N ILE A 76 -6.90 9.91 8.67
CA ILE A 76 -8.02 9.00 8.57
C ILE A 76 -8.96 9.33 9.71
N HIS A 77 -8.37 9.87 10.77
CA HIS A 77 -9.11 10.34 11.92
C HIS A 77 -9.58 11.76 11.65
N LYS A 78 -8.85 12.45 10.76
CA LYS A 78 -9.20 13.82 10.36
C LYS A 78 -10.62 13.87 9.79
N LYS A 79 -11.22 12.69 9.60
CA LYS A 79 -12.58 12.58 9.08
C LYS A 79 -12.65 12.98 7.61
N GLN A 80 -13.80 12.70 6.97
CA GLN A 80 -14.01 13.02 5.57
C GLN A 80 -13.02 12.25 4.69
N GLY A 81 -12.94 12.62 3.41
CA GLY A 81 -12.02 11.94 2.50
C GLY A 81 -10.59 11.95 3.03
N ALA A 82 -10.33 12.80 4.00
CA ALA A 82 -9.01 12.92 4.61
C ALA A 82 -8.55 11.58 5.18
N GLY A 83 -7.31 11.20 4.90
CA GLY A 83 -6.80 9.93 5.39
C GLY A 83 -6.07 9.12 4.34
N PHE A 84 -6.16 9.56 3.08
CA PHE A 84 -5.51 8.85 2.00
C PHE A 84 -4.02 9.20 1.94
N LEU A 85 -3.23 8.30 1.39
CA LEU A 85 -1.79 8.50 1.28
C LEU A 85 -1.26 8.03 -0.06
N GLY A 86 -1.32 6.72 -0.26
CA GLY A 86 -0.84 6.12 -1.48
C GLY A 86 -1.23 4.68 -1.58
N CYS A 87 -2.06 4.39 -2.54
CA CYS A 87 -2.51 3.05 -2.75
C CYS A 87 -1.77 2.45 -3.92
N VAL A 88 -1.19 1.30 -3.69
CA VAL A 88 -0.46 0.62 -4.72
C VAL A 88 -1.30 -0.53 -5.26
N ARG A 89 -1.42 -0.65 -6.58
CA ARG A 89 -2.23 -1.70 -7.16
C ARG A 89 -1.44 -2.65 -8.06
N LEU A 90 -1.70 -3.94 -7.89
CA LEU A 90 -1.07 -5.00 -8.69
C LEU A 90 -2.15 -5.95 -9.21
N LEU A 91 -1.98 -6.44 -10.43
CA LEU A 91 -2.94 -7.36 -11.03
C LEU A 91 -2.39 -8.78 -11.05
N SER A 92 -3.15 -9.70 -11.64
CA SER A 92 -2.72 -11.10 -11.71
C SER A 92 -1.41 -11.23 -12.49
N ASN A 93 -1.35 -10.58 -13.64
CA ASN A 93 -0.16 -10.63 -14.48
C ASN A 93 1.01 -9.95 -13.78
N ALA A 94 0.71 -8.84 -13.12
CA ALA A 94 1.72 -8.09 -12.40
C ALA A 94 2.26 -8.88 -11.22
N ILE A 95 1.37 -9.59 -10.54
CA ILE A 95 1.75 -10.39 -9.39
C ILE A 95 2.75 -11.48 -9.77
N ASN A 96 2.58 -12.09 -10.94
CA ASN A 96 3.50 -13.15 -11.37
C ASN A 96 4.90 -12.60 -11.69
N ARG A 97 4.95 -11.64 -12.59
CA ARG A 97 6.23 -11.05 -12.98
C ARG A 97 6.96 -10.48 -11.78
N LEU A 98 6.22 -9.77 -10.95
CA LEU A 98 6.77 -9.15 -9.78
C LEU A 98 7.11 -10.16 -8.69
N LYS A 99 6.25 -11.17 -8.49
CA LYS A 99 6.51 -12.18 -7.46
C LYS A 99 7.90 -12.76 -7.62
N ASP A 100 8.40 -12.80 -8.82
CA ASP A 100 9.74 -13.33 -9.00
C ASP A 100 10.80 -12.22 -8.96
N THR A 101 10.43 -10.99 -9.33
CA THR A 101 11.37 -9.87 -9.29
C THR A 101 12.00 -9.77 -7.90
N GLY A 102 11.18 -9.45 -6.90
CA GLY A 102 11.68 -9.36 -5.54
C GLY A 102 11.82 -7.95 -5.02
N TYR A 103 11.36 -6.96 -5.79
CA TYR A 103 11.45 -5.55 -5.39
C TYR A 103 10.76 -4.62 -6.40
N GLN A 104 9.73 -3.92 -5.94
CA GLN A 104 8.98 -2.99 -6.80
C GLN A 104 8.64 -1.71 -6.04
N ARG A 105 8.92 -0.56 -6.65
CA ARG A 105 8.62 0.72 -6.01
C ARG A 105 7.41 1.38 -6.68
N LEU A 106 6.24 1.24 -6.07
CA LEU A 106 5.01 1.83 -6.61
C LEU A 106 4.80 3.24 -6.05
N ASP A 107 4.53 4.19 -6.95
CA ASP A 107 4.30 5.56 -6.55
C ASP A 107 2.94 5.76 -5.88
N LEU A 108 2.98 6.24 -4.65
CA LEU A 108 1.82 6.52 -3.85
C LEU A 108 1.17 7.83 -4.30
N CYS A 109 0.15 7.69 -5.13
CA CYS A 109 -0.59 8.82 -5.68
C CYS A 109 -2.08 8.68 -5.40
N LYS A 110 -2.84 9.71 -5.78
CA LYS A 110 -4.28 9.71 -5.55
C LYS A 110 -4.92 8.43 -6.07
N LEU A 111 -5.83 7.89 -5.26
CA LEU A 111 -6.53 6.67 -5.61
C LEU A 111 -7.13 6.78 -7.01
N GLY A 112 -7.49 8.01 -7.36
CA GLY A 112 -8.06 8.26 -8.67
C GLY A 112 -8.00 9.73 -9.05
N PRO A 113 -8.15 10.06 -10.34
CA PRO A 113 -8.12 11.43 -10.83
C PRO A 113 -9.32 12.25 -10.37
N ASN A 114 -9.09 13.53 -10.11
CA ASN A 114 -10.16 14.43 -9.67
C ASN A 114 -10.80 13.93 -8.38
N ASP A 115 -10.09 13.08 -7.65
CA ASP A 115 -10.60 12.53 -6.39
C ASP A 115 -9.54 12.62 -5.29
N ASN A 116 -9.58 13.71 -4.54
CA ASN A 116 -8.63 13.92 -3.45
C ASN A 116 -7.19 13.77 -3.93
N ASP A 117 -6.68 14.80 -4.59
CA ASP A 117 -5.31 14.78 -5.10
C ASP A 117 -4.34 15.36 -4.09
N THR A 118 -4.31 14.76 -2.91
CA THR A 118 -3.41 15.19 -1.85
C THR A 118 -2.33 14.17 -1.61
N VAL A 119 -1.64 13.79 -2.68
CA VAL A 119 -0.57 12.82 -2.61
C VAL A 119 0.77 13.41 -3.02
N ARG A 120 1.81 12.59 -2.98
CA ARG A 120 3.16 13.03 -3.33
C ARG A 120 4.20 11.99 -2.89
N GLY A 121 3.75 10.84 -2.37
CA GLY A 121 4.68 9.86 -1.89
C GLY A 121 4.77 8.62 -2.73
N GLN A 122 5.64 7.71 -2.32
CA GLN A 122 5.80 6.44 -3.02
C GLN A 122 6.11 5.34 -2.03
N ILE A 123 6.27 4.12 -2.52
CA ILE A 123 6.53 3.00 -1.64
C ILE A 123 7.38 1.92 -2.29
N VAL A 124 8.32 1.39 -1.53
CA VAL A 124 9.18 0.33 -2.01
C VAL A 124 8.77 -0.98 -1.36
N VAL A 125 8.51 -1.99 -2.19
CA VAL A 125 8.09 -3.29 -1.73
C VAL A 125 8.88 -4.39 -2.41
N SER A 126 8.54 -5.64 -2.10
CA SER A 126 9.20 -6.78 -2.71
C SER A 126 8.19 -7.88 -2.93
N LEU A 127 8.11 -8.35 -4.15
CA LEU A 127 7.15 -9.38 -4.50
C LEU A 127 7.80 -10.75 -4.64
N GLN A 128 7.43 -11.66 -3.75
CA GLN A 128 7.92 -13.03 -3.85
C GLN A 128 6.86 -14.03 -3.43
N SER A 129 6.78 -15.15 -4.13
CA SER A 129 5.81 -16.18 -3.80
C SER A 129 6.12 -16.81 -2.45
N ARG A 130 5.07 -17.16 -1.71
CA ARG A 130 5.22 -17.77 -0.39
C ARG A 130 5.57 -19.25 -0.52
N ASP A 131 6.45 -19.72 0.37
CA ASP A 131 6.87 -21.12 0.37
C ASP A 131 7.47 -21.51 -0.98
N GLY A 1 -5.83 -24.00 -8.34
CA GLY A 1 -6.25 -23.11 -7.29
C GLY A 1 -5.47 -21.82 -7.25
N PRO A 2 -5.89 -20.87 -6.40
CA PRO A 2 -5.23 -19.57 -6.25
C PRO A 2 -3.79 -19.71 -5.77
N VAL A 3 -3.03 -18.63 -5.90
CA VAL A 3 -1.63 -18.61 -5.50
C VAL A 3 -1.41 -17.68 -4.31
N LYS A 4 -0.57 -18.12 -3.38
CA LYS A 4 -0.26 -17.31 -2.20
C LYS A 4 0.85 -16.33 -2.53
N LEU A 5 0.50 -15.05 -2.63
CA LEU A 5 1.47 -14.01 -2.96
C LEU A 5 1.84 -13.21 -1.72
N ARG A 6 3.13 -13.04 -1.50
CA ARG A 6 3.60 -12.29 -0.35
C ARG A 6 4.16 -10.93 -0.77
N LEU A 7 3.42 -9.87 -0.46
CA LEU A 7 3.85 -8.51 -0.77
C LEU A 7 4.48 -7.88 0.46
N THR A 8 5.79 -7.69 0.41
CA THR A 8 6.51 -7.12 1.53
C THR A 8 6.65 -5.62 1.42
N VAL A 9 5.93 -4.90 2.28
CA VAL A 9 5.99 -3.44 2.29
C VAL A 9 7.24 -2.99 3.05
N LEU A 10 8.32 -2.81 2.30
CA LEU A 10 9.60 -2.42 2.89
C LEU A 10 9.54 -1.06 3.57
N CYS A 11 9.25 -0.03 2.79
CA CYS A 11 9.18 1.33 3.32
C CYS A 11 8.47 2.26 2.33
N ALA A 12 8.22 3.49 2.76
CA ALA A 12 7.57 4.47 1.90
C ALA A 12 8.42 5.74 1.81
N LYS A 13 8.24 6.51 0.74
CA LYS A 13 9.01 7.73 0.54
C LYS A 13 8.12 8.92 0.23
N ASN A 14 8.68 10.10 0.45
CA ASN A 14 7.98 11.36 0.20
C ASN A 14 6.53 11.31 0.66
N LEU A 15 6.32 11.14 1.96
CA LEU A 15 4.95 11.07 2.49
C LEU A 15 4.37 12.47 2.55
N VAL A 16 3.23 12.67 1.89
CA VAL A 16 2.61 13.98 1.88
C VAL A 16 2.39 14.45 3.32
N LYS A 17 3.11 15.49 3.71
CA LYS A 17 2.99 16.01 5.07
C LYS A 17 1.58 16.55 5.30
N LYS A 18 0.81 16.61 4.22
CA LYS A 18 -0.57 17.10 4.27
C LYS A 18 -0.60 18.55 4.73
N ASP A 19 -0.47 18.77 6.04
CA ASP A 19 -0.45 20.12 6.58
C ASP A 19 0.98 20.54 6.89
N PHE A 20 1.30 21.78 6.55
CA PHE A 20 2.64 22.32 6.76
C PHE A 20 3.17 22.03 8.17
N PHE A 21 2.57 22.69 9.16
CA PHE A 21 2.98 22.54 10.55
C PHE A 21 2.59 21.17 11.12
N ARG A 22 2.16 20.26 10.27
CA ARG A 22 1.78 18.92 10.73
C ARG A 22 2.51 17.83 9.96
N LEU A 23 2.41 16.60 10.47
CA LEU A 23 3.06 15.44 9.88
C LEU A 23 2.10 14.25 9.82
N PRO A 24 2.26 13.36 8.82
CA PRO A 24 1.42 12.18 8.67
C PRO A 24 1.96 10.95 9.37
N ASP A 25 1.05 10.07 9.81
CA ASP A 25 1.42 8.82 10.47
C ASP A 25 1.02 7.64 9.58
N PRO A 26 1.82 7.35 8.53
CA PRO A 26 1.54 6.26 7.57
C PRO A 26 1.49 4.85 8.16
N PHE A 27 0.54 4.06 7.64
CA PHE A 27 0.35 2.66 8.03
C PHE A 27 -0.25 1.95 6.82
N ALA A 28 -0.18 0.62 6.74
CA ALA A 28 -0.69 -0.04 5.54
C ALA A 28 -1.89 -0.95 5.79
N LYS A 29 -2.71 -1.09 4.74
CA LYS A 29 -3.89 -1.95 4.76
C LYS A 29 -4.13 -2.55 3.38
N VAL A 30 -4.17 -3.88 3.29
CA VAL A 30 -4.39 -4.55 2.02
C VAL A 30 -5.81 -5.09 1.92
N VAL A 31 -6.31 -5.14 0.69
CA VAL A 31 -7.65 -5.65 0.44
C VAL A 31 -7.65 -6.63 -0.74
N VAL A 32 -8.44 -7.68 -0.58
CA VAL A 32 -8.59 -8.68 -1.62
C VAL A 32 -9.90 -8.42 -2.35
N ASP A 33 -9.81 -7.71 -3.47
CA ASP A 33 -10.98 -7.36 -4.27
C ASP A 33 -12.10 -8.38 -4.11
N GLY A 34 -13.02 -8.04 -3.23
CA GLY A 34 -14.13 -8.92 -2.90
C GLY A 34 -14.24 -9.05 -1.39
N SER A 35 -13.35 -8.32 -0.70
CA SER A 35 -13.29 -8.31 0.75
C SER A 35 -13.07 -9.70 1.33
N GLY A 36 -13.31 -9.80 2.63
CA GLY A 36 -13.13 -11.06 3.33
C GLY A 36 -11.77 -11.13 3.96
N GLN A 37 -10.75 -10.70 3.22
CA GLN A 37 -9.38 -10.72 3.72
C GLN A 37 -8.77 -9.31 3.79
N CYS A 38 -8.55 -8.83 5.01
CA CYS A 38 -7.94 -7.51 5.21
C CYS A 38 -6.73 -7.61 6.14
N HIS A 39 -5.62 -6.96 5.76
CA HIS A 39 -4.41 -6.97 6.59
C HIS A 39 -3.92 -5.55 6.80
N SER A 40 -3.03 -5.34 7.78
CA SER A 40 -2.52 -4.00 8.06
C SER A 40 -1.15 -4.01 8.74
N THR A 41 -0.37 -2.95 8.47
CA THR A 41 0.94 -2.79 9.08
C THR A 41 0.90 -1.64 10.06
N ASP A 42 1.71 -1.74 11.12
CA ASP A 42 1.76 -0.73 12.17
C ASP A 42 1.88 0.68 11.62
N THR A 43 1.56 1.64 12.47
CA THR A 43 1.60 3.06 12.09
C THR A 43 2.94 3.70 12.41
N VAL A 44 3.32 4.67 11.58
CA VAL A 44 4.58 5.38 11.75
C VAL A 44 4.32 6.82 12.16
N LYS A 45 4.62 7.14 13.40
CA LYS A 45 4.39 8.48 13.93
C LYS A 45 5.11 9.58 13.15
N ASN A 46 4.39 10.68 12.92
CA ASN A 46 4.88 11.85 12.20
C ASN A 46 6.21 11.62 11.47
N THR A 47 6.13 11.23 10.21
CA THR A 47 7.33 10.99 9.42
C THR A 47 7.07 11.21 7.93
N LEU A 48 8.16 11.37 7.17
CA LEU A 48 8.07 11.56 5.73
C LEU A 48 8.83 10.44 5.02
N ASP A 49 9.24 9.44 5.80
CA ASP A 49 9.96 8.29 5.30
C ASP A 49 9.86 7.15 6.31
N PRO A 50 8.71 6.46 6.35
CA PRO A 50 8.45 5.36 7.29
C PRO A 50 9.08 4.05 6.86
N LYS A 51 8.73 2.99 7.59
CA LYS A 51 9.22 1.65 7.31
C LYS A 51 8.42 0.63 8.11
N TRP A 52 8.15 -0.52 7.50
CA TRP A 52 7.38 -1.56 8.16
C TRP A 52 8.06 -2.92 8.01
N ASN A 53 8.57 -3.18 6.81
CA ASN A 53 9.23 -4.45 6.52
C ASN A 53 8.27 -5.60 6.82
N GLN A 54 6.98 -5.32 6.67
CA GLN A 54 5.94 -6.31 6.91
C GLN A 54 5.28 -6.69 5.59
N HIS A 55 4.95 -7.97 5.46
CA HIS A 55 4.34 -8.47 4.23
C HIS A 55 2.97 -9.08 4.49
N TYR A 56 2.18 -9.19 3.42
CA TYR A 56 0.86 -9.80 3.49
C TYR A 56 0.79 -10.99 2.54
N ASP A 57 0.15 -12.06 2.97
CA ASP A 57 0.02 -13.25 2.14
C ASP A 57 -1.40 -13.45 1.64
N LEU A 58 -1.70 -12.87 0.49
CA LEU A 58 -3.01 -12.95 -0.12
C LEU A 58 -3.08 -14.12 -1.11
N TYR A 59 -4.21 -14.26 -1.77
CA TYR A 59 -4.41 -15.33 -2.75
C TYR A 59 -4.85 -14.76 -4.09
N ILE A 60 -4.34 -15.33 -5.17
CA ILE A 60 -4.67 -14.87 -6.51
C ILE A 60 -5.21 -16.01 -7.37
N GLY A 61 -6.50 -15.95 -7.69
CA GLY A 61 -7.11 -16.97 -8.51
C GLY A 61 -6.83 -16.77 -9.99
N LYS A 62 -7.59 -17.45 -10.84
CA LYS A 62 -7.42 -17.33 -12.29
C LYS A 62 -7.24 -15.88 -12.69
N SER A 63 -8.25 -15.07 -12.41
CA SER A 63 -8.23 -13.65 -12.73
C SER A 63 -8.46 -12.80 -11.49
N ASP A 64 -7.49 -12.81 -10.58
CA ASP A 64 -7.60 -12.05 -9.34
C ASP A 64 -6.52 -10.97 -9.26
N SER A 65 -6.77 -9.98 -8.42
CA SER A 65 -5.83 -8.86 -8.24
C SER A 65 -5.88 -8.38 -6.80
N VAL A 66 -4.74 -7.95 -6.28
CA VAL A 66 -4.65 -7.47 -4.91
C VAL A 66 -4.16 -6.03 -4.86
N THR A 67 -4.68 -5.25 -3.92
CA THR A 67 -4.28 -3.85 -3.79
C THR A 67 -3.87 -3.50 -2.37
N ILE A 68 -2.61 -3.12 -2.21
CA ILE A 68 -2.11 -2.70 -0.90
C ILE A 68 -2.26 -1.19 -0.78
N SER A 69 -3.13 -0.74 0.11
CA SER A 69 -3.39 0.69 0.26
C SER A 69 -2.89 1.22 1.61
N VAL A 70 -2.11 2.30 1.54
CA VAL A 70 -1.57 2.93 2.74
C VAL A 70 -2.42 4.13 3.12
N TRP A 71 -2.81 4.20 4.40
CA TRP A 71 -3.63 5.29 4.89
C TRP A 71 -2.87 6.09 5.96
N ASN A 72 -3.15 7.39 6.03
CA ASN A 72 -2.50 8.23 7.02
C ASN A 72 -3.32 8.24 8.31
N HIS A 73 -2.87 7.47 9.30
CA HIS A 73 -3.57 7.37 10.59
C HIS A 73 -4.07 8.72 11.08
N LYS A 74 -3.23 9.74 10.98
CA LYS A 74 -3.60 11.07 11.43
C LYS A 74 -4.88 11.55 10.76
N LYS A 75 -4.92 11.50 9.43
CA LYS A 75 -6.09 11.97 8.71
C LYS A 75 -7.24 10.96 8.70
N ILE A 76 -6.95 9.65 8.82
CA ILE A 76 -8.03 8.67 8.83
C ILE A 76 -8.98 9.04 9.95
N HIS A 77 -8.41 9.63 11.00
CA HIS A 77 -9.20 10.11 12.13
C HIS A 77 -9.73 11.50 11.81
N LYS A 78 -8.98 12.24 10.98
CA LYS A 78 -9.37 13.58 10.56
C LYS A 78 -10.79 13.58 9.98
N LYS A 79 -11.22 12.43 9.45
CA LYS A 79 -12.54 12.29 8.86
C LYS A 79 -12.68 13.18 7.63
N GLN A 80 -13.89 13.25 7.09
CA GLN A 80 -14.16 14.06 5.90
C GLN A 80 -13.33 13.61 4.71
N GLY A 81 -13.21 12.29 4.55
CA GLY A 81 -12.44 11.74 3.44
C GLY A 81 -10.95 11.68 3.73
N ALA A 82 -10.49 12.49 4.68
CA ALA A 82 -9.09 12.52 5.06
C ALA A 82 -8.62 11.17 5.59
N GLY A 83 -7.40 10.77 5.23
CA GLY A 83 -6.87 9.50 5.70
C GLY A 83 -6.19 8.69 4.61
N PHE A 84 -6.08 9.25 3.41
CA PHE A 84 -5.44 8.54 2.31
C PHE A 84 -3.98 8.96 2.13
N LEU A 85 -3.19 8.06 1.54
CA LEU A 85 -1.76 8.32 1.30
C LEU A 85 -1.35 7.84 -0.09
N GLY A 86 -1.56 6.55 -0.34
CA GLY A 86 -1.19 5.97 -1.63
C GLY A 86 -1.51 4.51 -1.70
N CYS A 87 -2.29 4.15 -2.69
CA CYS A 87 -2.65 2.78 -2.89
C CYS A 87 -1.83 2.21 -4.01
N VAL A 88 -1.27 1.07 -3.77
CA VAL A 88 -0.49 0.41 -4.77
C VAL A 88 -1.30 -0.75 -5.32
N ARG A 89 -1.48 -0.82 -6.63
CA ARG A 89 -2.28 -1.89 -7.20
C ARG A 89 -1.50 -2.76 -8.17
N LEU A 90 -1.68 -4.07 -8.02
CA LEU A 90 -1.03 -5.05 -8.88
C LEU A 90 -2.01 -6.17 -9.24
N LEU A 91 -2.14 -6.45 -10.53
CA LEU A 91 -3.05 -7.49 -11.00
C LEU A 91 -2.39 -8.86 -11.01
N SER A 92 -3.09 -9.86 -11.54
CA SER A 92 -2.56 -11.22 -11.59
C SER A 92 -1.33 -11.32 -12.48
N ASN A 93 -1.38 -10.73 -13.67
CA ASN A 93 -0.26 -10.78 -14.60
C ASN A 93 0.94 -10.04 -14.01
N ALA A 94 0.68 -8.84 -13.49
CA ALA A 94 1.73 -8.05 -12.88
C ALA A 94 2.34 -8.82 -11.74
N ILE A 95 1.48 -9.43 -10.93
CA ILE A 95 1.89 -10.19 -9.76
C ILE A 95 2.84 -11.32 -10.12
N ASN A 96 2.64 -11.95 -11.26
CA ASN A 96 3.52 -13.04 -11.67
C ASN A 96 4.94 -12.51 -11.89
N ARG A 97 5.05 -11.51 -12.76
CA ARG A 97 6.34 -10.93 -13.07
C ARG A 97 7.03 -10.38 -11.82
N LEU A 98 6.28 -9.62 -11.05
CA LEU A 98 6.81 -8.99 -9.83
C LEU A 98 7.10 -10.00 -8.72
N LYS A 99 6.26 -11.03 -8.59
CA LYS A 99 6.44 -12.02 -7.53
C LYS A 99 7.82 -12.66 -7.62
N ASP A 100 8.36 -12.76 -8.83
CA ASP A 100 9.68 -13.34 -8.94
C ASP A 100 10.77 -12.27 -8.83
N THR A 101 10.46 -11.03 -9.18
CA THR A 101 11.44 -9.94 -9.08
C THR A 101 12.09 -9.90 -7.69
N GLY A 102 11.27 -9.66 -6.67
CA GLY A 102 11.79 -9.61 -5.32
C GLY A 102 11.88 -8.19 -4.80
N TYR A 103 11.39 -7.23 -5.60
CA TYR A 103 11.43 -5.81 -5.24
C TYR A 103 10.64 -4.97 -6.25
N GLN A 104 9.73 -4.13 -5.73
CA GLN A 104 8.91 -3.27 -6.59
C GLN A 104 8.71 -1.91 -5.94
N ARG A 105 8.98 -0.85 -6.70
CA ARG A 105 8.81 0.51 -6.19
C ARG A 105 7.56 1.16 -6.79
N LEU A 106 6.47 1.17 -6.04
CA LEU A 106 5.22 1.76 -6.52
C LEU A 106 4.98 3.14 -5.91
N ASP A 107 4.83 4.16 -6.76
CA ASP A 107 4.59 5.52 -6.30
C ASP A 107 3.19 5.62 -5.68
N LEU A 108 3.13 6.24 -4.50
CA LEU A 108 1.87 6.43 -3.80
C LEU A 108 1.16 7.69 -4.29
N CYS A 109 0.10 7.50 -5.07
CA CYS A 109 -0.67 8.60 -5.62
C CYS A 109 -2.16 8.44 -5.35
N LYS A 110 -2.92 9.47 -5.70
CA LYS A 110 -4.37 9.47 -5.47
C LYS A 110 -5.07 8.43 -6.34
N LEU A 111 -6.31 8.12 -5.98
CA LEU A 111 -7.12 7.15 -6.72
C LEU A 111 -7.34 7.65 -8.14
N GLY A 112 -7.48 8.97 -8.28
CA GLY A 112 -7.70 9.55 -9.59
C GLY A 112 -7.58 11.07 -9.57
N PRO A 113 -7.56 11.72 -10.74
CA PRO A 113 -7.44 13.17 -10.84
C PRO A 113 -8.55 13.91 -10.09
N ASN A 114 -9.79 13.65 -10.47
CA ASN A 114 -10.93 14.29 -9.84
C ASN A 114 -11.36 13.54 -8.58
N ASP A 115 -10.38 12.98 -7.88
CA ASP A 115 -10.67 12.24 -6.65
C ASP A 115 -9.67 12.61 -5.55
N ASN A 116 -9.65 13.89 -5.19
CA ASN A 116 -8.75 14.39 -4.15
C ASN A 116 -7.30 14.03 -4.46
N ASP A 117 -6.60 14.95 -5.12
CA ASP A 117 -5.20 14.74 -5.49
C ASP A 117 -4.26 15.37 -4.47
N THR A 118 -4.23 14.79 -3.27
CA THR A 118 -3.37 15.28 -2.21
C THR A 118 -2.30 14.24 -1.87
N VAL A 119 -1.62 13.78 -2.90
CA VAL A 119 -0.57 12.78 -2.76
C VAL A 119 0.77 13.34 -3.18
N ARG A 120 1.80 12.49 -3.11
CA ARG A 120 3.17 12.89 -3.46
C ARG A 120 4.17 11.84 -3.00
N GLY A 121 3.68 10.71 -2.50
CA GLY A 121 4.59 9.71 -1.97
C GLY A 121 4.87 8.56 -2.91
N GLN A 122 5.69 7.65 -2.41
CA GLN A 122 6.07 6.44 -3.13
C GLN A 122 6.22 5.31 -2.11
N ILE A 123 6.54 4.12 -2.55
CA ILE A 123 6.68 3.00 -1.62
C ILE A 123 7.49 1.85 -2.21
N VAL A 124 8.44 1.36 -1.43
CA VAL A 124 9.26 0.24 -1.86
C VAL A 124 8.78 -1.05 -1.22
N VAL A 125 8.67 -2.09 -2.03
CA VAL A 125 8.20 -3.38 -1.56
C VAL A 125 9.00 -4.50 -2.21
N SER A 126 8.66 -5.73 -1.88
CA SER A 126 9.33 -6.89 -2.46
C SER A 126 8.31 -7.97 -2.69
N LEU A 127 8.25 -8.44 -3.92
CA LEU A 127 7.27 -9.42 -4.28
C LEU A 127 7.87 -10.81 -4.49
N GLN A 128 7.49 -11.73 -3.62
CA GLN A 128 7.91 -13.12 -3.75
C GLN A 128 6.79 -14.06 -3.32
N SER A 129 6.56 -15.11 -4.09
CA SER A 129 5.52 -16.07 -3.80
C SER A 129 5.86 -16.90 -2.57
N ARG A 130 4.86 -17.18 -1.75
CA ARG A 130 5.04 -17.97 -0.53
C ARG A 130 4.78 -19.45 -0.80
N ASP A 131 5.40 -20.31 0.00
CA ASP A 131 5.26 -21.75 -0.14
C ASP A 131 3.93 -22.23 0.46
N GLY A 1 -5.43 -24.73 -8.16
CA GLY A 1 -5.77 -23.96 -6.97
C GLY A 1 -5.04 -22.63 -6.91
N PRO A 2 -5.52 -21.69 -6.08
CA PRO A 2 -4.90 -20.37 -5.92
C PRO A 2 -3.42 -20.44 -5.59
N VAL A 3 -2.74 -19.31 -5.76
CA VAL A 3 -1.32 -19.23 -5.49
C VAL A 3 -1.05 -18.36 -4.26
N LYS A 4 -0.15 -18.83 -3.40
CA LYS A 4 0.19 -18.09 -2.19
C LYS A 4 1.25 -17.04 -2.47
N LEU A 5 0.80 -15.79 -2.63
CA LEU A 5 1.71 -14.69 -2.90
C LEU A 5 2.04 -13.93 -1.62
N ARG A 6 3.20 -13.28 -1.61
CA ARG A 6 3.64 -12.51 -0.46
C ARG A 6 4.16 -11.13 -0.89
N LEU A 7 3.39 -10.09 -0.58
CA LEU A 7 3.80 -8.72 -0.90
C LEU A 7 4.45 -8.11 0.33
N THR A 8 5.73 -7.79 0.22
CA THR A 8 6.49 -7.26 1.34
C THR A 8 6.59 -5.75 1.30
N VAL A 9 5.90 -5.08 2.22
CA VAL A 9 5.96 -3.63 2.30
C VAL A 9 7.22 -3.24 3.07
N LEU A 10 8.30 -3.05 2.35
CA LEU A 10 9.59 -2.73 2.94
C LEU A 10 9.60 -1.34 3.57
N CYS A 11 9.35 -0.32 2.77
CA CYS A 11 9.34 1.05 3.27
C CYS A 11 8.62 1.97 2.30
N ALA A 12 8.41 3.22 2.72
CA ALA A 12 7.76 4.21 1.87
C ALA A 12 8.61 5.48 1.81
N LYS A 13 8.46 6.23 0.72
CA LYS A 13 9.23 7.45 0.55
C LYS A 13 8.33 8.65 0.34
N ASN A 14 8.92 9.83 0.52
CA ASN A 14 8.21 11.09 0.35
C ASN A 14 6.80 11.05 0.91
N LEU A 15 6.69 10.99 2.23
CA LEU A 15 5.39 10.95 2.88
C LEU A 15 4.81 12.37 2.90
N VAL A 16 3.67 12.56 2.23
CA VAL A 16 3.05 13.88 2.22
C VAL A 16 2.77 14.32 3.65
N LYS A 17 3.48 15.34 4.11
CA LYS A 17 3.30 15.84 5.48
C LYS A 17 1.84 16.22 5.73
N LYS A 18 1.08 16.35 4.64
CA LYS A 18 -0.32 16.72 4.71
C LYS A 18 -0.46 18.12 5.30
N ASP A 19 -0.31 18.21 6.63
CA ASP A 19 -0.37 19.48 7.32
C ASP A 19 1.02 20.10 7.40
N PHE A 20 1.08 21.42 7.51
CA PHE A 20 2.37 22.11 7.58
C PHE A 20 2.99 21.98 8.97
N PHE A 21 2.43 22.71 9.94
CA PHE A 21 2.92 22.67 11.31
C PHE A 21 2.85 21.25 11.85
N ARG A 22 1.84 20.50 11.41
CA ARG A 22 1.65 19.12 11.84
C ARG A 22 2.21 18.16 10.81
N LEU A 23 2.10 16.86 11.10
CA LEU A 23 2.59 15.84 10.20
C LEU A 23 1.66 14.63 10.17
N PRO A 24 1.88 13.72 9.20
CA PRO A 24 1.06 12.53 9.03
C PRO A 24 1.63 11.29 9.69
N ASP A 25 0.77 10.30 9.91
CA ASP A 25 1.17 9.04 10.53
C ASP A 25 0.81 7.87 9.61
N PRO A 26 1.68 7.55 8.64
CA PRO A 26 1.45 6.46 7.66
C PRO A 26 1.39 5.05 8.25
N PHE A 27 0.51 4.24 7.67
CA PHE A 27 0.33 2.85 8.05
C PHE A 27 -0.16 2.10 6.80
N ALA A 28 -0.30 0.79 6.86
CA ALA A 28 -0.72 0.07 5.64
C ALA A 28 -1.93 -0.83 5.85
N LYS A 29 -2.63 -1.10 4.75
CA LYS A 29 -3.81 -1.96 4.74
C LYS A 29 -3.79 -2.86 3.51
N VAL A 30 -3.92 -4.15 3.72
CA VAL A 30 -3.91 -5.12 2.62
C VAL A 30 -5.33 -5.45 2.18
N VAL A 31 -5.57 -5.40 0.87
CA VAL A 31 -6.89 -5.75 0.33
C VAL A 31 -6.74 -6.60 -0.92
N VAL A 32 -7.32 -7.78 -0.87
CA VAL A 32 -7.29 -8.70 -2.01
C VAL A 32 -8.45 -8.36 -2.94
N ASP A 33 -8.15 -7.57 -3.97
CA ASP A 33 -9.16 -7.13 -4.94
C ASP A 33 -10.26 -8.19 -5.08
N GLY A 34 -11.30 -7.98 -4.29
CA GLY A 34 -12.42 -8.89 -4.24
C GLY A 34 -12.84 -9.11 -2.80
N SER A 35 -12.14 -8.40 -1.92
CA SER A 35 -12.37 -8.45 -0.49
C SER A 35 -12.23 -9.85 0.09
N GLY A 36 -12.65 -9.98 1.35
CA GLY A 36 -12.57 -11.24 2.05
C GLY A 36 -11.32 -11.31 2.90
N GLN A 37 -10.21 -10.79 2.36
CA GLN A 37 -8.94 -10.79 3.08
C GLN A 37 -8.43 -9.37 3.34
N CYS A 38 -8.41 -8.95 4.60
CA CYS A 38 -7.90 -7.63 4.96
C CYS A 38 -6.79 -7.73 6.02
N HIS A 39 -5.84 -6.80 5.93
CA HIS A 39 -4.71 -6.75 6.88
C HIS A 39 -4.24 -5.32 7.07
N SER A 40 -3.38 -5.07 8.05
CA SER A 40 -2.89 -3.71 8.29
C SER A 40 -1.55 -3.70 9.02
N THR A 41 -0.70 -2.72 8.66
CA THR A 41 0.60 -2.56 9.29
C THR A 41 0.57 -1.39 10.26
N ASP A 42 1.40 -1.47 11.29
CA ASP A 42 1.47 -0.45 12.34
C ASP A 42 1.60 0.96 11.75
N THR A 43 1.32 1.94 12.59
CA THR A 43 1.37 3.34 12.19
C THR A 43 2.71 3.99 12.54
N VAL A 44 3.11 4.95 11.72
CA VAL A 44 4.37 5.66 11.92
C VAL A 44 4.12 7.13 12.28
N LYS A 45 4.38 7.50 13.54
CA LYS A 45 4.17 8.87 14.00
C LYS A 45 5.01 9.88 13.24
N ASN A 46 4.36 10.99 12.85
CA ASN A 46 4.99 12.09 12.12
C ASN A 46 6.30 11.69 11.43
N THR A 47 6.19 11.28 10.16
CA THR A 47 7.35 10.89 9.39
C THR A 47 7.15 11.18 7.91
N LEU A 48 8.24 11.50 7.23
CA LEU A 48 8.17 11.78 5.80
C LEU A 48 8.84 10.65 5.03
N ASP A 49 9.15 9.59 5.77
CA ASP A 49 9.77 8.39 5.20
C ASP A 49 9.60 7.23 6.18
N PRO A 50 8.43 6.55 6.17
CA PRO A 50 8.14 5.46 7.08
C PRO A 50 8.68 4.11 6.61
N LYS A 51 8.35 3.08 7.37
CA LYS A 51 8.78 1.72 7.06
C LYS A 51 8.03 0.73 7.95
N TRP A 52 7.75 -0.44 7.40
CA TRP A 52 7.03 -1.47 8.14
C TRP A 52 7.70 -2.83 8.00
N ASN A 53 8.40 -3.03 6.87
CA ASN A 53 9.10 -4.29 6.61
C ASN A 53 8.21 -5.49 6.92
N GLN A 54 6.91 -5.33 6.64
CA GLN A 54 5.93 -6.39 6.88
C GLN A 54 5.35 -6.88 5.56
N HIS A 55 5.12 -8.18 5.47
CA HIS A 55 4.57 -8.79 4.27
C HIS A 55 3.35 -9.62 4.61
N TYR A 56 2.37 -9.62 3.70
CA TYR A 56 1.18 -10.40 3.91
C TYR A 56 0.96 -11.39 2.77
N ASP A 57 0.57 -12.61 3.12
CA ASP A 57 0.35 -13.65 2.14
C ASP A 57 -1.12 -13.71 1.73
N LEU A 58 -1.37 -13.49 0.45
CA LEU A 58 -2.71 -13.49 -0.09
C LEU A 58 -2.82 -14.40 -1.32
N TYR A 59 -3.90 -15.17 -1.40
CA TYR A 59 -4.10 -16.10 -2.50
C TYR A 59 -4.62 -15.39 -3.75
N ILE A 60 -4.20 -15.89 -4.91
CA ILE A 60 -4.63 -15.32 -6.19
C ILE A 60 -5.36 -16.37 -7.01
N GLY A 61 -6.62 -16.11 -7.32
CA GLY A 61 -7.41 -17.04 -8.11
C GLY A 61 -6.93 -17.12 -9.55
N LYS A 62 -7.77 -17.69 -10.41
CA LYS A 62 -7.43 -17.83 -11.82
C LYS A 62 -6.89 -16.52 -12.39
N SER A 63 -7.63 -15.44 -12.17
CA SER A 63 -7.22 -14.13 -12.64
C SER A 63 -7.59 -13.06 -11.63
N ASP A 64 -7.11 -13.23 -10.40
CA ASP A 64 -7.39 -12.27 -9.32
C ASP A 64 -6.24 -11.30 -9.11
N SER A 65 -6.54 -10.20 -8.45
CA SER A 65 -5.55 -9.17 -8.17
C SER A 65 -5.63 -8.74 -6.71
N VAL A 66 -4.69 -7.91 -6.28
CA VAL A 66 -4.66 -7.40 -4.92
C VAL A 66 -3.97 -6.05 -4.85
N THR A 67 -4.45 -5.20 -3.95
CA THR A 67 -3.89 -3.85 -3.79
C THR A 67 -3.53 -3.53 -2.35
N ILE A 68 -2.25 -3.24 -2.11
CA ILE A 68 -1.81 -2.83 -0.79
C ILE A 68 -1.94 -1.32 -0.70
N SER A 69 -2.84 -0.82 0.14
CA SER A 69 -3.07 0.62 0.24
C SER A 69 -2.59 1.20 1.56
N VAL A 70 -1.88 2.32 1.47
CA VAL A 70 -1.36 3.02 2.63
C VAL A 70 -2.27 4.18 2.99
N TRP A 71 -2.53 4.37 4.28
CA TRP A 71 -3.40 5.44 4.74
C TRP A 71 -2.75 6.24 5.87
N ASN A 72 -3.09 7.52 5.95
CA ASN A 72 -2.57 8.40 6.99
C ASN A 72 -3.51 8.38 8.19
N HIS A 73 -3.17 7.55 9.18
CA HIS A 73 -3.98 7.38 10.39
C HIS A 73 -4.54 8.69 10.94
N LYS A 74 -3.71 9.72 10.98
CA LYS A 74 -4.15 11.00 11.49
C LYS A 74 -5.39 11.50 10.76
N LYS A 75 -5.32 11.53 9.42
CA LYS A 75 -6.44 12.02 8.63
C LYS A 75 -7.55 10.97 8.45
N ILE A 76 -7.23 9.67 8.53
CA ILE A 76 -8.28 8.68 8.39
C ILE A 76 -9.33 8.96 9.45
N HIS A 77 -8.86 9.54 10.56
CA HIS A 77 -9.73 9.94 11.63
C HIS A 77 -10.23 11.36 11.37
N LYS A 78 -9.42 12.13 10.62
CA LYS A 78 -9.78 13.50 10.26
C LYS A 78 -11.19 13.57 9.70
N LYS A 79 -11.43 12.87 8.59
CA LYS A 79 -12.74 12.86 7.94
C LYS A 79 -12.94 11.61 7.10
N GLN A 80 -14.01 11.60 6.29
CA GLN A 80 -14.32 10.47 5.43
C GLN A 80 -13.19 10.21 4.44
N GLY A 81 -13.22 10.92 3.30
CA GLY A 81 -12.18 10.72 2.31
C GLY A 81 -10.81 11.02 2.87
N ALA A 82 -10.78 11.81 3.94
CA ALA A 82 -9.55 12.18 4.60
C ALA A 82 -8.89 10.95 5.22
N GLY A 83 -7.63 10.71 4.88
CA GLY A 83 -6.93 9.56 5.43
C GLY A 83 -6.13 8.78 4.40
N PHE A 84 -6.14 9.24 3.16
CA PHE A 84 -5.42 8.56 2.10
C PHE A 84 -3.95 8.95 2.09
N LEU A 85 -3.12 8.11 1.46
CA LEU A 85 -1.69 8.35 1.37
C LEU A 85 -1.14 7.86 0.03
N GLY A 86 -1.36 6.58 -0.24
CA GLY A 86 -0.90 5.97 -1.47
C GLY A 86 -1.27 4.53 -1.55
N CYS A 87 -2.10 4.21 -2.51
CA CYS A 87 -2.55 2.86 -2.69
C CYS A 87 -1.78 2.24 -3.83
N VAL A 88 -1.12 1.13 -3.56
CA VAL A 88 -0.36 0.48 -4.60
C VAL A 88 -1.13 -0.76 -5.07
N ARG A 89 -1.42 -0.84 -6.36
CA ARG A 89 -2.17 -1.95 -6.91
C ARG A 89 -1.43 -2.72 -7.99
N LEU A 90 -1.47 -4.04 -7.84
CA LEU A 90 -0.87 -4.95 -8.82
C LEU A 90 -1.91 -5.97 -9.25
N LEU A 91 -2.02 -6.20 -10.56
CA LEU A 91 -3.01 -7.15 -11.07
C LEU A 91 -2.47 -8.58 -11.07
N SER A 92 -3.23 -9.51 -11.66
CA SER A 92 -2.84 -10.91 -11.71
C SER A 92 -1.54 -11.10 -12.50
N ASN A 93 -1.46 -10.47 -13.67
CA ASN A 93 -0.28 -10.59 -14.52
C ASN A 93 0.92 -9.94 -13.84
N ALA A 94 0.73 -8.73 -13.34
CA ALA A 94 1.79 -8.01 -12.67
C ALA A 94 2.25 -8.77 -11.42
N ILE A 95 1.30 -9.32 -10.68
CA ILE A 95 1.63 -10.05 -9.46
C ILE A 95 2.56 -11.22 -9.75
N ASN A 96 2.34 -11.90 -10.87
CA ASN A 96 3.19 -13.03 -11.24
C ASN A 96 4.59 -12.58 -11.63
N ARG A 97 4.68 -11.68 -12.61
CA ARG A 97 5.97 -11.18 -13.06
C ARG A 97 6.74 -10.57 -11.90
N LEU A 98 6.04 -9.76 -11.12
CA LEU A 98 6.63 -9.09 -9.97
C LEU A 98 6.98 -10.09 -8.88
N LYS A 99 6.16 -11.13 -8.70
CA LYS A 99 6.44 -12.13 -7.66
C LYS A 99 7.83 -12.69 -7.82
N ASP A 100 8.29 -12.80 -9.05
CA ASP A 100 9.64 -13.30 -9.26
C ASP A 100 10.68 -12.18 -9.18
N THR A 101 10.29 -10.95 -9.51
CA THR A 101 11.23 -9.84 -9.43
C THR A 101 11.84 -9.76 -8.04
N GLY A 102 11.00 -9.53 -7.03
CA GLY A 102 11.48 -9.47 -5.67
C GLY A 102 11.67 -8.05 -5.14
N TYR A 103 11.20 -7.06 -5.90
CA TYR A 103 11.33 -5.65 -5.50
C TYR A 103 10.68 -4.73 -6.53
N GLN A 104 9.62 -4.04 -6.12
CA GLN A 104 8.91 -3.13 -6.99
C GLN A 104 8.68 -1.78 -6.32
N ARG A 105 9.21 -0.73 -6.93
CA ARG A 105 9.06 0.62 -6.41
C ARG A 105 7.87 1.31 -7.07
N LEU A 106 6.74 1.33 -6.39
CA LEU A 106 5.54 1.98 -6.92
C LEU A 106 5.36 3.36 -6.32
N ASP A 107 4.91 4.30 -7.16
CA ASP A 107 4.68 5.66 -6.72
C ASP A 107 3.33 5.79 -6.06
N LEU A 108 3.33 6.25 -4.81
CA LEU A 108 2.10 6.43 -4.06
C LEU A 108 1.41 7.73 -4.45
N CYS A 109 0.22 7.61 -5.02
CA CYS A 109 -0.54 8.79 -5.44
C CYS A 109 -2.03 8.63 -5.19
N LYS A 110 -2.75 9.75 -5.34
CA LYS A 110 -4.19 9.78 -5.13
C LYS A 110 -4.92 8.87 -6.11
N LEU A 111 -6.09 8.37 -5.71
CA LEU A 111 -6.89 7.50 -6.56
C LEU A 111 -7.14 8.16 -7.91
N GLY A 112 -7.27 9.48 -7.90
CA GLY A 112 -7.52 10.22 -9.13
C GLY A 112 -7.33 11.71 -8.96
N PRO A 113 -7.59 12.50 -10.01
CA PRO A 113 -7.44 13.96 -9.97
C PRO A 113 -8.57 14.64 -9.21
N ASN A 114 -9.78 14.12 -9.37
CA ASN A 114 -10.95 14.68 -8.70
C ASN A 114 -11.36 13.82 -7.51
N ASP A 115 -10.37 13.42 -6.71
CA ASP A 115 -10.62 12.59 -5.53
C ASP A 115 -9.82 13.08 -4.32
N ASN A 116 -10.07 14.34 -3.93
CA ASN A 116 -9.38 14.93 -2.79
C ASN A 116 -7.87 14.84 -2.95
N ASP A 117 -7.37 15.32 -4.07
CA ASP A 117 -5.94 15.31 -4.35
C ASP A 117 -5.13 15.93 -3.21
N THR A 118 -4.47 15.06 -2.47
CA THR A 118 -3.63 15.43 -1.35
C THR A 118 -2.53 14.42 -1.20
N VAL A 119 -2.01 14.01 -2.34
CA VAL A 119 -1.00 13.00 -2.38
C VAL A 119 0.36 13.53 -2.76
N ARG A 120 1.34 12.67 -2.57
CA ARG A 120 2.74 12.97 -2.84
C ARG A 120 3.61 11.97 -2.10
N GLY A 121 3.86 10.81 -2.70
CA GLY A 121 4.69 9.82 -2.05
C GLY A 121 5.03 8.64 -2.93
N GLN A 122 5.89 7.78 -2.42
CA GLN A 122 6.32 6.58 -3.13
C GLN A 122 6.42 5.43 -2.13
N ILE A 123 6.73 4.24 -2.61
CA ILE A 123 6.83 3.08 -1.73
C ILE A 123 7.64 1.96 -2.36
N VAL A 124 8.46 1.30 -1.54
CA VAL A 124 9.28 0.19 -2.01
C VAL A 124 8.83 -1.12 -1.38
N VAL A 125 8.38 -2.04 -2.21
CA VAL A 125 7.92 -3.34 -1.75
C VAL A 125 8.67 -4.44 -2.49
N SER A 126 8.33 -5.69 -2.20
CA SER A 126 8.98 -6.81 -2.86
C SER A 126 7.96 -7.89 -3.11
N LEU A 127 7.87 -8.31 -4.36
CA LEU A 127 6.91 -9.31 -4.73
C LEU A 127 7.55 -10.68 -4.89
N GLN A 128 7.21 -11.59 -3.99
CA GLN A 128 7.67 -12.97 -4.11
C GLN A 128 6.60 -13.93 -3.61
N SER A 129 6.49 -15.07 -4.27
CA SER A 129 5.50 -16.07 -3.89
C SER A 129 6.03 -16.95 -2.77
N ARG A 130 5.27 -17.02 -1.69
CA ARG A 130 5.64 -17.82 -0.54
C ARG A 130 5.37 -19.30 -0.78
N ASP A 131 6.19 -20.15 -0.16
CA ASP A 131 6.05 -21.60 -0.32
C ASP A 131 6.27 -22.31 1.02
N GLY A 1 -6.22 -24.35 -8.07
CA GLY A 1 -6.78 -23.25 -7.30
C GLY A 1 -5.91 -22.01 -7.34
N PRO A 2 -6.23 -21.00 -6.50
CA PRO A 2 -5.46 -19.74 -6.45
C PRO A 2 -4.02 -19.97 -5.99
N VAL A 3 -3.19 -18.97 -6.22
CA VAL A 3 -1.79 -19.03 -5.85
C VAL A 3 -1.48 -18.09 -4.68
N LYS A 4 -0.50 -18.45 -3.88
CA LYS A 4 -0.12 -17.63 -2.73
C LYS A 4 1.00 -16.67 -3.10
N LEU A 5 0.78 -15.38 -2.83
CA LEU A 5 1.76 -14.36 -3.15
C LEU A 5 1.89 -13.39 -1.98
N ARG A 6 3.12 -13.16 -1.53
CA ARG A 6 3.35 -12.26 -0.43
C ARG A 6 4.00 -10.96 -0.89
N LEU A 7 3.29 -9.86 -0.66
CA LEU A 7 3.77 -8.52 -0.99
C LEU A 7 4.37 -7.92 0.27
N THR A 8 5.69 -7.73 0.25
CA THR A 8 6.39 -7.21 1.39
C THR A 8 6.53 -5.69 1.37
N VAL A 9 5.81 -5.03 2.26
CA VAL A 9 5.87 -3.57 2.36
C VAL A 9 7.11 -3.17 3.13
N LEU A 10 8.21 -2.95 2.40
CA LEU A 10 9.48 -2.61 3.01
C LEU A 10 9.47 -1.20 3.62
N CYS A 11 9.22 -0.20 2.79
CA CYS A 11 9.18 1.19 3.25
C CYS A 11 8.47 2.08 2.25
N ALA A 12 8.24 3.33 2.66
CA ALA A 12 7.58 4.30 1.80
C ALA A 12 8.40 5.59 1.72
N LYS A 13 8.20 6.35 0.65
CA LYS A 13 8.92 7.59 0.46
C LYS A 13 7.97 8.75 0.20
N ASN A 14 8.50 9.96 0.39
CA ASN A 14 7.75 11.18 0.16
C ASN A 14 6.35 11.13 0.79
N LEU A 15 6.30 11.14 2.11
CA LEU A 15 5.02 11.12 2.80
C LEU A 15 4.41 12.53 2.77
N VAL A 16 3.31 12.70 2.05
CA VAL A 16 2.68 14.01 1.98
C VAL A 16 2.39 14.50 3.39
N LYS A 17 3.10 15.53 3.80
CA LYS A 17 2.93 16.10 5.12
C LYS A 17 1.52 16.63 5.30
N LYS A 18 0.76 16.63 4.20
CA LYS A 18 -0.62 17.11 4.19
C LYS A 18 -0.68 18.58 4.59
N ASP A 19 -0.57 18.85 5.89
CA ASP A 19 -0.59 20.21 6.40
C ASP A 19 0.82 20.67 6.76
N PHE A 20 1.14 21.92 6.47
CA PHE A 20 2.46 22.48 6.75
C PHE A 20 2.89 22.23 8.19
N PHE A 21 2.23 22.90 9.12
CA PHE A 21 2.56 22.78 10.54
C PHE A 21 2.19 21.41 11.09
N ARG A 22 1.84 20.47 10.22
CA ARG A 22 1.47 19.13 10.66
C ARG A 22 2.31 18.06 9.98
N LEU A 23 2.20 16.84 10.50
CA LEU A 23 2.93 15.68 9.98
C LEU A 23 2.00 14.47 9.95
N PRO A 24 2.17 13.57 8.95
CA PRO A 24 1.32 12.39 8.82
C PRO A 24 1.86 11.16 9.56
N ASP A 25 0.96 10.21 9.81
CA ASP A 25 1.30 8.96 10.48
C ASP A 25 0.90 7.78 9.59
N PRO A 26 1.71 7.47 8.55
CA PRO A 26 1.42 6.38 7.60
C PRO A 26 1.33 4.99 8.22
N PHE A 27 0.42 4.20 7.64
CA PHE A 27 0.20 2.81 8.03
C PHE A 27 -0.33 2.08 6.81
N ALA A 28 -0.40 0.76 6.81
CA ALA A 28 -0.85 0.05 5.61
C ALA A 28 -2.07 -0.84 5.86
N LYS A 29 -2.80 -1.09 4.78
CA LYS A 29 -3.99 -1.93 4.81
C LYS A 29 -4.09 -2.76 3.52
N VAL A 30 -4.01 -4.07 3.67
CA VAL A 30 -4.08 -4.99 2.53
C VAL A 30 -5.52 -5.33 2.17
N VAL A 31 -5.80 -5.41 0.87
CA VAL A 31 -7.14 -5.76 0.41
C VAL A 31 -7.08 -6.77 -0.72
N VAL A 32 -7.92 -7.80 -0.60
CA VAL A 32 -8.00 -8.83 -1.62
C VAL A 32 -9.20 -8.53 -2.50
N ASP A 33 -8.94 -7.88 -3.63
CA ASP A 33 -9.99 -7.50 -4.58
C ASP A 33 -11.12 -8.51 -4.56
N GLY A 34 -12.13 -8.21 -3.73
CA GLY A 34 -13.26 -9.08 -3.54
C GLY A 34 -13.61 -9.16 -2.07
N SER A 35 -12.86 -8.37 -1.30
CA SER A 35 -13.01 -8.28 0.15
C SER A 35 -12.93 -9.64 0.84
N GLY A 36 -13.33 -9.64 2.11
CA GLY A 36 -13.29 -10.85 2.90
C GLY A 36 -12.01 -10.95 3.70
N GLN A 37 -10.90 -10.62 3.04
CA GLN A 37 -9.59 -10.68 3.69
C GLN A 37 -8.92 -9.30 3.74
N CYS A 38 -8.76 -8.76 4.94
CA CYS A 38 -8.10 -7.46 5.11
C CYS A 38 -6.95 -7.58 6.12
N HIS A 39 -5.86 -6.86 5.84
CA HIS A 39 -4.69 -6.86 6.72
C HIS A 39 -4.23 -5.42 6.95
N SER A 40 -3.33 -5.20 7.91
CA SER A 40 -2.85 -3.85 8.19
C SER A 40 -1.49 -3.83 8.87
N THR A 41 -0.68 -2.83 8.53
CA THR A 41 0.65 -2.66 9.12
C THR A 41 0.62 -1.52 10.13
N ASP A 42 1.46 -1.65 11.16
CA ASP A 42 1.54 -0.66 12.23
C ASP A 42 1.66 0.76 11.69
N THR A 43 1.37 1.74 12.55
CA THR A 43 1.44 3.13 12.16
C THR A 43 2.68 3.83 12.70
N VAL A 44 3.32 4.59 11.84
CA VAL A 44 4.51 5.35 12.22
C VAL A 44 4.09 6.77 12.63
N LYS A 45 4.87 7.40 13.50
CA LYS A 45 4.54 8.74 13.96
C LYS A 45 5.29 9.83 13.21
N ASN A 46 4.56 10.89 12.91
CA ASN A 46 5.08 12.07 12.22
C ASN A 46 6.40 11.81 11.49
N THR A 47 6.30 11.37 10.24
CA THR A 47 7.48 11.09 9.43
C THR A 47 7.19 11.29 7.96
N LEU A 48 8.24 11.55 7.18
CA LEU A 48 8.09 11.77 5.75
C LEU A 48 8.72 10.61 4.98
N ASP A 49 9.10 9.57 5.72
CA ASP A 49 9.70 8.37 5.16
C ASP A 49 9.58 7.23 6.18
N PRO A 50 8.42 6.53 6.19
CA PRO A 50 8.16 5.45 7.14
C PRO A 50 8.78 4.12 6.73
N LYS A 51 8.43 3.08 7.50
CA LYS A 51 8.91 1.73 7.24
C LYS A 51 8.09 0.72 8.03
N TRP A 52 7.86 -0.44 7.44
CA TRP A 52 7.07 -1.49 8.08
C TRP A 52 7.78 -2.84 7.99
N ASN A 53 8.33 -3.13 6.82
CA ASN A 53 9.04 -4.40 6.61
C ASN A 53 8.13 -5.59 6.94
N GLN A 54 6.86 -5.48 6.56
CA GLN A 54 5.89 -6.55 6.79
C GLN A 54 5.31 -7.02 5.48
N HIS A 55 5.10 -8.33 5.36
CA HIS A 55 4.55 -8.92 4.14
C HIS A 55 3.28 -9.69 4.41
N TYR A 56 2.34 -9.62 3.48
CA TYR A 56 1.09 -10.35 3.61
C TYR A 56 0.89 -11.26 2.41
N ASP A 57 0.45 -12.49 2.65
CA ASP A 57 0.27 -13.46 1.58
C ASP A 57 -1.20 -13.67 1.22
N LEU A 58 -1.63 -13.06 0.13
CA LEU A 58 -2.98 -13.19 -0.36
C LEU A 58 -3.03 -14.18 -1.52
N TYR A 59 -4.21 -14.73 -1.78
CA TYR A 59 -4.39 -15.70 -2.86
C TYR A 59 -4.80 -15.02 -4.17
N ILE A 60 -4.39 -15.60 -5.28
CA ILE A 60 -4.72 -15.06 -6.60
C ILE A 60 -5.33 -16.14 -7.49
N GLY A 61 -6.61 -16.00 -7.79
CA GLY A 61 -7.29 -16.96 -8.64
C GLY A 61 -6.93 -16.77 -10.10
N LYS A 62 -7.73 -17.36 -10.99
CA LYS A 62 -7.47 -17.26 -12.41
C LYS A 62 -7.47 -15.80 -12.84
N SER A 63 -8.40 -15.04 -12.26
CA SER A 63 -8.52 -13.62 -12.57
C SER A 63 -8.63 -12.80 -11.28
N ASP A 64 -7.57 -12.81 -10.49
CA ASP A 64 -7.55 -12.07 -9.23
C ASP A 64 -6.42 -11.05 -9.20
N SER A 65 -6.54 -10.08 -8.30
CA SER A 65 -5.55 -9.03 -8.16
C SER A 65 -5.49 -8.57 -6.71
N VAL A 66 -4.30 -8.21 -6.25
CA VAL A 66 -4.11 -7.76 -4.88
C VAL A 66 -3.61 -6.31 -4.84
N THR A 67 -4.18 -5.52 -3.94
CA THR A 67 -3.80 -4.12 -3.82
C THR A 67 -3.44 -3.73 -2.39
N ILE A 68 -2.18 -3.34 -2.20
CA ILE A 68 -1.73 -2.89 -0.89
C ILE A 68 -1.92 -1.37 -0.80
N SER A 69 -2.69 -0.92 0.17
CA SER A 69 -2.95 0.51 0.32
C SER A 69 -2.31 1.08 1.59
N VAL A 70 -2.14 2.40 1.59
CA VAL A 70 -1.55 3.10 2.74
C VAL A 70 -2.40 4.31 3.10
N TRP A 71 -2.62 4.52 4.40
CA TRP A 71 -3.42 5.64 4.87
C TRP A 71 -2.69 6.41 5.96
N ASN A 72 -2.99 7.70 6.10
CA ASN A 72 -2.37 8.51 7.14
C ASN A 72 -3.25 8.53 8.38
N HIS A 73 -2.95 7.62 9.32
CA HIS A 73 -3.74 7.50 10.56
C HIS A 73 -4.09 8.87 11.14
N LYS A 74 -3.19 9.82 11.00
CA LYS A 74 -3.42 11.15 11.52
C LYS A 74 -4.62 11.79 10.82
N LYS A 75 -4.63 11.76 9.49
CA LYS A 75 -5.71 12.38 8.75
C LYS A 75 -6.95 11.48 8.70
N ILE A 76 -6.79 10.15 8.81
CA ILE A 76 -7.97 9.29 8.80
C ILE A 76 -8.86 9.71 9.94
N HIS A 77 -8.20 10.23 10.99
CA HIS A 77 -8.92 10.77 12.14
C HIS A 77 -9.47 12.14 11.77
N LYS A 78 -8.72 12.84 10.90
CA LYS A 78 -9.12 14.16 10.41
C LYS A 78 -10.52 14.14 9.79
N LYS A 79 -11.07 12.95 9.60
CA LYS A 79 -12.39 12.78 9.00
C LYS A 79 -12.39 13.20 7.54
N GLN A 80 -13.51 12.95 6.86
CA GLN A 80 -13.63 13.30 5.44
C GLN A 80 -12.56 12.59 4.61
N GLY A 81 -12.30 13.11 3.41
CA GLY A 81 -11.30 12.52 2.54
C GLY A 81 -9.95 12.40 3.21
N ALA A 82 -9.71 13.25 4.21
CA ALA A 82 -8.45 13.24 4.94
C ALA A 82 -8.17 11.88 5.54
N GLY A 83 -7.02 11.30 5.20
CA GLY A 83 -6.65 10.00 5.74
C GLY A 83 -6.06 9.05 4.72
N PHE A 84 -6.22 9.34 3.44
CA PHE A 84 -5.68 8.48 2.41
C PHE A 84 -4.28 8.91 1.99
N LEU A 85 -3.41 7.93 1.79
CA LEU A 85 -2.03 8.20 1.38
C LEU A 85 -1.79 7.73 -0.05
N GLY A 86 -1.25 6.53 -0.19
CA GLY A 86 -0.98 5.97 -1.51
C GLY A 86 -1.39 4.54 -1.59
N CYS A 87 -2.24 4.24 -2.54
CA CYS A 87 -2.70 2.89 -2.72
C CYS A 87 -1.96 2.29 -3.90
N VAL A 88 -1.28 1.19 -3.66
CA VAL A 88 -0.54 0.55 -4.71
C VAL A 88 -1.29 -0.71 -5.15
N ARG A 89 -1.59 -0.81 -6.44
CA ARG A 89 -2.34 -1.95 -6.95
C ARG A 89 -1.55 -2.78 -7.96
N LEU A 90 -1.57 -4.10 -7.75
CA LEU A 90 -0.91 -5.05 -8.65
C LEU A 90 -1.93 -6.09 -9.11
N LEU A 91 -1.98 -6.35 -10.41
CA LEU A 91 -2.94 -7.32 -10.95
C LEU A 91 -2.35 -8.72 -10.99
N SER A 92 -3.08 -9.65 -11.63
CA SER A 92 -2.64 -11.05 -11.72
C SER A 92 -1.35 -11.16 -12.52
N ASN A 93 -1.29 -10.49 -13.66
CA ASN A 93 -0.10 -10.52 -14.51
C ASN A 93 1.07 -9.86 -13.81
N ALA A 94 0.83 -8.69 -13.23
CA ALA A 94 1.86 -7.97 -12.52
C ALA A 94 2.37 -8.80 -11.35
N ILE A 95 1.45 -9.45 -10.65
CA ILE A 95 1.82 -10.27 -9.50
C ILE A 95 2.77 -11.39 -9.92
N ASN A 96 2.60 -11.94 -11.11
CA ASN A 96 3.48 -13.01 -11.57
C ASN A 96 4.91 -12.50 -11.82
N ARG A 97 5.02 -11.49 -12.67
CA ARG A 97 6.32 -10.92 -12.99
C ARG A 97 6.99 -10.36 -11.74
N LEU A 98 6.23 -9.62 -10.96
CA LEU A 98 6.73 -9.02 -9.74
C LEU A 98 7.08 -10.08 -8.68
N LYS A 99 6.21 -11.07 -8.52
CA LYS A 99 6.44 -12.12 -7.53
C LYS A 99 7.83 -12.71 -7.70
N ASP A 100 8.34 -12.71 -8.91
CA ASP A 100 9.67 -13.25 -9.12
C ASP A 100 10.74 -12.16 -9.02
N THR A 101 10.37 -10.90 -9.27
CA THR A 101 11.35 -9.81 -9.18
C THR A 101 11.96 -9.77 -7.78
N GLY A 102 11.12 -9.51 -6.77
CA GLY A 102 11.61 -9.48 -5.41
C GLY A 102 11.80 -8.08 -4.86
N TYR A 103 11.36 -7.07 -5.62
CA TYR A 103 11.50 -5.67 -5.21
C TYR A 103 10.90 -4.72 -6.24
N GLN A 104 9.73 -4.15 -5.92
CA GLN A 104 9.06 -3.23 -6.82
C GLN A 104 8.69 -1.94 -6.08
N ARG A 105 9.14 -0.82 -6.62
CA ARG A 105 8.85 0.49 -6.03
C ARG A 105 7.69 1.16 -6.77
N LEU A 106 6.49 1.07 -6.20
CA LEU A 106 5.32 1.67 -6.81
C LEU A 106 5.03 3.03 -6.17
N ASP A 107 4.91 4.06 -7.00
CA ASP A 107 4.61 5.40 -6.48
C ASP A 107 3.25 5.42 -5.81
N LEU A 108 3.17 6.22 -4.78
CA LEU A 108 1.96 6.38 -4.01
C LEU A 108 1.25 7.68 -4.39
N CYS A 109 -0.02 7.54 -4.74
CA CYS A 109 -0.86 8.67 -5.11
C CYS A 109 -2.32 8.31 -4.98
N LYS A 110 -3.19 9.28 -5.22
CA LYS A 110 -4.63 9.09 -5.10
C LYS A 110 -5.11 7.90 -5.93
N LEU A 111 -6.32 7.44 -5.64
CA LEU A 111 -6.92 6.32 -6.36
C LEU A 111 -6.73 6.45 -7.87
N GLY A 112 -6.63 7.69 -8.35
CA GLY A 112 -6.46 7.91 -9.78
C GLY A 112 -6.99 9.25 -10.25
N PRO A 113 -7.24 9.40 -11.56
CA PRO A 113 -7.77 10.64 -12.14
C PRO A 113 -9.09 11.05 -11.52
N ASN A 114 -9.33 12.37 -11.50
CA ASN A 114 -10.56 12.91 -10.94
C ASN A 114 -10.65 12.61 -9.43
N ASP A 115 -9.63 11.95 -8.90
CA ASP A 115 -9.61 11.61 -7.48
C ASP A 115 -8.49 12.36 -6.78
N ASN A 116 -7.92 13.35 -7.46
CA ASN A 116 -6.84 14.16 -6.89
C ASN A 116 -7.27 14.74 -5.55
N ASP A 117 -6.71 14.20 -4.47
CA ASP A 117 -7.05 14.66 -3.13
C ASP A 117 -5.84 14.68 -2.20
N THR A 118 -5.03 15.72 -2.35
CA THR A 118 -3.85 15.88 -1.51
C THR A 118 -3.07 14.59 -1.42
N VAL A 119 -2.28 14.31 -2.44
CA VAL A 119 -1.53 13.08 -2.46
C VAL A 119 -0.12 13.29 -2.92
N ARG A 120 0.73 12.37 -2.50
CA ARG A 120 2.13 12.45 -2.81
C ARG A 120 2.94 11.37 -2.08
N GLY A 121 3.65 10.56 -2.84
CA GLY A 121 4.50 9.57 -2.20
C GLY A 121 4.89 8.44 -3.12
N GLN A 122 5.68 7.53 -2.57
CA GLN A 122 6.11 6.33 -3.27
C GLN A 122 6.22 5.20 -2.26
N ILE A 123 6.53 3.99 -2.70
CA ILE A 123 6.65 2.88 -1.77
C ILE A 123 7.45 1.73 -2.36
N VAL A 124 8.43 1.26 -1.60
CA VAL A 124 9.26 0.15 -2.02
C VAL A 124 8.80 -1.14 -1.35
N VAL A 125 8.43 -2.11 -2.16
CA VAL A 125 7.97 -3.39 -1.66
C VAL A 125 8.74 -4.52 -2.34
N SER A 126 8.40 -5.76 -2.02
CA SER A 126 9.06 -6.90 -2.62
C SER A 126 8.06 -8.00 -2.89
N LEU A 127 8.02 -8.44 -4.11
CA LEU A 127 7.06 -9.46 -4.50
C LEU A 127 7.71 -10.83 -4.67
N GLN A 128 7.37 -11.76 -3.80
CA GLN A 128 7.86 -13.13 -3.94
C GLN A 128 6.79 -14.14 -3.52
N SER A 129 6.63 -15.20 -4.31
CA SER A 129 5.64 -16.23 -4.00
C SER A 129 5.97 -16.88 -2.66
N ARG A 130 4.99 -16.91 -1.77
CA ARG A 130 5.16 -17.50 -0.46
C ARG A 130 4.66 -18.94 -0.43
N ASP A 131 5.23 -19.74 0.46
CA ASP A 131 4.84 -21.15 0.59
C ASP A 131 5.04 -21.89 -0.73
N GLY A 1 -4.38 -24.88 -8.24
CA GLY A 1 -5.18 -23.92 -7.51
C GLY A 1 -4.60 -22.52 -7.54
N PRO A 2 -5.00 -21.65 -6.59
CA PRO A 2 -4.50 -20.26 -6.53
C PRO A 2 -3.02 -20.21 -6.19
N VAL A 3 -2.42 -19.04 -6.41
CA VAL A 3 -0.99 -18.84 -6.16
C VAL A 3 -0.74 -18.09 -4.86
N LYS A 4 0.23 -18.57 -4.08
CA LYS A 4 0.59 -17.93 -2.83
C LYS A 4 1.65 -16.86 -3.07
N LEU A 5 1.22 -15.61 -3.13
CA LEU A 5 2.12 -14.49 -3.38
C LEU A 5 2.18 -13.57 -2.18
N ARG A 6 3.39 -13.34 -1.68
CA ARG A 6 3.59 -12.46 -0.53
C ARG A 6 4.09 -11.08 -0.96
N LEU A 7 3.29 -10.06 -0.66
CA LEU A 7 3.67 -8.69 -0.98
C LEU A 7 4.29 -8.07 0.26
N THR A 8 5.57 -7.78 0.18
CA THR A 8 6.31 -7.23 1.31
C THR A 8 6.38 -5.71 1.30
N VAL A 9 5.72 -5.09 2.26
CA VAL A 9 5.74 -3.63 2.39
C VAL A 9 6.94 -3.22 3.22
N LEU A 10 8.05 -2.94 2.54
CA LEU A 10 9.28 -2.58 3.22
C LEU A 10 9.25 -1.18 3.82
N CYS A 11 9.03 -0.17 2.99
CA CYS A 11 8.97 1.20 3.45
C CYS A 11 8.30 2.11 2.41
N ALA A 12 8.06 3.36 2.79
CA ALA A 12 7.44 4.33 1.90
C ALA A 12 8.28 5.61 1.83
N LYS A 13 8.08 6.39 0.77
CA LYS A 13 8.84 7.62 0.59
C LYS A 13 7.94 8.83 0.36
N ASN A 14 8.52 10.00 0.56
CA ASN A 14 7.82 11.27 0.37
C ASN A 14 6.38 11.23 0.87
N LEU A 15 6.20 11.07 2.17
CA LEU A 15 4.86 11.02 2.73
C LEU A 15 4.31 12.44 2.87
N VAL A 16 3.15 12.68 2.26
CA VAL A 16 2.55 14.00 2.30
C VAL A 16 2.38 14.49 3.73
N LYS A 17 3.12 15.54 4.07
CA LYS A 17 3.05 16.12 5.40
C LYS A 17 1.70 16.83 5.57
N LYS A 18 0.90 16.78 4.50
CA LYS A 18 -0.40 17.42 4.47
C LYS A 18 -0.29 18.87 4.91
N ASP A 19 -0.57 19.09 6.18
CA ASP A 19 -0.49 20.43 6.76
C ASP A 19 0.95 20.74 7.16
N PHE A 20 1.41 21.93 6.83
CA PHE A 20 2.78 22.36 7.13
C PHE A 20 3.17 22.03 8.57
N PHE A 21 2.63 22.79 9.51
CA PHE A 21 2.94 22.62 10.93
C PHE A 21 2.64 21.20 11.41
N ARG A 22 1.87 20.45 10.63
CA ARG A 22 1.51 19.08 11.00
C ARG A 22 2.36 18.06 10.26
N LEU A 23 2.26 16.81 10.72
CA LEU A 23 3.00 15.70 10.14
C LEU A 23 2.09 14.49 9.99
N PRO A 24 2.38 13.61 9.01
CA PRO A 24 1.57 12.43 8.75
C PRO A 24 2.07 11.18 9.48
N ASP A 25 1.15 10.30 9.85
CA ASP A 25 1.47 9.06 10.51
C ASP A 25 1.04 7.88 9.64
N PRO A 26 1.85 7.56 8.61
CA PRO A 26 1.54 6.48 7.66
C PRO A 26 1.46 5.08 8.27
N PHE A 27 0.55 4.30 7.71
CA PHE A 27 0.32 2.91 8.08
C PHE A 27 -0.25 2.21 6.86
N ALA A 28 -0.44 0.90 6.88
CA ALA A 28 -0.94 0.25 5.68
C ALA A 28 -2.17 -0.62 5.93
N LYS A 29 -2.95 -0.79 4.86
CA LYS A 29 -4.13 -1.62 4.89
C LYS A 29 -4.13 -2.49 3.64
N VAL A 30 -3.94 -3.76 3.84
CA VAL A 30 -3.86 -4.71 2.75
C VAL A 30 -5.20 -5.38 2.48
N VAL A 31 -5.53 -5.50 1.20
CA VAL A 31 -6.78 -6.12 0.79
C VAL A 31 -6.60 -7.07 -0.37
N VAL A 32 -7.50 -8.02 -0.48
CA VAL A 32 -7.51 -8.98 -1.57
C VAL A 32 -8.70 -8.71 -2.46
N ASP A 33 -8.46 -7.97 -3.55
CA ASP A 33 -9.52 -7.60 -4.49
C ASP A 33 -10.58 -8.69 -4.56
N GLY A 34 -11.61 -8.53 -3.73
CA GLY A 34 -12.69 -9.49 -3.64
C GLY A 34 -13.03 -9.74 -2.18
N SER A 35 -12.39 -8.95 -1.31
CA SER A 35 -12.57 -9.03 0.12
C SER A 35 -12.33 -10.43 0.68
N GLY A 36 -12.78 -10.62 1.91
CA GLY A 36 -12.61 -11.90 2.59
C GLY A 36 -11.34 -11.90 3.41
N GLN A 37 -10.27 -11.38 2.81
CA GLN A 37 -8.97 -11.32 3.48
C GLN A 37 -8.48 -9.89 3.62
N CYS A 38 -8.39 -9.41 4.86
CA CYS A 38 -7.92 -8.04 5.12
C CYS A 38 -6.71 -8.05 6.06
N HIS A 39 -5.87 -7.03 5.94
CA HIS A 39 -4.69 -6.90 6.78
C HIS A 39 -4.34 -5.42 7.00
N SER A 40 -3.44 -5.14 7.94
CA SER A 40 -3.03 -3.77 8.23
C SER A 40 -1.67 -3.74 8.90
N THR A 41 -0.86 -2.75 8.54
CA THR A 41 0.47 -2.58 9.11
C THR A 41 0.48 -1.44 10.12
N ASP A 42 1.34 -1.58 11.13
CA ASP A 42 1.46 -0.59 12.21
C ASP A 42 1.59 0.83 11.67
N THR A 43 1.34 1.80 12.55
CA THR A 43 1.41 3.21 12.20
C THR A 43 2.66 3.87 12.75
N VAL A 44 3.31 4.66 11.91
CA VAL A 44 4.51 5.38 12.29
C VAL A 44 4.16 6.82 12.66
N LYS A 45 4.92 7.43 13.55
CA LYS A 45 4.66 8.81 13.97
C LYS A 45 5.50 9.82 13.19
N ASN A 46 4.82 10.89 12.78
CA ASN A 46 5.43 12.01 12.04
C ASN A 46 6.71 11.62 11.31
N THR A 47 6.59 11.18 10.07
CA THR A 47 7.74 10.81 9.27
C THR A 47 7.42 10.86 7.78
N LEU A 48 8.37 11.32 6.99
CA LEU A 48 8.18 11.40 5.55
C LEU A 48 8.83 10.21 4.86
N ASP A 49 9.21 9.23 5.67
CA ASP A 49 9.83 8.00 5.19
C ASP A 49 9.70 6.90 6.25
N PRO A 50 8.53 6.27 6.33
CA PRO A 50 8.25 5.22 7.31
C PRO A 50 8.82 3.87 6.93
N LYS A 51 8.40 2.85 7.65
CA LYS A 51 8.85 1.48 7.41
C LYS A 51 7.99 0.49 8.19
N TRP A 52 7.71 -0.65 7.57
CA TRP A 52 6.89 -1.68 8.20
C TRP A 52 7.58 -3.03 8.10
N ASN A 53 8.22 -3.28 6.97
CA ASN A 53 8.91 -4.55 6.75
C ASN A 53 7.98 -5.72 7.02
N GLN A 54 6.71 -5.55 6.68
CA GLN A 54 5.70 -6.58 6.88
C GLN A 54 5.17 -7.08 5.54
N HIS A 55 5.07 -8.39 5.40
CA HIS A 55 4.58 -8.99 4.17
C HIS A 55 3.37 -9.87 4.45
N TYR A 56 2.40 -9.83 3.54
CA TYR A 56 1.21 -10.63 3.71
C TYR A 56 1.02 -11.56 2.52
N ASP A 57 0.65 -12.81 2.81
CA ASP A 57 0.45 -13.80 1.75
C ASP A 57 -1.00 -13.84 1.32
N LEU A 58 -1.23 -13.60 0.04
CA LEU A 58 -2.57 -13.60 -0.52
C LEU A 58 -2.62 -14.45 -1.79
N TYR A 59 -3.68 -15.24 -1.92
CA TYR A 59 -3.83 -16.13 -3.07
C TYR A 59 -4.35 -15.41 -4.30
N ILE A 60 -3.93 -15.89 -5.46
CA ILE A 60 -4.34 -15.31 -6.74
C ILE A 60 -4.92 -16.42 -7.61
N GLY A 61 -6.21 -16.36 -7.87
CA GLY A 61 -6.82 -17.38 -8.69
C GLY A 61 -6.85 -17.00 -10.16
N LYS A 62 -7.69 -17.71 -10.93
CA LYS A 62 -7.82 -17.48 -12.36
C LYS A 62 -7.79 -16.00 -12.70
N SER A 63 -8.59 -15.22 -11.97
CA SER A 63 -8.68 -13.79 -12.19
C SER A 63 -8.68 -13.02 -10.87
N ASP A 64 -7.54 -13.04 -10.18
CA ASP A 64 -7.42 -12.35 -8.90
C ASP A 64 -6.34 -11.29 -8.95
N SER A 65 -6.40 -10.36 -8.01
CA SER A 65 -5.44 -9.27 -7.92
C SER A 65 -5.32 -8.80 -6.49
N VAL A 66 -4.16 -8.29 -6.12
CA VAL A 66 -3.93 -7.82 -4.76
C VAL A 66 -3.61 -6.33 -4.74
N THR A 67 -4.19 -5.63 -3.76
CA THR A 67 -3.99 -4.19 -3.64
C THR A 67 -3.57 -3.79 -2.23
N ILE A 68 -2.30 -3.43 -2.07
CA ILE A 68 -1.81 -2.98 -0.78
C ILE A 68 -1.93 -1.46 -0.72
N SER A 69 -2.67 -0.94 0.24
CA SER A 69 -2.88 0.52 0.34
C SER A 69 -2.21 1.11 1.59
N VAL A 70 -2.05 2.44 1.56
CA VAL A 70 -1.45 3.18 2.67
C VAL A 70 -2.30 4.39 3.01
N TRP A 71 -2.51 4.62 4.30
CA TRP A 71 -3.32 5.75 4.74
C TRP A 71 -2.63 6.55 5.84
N ASN A 72 -2.88 7.84 5.87
CA ASN A 72 -2.31 8.73 6.88
C ASN A 72 -3.25 8.81 8.07
N HIS A 73 -2.95 8.03 9.10
CA HIS A 73 -3.77 7.96 10.31
C HIS A 73 -4.26 9.34 10.77
N LYS A 74 -3.37 10.31 10.78
CA LYS A 74 -3.73 11.65 11.20
C LYS A 74 -4.96 12.18 10.46
N LYS A 75 -4.91 12.16 9.13
CA LYS A 75 -6.02 12.67 8.35
C LYS A 75 -7.18 11.67 8.23
N ILE A 76 -6.92 10.36 8.31
CA ILE A 76 -8.02 9.40 8.21
C ILE A 76 -9.05 9.76 9.25
N HIS A 77 -8.58 10.35 10.35
CA HIS A 77 -9.45 10.80 11.42
C HIS A 77 -9.88 12.25 11.12
N LYS A 78 -9.02 12.98 10.41
CA LYS A 78 -9.30 14.37 10.04
C LYS A 78 -10.66 14.53 9.38
N LYS A 79 -10.85 13.91 8.22
CA LYS A 79 -12.11 14.01 7.48
C LYS A 79 -12.26 12.90 6.44
N GLN A 80 -13.16 13.12 5.49
CA GLN A 80 -13.43 12.15 4.43
C GLN A 80 -12.19 11.91 3.56
N GLY A 81 -12.03 12.73 2.53
CA GLY A 81 -10.90 12.56 1.64
C GLY A 81 -9.58 12.59 2.37
N ALA A 82 -9.57 13.24 3.53
CA ALA A 82 -8.37 13.33 4.35
C ALA A 82 -8.04 11.98 4.97
N GLY A 83 -6.82 11.49 4.72
CA GLY A 83 -6.43 10.21 5.29
C GLY A 83 -5.83 9.26 4.28
N PHE A 84 -5.99 9.54 2.99
CA PHE A 84 -5.43 8.68 1.97
C PHE A 84 -4.02 9.11 1.61
N LEU A 85 -3.10 8.16 1.64
CA LEU A 85 -1.70 8.43 1.33
C LEU A 85 -1.32 7.91 -0.06
N GLY A 86 -1.50 6.63 -0.26
CA GLY A 86 -1.18 6.00 -1.53
C GLY A 86 -1.51 4.55 -1.54
N CYS A 87 -2.35 4.18 -2.47
CA CYS A 87 -2.74 2.80 -2.61
C CYS A 87 -1.99 2.20 -3.78
N VAL A 88 -1.30 1.10 -3.53
CA VAL A 88 -0.55 0.45 -4.57
C VAL A 88 -1.32 -0.78 -5.04
N ARG A 89 -1.49 -0.93 -6.35
CA ARG A 89 -2.26 -2.07 -6.88
C ARG A 89 -1.52 -2.85 -7.96
N LEU A 90 -1.48 -4.16 -7.77
CA LEU A 90 -0.87 -5.08 -8.72
C LEU A 90 -1.90 -6.13 -9.11
N LEU A 91 -2.09 -6.33 -10.41
CA LEU A 91 -3.07 -7.32 -10.88
C LEU A 91 -2.46 -8.72 -11.00
N SER A 92 -3.20 -9.64 -11.60
CA SER A 92 -2.73 -11.01 -11.76
C SER A 92 -1.45 -11.09 -12.59
N ASN A 93 -1.42 -10.39 -13.71
CA ASN A 93 -0.26 -10.40 -14.60
C ASN A 93 0.94 -9.75 -13.91
N ALA A 94 0.72 -8.59 -13.31
CA ALA A 94 1.78 -7.88 -12.62
C ALA A 94 2.29 -8.69 -11.44
N ILE A 95 1.38 -9.37 -10.75
CA ILE A 95 1.73 -10.18 -9.60
C ILE A 95 2.69 -11.30 -9.95
N ASN A 96 2.50 -11.93 -11.12
CA ASN A 96 3.39 -13.02 -11.53
C ASN A 96 4.80 -12.53 -11.87
N ARG A 97 4.86 -11.58 -12.80
CA ARG A 97 6.14 -11.03 -13.22
C ARG A 97 6.91 -10.50 -12.02
N LEU A 98 6.20 -9.78 -11.15
CA LEU A 98 6.79 -9.20 -9.99
C LEU A 98 7.09 -10.23 -8.90
N LYS A 99 6.22 -11.24 -8.77
CA LYS A 99 6.40 -12.26 -7.74
C LYS A 99 7.78 -12.87 -7.80
N ASP A 100 8.34 -13.00 -8.99
CA ASP A 100 9.67 -13.58 -9.08
C ASP A 100 10.76 -12.51 -9.17
N THR A 101 10.42 -11.31 -9.67
CA THR A 101 11.42 -10.25 -9.76
C THR A 101 11.92 -9.85 -8.38
N GLY A 102 11.04 -9.26 -7.59
CA GLY A 102 11.43 -8.85 -6.26
C GLY A 102 11.74 -7.36 -6.18
N TYR A 103 11.30 -6.74 -5.11
CA TYR A 103 11.52 -5.34 -4.87
C TYR A 103 11.00 -4.45 -6.00
N GLN A 104 9.76 -3.98 -5.82
CA GLN A 104 9.09 -3.12 -6.78
C GLN A 104 8.70 -1.82 -6.10
N ARG A 105 9.18 -0.71 -6.62
CA ARG A 105 8.89 0.60 -6.05
C ARG A 105 7.81 1.35 -6.84
N LEU A 106 6.60 1.39 -6.28
CA LEU A 106 5.48 2.09 -6.92
C LEU A 106 5.23 3.42 -6.23
N ASP A 107 4.95 4.45 -7.03
CA ASP A 107 4.68 5.76 -6.49
C ASP A 107 3.27 5.82 -5.90
N LEU A 108 3.19 6.31 -4.66
CA LEU A 108 1.93 6.43 -3.96
C LEU A 108 1.23 7.73 -4.31
N CYS A 109 -0.03 7.62 -4.72
CA CYS A 109 -0.82 8.79 -5.08
C CYS A 109 -2.31 8.49 -5.03
N LYS A 110 -3.12 9.52 -5.24
CA LYS A 110 -4.56 9.42 -5.20
C LYS A 110 -5.08 8.33 -6.14
N LEU A 111 -6.29 7.88 -5.84
CA LEU A 111 -6.94 6.83 -6.61
C LEU A 111 -7.45 7.33 -7.96
N GLY A 112 -7.71 8.63 -8.02
CA GLY A 112 -8.23 9.22 -9.25
C GLY A 112 -7.19 9.99 -10.04
N PRO A 113 -7.57 10.57 -11.18
CA PRO A 113 -6.66 11.35 -12.03
C PRO A 113 -6.44 12.77 -11.52
N ASN A 114 -7.36 13.68 -11.86
CA ASN A 114 -7.26 15.07 -11.44
C ASN A 114 -8.30 15.41 -10.37
N ASP A 115 -8.24 14.69 -9.26
CA ASP A 115 -9.18 14.91 -8.16
C ASP A 115 -8.56 15.86 -7.13
N ASN A 116 -9.41 16.66 -6.48
CA ASN A 116 -8.95 17.60 -5.47
C ASN A 116 -8.61 16.87 -4.17
N ASP A 117 -7.47 16.20 -4.15
CA ASP A 117 -7.02 15.46 -2.99
C ASP A 117 -5.75 16.05 -2.40
N THR A 118 -5.13 15.28 -1.51
CA THR A 118 -3.91 15.69 -0.86
C THR A 118 -2.94 14.54 -0.84
N VAL A 119 -2.40 14.22 -2.00
CA VAL A 119 -1.50 13.10 -2.11
C VAL A 119 -0.13 13.50 -2.59
N ARG A 120 0.81 12.58 -2.39
CA ARG A 120 2.21 12.76 -2.75
C ARG A 120 3.07 11.76 -1.99
N GLY A 121 3.58 10.75 -2.68
CA GLY A 121 4.43 9.78 -2.03
C GLY A 121 4.82 8.61 -2.91
N GLN A 122 5.62 7.71 -2.36
CA GLN A 122 6.07 6.51 -3.06
C GLN A 122 6.16 5.36 -2.06
N ILE A 123 6.48 4.16 -2.55
CA ILE A 123 6.59 3.02 -1.65
C ILE A 123 7.42 1.90 -2.27
N VAL A 124 8.32 1.33 -1.46
CA VAL A 124 9.15 0.23 -1.93
C VAL A 124 8.70 -1.08 -1.30
N VAL A 125 8.09 -1.91 -2.12
CA VAL A 125 7.61 -3.20 -1.69
C VAL A 125 8.35 -4.29 -2.45
N SER A 126 7.99 -5.54 -2.25
CA SER A 126 8.64 -6.63 -2.97
C SER A 126 7.68 -7.77 -3.18
N LEU A 127 7.83 -8.44 -4.30
CA LEU A 127 6.95 -9.53 -4.64
C LEU A 127 7.69 -10.85 -4.75
N GLN A 128 7.40 -11.77 -3.83
CA GLN A 128 7.98 -13.11 -3.88
C GLN A 128 6.96 -14.15 -3.43
N SER A 129 6.69 -15.13 -4.28
CA SER A 129 5.75 -16.19 -3.95
C SER A 129 6.33 -17.16 -2.93
N ARG A 130 5.46 -17.82 -2.18
CA ARG A 130 5.88 -18.77 -1.16
C ARG A 130 5.35 -20.17 -1.47
N ASP A 131 6.12 -21.18 -1.09
CA ASP A 131 5.74 -22.56 -1.31
C ASP A 131 5.48 -22.83 -2.80
#